data_6TVD
#
_entry.id   6TVD
#
_cell.length_a   69.741
_cell.length_b   214.956
_cell.length_c   157.781
_cell.angle_alpha   90.000
_cell.angle_beta   100.600
_cell.angle_gamma   90.000
#
_symmetry.space_group_name_H-M   'P 1 21 1'
#
loop_
_entity.id
_entity.type
_entity.pdbx_description
1 polymer 'Hemagglutinin HA1'
2 polymer 'Hemagglutinin HA2'
3 branched 'N-acetyl-alpha-neuraminic acid-(2-3)-beta-D-galactopyranose-(1-4)-2-acetamido-2-deoxy-beta-D-glucopyranose'
4 branched 2-acetamido-2-deoxy-beta-D-glucopyranose-(1-4)-2-acetamido-2-deoxy-beta-D-glucopyranose
5 branched 'N-acetyl-alpha-neuraminic acid-(2-3)-beta-D-galactopyranose'
6 non-polymer 2-acetamido-2-deoxy-beta-D-glucopyranose
7 non-polymer 'CALCIUM ION'
8 water water
#
loop_
_entity_poly.entity_id
_entity_poly.type
_entity_poly.pdbx_seq_one_letter_code
_entity_poly.pdbx_strand_id
1 'polypeptide(L)'
;DPDKICLGHHAVANGTIVKTLTNEQEEVTNATETVESTSLNRLCMKGRNHKDLGNCHPIGMLIGTPACDLHLTGTWDTLI
ERKNAIAYCYPGATVNEEALRQKIMESGGISKINTGFTYGSSINSAGTTKACMRNGGNSFYAELKWLVSKNKGQNFPQTT
NTYRNADTAEHLIMWGIHHPSSTQEKNDLYGTQSLSISVGSSTYKNNFVPVVGARPQVNGQSGRIDFHWTLVQPGDKITF
SHNGGLIAPSRVSKLIGRGLGIQSEAPIDNSCESKCFWRGGSINTRLPFQNLSPRTVGQCPKYVNKKSLMLATGMRNVPE
LVQGR
;
A,C,E,G,I,K
2 'polypeptide(L)'
;GLFGAIAGFIENGWEGMVDGWYGFRHQNAQGTGQAADYKSTQAAIDQITGKLNRIIKKTNTEFESIESEFSEIDHQIGNV
INWTKDSITDIWTYQAELLVAMENQHTIDMADSEMLNLYERVRKQLRQNAEEDGKGCFEIYHACDDSCMESIRNNTYDHS
QYREEALLNRLNINPVK
;
B,D,F,H,J,L
#
# COMPACT_ATOMS: atom_id res chain seq x y z
N ASP A 1 -15.79 -13.99 69.89
CA ASP A 1 -14.42 -14.11 69.28
C ASP A 1 -14.58 -14.17 67.76
N PRO A 2 -14.69 -13.01 67.07
CA PRO A 2 -15.25 -12.97 65.72
C PRO A 2 -14.21 -13.20 64.61
N ASP A 3 -14.66 -13.82 63.52
CA ASP A 3 -13.93 -13.88 62.22
C ASP A 3 -13.81 -12.45 61.69
N LYS A 4 -12.59 -12.03 61.36
CA LYS A 4 -12.27 -10.66 60.88
C LYS A 4 -11.69 -10.74 59.46
N ILE A 5 -12.03 -9.77 58.61
CA ILE A 5 -11.43 -9.58 57.25
C ILE A 5 -11.03 -8.12 57.08
N CYS A 6 -9.78 -7.91 56.66
CA CYS A 6 -9.13 -6.58 56.59
C CYS A 6 -8.76 -6.27 55.13
N LEU A 7 -8.89 -5.00 54.76
CA LEU A 7 -8.45 -4.50 53.44
C LEU A 7 -7.23 -3.61 53.64
N GLY A 8 -6.29 -3.69 52.72
CA GLY A 8 -5.03 -2.93 52.79
C GLY A 8 -4.42 -2.73 51.43
N HIS A 9 -3.49 -1.80 51.35
CA HIS A 9 -2.73 -1.41 50.13
C HIS A 9 -1.28 -1.85 50.29
N HIS A 10 -0.58 -2.13 49.20
CA HIS A 10 0.84 -2.56 49.23
C HIS A 10 1.71 -1.39 49.71
N ALA A 11 3.01 -1.65 49.84
CA ALA A 11 4.04 -0.69 50.29
C ALA A 11 5.42 -1.28 49.98
N VAL A 12 6.46 -0.47 50.18
CA VAL A 12 7.88 -0.83 49.93
C VAL A 12 8.73 -0.08 50.97
N ALA A 13 9.91 -0.58 51.30
CA ALA A 13 10.77 -0.04 52.37
C ALA A 13 11.47 1.22 51.86
N ASN A 14 12.03 1.12 50.64
CA ASN A 14 12.86 2.16 49.98
C ASN A 14 12.00 2.88 48.93
N GLY A 15 11.13 3.79 49.38
CA GLY A 15 10.17 4.53 48.54
C GLY A 15 10.76 5.83 48.01
N THR A 16 10.14 6.40 46.95
CA THR A 16 10.66 7.58 46.18
C THR A 16 9.92 8.87 46.55
N ILE A 17 10.65 9.99 46.56
CA ILE A 17 10.12 11.37 46.84
C ILE A 17 9.73 12.02 45.52
N VAL A 18 8.51 12.58 45.46
CA VAL A 18 7.96 13.34 44.30
C VAL A 18 7.35 14.64 44.82
N LYS A 19 7.07 15.60 43.95
CA LYS A 19 6.42 16.90 44.31
C LYS A 19 4.96 16.89 43.85
N THR A 20 4.05 17.32 44.72
CA THR A 20 2.60 17.49 44.46
C THR A 20 2.26 18.99 44.55
N LEU A 21 1.00 19.36 44.37
CA LEU A 21 0.55 20.77 44.40
C LEU A 21 0.73 21.33 45.82
N THR A 22 0.68 20.46 46.82
CA THR A 22 0.50 20.79 48.26
C THR A 22 1.72 20.38 49.10
N ASN A 23 2.65 19.60 48.55
CA ASN A 23 3.73 18.94 49.33
C ASN A 23 4.96 18.81 48.44
N GLU A 24 6.10 19.36 48.89
CA GLU A 24 7.37 19.34 48.14
C GLU A 24 8.17 18.05 48.44
N GLN A 25 7.73 17.26 49.43
CA GLN A 25 8.43 16.03 49.90
C GLN A 25 7.39 14.93 50.18
N GLU A 26 6.88 14.28 49.14
CA GLU A 26 5.79 13.28 49.25
C GLU A 26 6.32 11.90 48.84
N GLU A 27 6.34 10.94 49.76
CA GLU A 27 6.93 9.59 49.54
C GLU A 27 5.89 8.73 48.82
N VAL A 28 6.25 8.17 47.67
CA VAL A 28 5.32 7.34 46.83
C VAL A 28 6.01 6.02 46.53
N THR A 29 5.22 5.04 46.09
CA THR A 29 5.63 3.65 45.79
C THR A 29 6.74 3.67 44.74
N ASN A 30 6.49 4.30 43.59
CA ASN A 30 7.35 4.25 42.38
C ASN A 30 7.22 5.61 41.69
N ALA A 31 8.19 5.98 40.86
CA ALA A 31 8.25 7.28 40.15
C ALA A 31 9.20 7.18 38.94
N THR A 32 8.97 7.98 37.89
CA THR A 32 9.81 8.05 36.68
C THR A 32 10.24 9.50 36.46
N GLU A 33 11.35 9.67 35.72
CA GLU A 33 11.91 10.98 35.31
C GLU A 33 11.24 11.47 34.02
N THR A 34 11.04 12.79 33.89
CA THR A 34 10.42 13.44 32.70
C THR A 34 11.44 14.29 31.94
N VAL A 35 12.47 14.82 32.62
CA VAL A 35 13.62 15.57 32.04
C VAL A 35 14.75 14.59 31.68
N GLU A 36 15.35 14.72 30.51
CA GLU A 36 16.62 14.01 30.15
C GLU A 36 17.82 14.87 30.55
N SER A 37 18.86 14.24 31.08
CA SER A 37 20.18 14.87 31.39
C SER A 37 21.30 14.15 30.63
N THR A 38 20.96 13.17 29.79
CA THR A 38 21.92 12.25 29.14
C THR A 38 21.90 12.46 27.62
N SER A 39 23.08 12.63 27.02
CA SER A 39 23.27 12.88 25.57
C SER A 39 24.36 11.96 25.04
N LEU A 40 24.05 11.16 24.01
CA LEU A 40 25.08 10.51 23.15
C LEU A 40 26.01 11.59 22.59
N ASN A 41 27.32 11.39 22.69
CA ASN A 41 28.37 12.32 22.18
C ASN A 41 28.65 12.00 20.72
N ARG A 42 27.67 11.43 20.01
CA ARG A 42 27.75 11.00 18.59
C ARG A 42 26.59 11.67 17.82
N LEU A 43 26.71 11.78 16.50
CA LEU A 43 25.58 12.18 15.61
C LEU A 43 25.01 10.89 15.01
N CYS A 44 23.78 10.55 15.37
CA CYS A 44 23.11 9.28 14.96
C CYS A 44 22.44 9.45 13.60
N MET A 45 22.97 8.77 12.58
CA MET A 45 22.70 9.06 11.15
C MET A 45 22.17 7.83 10.40
N LYS A 46 21.45 6.95 11.07
CA LYS A 46 20.89 5.74 10.42
C LYS A 46 19.64 6.15 9.63
N GLY A 47 19.42 5.53 8.47
CA GLY A 47 18.28 5.82 7.58
C GLY A 47 18.24 7.27 7.15
N ARG A 48 19.42 7.86 6.91
CA ARG A 48 19.63 9.26 6.47
C ARG A 48 20.70 9.28 5.38
N ASN A 49 20.40 9.79 4.19
CA ASN A 49 21.46 10.13 3.21
C ASN A 49 22.13 11.43 3.67
N HIS A 50 23.05 11.33 4.63
CA HIS A 50 23.78 12.46 5.27
C HIS A 50 25.00 12.84 4.43
N LYS A 51 25.54 14.04 4.65
CA LYS A 51 26.83 14.51 4.10
C LYS A 51 27.55 15.31 5.20
N ASP A 52 28.68 14.77 5.70
CA ASP A 52 29.64 15.52 6.54
C ASP A 52 30.54 16.34 5.63
N LEU A 53 30.61 17.65 5.83
CA LEU A 53 31.43 18.54 4.96
C LEU A 53 32.90 18.52 5.42
N GLY A 54 33.17 18.12 6.66
CA GLY A 54 34.52 18.24 7.24
C GLY A 54 34.87 19.70 7.43
N ASN A 55 35.99 20.15 6.86
CA ASN A 55 36.49 21.56 7.00
C ASN A 55 36.07 22.35 5.76
N CYS A 56 35.12 21.81 4.98
CA CYS A 56 34.42 22.53 3.89
C CYS A 56 33.23 23.29 4.47
N HIS A 57 33.18 24.60 4.28
CA HIS A 57 32.07 25.48 4.72
C HIS A 57 30.99 25.41 3.66
N PRO A 58 29.69 25.44 4.03
CA PRO A 58 28.64 25.29 3.01
C PRO A 58 28.80 26.32 1.88
N ILE A 59 29.05 27.60 2.23
CA ILE A 59 29.21 28.72 1.25
C ILE A 59 30.28 28.36 0.22
N GLY A 60 31.36 27.73 0.68
CA GLY A 60 32.48 27.23 -0.14
C GLY A 60 32.04 26.19 -1.15
N MET A 61 30.88 25.58 -0.96
CA MET A 61 30.38 24.57 -1.93
C MET A 61 29.92 25.28 -3.19
N LEU A 62 29.58 26.57 -3.11
CA LEU A 62 28.98 27.33 -4.23
C LEU A 62 30.08 28.07 -4.99
N ILE A 63 31.01 28.71 -4.27
CA ILE A 63 32.15 29.45 -4.88
C ILE A 63 33.15 28.44 -5.44
N GLY A 64 33.49 27.39 -4.71
CA GLY A 64 34.28 26.24 -5.20
C GLY A 64 35.67 26.23 -4.61
N THR A 65 35.77 26.39 -3.29
CA THR A 65 37.03 26.39 -2.51
C THR A 65 37.71 25.04 -2.68
N PRO A 66 39.06 24.96 -2.69
CA PRO A 66 39.76 23.68 -2.86
C PRO A 66 39.31 22.59 -1.87
N ALA A 67 39.05 22.98 -0.62
CA ALA A 67 38.55 22.10 0.47
C ALA A 67 37.18 21.49 0.13
N CYS A 68 36.37 22.15 -0.72
CA CYS A 68 34.98 21.74 -1.04
C CYS A 68 34.91 21.03 -2.40
N ASP A 69 36.00 20.48 -2.92
CA ASP A 69 36.02 19.83 -4.26
C ASP A 69 35.11 18.61 -4.28
N LEU A 70 35.14 17.79 -3.22
CA LEU A 70 34.31 16.56 -3.09
C LEU A 70 32.91 16.92 -2.61
N HIS A 71 32.55 18.21 -2.65
CA HIS A 71 31.26 18.76 -2.16
C HIS A 71 30.68 19.77 -3.16
N LEU A 72 31.16 19.79 -4.40
CA LEU A 72 30.68 20.74 -5.44
C LEU A 72 29.22 20.43 -5.79
N THR A 73 28.86 19.14 -5.88
CA THR A 73 27.47 18.71 -6.13
C THR A 73 27.11 17.57 -5.18
N GLY A 74 25.86 17.13 -5.20
CA GLY A 74 25.37 15.96 -4.43
C GLY A 74 23.92 16.10 -4.05
N THR A 75 23.36 15.05 -3.46
CA THR A 75 22.01 15.04 -2.84
C THR A 75 22.16 14.56 -1.40
N TRP A 76 21.30 15.03 -0.52
CA TRP A 76 21.27 14.61 0.90
C TRP A 76 19.95 14.99 1.54
N ASP A 77 19.70 14.51 2.77
CA ASP A 77 18.56 14.91 3.63
C ASP A 77 19.11 15.45 4.95
N THR A 78 20.43 15.43 5.12
CA THR A 78 21.11 15.91 6.34
C THR A 78 22.48 16.42 5.95
N LEU A 79 22.91 17.54 6.54
CA LEU A 79 24.11 18.29 6.13
C LEU A 79 24.80 18.74 7.41
N ILE A 80 26.02 18.25 7.66
CA ILE A 80 26.73 18.52 8.95
C ILE A 80 27.87 19.49 8.64
N GLU A 81 28.00 20.52 9.46
CA GLU A 81 29.00 21.59 9.27
C GLU A 81 29.84 21.59 10.54
N ARG A 82 31.15 21.73 10.41
CA ARG A 82 32.12 21.63 11.54
C ARG A 82 32.72 22.99 11.83
N LYS A 83 33.32 23.14 13.01
CA LYS A 83 33.90 24.41 13.52
C LYS A 83 35.13 24.76 12.68
N ASN A 84 35.35 26.05 12.44
CA ASN A 84 36.55 26.57 11.73
C ASN A 84 36.67 25.95 10.33
N ALA A 85 35.56 25.58 9.70
CA ALA A 85 35.53 25.10 8.29
C ALA A 85 36.00 26.28 7.41
N ILE A 86 36.18 26.04 6.11
CA ILE A 86 36.82 27.00 5.17
C ILE A 86 35.87 27.25 3.99
N ALA A 87 35.52 28.53 3.79
CA ALA A 87 34.85 29.03 2.57
C ALA A 87 35.86 29.81 1.75
N TYR A 88 36.48 30.83 2.35
CA TYR A 88 37.33 31.83 1.66
C TYR A 88 38.79 31.41 1.83
N CYS A 89 39.42 30.91 0.76
CA CYS A 89 40.88 30.62 0.71
C CYS A 89 41.61 31.96 0.50
N TYR A 90 41.26 32.70 -0.55
CA TYR A 90 41.64 34.13 -0.72
C TYR A 90 40.77 34.97 0.20
N PRO A 91 41.35 35.91 0.98
CA PRO A 91 40.60 36.62 2.02
C PRO A 91 39.49 37.50 1.42
N GLY A 92 38.37 37.59 2.14
CA GLY A 92 37.12 38.19 1.66
C GLY A 92 35.93 37.69 2.45
N ALA A 93 34.74 38.25 2.18
CA ALA A 93 33.50 37.96 2.91
C ALA A 93 32.36 37.74 1.92
N THR A 94 31.16 37.58 2.44
CA THR A 94 29.90 37.49 1.66
C THR A 94 28.87 38.37 2.36
N VAL A 95 28.22 39.29 1.64
CA VAL A 95 27.06 40.05 2.18
C VAL A 95 25.90 39.06 2.22
N ASN A 96 25.06 39.17 3.26
CA ASN A 96 23.99 38.19 3.59
C ASN A 96 24.65 36.83 3.80
N GLU A 97 25.77 36.78 4.54
CA GLU A 97 26.52 35.53 4.81
C GLU A 97 25.59 34.57 5.58
N GLU A 98 25.15 35.00 6.77
CA GLU A 98 24.36 34.13 7.66
C GLU A 98 23.07 33.68 6.95
N ALA A 99 22.53 34.50 6.04
CA ALA A 99 21.31 34.19 5.26
C ALA A 99 21.60 33.13 4.19
N LEU A 100 22.80 33.14 3.60
CA LEU A 100 23.17 32.22 2.50
C LEU A 100 23.49 30.83 3.07
N ARG A 101 24.19 30.76 4.21
CA ARG A 101 24.53 29.43 4.78
C ARG A 101 23.22 28.78 5.23
N GLN A 102 22.40 29.53 5.98
CA GLN A 102 21.06 29.06 6.47
C GLN A 102 20.26 28.51 5.28
N LYS A 103 20.30 29.21 4.14
CA LYS A 103 19.63 28.76 2.90
C LYS A 103 20.22 27.44 2.41
N ILE A 104 21.55 27.27 2.48
CA ILE A 104 22.25 26.04 2.01
C ILE A 104 21.94 24.89 2.95
N MET A 105 21.96 25.16 4.26
CA MET A 105 21.78 24.13 5.31
C MET A 105 20.32 23.62 5.34
N GLU A 106 19.39 24.33 4.69
CA GLU A 106 17.97 23.91 4.57
C GLU A 106 17.80 22.96 3.38
N SER A 107 18.81 22.86 2.50
CA SER A 107 18.69 22.19 1.19
C SER A 107 18.88 20.68 1.36
N GLY A 108 18.52 19.93 0.33
CA GLY A 108 18.75 18.47 0.23
C GLY A 108 19.53 18.13 -1.02
N GLY A 109 20.50 18.98 -1.37
CA GLY A 109 21.32 18.82 -2.58
C GLY A 109 21.70 20.14 -3.24
N ILE A 110 22.71 20.07 -4.12
CA ILE A 110 23.22 21.18 -4.98
C ILE A 110 23.48 20.59 -6.37
N SER A 111 22.88 21.16 -7.42
CA SER A 111 23.26 20.96 -8.84
C SER A 111 24.13 22.14 -9.27
N LYS A 112 24.96 21.95 -10.31
CA LYS A 112 25.84 23.00 -10.88
C LYS A 112 25.51 23.13 -12.36
N ILE A 113 25.45 24.35 -12.86
CA ILE A 113 24.91 24.67 -14.21
C ILE A 113 25.86 25.65 -14.89
N ASN A 114 26.33 25.29 -16.09
CA ASN A 114 27.38 26.02 -16.85
C ASN A 114 26.76 27.33 -17.36
N THR A 115 27.49 28.42 -17.15
CA THR A 115 27.09 29.80 -17.50
C THR A 115 27.52 30.09 -18.95
N GLY A 116 28.56 29.40 -19.44
CA GLY A 116 29.09 29.52 -20.82
C GLY A 116 29.60 30.92 -21.14
N PHE A 117 30.08 31.63 -20.12
CA PHE A 117 30.61 33.01 -20.23
C PHE A 117 31.91 32.98 -21.04
N THR A 118 31.99 33.88 -22.02
CA THR A 118 33.11 34.05 -22.98
C THR A 118 33.67 35.47 -22.81
N TYR A 119 34.97 35.67 -23.05
CA TYR A 119 35.67 36.97 -22.86
C TYR A 119 36.64 37.25 -24.00
N GLY A 120 36.86 38.55 -24.28
CA GLY A 120 37.76 39.04 -25.35
C GLY A 120 39.20 38.55 -25.20
N SER A 121 39.98 38.68 -26.28
CA SER A 121 41.39 38.21 -26.42
C SER A 121 42.27 38.95 -25.41
N SER A 122 41.96 40.22 -25.14
CA SER A 122 42.71 41.12 -24.20
C SER A 122 42.59 40.61 -22.76
N ILE A 123 41.43 40.06 -22.39
CA ILE A 123 41.09 39.60 -21.01
C ILE A 123 41.72 38.22 -20.76
N ASN A 124 42.52 38.13 -19.68
CA ASN A 124 43.05 36.88 -19.08
C ASN A 124 42.01 36.37 -18.07
N SER A 125 41.32 35.28 -18.42
CA SER A 125 40.21 34.67 -17.65
C SER A 125 40.78 33.72 -16.57
N ALA A 126 42.03 33.28 -16.72
CA ALA A 126 42.65 32.25 -15.87
C ALA A 126 43.46 32.91 -14.74
N GLY A 127 43.05 34.08 -14.27
CA GLY A 127 43.61 34.70 -13.06
C GLY A 127 43.62 33.69 -11.92
N THR A 128 44.69 33.69 -11.11
CA THR A 128 45.00 32.64 -10.11
C THR A 128 45.67 33.30 -8.88
N THR A 129 45.67 32.63 -7.73
CA THR A 129 46.30 33.09 -6.46
C THR A 129 46.91 31.90 -5.72
N LYS A 130 47.85 32.19 -4.81
CA LYS A 130 48.60 31.21 -3.98
C LYS A 130 47.79 30.90 -2.72
N ALA A 131 46.80 31.74 -2.40
CA ALA A 131 45.89 31.59 -1.24
C ALA A 131 44.93 30.43 -1.46
N CYS A 132 44.75 29.97 -2.71
CA CYS A 132 43.96 28.77 -3.12
C CYS A 132 44.86 27.81 -3.89
N MET A 133 45.74 27.08 -3.18
CA MET A 133 46.59 26.01 -3.74
C MET A 133 45.72 24.78 -4.03
N ARG A 134 45.95 24.14 -5.16
CA ARG A 134 45.20 22.94 -5.65
C ARG A 134 46.13 22.16 -6.59
N ASN A 135 46.33 20.85 -6.32
CA ASN A 135 47.18 19.94 -7.13
C ASN A 135 48.60 20.51 -7.24
N GLY A 136 49.15 21.02 -6.13
CA GLY A 136 50.54 21.52 -6.04
C GLY A 136 50.64 23.00 -6.33
N GLY A 137 50.25 23.43 -7.54
CA GLY A 137 50.42 24.82 -8.01
C GLY A 137 49.31 25.76 -7.55
N ASN A 138 49.43 27.05 -7.89
CA ASN A 138 48.45 28.11 -7.58
C ASN A 138 47.16 27.85 -8.39
N SER A 139 46.02 28.25 -7.82
CA SER A 139 44.67 28.06 -8.41
C SER A 139 43.69 29.12 -7.88
N PHE A 140 42.40 28.88 -8.14
CA PHE A 140 41.28 29.80 -7.80
C PHE A 140 40.00 28.95 -7.71
N TYR A 141 38.97 29.55 -7.08
CA TYR A 141 37.62 28.98 -6.86
C TYR A 141 37.09 28.32 -8.14
N ALA A 142 36.73 27.03 -8.08
CA ALA A 142 36.31 26.18 -9.22
C ALA A 142 35.17 26.81 -10.02
N GLU A 143 34.29 27.58 -9.38
CA GLU A 143 32.97 27.96 -9.93
C GLU A 143 32.99 29.44 -10.35
N LEU A 144 34.16 30.07 -10.28
CA LEU A 144 34.34 31.51 -10.62
C LEU A 144 35.64 31.71 -11.42
N LYS A 145 35.73 32.81 -12.17
CA LYS A 145 36.93 33.18 -12.95
C LYS A 145 37.39 34.58 -12.55
N TRP A 146 38.67 34.72 -12.25
CA TRP A 146 39.34 36.03 -12.01
C TRP A 146 39.68 36.65 -13.38
N LEU A 147 38.97 37.70 -13.78
CA LEU A 147 39.19 38.44 -15.05
C LEU A 147 40.13 39.62 -14.77
N VAL A 148 41.36 39.53 -15.31
CA VAL A 148 42.38 40.62 -15.31
C VAL A 148 42.81 40.88 -16.76
N SER A 149 43.17 42.12 -17.08
CA SER A 149 43.79 42.50 -18.37
C SER A 149 45.08 41.68 -18.54
N LYS A 150 45.35 41.21 -19.76
CA LYS A 150 46.51 40.33 -20.08
C LYS A 150 47.74 41.20 -20.31
N ASN A 151 47.52 42.46 -20.68
CA ASN A 151 48.58 43.50 -20.85
C ASN A 151 48.59 44.35 -19.58
N LYS A 152 49.49 44.04 -18.63
CA LYS A 152 49.64 44.77 -17.34
C LYS A 152 49.61 46.27 -17.62
N GLY A 153 48.67 46.99 -16.98
CA GLY A 153 48.47 48.44 -17.18
C GLY A 153 47.25 48.75 -18.04
N GLN A 154 47.05 47.97 -19.12
CA GLN A 154 45.98 48.21 -20.13
C GLN A 154 44.62 48.22 -19.44
N ASN A 155 43.77 49.20 -19.77
CA ASN A 155 42.37 49.32 -19.26
C ASN A 155 41.57 48.09 -19.70
N PHE A 156 40.84 47.47 -18.75
CA PHE A 156 40.02 46.27 -18.98
C PHE A 156 38.93 46.61 -20.00
N PRO A 157 38.74 45.80 -21.06
CA PRO A 157 37.74 46.08 -22.08
C PRO A 157 36.32 46.01 -21.51
N GLN A 158 35.45 46.95 -21.87
CA GLN A 158 34.00 46.90 -21.54
C GLN A 158 33.46 45.58 -22.10
N THR A 159 32.79 44.81 -21.25
CA THR A 159 32.21 43.48 -21.58
C THR A 159 30.80 43.39 -20.98
N THR A 160 29.96 42.52 -21.53
CA THR A 160 28.57 42.29 -21.10
C THR A 160 28.27 40.79 -21.19
N ASN A 161 28.30 40.10 -20.04
CA ASN A 161 27.90 38.67 -19.92
C ASN A 161 26.52 38.59 -19.24
N THR A 162 25.64 37.72 -19.77
CA THR A 162 24.30 37.47 -19.16
C THR A 162 24.00 35.97 -19.19
N TYR A 163 23.62 35.43 -18.04
CA TYR A 163 23.12 34.04 -17.84
C TYR A 163 21.58 34.05 -17.91
N ARG A 164 20.99 33.21 -18.75
CA ARG A 164 19.53 32.91 -18.73
C ARG A 164 19.31 31.60 -17.99
N ASN A 165 18.27 31.55 -17.15
CA ASN A 165 17.77 30.31 -16.49
C ASN A 165 16.85 29.59 -17.48
N ALA A 166 17.31 28.49 -18.08
CA ALA A 166 16.52 27.61 -18.98
C ALA A 166 15.71 26.58 -18.18
N ASP A 167 15.98 26.45 -16.87
CA ASP A 167 15.43 25.39 -15.98
C ASP A 167 14.06 25.83 -15.47
N THR A 168 13.32 24.89 -14.86
CA THR A 168 11.94 25.06 -14.33
C THR A 168 11.98 25.64 -12.91
N ALA A 169 13.07 25.40 -12.18
CA ALA A 169 13.30 25.84 -10.78
C ALA A 169 14.30 27.00 -10.77
N GLU A 170 14.30 27.81 -9.71
CA GLU A 170 15.20 28.99 -9.58
C GLU A 170 16.64 28.49 -9.40
N HIS A 171 17.63 29.26 -9.86
CA HIS A 171 19.08 29.04 -9.66
C HIS A 171 19.69 30.15 -8.79
N LEU A 172 20.76 29.81 -8.06
CA LEU A 172 21.47 30.70 -7.11
C LEU A 172 22.80 31.08 -7.75
N ILE A 173 22.81 32.16 -8.54
CA ILE A 173 24.04 32.75 -9.12
C ILE A 173 24.75 33.57 -8.03
N MET A 174 26.08 33.51 -8.02
CA MET A 174 26.87 34.44 -7.19
C MET A 174 28.22 34.73 -7.86
N TRP A 175 28.77 35.88 -7.50
CA TRP A 175 29.96 36.49 -8.14
C TRP A 175 30.77 37.22 -7.07
N GLY A 176 32.00 37.59 -7.38
CA GLY A 176 32.87 38.37 -6.50
C GLY A 176 33.23 39.71 -7.12
N ILE A 177 33.42 40.72 -6.28
CA ILE A 177 34.09 42.00 -6.62
C ILE A 177 35.46 41.94 -5.95
N HIS A 178 36.56 42.02 -6.73
CA HIS A 178 37.93 42.14 -6.17
C HIS A 178 38.15 43.60 -5.72
N HIS A 179 38.73 43.80 -4.54
CA HIS A 179 39.10 45.12 -3.96
C HIS A 179 40.60 45.17 -3.72
N PRO A 180 41.42 45.70 -4.66
CA PRO A 180 42.88 45.68 -4.52
C PRO A 180 43.45 46.56 -3.39
N SER A 181 44.72 46.34 -3.06
CA SER A 181 45.40 46.81 -1.81
C SER A 181 45.98 48.21 -2.00
N SER A 182 46.24 48.61 -3.26
CA SER A 182 46.95 49.86 -3.62
C SER A 182 46.53 50.30 -5.02
N THR A 183 46.82 51.56 -5.37
CA THR A 183 46.50 52.15 -6.70
C THR A 183 47.45 51.53 -7.74
N GLN A 184 48.68 51.20 -7.35
CA GLN A 184 49.67 50.49 -8.21
C GLN A 184 49.07 49.14 -8.63
N GLU A 185 48.47 48.41 -7.68
CA GLU A 185 47.87 47.07 -7.89
C GLU A 185 46.66 47.18 -8.84
N LYS A 186 45.67 48.02 -8.48
CA LYS A 186 44.44 48.27 -9.27
C LYS A 186 44.80 48.45 -10.75
N ASN A 187 45.72 49.39 -11.02
CA ASN A 187 46.08 49.86 -12.38
C ASN A 187 46.76 48.72 -13.15
N ASP A 188 47.63 47.96 -12.46
CA ASP A 188 48.33 46.79 -13.03
C ASP A 188 47.31 45.81 -13.64
N LEU A 189 46.14 45.63 -13.02
CA LEU A 189 45.19 44.52 -13.34
C LEU A 189 44.09 45.00 -14.28
N TYR A 190 43.45 46.14 -13.96
CA TYR A 190 42.23 46.66 -14.63
C TYR A 190 42.49 47.99 -15.34
N GLY A 191 43.66 48.62 -15.13
CA GLY A 191 44.02 49.93 -15.72
C GLY A 191 43.50 51.09 -14.90
N THR A 192 43.57 52.30 -15.45
CA THR A 192 43.36 53.60 -14.75
C THR A 192 41.91 54.05 -14.85
N GLN A 193 41.16 53.55 -15.84
CA GLN A 193 39.74 53.93 -16.06
C GLN A 193 38.95 53.68 -14.77
N SER A 194 38.00 54.55 -14.46
CA SER A 194 37.02 54.34 -13.35
C SER A 194 36.32 53.00 -13.57
N LEU A 195 36.26 52.19 -12.51
CA LEU A 195 35.68 50.82 -12.54
C LEU A 195 34.23 50.90 -12.05
N SER A 196 33.32 50.21 -12.74
CA SER A 196 31.92 50.00 -12.32
C SER A 196 31.43 48.65 -12.84
N ILE A 197 31.07 47.75 -11.92
CA ILE A 197 30.42 46.46 -12.24
C ILE A 197 28.93 46.64 -11.94
N SER A 198 28.09 46.58 -12.97
CA SER A 198 26.62 46.64 -12.86
C SER A 198 26.04 45.25 -13.12
N VAL A 199 25.09 44.85 -12.28
CA VAL A 199 24.40 43.53 -12.33
C VAL A 199 22.90 43.82 -12.35
N GLY A 200 22.15 43.14 -13.21
CA GLY A 200 20.70 43.37 -13.33
C GLY A 200 19.96 42.13 -13.82
N SER A 201 18.80 41.89 -13.24
CA SER A 201 17.78 40.91 -13.70
C SER A 201 16.40 41.55 -13.57
N SER A 202 15.31 40.83 -13.87
CA SER A 202 13.90 41.27 -13.64
C SER A 202 13.71 41.69 -12.17
N THR A 203 14.37 40.98 -11.25
CA THR A 203 14.07 40.97 -9.79
C THR A 203 15.21 41.59 -8.98
N TYR A 204 16.45 41.53 -9.49
CA TYR A 204 17.65 42.08 -8.82
C TYR A 204 18.26 43.19 -9.68
N LYS A 205 18.91 44.14 -9.02
CA LYS A 205 19.74 45.20 -9.65
C LYS A 205 20.66 45.78 -8.58
N ASN A 206 21.92 46.05 -8.93
CA ASN A 206 22.92 46.66 -8.01
C ASN A 206 24.19 47.01 -8.80
N ASN A 207 24.92 48.01 -8.33
CA ASN A 207 26.24 48.43 -8.88
C ASN A 207 27.27 48.24 -7.78
N PHE A 208 28.50 47.90 -8.17
CA PHE A 208 29.65 47.70 -7.25
C PHE A 208 30.87 48.48 -7.77
N VAL A 209 31.69 48.98 -6.87
CA VAL A 209 32.94 49.74 -7.17
C VAL A 209 34.08 49.17 -6.34
N PRO A 210 35.13 48.61 -6.98
CA PRO A 210 36.34 48.20 -6.25
C PRO A 210 36.83 49.26 -5.26
N VAL A 211 37.38 48.80 -4.13
CA VAL A 211 37.92 49.63 -2.99
C VAL A 211 39.44 49.44 -2.95
N VAL A 212 40.19 50.48 -3.35
CA VAL A 212 41.66 50.53 -3.18
C VAL A 212 41.95 51.08 -1.78
N GLY A 213 42.81 50.40 -1.01
CA GLY A 213 43.16 50.80 0.37
C GLY A 213 44.09 49.79 1.03
N ALA A 214 45.08 50.26 1.79
CA ALA A 214 46.03 49.43 2.56
C ALA A 214 45.29 48.77 3.72
N ARG A 215 45.72 47.57 4.10
CA ARG A 215 45.06 46.71 5.13
C ARG A 215 45.90 45.45 5.36
N PRO A 216 45.79 44.84 6.57
CA PRO A 216 46.58 43.66 6.93
C PRO A 216 46.50 42.50 5.94
N GLN A 217 47.56 41.70 5.87
CA GLN A 217 47.62 40.48 5.03
C GLN A 217 46.90 39.31 5.73
N VAL A 218 46.09 38.58 4.98
CA VAL A 218 45.34 37.36 5.43
C VAL A 218 45.60 36.27 4.38
N ASN A 219 46.08 35.10 4.79
CA ASN A 219 46.65 34.06 3.89
C ASN A 219 47.74 34.71 3.03
N GLY A 220 48.36 35.77 3.55
CA GLY A 220 49.46 36.52 2.91
C GLY A 220 49.00 37.34 1.71
N GLN A 221 47.82 37.96 1.78
CA GLN A 221 47.23 38.78 0.69
C GLN A 221 46.54 40.01 1.31
N SER A 222 46.83 41.21 0.81
CA SER A 222 46.18 42.48 1.26
C SER A 222 44.90 42.71 0.45
N GLY A 223 44.85 42.17 -0.78
CA GLY A 223 43.66 42.20 -1.65
C GLY A 223 42.52 41.39 -1.08
N ARG A 224 41.30 41.66 -1.51
CA ARG A 224 40.07 41.02 -0.97
C ARG A 224 39.11 40.71 -2.12
N ILE A 225 38.36 39.61 -2.00
CA ILE A 225 37.24 39.25 -2.93
C ILE A 225 35.99 39.03 -2.09
N ASP A 226 35.17 40.05 -1.92
CA ASP A 226 33.85 39.96 -1.24
C ASP A 226 32.87 39.36 -2.24
N PHE A 227 31.93 38.53 -1.79
CA PHE A 227 31.00 37.76 -2.65
C PHE A 227 29.56 38.25 -2.45
N HIS A 228 28.83 38.37 -3.56
CA HIS A 228 27.39 38.71 -3.58
C HIS A 228 26.67 37.52 -4.19
N TRP A 229 25.35 37.45 -4.04
CA TRP A 229 24.52 36.34 -4.56
C TRP A 229 23.10 36.87 -4.76
N THR A 230 22.27 36.06 -5.42
CA THR A 230 20.87 36.37 -5.77
C THR A 230 20.29 35.13 -6.45
N LEU A 231 18.98 34.98 -6.38
CA LEU A 231 18.23 33.93 -7.09
C LEU A 231 17.90 34.49 -8.48
N VAL A 232 17.86 33.62 -9.49
CA VAL A 232 17.49 33.96 -10.89
C VAL A 232 16.31 33.08 -11.29
N GLN A 233 15.10 33.66 -11.32
CA GLN A 233 13.83 32.90 -11.43
C GLN A 233 13.84 32.10 -12.73
N PRO A 234 13.03 31.04 -12.86
CA PRO A 234 12.94 30.29 -14.12
C PRO A 234 12.50 31.18 -15.28
N GLY A 235 13.23 31.14 -16.40
CA GLY A 235 12.96 31.93 -17.62
C GLY A 235 13.76 33.22 -17.66
N ASP A 236 13.91 33.91 -16.51
CA ASP A 236 14.56 35.25 -16.42
C ASP A 236 16.08 35.11 -16.55
N LYS A 237 16.73 36.17 -17.02
CA LYS A 237 18.20 36.23 -17.27
C LYS A 237 18.80 37.34 -16.40
N ILE A 238 20.06 37.18 -16.01
CA ILE A 238 20.81 38.18 -15.19
C ILE A 238 22.06 38.57 -15.98
N THR A 239 22.35 39.87 -16.03
CA THR A 239 23.35 40.47 -16.96
C THR A 239 24.39 41.24 -16.15
N PHE A 240 25.66 41.10 -16.54
CA PHE A 240 26.84 41.71 -15.89
C PHE A 240 27.46 42.72 -16.85
N SER A 241 27.19 44.02 -16.64
CA SER A 241 27.98 45.15 -17.18
C SER A 241 29.20 45.34 -16.27
N HIS A 242 30.42 45.21 -16.80
CA HIS A 242 31.67 45.36 -16.00
C HIS A 242 32.88 45.75 -16.87
N ASN A 243 33.78 46.56 -16.27
CA ASN A 243 35.01 47.10 -16.89
C ASN A 243 36.21 46.80 -15.97
N GLY A 244 36.23 45.62 -15.34
CA GLY A 244 37.35 45.15 -14.50
C GLY A 244 37.04 45.22 -13.01
N GLY A 245 37.36 44.16 -12.26
CA GLY A 245 37.05 44.03 -10.83
C GLY A 245 36.00 42.96 -10.57
N LEU A 246 35.42 42.37 -11.63
CA LEU A 246 34.42 41.28 -11.52
C LEU A 246 35.15 39.94 -11.47
N ILE A 247 34.86 39.18 -10.42
CA ILE A 247 35.10 37.71 -10.33
C ILE A 247 33.86 37.04 -10.92
N ALA A 248 33.92 36.67 -12.19
CA ALA A 248 32.77 36.16 -12.95
C ALA A 248 32.48 34.73 -12.51
N PRO A 249 31.20 34.32 -12.51
CA PRO A 249 30.85 32.92 -12.31
C PRO A 249 31.05 32.09 -13.59
N SER A 250 31.77 30.97 -13.50
CA SER A 250 31.83 29.91 -14.54
C SER A 250 30.61 28.99 -14.42
N ARG A 251 30.09 28.82 -13.20
CA ARG A 251 28.88 28.00 -12.93
C ARG A 251 27.97 28.66 -11.88
N VAL A 252 26.68 28.39 -11.99
CA VAL A 252 25.62 28.77 -11.01
C VAL A 252 25.07 27.50 -10.35
N SER A 253 24.52 27.65 -9.14
CA SER A 253 24.02 26.53 -8.31
C SER A 253 22.48 26.53 -8.31
N LYS A 254 21.89 25.33 -8.34
CA LYS A 254 20.47 25.07 -8.02
C LYS A 254 20.44 24.29 -6.69
N LEU A 255 19.76 24.82 -5.68
CA LEU A 255 19.47 24.05 -4.43
C LEU A 255 18.24 23.18 -4.69
N ILE A 256 18.23 21.94 -4.19
CA ILE A 256 17.15 20.94 -4.46
C ILE A 256 16.63 20.36 -3.15
N GLY A 257 15.30 20.33 -3.01
CA GLY A 257 14.57 19.71 -1.90
C GLY A 257 14.92 20.33 -0.57
N ARG A 258 14.70 19.56 0.51
CA ARG A 258 14.86 20.00 1.92
C ARG A 258 15.77 19.01 2.66
N GLY A 259 16.47 19.51 3.67
CA GLY A 259 17.32 18.73 4.58
C GLY A 259 17.43 19.37 5.95
N LEU A 260 17.83 18.57 6.94
CA LEU A 260 18.10 19.07 8.32
C LEU A 260 19.55 19.52 8.33
N GLY A 261 19.85 20.59 9.07
CA GLY A 261 21.16 21.25 9.04
C GLY A 261 21.74 21.35 10.43
N ILE A 262 22.73 20.50 10.72
CA ILE A 262 23.38 20.37 12.05
C ILE A 262 24.77 21.04 12.00
N GLN A 263 25.05 21.88 13.00
CA GLN A 263 26.41 22.37 13.33
C GLN A 263 26.84 21.64 14.61
N SER A 264 27.88 20.80 14.53
CA SER A 264 28.29 19.92 15.65
C SER A 264 29.75 19.45 15.51
N GLU A 265 30.41 19.23 16.66
CA GLU A 265 31.80 18.71 16.77
C GLU A 265 31.79 17.18 16.95
N ALA A 266 30.62 16.58 17.19
CA ALA A 266 30.45 15.15 17.53
C ALA A 266 30.50 14.29 16.27
N PRO A 267 31.21 13.14 16.29
CA PRO A 267 31.42 12.33 15.08
C PRO A 267 30.25 11.46 14.67
N ILE A 268 30.20 11.09 13.38
CA ILE A 268 29.11 10.28 12.73
C ILE A 268 29.01 8.92 13.42
N ASP A 269 27.84 8.26 13.36
CA ASP A 269 27.59 6.85 13.73
C ASP A 269 26.38 6.33 12.92
N ASN A 270 26.58 5.51 11.89
CA ASN A 270 25.50 5.04 10.99
C ASN A 270 24.65 3.91 11.61
N SER A 271 24.98 3.44 12.82
CA SER A 271 24.30 2.30 13.49
C SER A 271 23.12 2.82 14.32
N CYS A 272 23.36 3.95 14.99
CA CYS A 272 22.43 4.71 15.88
C CYS A 272 21.49 5.57 15.02
N GLU A 273 20.24 5.77 15.47
CA GLU A 273 19.21 6.58 14.76
C GLU A 273 18.62 7.62 15.72
N SER A 274 18.50 8.89 15.31
CA SER A 274 17.94 10.02 16.11
C SER A 274 17.21 11.01 15.19
N LYS A 275 16.35 11.86 15.76
CA LYS A 275 15.69 12.96 15.02
C LYS A 275 15.82 14.28 15.80
N CYS A 276 16.64 14.30 16.85
CA CYS A 276 16.99 15.52 17.60
C CYS A 276 18.51 15.58 17.75
N PHE A 277 19.10 16.73 17.41
CA PHE A 277 20.57 16.96 17.47
C PHE A 277 20.87 18.30 18.15
N TRP A 278 22.15 18.53 18.44
CA TRP A 278 22.70 19.78 19.03
C TRP A 278 24.23 19.77 18.91
N ARG A 279 24.88 20.86 19.32
CA ARG A 279 26.35 21.02 19.24
C ARG A 279 27.02 19.75 19.77
N GLY A 280 26.60 19.32 20.97
CA GLY A 280 27.11 18.17 21.74
C GLY A 280 26.87 16.82 21.07
N GLY A 281 25.82 16.65 20.27
CA GLY A 281 25.56 15.35 19.62
C GLY A 281 24.07 15.07 19.42
N SER A 282 23.64 13.84 19.74
CA SER A 282 22.25 13.35 19.51
C SER A 282 21.50 13.33 20.85
N ILE A 283 20.16 13.24 20.78
CA ILE A 283 19.26 13.12 21.96
C ILE A 283 18.13 12.18 21.58
N ASN A 284 18.24 10.91 21.98
CA ASN A 284 17.44 9.78 21.44
C ASN A 284 16.36 9.38 22.45
N THR A 285 16.16 10.18 23.50
CA THR A 285 15.17 9.99 24.58
C THR A 285 13.71 9.96 24.08
N ARG A 286 12.84 9.30 24.84
CA ARG A 286 11.37 9.28 24.63
C ARG A 286 10.71 10.32 25.55
N LEU A 287 11.49 11.06 26.35
CA LEU A 287 10.96 11.93 27.42
C LEU A 287 10.47 13.25 26.83
N PRO A 288 9.48 13.92 27.48
CA PRO A 288 8.98 15.21 27.01
C PRO A 288 9.89 16.42 27.23
N PHE A 289 10.82 16.37 28.19
CA PHE A 289 11.72 17.51 28.51
C PHE A 289 13.18 17.07 28.55
N GLN A 290 14.07 18.04 28.79
CA GLN A 290 15.52 17.95 28.51
C GLN A 290 16.16 19.20 29.08
N ASN A 291 17.39 19.10 29.59
CA ASN A 291 18.15 20.26 30.14
C ASN A 291 19.61 20.23 29.67
N LEU A 292 19.86 19.65 28.49
CA LEU A 292 21.17 19.59 27.82
C LEU A 292 21.47 20.93 27.15
N SER A 293 20.63 21.36 26.20
CA SER A 293 20.84 22.64 25.47
C SER A 293 19.53 23.23 24.96
N PRO A 294 19.36 24.57 25.07
CA PRO A 294 18.27 25.29 24.42
C PRO A 294 18.49 25.55 22.92
N ARG A 295 19.61 25.14 22.35
CA ARG A 295 19.87 25.18 20.89
C ARG A 295 19.80 23.77 20.31
N THR A 296 18.66 23.35 19.76
CA THR A 296 18.51 22.00 19.15
C THR A 296 17.84 22.14 17.79
N VAL A 297 17.78 21.05 17.03
CA VAL A 297 17.20 21.04 15.66
C VAL A 297 16.56 19.67 15.43
N GLY A 298 15.56 19.61 14.57
CA GLY A 298 14.72 18.43 14.37
C GLY A 298 13.62 18.38 15.40
N GLN A 299 12.92 17.24 15.48
CA GLN A 299 11.80 16.96 16.42
C GLN A 299 12.42 16.68 17.79
N CYS A 300 12.36 17.63 18.71
CA CYS A 300 13.12 17.59 19.99
C CYS A 300 12.17 17.68 21.17
N PRO A 301 12.47 17.00 22.31
CA PRO A 301 11.88 17.36 23.60
C PRO A 301 12.21 18.81 23.97
N LYS A 302 11.34 19.46 24.73
CA LYS A 302 11.44 20.90 25.08
C LYS A 302 12.44 21.08 26.23
N TYR A 303 13.48 21.90 25.99
CA TYR A 303 14.43 22.38 27.01
C TYR A 303 13.66 22.97 28.21
N VAL A 304 14.01 22.55 29.42
CA VAL A 304 13.47 23.11 30.70
C VAL A 304 14.65 23.40 31.61
N ASN A 305 14.63 24.49 32.37
CA ASN A 305 15.60 24.79 33.48
C ASN A 305 15.24 23.93 34.69
N LYS A 306 15.46 22.61 34.61
CA LYS A 306 15.14 21.66 35.70
C LYS A 306 16.07 20.45 35.60
N LYS A 307 16.78 20.14 36.70
CA LYS A 307 17.65 18.94 36.84
C LYS A 307 16.79 17.69 36.65
N SER A 308 15.67 17.63 37.38
CA SER A 308 14.81 16.43 37.53
C SER A 308 13.37 16.82 37.84
N LEU A 309 12.41 16.13 37.23
CA LEU A 309 10.96 16.18 37.61
C LEU A 309 10.43 14.74 37.67
N MET A 310 10.17 14.26 38.88
CA MET A 310 9.78 12.86 39.11
C MET A 310 8.25 12.77 39.07
N LEU A 311 7.73 11.85 38.26
CA LEU A 311 6.29 11.63 37.98
C LEU A 311 5.84 10.33 38.66
N ALA A 312 5.16 10.42 39.83
CA ALA A 312 4.61 9.27 40.58
C ALA A 312 4.01 8.27 39.60
N THR A 313 4.35 6.99 39.73
CA THR A 313 3.77 5.85 38.97
C THR A 313 3.22 4.82 39.97
N GLY A 314 2.70 5.31 41.09
CA GLY A 314 2.08 4.48 42.14
C GLY A 314 1.67 5.30 43.36
N MET A 315 0.95 4.65 44.28
CA MET A 315 0.26 5.31 45.42
C MET A 315 1.27 5.90 46.41
N ARG A 316 0.77 6.68 47.36
CA ARG A 316 1.54 7.06 48.59
C ARG A 316 2.12 5.77 49.19
N ASN A 317 3.37 5.83 49.62
CA ASN A 317 4.06 4.74 50.35
C ASN A 317 3.98 5.05 51.85
N VAL A 318 3.10 4.36 52.57
CA VAL A 318 3.02 4.34 54.06
C VAL A 318 3.65 3.03 54.52
N PRO A 319 4.92 3.03 54.96
CA PRO A 319 5.66 1.79 55.18
C PRO A 319 5.44 1.26 56.62
N GLU A 320 5.68 -0.04 56.82
CA GLU A 320 5.59 -0.73 58.15
C GLU A 320 6.76 -0.28 59.03
N GLY B 1 -6.11 10.59 52.53
CA GLY B 1 -5.89 11.84 51.72
C GLY B 1 -7.20 12.55 51.45
N LEU B 2 -7.55 12.73 50.17
CA LEU B 2 -8.89 13.22 49.74
C LEU B 2 -9.94 12.19 50.14
N PHE B 3 -9.68 10.90 49.89
CA PHE B 3 -10.67 9.80 50.08
C PHE B 3 -10.47 9.14 51.44
N GLY B 4 -9.47 9.57 52.22
CA GLY B 4 -9.25 9.19 53.63
C GLY B 4 -8.82 7.74 53.80
N ALA B 5 -8.67 6.97 52.72
CA ALA B 5 -8.37 5.51 52.75
C ALA B 5 -6.89 5.30 53.06
N ILE B 6 -5.99 5.85 52.25
CA ILE B 6 -4.53 5.59 52.33
C ILE B 6 -3.87 6.74 53.07
N ALA B 7 -2.94 6.43 53.98
CA ALA B 7 -2.43 7.38 55.00
C ALA B 7 -3.63 7.98 55.76
N GLY B 8 -4.71 7.20 55.92
CA GLY B 8 -5.96 7.59 56.59
C GLY B 8 -6.40 6.52 57.57
N PHE B 9 -7.66 6.06 57.51
CA PHE B 9 -8.22 5.02 58.42
C PHE B 9 -7.50 3.67 58.20
N ILE B 10 -6.96 3.38 57.02
CA ILE B 10 -5.91 2.33 56.85
C ILE B 10 -4.57 2.96 57.29
N GLU B 11 -4.03 2.49 58.41
CA GLU B 11 -2.95 3.17 59.18
C GLU B 11 -1.60 2.98 58.47
N ASN B 12 -1.39 1.86 57.77
CA ASN B 12 -0.12 1.62 57.02
C ASN B 12 -0.31 0.51 55.96
N GLY B 13 0.63 0.47 55.01
CA GLY B 13 0.60 -0.48 53.90
C GLY B 13 1.36 -1.74 54.26
N TRP B 14 1.24 -2.78 53.43
CA TRP B 14 1.80 -4.13 53.67
C TRP B 14 2.95 -4.38 52.70
N GLU B 15 4.18 -4.27 53.20
CA GLU B 15 5.42 -4.59 52.43
C GLU B 15 5.41 -6.08 52.03
N GLY B 16 4.56 -6.89 52.66
CA GLY B 16 4.41 -8.33 52.34
C GLY B 16 3.63 -8.58 51.05
N MET B 17 2.84 -7.61 50.56
CA MET B 17 1.91 -7.85 49.42
C MET B 17 2.62 -7.51 48.10
N VAL B 18 2.96 -8.55 47.34
CA VAL B 18 3.86 -8.49 46.16
C VAL B 18 3.08 -8.92 44.90
N ASP B 19 1.80 -9.29 45.05
CA ASP B 19 0.99 -9.88 43.94
C ASP B 19 -0.08 -8.86 43.48
N GLY B 20 -0.10 -7.66 44.07
CA GLY B 20 -1.06 -6.59 43.74
C GLY B 20 -0.88 -5.35 44.61
N TRP B 21 -1.70 -4.32 44.38
CA TRP B 21 -1.58 -2.99 45.06
C TRP B 21 -2.57 -2.93 46.21
N TYR B 22 -3.68 -3.65 46.07
CA TYR B 22 -4.80 -3.72 47.04
C TYR B 22 -5.09 -5.19 47.31
N GLY B 23 -5.56 -5.53 48.50
CA GLY B 23 -5.86 -6.94 48.84
C GLY B 23 -6.40 -7.11 50.24
N PHE B 24 -6.70 -8.36 50.58
CA PHE B 24 -7.38 -8.77 51.83
C PHE B 24 -6.39 -9.56 52.69
N ARG B 25 -6.42 -9.31 54.00
CA ARG B 25 -5.90 -10.19 55.07
C ARG B 25 -7.10 -10.60 55.93
N HIS B 26 -7.17 -11.87 56.33
CA HIS B 26 -8.27 -12.41 57.18
C HIS B 26 -7.70 -13.29 58.29
N GLN B 27 -8.42 -13.41 59.41
CA GLN B 27 -8.15 -14.39 60.50
C GLN B 27 -9.46 -15.09 60.87
N ASN B 28 -9.49 -16.42 60.71
CA ASN B 28 -10.62 -17.30 61.10
C ASN B 28 -10.05 -18.48 61.89
N ALA B 29 -10.81 -19.58 62.02
CA ALA B 29 -10.46 -20.78 62.81
C ALA B 29 -9.33 -21.58 62.12
N GLN B 30 -9.38 -21.74 60.78
CA GLN B 30 -8.33 -22.42 59.99
C GLN B 30 -7.01 -21.65 60.07
N GLY B 31 -7.05 -20.38 60.45
CA GLY B 31 -5.86 -19.52 60.60
C GLY B 31 -5.92 -18.32 59.67
N THR B 32 -4.79 -17.99 59.03
CA THR B 32 -4.57 -16.71 58.31
C THR B 32 -4.38 -16.96 56.80
N GLY B 33 -4.66 -15.92 56.01
CA GLY B 33 -4.44 -15.86 54.55
C GLY B 33 -4.35 -14.42 54.08
N GLN B 34 -3.60 -14.20 53.00
CA GLN B 34 -3.46 -12.90 52.28
C GLN B 34 -3.79 -13.14 50.80
N ALA B 35 -4.30 -12.12 50.10
CA ALA B 35 -4.60 -12.19 48.65
C ALA B 35 -4.86 -10.78 48.12
N ALA B 36 -4.54 -10.57 46.84
CA ALA B 36 -4.68 -9.28 46.12
C ALA B 36 -6.00 -9.26 45.35
N ASP B 37 -6.63 -8.08 45.23
CA ASP B 37 -7.76 -7.83 44.28
C ASP B 37 -7.17 -7.41 42.93
N TYR B 38 -7.31 -8.28 41.92
CA TYR B 38 -6.77 -8.10 40.55
C TYR B 38 -7.48 -6.91 39.88
N LYS B 39 -8.80 -6.86 39.99
CA LYS B 39 -9.67 -5.88 39.28
C LYS B 39 -9.28 -4.46 39.73
N SER B 40 -9.25 -4.22 41.03
CA SER B 40 -9.03 -2.87 41.61
C SER B 40 -7.56 -2.49 41.47
N THR B 41 -6.67 -3.46 41.35
CA THR B 41 -5.22 -3.23 41.07
C THR B 41 -5.10 -2.69 39.64
N GLN B 42 -5.70 -3.37 38.64
CA GLN B 42 -5.65 -2.97 37.22
C GLN B 42 -6.30 -1.59 37.04
N ALA B 43 -7.40 -1.36 37.75
CA ALA B 43 -8.10 -0.05 37.73
C ALA B 43 -7.07 1.07 37.89
N ALA B 44 -6.17 0.92 38.88
CA ALA B 44 -5.16 1.92 39.27
C ALA B 44 -3.98 1.88 38.27
N ILE B 45 -3.52 0.69 37.88
CA ILE B 45 -2.39 0.49 36.92
C ILE B 45 -2.78 1.15 35.60
N ASP B 46 -4.00 0.88 35.13
CA ASP B 46 -4.45 1.23 33.77
C ASP B 46 -4.59 2.76 33.65
N GLN B 47 -4.95 3.44 34.74
CA GLN B 47 -5.02 4.92 34.76
C GLN B 47 -3.61 5.52 34.74
N ILE B 48 -2.62 4.84 35.32
CA ILE B 48 -1.19 5.29 35.31
C ILE B 48 -0.60 5.05 33.91
N THR B 49 -0.92 3.93 33.29
CA THR B 49 -0.57 3.64 31.88
C THR B 49 -1.11 4.80 31.03
N GLY B 50 -2.36 5.21 31.26
CA GLY B 50 -3.00 6.34 30.57
C GLY B 50 -2.18 7.62 30.68
N LYS B 51 -1.83 8.04 31.90
CA LYS B 51 -1.02 9.25 32.18
C LYS B 51 0.31 9.16 31.44
N LEU B 52 0.96 7.99 31.46
CA LEU B 52 2.30 7.82 30.85
C LEU B 52 2.20 7.86 29.32
N ASN B 53 1.20 7.22 28.71
CA ASN B 53 1.02 7.26 27.23
C ASN B 53 0.86 8.72 26.78
N ARG B 54 0.16 9.52 27.59
CA ARG B 54 -0.16 10.92 27.27
C ARG B 54 0.98 11.88 27.67
N ILE B 55 1.78 11.60 28.71
CA ILE B 55 2.86 12.54 29.18
C ILE B 55 4.22 12.19 28.57
N ILE B 56 4.51 10.90 28.37
CA ILE B 56 5.80 10.46 27.75
C ILE B 56 5.66 10.53 26.22
N LYS B 57 5.85 11.74 25.67
CA LYS B 57 6.02 12.01 24.21
C LYS B 57 6.51 13.45 23.96
N LYS B 58 6.98 13.73 22.75
CA LYS B 58 7.42 15.07 22.27
C LYS B 58 6.55 15.47 21.07
N THR B 59 6.52 16.76 20.72
CA THR B 59 5.79 17.28 19.53
C THR B 59 6.54 16.81 18.28
N ASN B 60 5.84 16.51 17.19
CA ASN B 60 6.49 16.09 15.91
C ASN B 60 6.83 17.34 15.09
N THR B 61 6.81 18.52 15.72
CA THR B 61 7.26 19.79 15.11
C THR B 61 8.75 19.69 14.78
N GLU B 62 9.09 19.82 13.49
CA GLU B 62 10.48 19.98 12.97
C GLU B 62 10.94 21.42 13.24
N PHE B 63 12.10 21.58 13.87
CA PHE B 63 12.71 22.90 14.16
C PHE B 63 14.08 22.99 13.47
N GLU B 64 14.37 24.15 12.89
CA GLU B 64 15.65 24.44 12.22
C GLU B 64 16.45 25.39 13.11
N SER B 65 17.68 25.68 12.70
CA SER B 65 18.64 26.56 13.42
C SER B 65 18.30 28.02 13.13
N ILE B 66 18.30 28.86 14.15
CA ILE B 66 18.21 30.35 14.02
C ILE B 66 19.44 31.01 14.66
N GLU B 67 20.19 30.27 15.48
CA GLU B 67 21.51 30.68 16.06
C GLU B 67 22.61 29.88 15.36
N SER B 68 23.71 30.52 14.97
CA SER B 68 24.94 29.85 14.49
C SER B 68 25.80 29.45 15.68
N GLU B 69 26.34 28.22 15.66
CA GLU B 69 27.24 27.66 16.71
C GLU B 69 28.66 28.21 16.49
N PHE B 70 29.09 28.35 15.24
CA PHE B 70 30.51 28.54 14.84
C PHE B 70 30.78 29.93 14.23
N SER B 71 29.81 30.85 14.20
CA SER B 71 30.01 32.22 13.65
C SER B 71 29.13 33.24 14.39
N GLU B 72 29.61 34.49 14.46
CA GLU B 72 28.99 35.62 15.20
C GLU B 72 27.67 35.98 14.52
N ILE B 73 26.59 36.04 15.29
CA ILE B 73 25.24 36.47 14.81
C ILE B 73 25.16 38.00 14.98
N ASP B 74 24.43 38.66 14.08
CA ASP B 74 24.03 40.09 14.18
C ASP B 74 23.57 40.37 15.62
N HIS B 75 24.06 41.45 16.24
CA HIS B 75 23.80 41.78 17.67
C HIS B 75 22.29 41.99 17.91
N GLN B 76 21.61 42.71 17.01
CA GLN B 76 20.18 43.12 17.18
C GLN B 76 19.29 41.86 17.25
N ILE B 77 19.27 41.06 16.17
CA ILE B 77 18.38 39.87 16.02
C ILE B 77 18.73 38.82 17.08
N GLY B 78 20.02 38.67 17.40
CA GLY B 78 20.52 37.76 18.46
C GLY B 78 20.03 38.13 19.84
N ASN B 79 19.90 39.43 20.15
CA ASN B 79 19.29 39.88 21.43
C ASN B 79 17.81 39.49 21.44
N VAL B 80 17.15 39.58 20.28
CA VAL B 80 15.69 39.22 20.15
C VAL B 80 15.55 37.71 20.38
N ILE B 81 16.34 36.91 19.65
CA ILE B 81 16.31 35.43 19.70
C ILE B 81 16.56 35.00 21.15
N ASN B 82 17.61 35.54 21.79
CA ASN B 82 17.97 35.22 23.19
C ASN B 82 16.77 35.51 24.11
N TRP B 83 16.06 36.61 23.89
CA TRP B 83 14.92 37.04 24.75
C TRP B 83 13.74 36.10 24.53
N THR B 84 13.44 35.81 23.26
CA THR B 84 12.38 34.88 22.82
C THR B 84 12.65 33.53 23.50
N LYS B 85 13.80 32.91 23.21
CA LYS B 85 14.16 31.54 23.69
C LYS B 85 14.05 31.51 25.21
N ASP B 86 14.60 32.52 25.89
CA ASP B 86 14.51 32.66 27.37
C ASP B 86 13.04 32.59 27.78
N SER B 87 12.17 33.42 27.18
CA SER B 87 10.72 33.56 27.53
C SER B 87 9.96 32.25 27.28
N ILE B 88 10.35 31.49 26.24
CA ILE B 88 9.75 30.19 25.85
C ILE B 88 10.11 29.11 26.87
N THR B 89 11.36 29.00 27.29
CA THR B 89 11.82 27.90 28.19
C THR B 89 11.46 28.27 29.64
N ASP B 90 11.11 29.54 29.90
CA ASP B 90 10.42 29.92 31.16
C ASP B 90 9.02 29.31 31.13
N ILE B 91 8.29 29.49 30.03
CA ILE B 91 6.93 28.92 29.86
C ILE B 91 7.00 27.41 30.10
N TRP B 92 7.89 26.70 29.38
CA TRP B 92 7.94 25.22 29.35
C TRP B 92 8.41 24.63 30.69
N THR B 93 9.37 25.23 31.37
CA THR B 93 9.74 24.83 32.75
C THR B 93 8.48 24.88 33.61
N TYR B 94 7.83 26.04 33.62
CA TYR B 94 6.64 26.33 34.46
C TYR B 94 5.54 25.31 34.12
N GLN B 95 5.37 24.99 32.83
CA GLN B 95 4.31 24.03 32.40
C GLN B 95 4.69 22.62 32.88
N ALA B 96 5.95 22.21 32.70
CA ALA B 96 6.46 20.89 33.13
C ALA B 96 6.27 20.73 34.64
N GLU B 97 6.70 21.71 35.44
CA GLU B 97 6.50 21.67 36.93
C GLU B 97 5.00 21.50 37.21
N LEU B 98 4.18 22.48 36.79
CA LEU B 98 2.71 22.45 37.02
C LEU B 98 2.14 21.11 36.55
N LEU B 99 2.55 20.60 35.38
CA LEU B 99 1.98 19.34 34.82
C LEU B 99 2.17 18.25 35.86
N VAL B 100 3.41 17.95 36.25
CA VAL B 100 3.69 16.76 37.10
C VAL B 100 3.12 17.02 38.50
N ALA B 101 3.18 18.25 39.01
CA ALA B 101 2.63 18.61 40.33
C ALA B 101 1.15 18.21 40.38
N MET B 102 0.39 18.60 39.35
CA MET B 102 -1.06 18.28 39.22
C MET B 102 -1.25 16.76 39.07
N GLU B 103 -0.47 16.11 38.20
CA GLU B 103 -0.64 14.66 37.89
C GLU B 103 -0.24 13.81 39.10
N ASN B 104 0.75 14.26 39.85
CA ASN B 104 1.26 13.57 41.06
C ASN B 104 0.12 13.56 42.09
N GLN B 105 -0.41 14.74 42.39
CA GLN B 105 -1.57 14.97 43.30
C GLN B 105 -2.74 14.06 42.91
N HIS B 106 -3.00 13.90 41.61
CA HIS B 106 -4.12 13.09 41.07
C HIS B 106 -3.79 11.60 41.23
N THR B 107 -2.61 11.15 40.79
CA THR B 107 -2.20 9.72 40.84
C THR B 107 -2.42 9.18 42.26
N ILE B 108 -1.91 9.91 43.24
CA ILE B 108 -2.05 9.65 44.70
C ILE B 108 -3.54 9.52 45.03
N ASP B 109 -4.33 10.59 44.82
CA ASP B 109 -5.77 10.67 45.17
C ASP B 109 -6.52 9.57 44.40
N MET B 110 -6.29 9.44 43.10
CA MET B 110 -6.83 8.33 42.28
C MET B 110 -6.67 7.02 43.05
N ALA B 111 -5.46 6.70 43.50
CA ALA B 111 -5.11 5.40 44.13
C ALA B 111 -5.80 5.24 45.50
N ASP B 112 -5.91 6.34 46.24
CA ASP B 112 -6.69 6.46 47.51
C ASP B 112 -8.12 5.98 47.22
N SER B 113 -8.77 6.66 46.28
CA SER B 113 -10.18 6.43 45.87
C SER B 113 -10.39 4.96 45.48
N GLU B 114 -9.39 4.30 44.91
CA GLU B 114 -9.59 2.91 44.43
C GLU B 114 -9.53 1.94 45.61
N MET B 115 -8.88 2.36 46.71
CA MET B 115 -8.90 1.65 48.02
C MET B 115 -10.29 1.84 48.62
N LEU B 116 -10.71 3.10 48.80
CA LEU B 116 -12.02 3.44 49.40
C LEU B 116 -13.11 2.63 48.68
N ASN B 117 -13.05 2.58 47.33
CA ASN B 117 -14.10 1.95 46.48
C ASN B 117 -14.20 0.45 46.80
N LEU B 118 -13.07 -0.23 46.99
CA LEU B 118 -13.03 -1.69 47.31
C LEU B 118 -13.61 -1.92 48.71
N TYR B 119 -13.25 -1.05 49.67
CA TYR B 119 -13.79 -1.08 51.05
C TYR B 119 -15.31 -1.01 51.01
N GLU B 120 -15.86 -0.09 50.22
CA GLU B 120 -17.32 0.18 50.20
C GLU B 120 -18.00 -0.99 49.48
N ARG B 121 -17.32 -1.62 48.52
CA ARG B 121 -17.87 -2.76 47.75
C ARG B 121 -18.17 -3.89 48.72
N VAL B 122 -17.15 -4.33 49.47
CA VAL B 122 -17.27 -5.46 50.45
C VAL B 122 -18.14 -5.00 51.62
N ARG B 123 -18.00 -3.76 52.09
CA ARG B 123 -18.90 -3.23 53.14
C ARG B 123 -20.34 -3.59 52.75
N LYS B 124 -20.74 -3.24 51.52
CA LYS B 124 -22.11 -3.42 50.99
C LYS B 124 -22.42 -4.91 50.80
N GLN B 125 -21.46 -5.74 50.38
CA GLN B 125 -21.63 -7.22 50.30
C GLN B 125 -22.12 -7.76 51.65
N LEU B 126 -21.40 -7.43 52.74
CA LEU B 126 -21.56 -8.02 54.09
C LEU B 126 -22.88 -7.56 54.70
N ARG B 127 -23.33 -6.34 54.38
CA ARG B 127 -24.65 -5.83 54.80
C ARG B 127 -24.71 -5.82 56.34
N GLN B 128 -25.63 -6.57 56.96
CA GLN B 128 -25.83 -6.61 58.44
C GLN B 128 -25.05 -7.77 59.07
N ASN B 129 -24.23 -8.49 58.30
CA ASN B 129 -23.49 -9.68 58.80
C ASN B 129 -22.12 -9.27 59.35
N ALA B 130 -21.81 -7.96 59.43
CA ALA B 130 -20.50 -7.50 59.94
C ALA B 130 -20.57 -6.02 60.36
N GLU B 131 -19.48 -5.55 60.97
CA GLU B 131 -19.39 -4.18 61.55
C GLU B 131 -18.00 -3.60 61.30
N GLU B 132 -17.94 -2.29 61.08
CA GLU B 132 -16.70 -1.56 60.72
C GLU B 132 -15.80 -1.45 61.96
N ASP B 133 -14.65 -2.12 61.90
CA ASP B 133 -13.49 -2.03 62.82
C ASP B 133 -13.07 -0.58 63.03
N GLY B 134 -13.00 0.22 61.95
CA GLY B 134 -12.55 1.63 62.00
C GLY B 134 -11.12 1.79 61.53
N LYS B 135 -10.42 0.65 61.40
CA LYS B 135 -9.01 0.52 60.95
C LYS B 135 -9.00 -0.17 59.58
N GLY B 136 -10.14 -0.17 58.90
CA GLY B 136 -10.33 -0.77 57.55
C GLY B 136 -10.46 -2.28 57.60
N CYS B 137 -11.18 -2.81 58.59
CA CYS B 137 -11.52 -4.25 58.74
C CYS B 137 -13.01 -4.42 59.06
N PHE B 138 -13.54 -5.62 58.76
CA PHE B 138 -14.94 -6.01 59.00
C PHE B 138 -14.94 -7.23 59.93
N GLU B 139 -15.31 -7.02 61.20
CA GLU B 139 -15.60 -8.11 62.16
C GLU B 139 -16.90 -8.78 61.72
N ILE B 140 -16.81 -10.06 61.30
CA ILE B 140 -17.94 -10.89 60.82
C ILE B 140 -18.52 -11.64 62.03
N TYR B 141 -19.83 -11.58 62.24
CA TYR B 141 -20.54 -12.18 63.39
C TYR B 141 -21.12 -13.55 63.03
N HIS B 142 -20.60 -14.20 61.98
CA HIS B 142 -20.96 -15.59 61.61
C HIS B 142 -19.66 -16.33 61.26
N ALA B 143 -19.56 -17.61 61.62
CA ALA B 143 -18.47 -18.53 61.23
C ALA B 143 -18.22 -18.39 59.72
N CYS B 144 -17.04 -17.90 59.35
CA CYS B 144 -16.64 -17.66 57.94
C CYS B 144 -15.35 -18.46 57.67
N ASP B 145 -15.51 -19.65 57.06
CA ASP B 145 -14.39 -20.57 56.73
C ASP B 145 -13.66 -20.05 55.47
N ASP B 146 -12.69 -20.81 54.98
CA ASP B 146 -11.80 -20.42 53.85
C ASP B 146 -12.62 -20.31 52.56
N SER B 147 -13.63 -21.16 52.36
CA SER B 147 -14.56 -21.03 51.20
C SER B 147 -15.46 -19.79 51.38
N CYS B 148 -15.82 -19.44 52.61
CA CYS B 148 -16.63 -18.23 52.92
C CYS B 148 -15.77 -16.99 52.61
N MET B 149 -14.52 -16.95 53.06
CA MET B 149 -13.59 -15.80 52.85
C MET B 149 -13.29 -15.68 51.34
N GLU B 150 -13.15 -16.81 50.65
CA GLU B 150 -12.94 -16.87 49.18
C GLU B 150 -14.14 -16.21 48.48
N SER B 151 -15.35 -16.45 48.98
CA SER B 151 -16.62 -15.96 48.38
C SER B 151 -16.70 -14.43 48.51
N ILE B 152 -16.01 -13.85 49.50
CA ILE B 152 -16.01 -12.39 49.78
C ILE B 152 -15.13 -11.71 48.73
N ARG B 153 -13.94 -12.29 48.49
CA ARG B 153 -12.96 -11.79 47.49
C ARG B 153 -13.56 -11.95 46.10
N ASN B 154 -14.14 -13.11 45.78
CA ASN B 154 -14.70 -13.45 44.44
C ASN B 154 -16.01 -12.68 44.22
N ASN B 155 -16.57 -12.04 45.25
CA ASN B 155 -17.82 -11.22 45.18
C ASN B 155 -19.02 -12.13 44.90
N THR B 156 -19.12 -13.28 45.58
CA THR B 156 -20.23 -14.28 45.45
C THR B 156 -20.94 -14.54 46.79
N TYR B 157 -20.56 -13.83 47.86
CA TYR B 157 -21.07 -13.99 49.24
C TYR B 157 -22.56 -13.60 49.29
N ASP B 158 -23.44 -14.60 49.50
CA ASP B 158 -24.91 -14.41 49.66
C ASP B 158 -25.19 -14.09 51.13
N HIS B 159 -25.42 -12.81 51.45
CA HIS B 159 -25.47 -12.32 52.85
C HIS B 159 -26.63 -12.99 53.61
N SER B 160 -27.74 -13.30 52.93
CA SER B 160 -28.98 -13.82 53.54
C SER B 160 -28.72 -15.21 54.14
N GLN B 161 -27.73 -15.95 53.62
CA GLN B 161 -27.40 -17.35 54.00
C GLN B 161 -26.87 -17.42 55.44
N TYR B 162 -26.25 -16.34 55.94
CA TYR B 162 -25.67 -16.27 57.31
C TYR B 162 -26.32 -15.12 58.10
N ARG B 163 -27.43 -14.56 57.61
CA ARG B 163 -28.03 -13.33 58.18
C ARG B 163 -28.61 -13.60 59.58
N GLU B 164 -29.49 -14.62 59.69
CA GLU B 164 -30.13 -15.03 60.97
C GLU B 164 -29.03 -15.32 61.98
N GLU B 165 -28.06 -16.15 61.59
CA GLU B 165 -26.90 -16.53 62.45
C GLU B 165 -26.23 -15.27 63.00
N ALA B 166 -26.13 -14.20 62.18
CA ALA B 166 -25.25 -13.03 62.40
C ALA B 166 -25.95 -11.96 63.24
N LEU B 167 -27.26 -11.78 63.08
CA LEU B 167 -28.03 -10.71 63.78
C LEU B 167 -28.26 -11.11 65.24
N LEU B 168 -28.36 -12.42 65.52
CA LEU B 168 -28.43 -12.95 66.91
C LEU B 168 -27.14 -12.56 67.64
N ASN B 169 -26.00 -12.81 67.00
CA ASN B 169 -24.65 -12.55 67.55
C ASN B 169 -24.38 -11.04 67.63
N ARG B 170 -25.05 -10.23 66.81
CA ARG B 170 -24.85 -8.77 66.82
C ARG B 170 -25.48 -8.19 68.09
N LEU B 171 -26.65 -8.70 68.49
CA LEU B 171 -27.54 -8.09 69.51
C LEU B 171 -27.39 -8.77 70.88
N ASN B 172 -27.69 -10.08 70.96
CA ASN B 172 -27.81 -10.90 72.20
C ASN B 172 -29.11 -10.56 72.93
N ASP C 3 -52.86 -69.62 1.81
CA ASP C 3 -52.94 -68.36 0.99
C ASP C 3 -51.52 -67.79 0.80
N LYS C 4 -51.19 -67.42 -0.43
CA LYS C 4 -49.83 -67.00 -0.87
C LYS C 4 -49.92 -65.61 -1.48
N ILE C 5 -49.04 -64.68 -1.07
CA ILE C 5 -48.79 -63.38 -1.78
C ILE C 5 -47.36 -63.43 -2.33
N CYS C 6 -47.15 -62.93 -3.56
CA CYS C 6 -45.88 -63.03 -4.32
C CYS C 6 -45.46 -61.65 -4.81
N LEU C 7 -44.21 -61.28 -4.60
CA LEU C 7 -43.65 -60.03 -5.16
C LEU C 7 -42.84 -60.34 -6.42
N GLY C 8 -42.88 -59.43 -7.39
CA GLY C 8 -42.19 -59.54 -8.70
C GLY C 8 -41.99 -58.19 -9.35
N HIS C 9 -41.39 -58.21 -10.54
CA HIS C 9 -41.05 -57.02 -11.36
C HIS C 9 -41.33 -57.35 -12.83
N HIS C 10 -41.49 -56.34 -13.67
CA HIS C 10 -41.78 -56.55 -15.10
C HIS C 10 -40.53 -57.07 -15.81
N ALA C 11 -40.78 -57.78 -16.89
CA ALA C 11 -39.80 -58.09 -17.94
C ALA C 11 -40.42 -57.64 -19.26
N VAL C 12 -39.68 -57.77 -20.35
CA VAL C 12 -40.15 -57.48 -21.72
C VAL C 12 -39.62 -58.60 -22.61
N ALA C 13 -40.35 -58.96 -23.66
CA ALA C 13 -40.02 -60.13 -24.51
C ALA C 13 -38.67 -59.89 -25.18
N ASN C 14 -38.51 -58.68 -25.75
CA ASN C 14 -37.30 -58.23 -26.48
C ASN C 14 -36.59 -57.16 -25.66
N GLY C 15 -35.50 -57.55 -24.98
CA GLY C 15 -34.62 -56.66 -24.19
C GLY C 15 -33.37 -56.28 -24.97
N THR C 16 -32.69 -55.22 -24.52
CA THR C 16 -31.52 -54.59 -25.21
C THR C 16 -30.25 -54.72 -24.35
N ILE C 17 -29.12 -55.00 -25.00
CA ILE C 17 -27.78 -55.23 -24.38
C ILE C 17 -27.16 -53.89 -24.01
N VAL C 18 -26.69 -53.74 -22.78
CA VAL C 18 -25.83 -52.60 -22.35
C VAL C 18 -24.52 -53.19 -21.82
N LYS C 19 -23.61 -52.31 -21.41
CA LYS C 19 -22.31 -52.66 -20.80
C LYS C 19 -22.29 -52.06 -19.40
N THR C 20 -21.78 -52.82 -18.44
CA THR C 20 -21.53 -52.39 -17.04
C THR C 20 -20.03 -52.56 -16.72
N LEU C 21 -19.62 -52.13 -15.53
CA LEU C 21 -18.24 -52.28 -15.03
C LEU C 21 -17.81 -53.75 -15.14
N THR C 22 -18.71 -54.70 -14.88
CA THR C 22 -18.40 -56.15 -14.79
C THR C 22 -18.89 -56.89 -16.03
N ASN C 23 -20.03 -56.50 -16.60
CA ASN C 23 -20.69 -57.29 -17.67
C ASN C 23 -20.63 -56.49 -18.98
N GLU C 24 -20.48 -57.20 -20.10
CA GLU C 24 -20.46 -56.60 -21.45
C GLU C 24 -21.68 -57.04 -22.26
N GLN C 25 -22.43 -58.03 -21.77
CA GLN C 25 -23.64 -58.59 -22.43
C GLN C 25 -24.80 -58.57 -21.42
N GLU C 26 -25.18 -57.38 -20.94
CA GLU C 26 -26.18 -57.24 -19.84
C GLU C 26 -27.53 -56.82 -20.46
N GLU C 27 -28.45 -57.78 -20.63
CA GLU C 27 -29.83 -57.55 -21.13
C GLU C 27 -30.59 -56.69 -20.09
N VAL C 28 -31.18 -55.57 -20.51
CA VAL C 28 -32.06 -54.71 -19.64
C VAL C 28 -33.36 -54.39 -20.39
N THR C 29 -34.39 -53.92 -19.66
CA THR C 29 -35.77 -53.71 -20.19
C THR C 29 -35.75 -52.66 -21.29
N ASN C 30 -34.83 -51.69 -21.23
CA ASN C 30 -34.86 -50.46 -22.08
C ASN C 30 -33.54 -49.70 -21.90
N ALA C 31 -33.01 -49.14 -22.99
CA ALA C 31 -31.79 -48.31 -23.03
C ALA C 31 -31.90 -47.23 -24.11
N THR C 32 -31.20 -46.11 -23.92
CA THR C 32 -31.10 -44.99 -24.90
C THR C 32 -29.62 -44.76 -25.27
N GLU C 33 -29.36 -44.42 -26.53
CA GLU C 33 -28.00 -44.13 -27.09
C GLU C 33 -27.51 -42.79 -26.52
N THR C 34 -26.18 -42.65 -26.38
CA THR C 34 -25.50 -41.42 -25.85
C THR C 34 -24.57 -40.80 -26.89
N VAL C 35 -24.31 -41.46 -28.03
CA VAL C 35 -23.50 -40.88 -29.15
C VAL C 35 -24.41 -40.66 -30.38
N GLU C 36 -24.27 -39.48 -31.02
CA GLU C 36 -24.97 -39.15 -32.29
C GLU C 36 -24.12 -39.66 -33.47
N SER C 37 -24.68 -40.55 -34.28
CA SER C 37 -24.04 -41.23 -35.43
C SER C 37 -24.58 -40.66 -36.74
N THR C 38 -25.66 -39.88 -36.67
CA THR C 38 -26.39 -39.35 -37.86
C THR C 38 -26.17 -37.84 -37.93
N SER C 39 -25.77 -37.36 -39.11
CA SER C 39 -25.50 -35.93 -39.42
C SER C 39 -26.45 -35.44 -40.51
N LEU C 40 -26.90 -34.19 -40.38
CA LEU C 40 -27.63 -33.42 -41.43
C LEU C 40 -26.59 -32.88 -42.42
N ASN C 41 -26.66 -33.29 -43.69
CA ASN C 41 -25.73 -32.81 -44.76
C ASN C 41 -25.86 -31.29 -44.90
N ARG C 42 -27.02 -30.72 -44.60
CA ARG C 42 -27.31 -29.27 -44.75
C ARG C 42 -26.69 -28.50 -43.58
N LEU C 43 -26.66 -27.17 -43.66
CA LEU C 43 -26.19 -26.26 -42.58
C LEU C 43 -27.42 -25.53 -41.99
N CYS C 44 -27.66 -25.65 -40.69
CA CYS C 44 -28.80 -24.97 -40.03
C CYS C 44 -28.50 -23.48 -39.88
N MET C 45 -29.45 -22.61 -40.23
CA MET C 45 -29.35 -21.14 -40.10
C MET C 45 -30.73 -20.56 -39.76
N LYS C 46 -30.99 -20.40 -38.46
CA LYS C 46 -32.23 -19.79 -37.92
C LYS C 46 -31.84 -18.91 -36.74
N GLY C 47 -32.46 -17.72 -36.61
CA GLY C 47 -32.07 -16.68 -35.64
C GLY C 47 -30.60 -16.30 -35.83
N ARG C 48 -30.03 -16.66 -36.99
CA ARG C 48 -28.60 -16.46 -37.35
C ARG C 48 -28.50 -15.51 -38.55
N ASN C 49 -28.04 -14.28 -38.32
CA ASN C 49 -27.76 -13.28 -39.37
C ASN C 49 -26.50 -13.70 -40.13
N HIS C 50 -26.63 -14.66 -41.04
CA HIS C 50 -25.49 -15.34 -41.72
C HIS C 50 -25.15 -14.67 -43.06
N LYS C 51 -23.94 -14.91 -43.58
CA LYS C 51 -23.43 -14.39 -44.87
C LYS C 51 -22.66 -15.49 -45.62
N ASP C 52 -23.35 -16.28 -46.44
CA ASP C 52 -22.72 -17.26 -47.36
C ASP C 52 -21.84 -16.47 -48.33
N LEU C 53 -20.53 -16.73 -48.38
CA LEU C 53 -19.55 -16.03 -49.26
C LEU C 53 -19.51 -16.66 -50.65
N GLY C 54 -20.17 -17.80 -50.84
CA GLY C 54 -20.02 -18.62 -52.06
C GLY C 54 -18.61 -18.51 -52.62
N ASN C 55 -18.49 -18.14 -53.90
CA ASN C 55 -17.23 -18.19 -54.68
C ASN C 55 -16.22 -17.17 -54.17
N CYS C 56 -16.62 -16.30 -53.23
CA CYS C 56 -15.77 -15.22 -52.64
C CYS C 56 -14.83 -15.82 -51.57
N HIS C 57 -13.53 -15.53 -51.66
CA HIS C 57 -12.50 -15.84 -50.61
C HIS C 57 -12.42 -14.66 -49.63
N PRO C 58 -12.48 -14.89 -48.30
CA PRO C 58 -12.73 -13.80 -47.34
C PRO C 58 -11.70 -12.66 -47.33
N ILE C 59 -10.46 -12.91 -47.73
CA ILE C 59 -9.43 -11.83 -47.84
C ILE C 59 -9.70 -11.03 -49.11
N GLY C 60 -10.37 -11.64 -50.10
CA GLY C 60 -10.84 -10.98 -51.33
C GLY C 60 -11.89 -9.91 -51.06
N MET C 61 -12.51 -9.90 -49.88
CA MET C 61 -13.47 -8.85 -49.45
C MET C 61 -12.69 -7.58 -49.12
N LEU C 62 -11.50 -7.67 -48.52
CA LEU C 62 -10.73 -6.50 -48.01
C LEU C 62 -10.05 -5.73 -49.16
N ILE C 63 -9.84 -6.41 -50.29
CA ILE C 63 -9.15 -5.87 -51.49
C ILE C 63 -10.17 -5.69 -52.62
N GLY C 64 -11.22 -6.51 -52.63
CA GLY C 64 -12.37 -6.38 -53.53
C GLY C 64 -12.12 -7.03 -54.87
N THR C 65 -11.78 -8.32 -54.90
CA THR C 65 -11.85 -9.18 -56.11
C THR C 65 -13.23 -8.98 -56.73
N PRO C 66 -13.37 -9.00 -58.08
CA PRO C 66 -14.67 -8.98 -58.73
C PRO C 66 -15.70 -9.93 -58.09
N ALA C 67 -15.33 -11.20 -57.88
CA ALA C 67 -16.25 -12.25 -57.38
C ALA C 67 -16.62 -12.01 -55.90
N CYS C 68 -16.12 -10.93 -55.26
CA CYS C 68 -16.41 -10.58 -53.84
C CYS C 68 -17.15 -9.23 -53.74
N ASP C 69 -17.73 -8.75 -54.84
CA ASP C 69 -18.27 -7.35 -54.95
C ASP C 69 -19.46 -7.17 -54.00
N LEU C 70 -20.35 -8.16 -53.93
CA LEU C 70 -21.61 -8.09 -53.12
C LEU C 70 -21.26 -8.21 -51.63
N HIS C 71 -20.03 -8.62 -51.30
CA HIS C 71 -19.55 -8.99 -49.94
C HIS C 71 -18.49 -8.01 -49.42
N LEU C 72 -18.37 -6.80 -49.97
CA LEU C 72 -17.33 -5.81 -49.57
C LEU C 72 -17.71 -5.17 -48.22
N THR C 73 -18.95 -5.37 -47.77
CA THR C 73 -19.51 -4.81 -46.50
C THR C 73 -20.66 -5.69 -46.01
N GLY C 74 -21.20 -5.39 -44.83
CA GLY C 74 -22.30 -6.14 -44.18
C GLY C 74 -21.92 -6.53 -42.76
N THR C 75 -22.90 -6.99 -41.97
CA THR C 75 -22.73 -7.47 -40.57
C THR C 75 -23.40 -8.85 -40.45
N TRP C 76 -22.76 -9.76 -39.72
CA TRP C 76 -23.17 -11.19 -39.61
C TRP C 76 -22.70 -11.79 -38.27
N ASP C 77 -23.42 -12.81 -37.79
CA ASP C 77 -23.08 -13.61 -36.59
C ASP C 77 -22.60 -14.99 -37.05
N THR C 78 -22.41 -15.16 -38.36
CA THR C 78 -21.97 -16.43 -38.99
C THR C 78 -21.45 -16.14 -40.41
N LEU C 79 -20.23 -16.58 -40.72
CA LEU C 79 -19.58 -16.45 -42.05
C LEU C 79 -19.25 -17.86 -42.55
N ILE C 80 -19.29 -18.05 -43.87
CA ILE C 80 -19.17 -19.39 -44.53
C ILE C 80 -18.22 -19.28 -45.73
N GLU C 81 -17.07 -19.94 -45.66
CA GLU C 81 -16.08 -20.05 -46.77
C GLU C 81 -16.42 -21.32 -47.56
N ARG C 82 -15.98 -21.43 -48.81
CA ARG C 82 -16.23 -22.61 -49.68
C ARG C 82 -14.94 -22.95 -50.44
N LYS C 83 -14.84 -24.16 -50.98
CA LYS C 83 -13.60 -24.67 -51.62
C LYS C 83 -13.39 -23.91 -52.93
N ASN C 84 -12.12 -23.74 -53.34
CA ASN C 84 -11.72 -23.12 -54.63
C ASN C 84 -12.10 -21.63 -54.67
N ALA C 85 -12.56 -21.04 -53.55
CA ALA C 85 -13.04 -19.64 -53.46
C ALA C 85 -11.93 -18.69 -53.90
N ILE C 86 -12.24 -17.75 -54.82
CA ILE C 86 -11.27 -16.87 -55.55
C ILE C 86 -10.89 -15.69 -54.64
N ALA C 87 -9.58 -15.44 -54.47
CA ALA C 87 -9.05 -14.36 -53.62
C ALA C 87 -8.40 -13.27 -54.50
N TYR C 88 -7.64 -13.65 -55.52
CA TYR C 88 -6.92 -12.74 -56.44
C TYR C 88 -7.20 -13.15 -57.88
N CYS C 89 -7.88 -12.29 -58.64
CA CYS C 89 -8.14 -12.50 -60.09
C CYS C 89 -6.80 -12.59 -60.82
N TYR C 90 -6.04 -11.50 -60.83
CA TYR C 90 -4.64 -11.45 -61.31
C TYR C 90 -3.79 -12.30 -60.37
N PRO C 91 -2.81 -13.07 -60.90
CA PRO C 91 -1.98 -13.94 -60.04
C PRO C 91 -1.23 -13.13 -58.99
N GLY C 92 -1.35 -13.53 -57.72
CA GLY C 92 -0.75 -12.83 -56.57
C GLY C 92 -0.66 -13.72 -55.36
N ALA C 93 0.07 -13.28 -54.34
CA ALA C 93 0.30 -14.01 -53.08
C ALA C 93 0.35 -13.00 -51.94
N THR C 94 -0.57 -13.08 -50.97
CA THR C 94 -0.59 -12.16 -49.80
C THR C 94 0.38 -12.70 -48.75
N VAL C 95 1.41 -11.92 -48.40
CA VAL C 95 2.38 -12.25 -47.31
C VAL C 95 1.60 -12.27 -45.98
N ASN C 96 1.89 -13.27 -45.14
CA ASN C 96 1.15 -13.56 -43.88
C ASN C 96 -0.33 -13.77 -44.22
N GLU C 97 -0.62 -14.65 -45.20
CA GLU C 97 -1.98 -14.89 -45.76
C GLU C 97 -2.93 -15.49 -44.73
N GLU C 98 -2.62 -16.71 -44.30
CA GLU C 98 -3.52 -17.55 -43.47
C GLU C 98 -3.81 -16.85 -42.14
N ALA C 99 -2.87 -16.01 -41.67
CA ALA C 99 -2.99 -15.22 -40.42
C ALA C 99 -4.23 -14.33 -40.50
N LEU C 100 -4.39 -13.67 -41.66
CA LEU C 100 -5.48 -12.72 -41.97
C LEU C 100 -6.79 -13.48 -42.14
N ARG C 101 -6.80 -14.46 -43.06
CA ARG C 101 -7.98 -15.27 -43.45
C ARG C 101 -8.73 -15.75 -42.21
N GLN C 102 -8.01 -16.08 -41.13
CA GLN C 102 -8.63 -16.62 -39.88
C GLN C 102 -9.27 -15.45 -39.09
N LYS C 103 -8.69 -14.25 -39.12
CA LYS C 103 -9.21 -13.09 -38.31
C LYS C 103 -10.49 -12.52 -38.94
N ILE C 104 -10.69 -12.74 -40.25
CA ILE C 104 -11.92 -12.35 -41.01
C ILE C 104 -13.07 -13.31 -40.62
N MET C 105 -12.82 -14.64 -40.67
CA MET C 105 -13.80 -15.68 -40.26
C MET C 105 -14.14 -15.50 -38.77
N GLU C 106 -13.18 -14.98 -37.98
CA GLU C 106 -13.35 -14.64 -36.54
C GLU C 106 -14.28 -13.43 -36.40
N SER C 107 -14.16 -12.45 -37.30
CA SER C 107 -14.88 -11.16 -37.29
C SER C 107 -16.38 -11.37 -37.59
N GLY C 108 -17.22 -10.47 -37.08
CA GLY C 108 -18.68 -10.47 -37.28
C GLY C 108 -19.12 -9.47 -38.35
N GLY C 109 -18.29 -8.49 -38.72
CA GLY C 109 -18.63 -7.48 -39.72
C GLY C 109 -17.42 -6.88 -40.42
N ILE C 110 -17.65 -6.19 -41.54
CA ILE C 110 -16.63 -5.39 -42.31
C ILE C 110 -17.23 -4.03 -42.68
N SER C 111 -16.53 -2.95 -42.32
CA SER C 111 -16.88 -1.53 -42.57
C SER C 111 -15.70 -0.85 -43.28
N LYS C 112 -15.85 -0.53 -44.56
CA LYS C 112 -14.79 0.08 -45.40
C LYS C 112 -14.75 1.61 -45.14
N ILE C 113 -13.57 2.20 -45.27
CA ILE C 113 -13.27 3.63 -44.96
C ILE C 113 -12.27 4.12 -46.03
N ASN C 114 -12.60 5.19 -46.76
CA ASN C 114 -11.75 5.75 -47.83
C ASN C 114 -10.44 6.28 -47.23
N THR C 115 -9.31 6.01 -47.88
CA THR C 115 -7.97 6.54 -47.50
C THR C 115 -7.85 8.00 -47.95
N GLY C 116 -8.53 8.36 -49.04
CA GLY C 116 -8.49 9.71 -49.64
C GLY C 116 -7.09 10.04 -50.14
N PHE C 117 -6.60 9.28 -51.12
CA PHE C 117 -5.29 9.48 -51.79
C PHE C 117 -5.52 10.01 -53.20
N THR C 118 -5.24 11.30 -53.43
CA THR C 118 -5.17 11.95 -54.76
C THR C 118 -3.72 11.93 -55.25
N TYR C 119 -3.51 11.90 -56.56
CA TYR C 119 -2.19 11.66 -57.21
C TYR C 119 -1.85 12.83 -58.15
N GLY C 120 -0.55 13.18 -58.21
CA GLY C 120 0.00 14.27 -59.04
C GLY C 120 -0.29 14.07 -60.51
N SER C 121 0.15 15.02 -61.35
CA SER C 121 -0.23 15.10 -62.78
C SER C 121 0.32 13.91 -63.57
N SER C 122 1.49 13.38 -63.20
CA SER C 122 2.24 12.34 -63.95
C SER C 122 1.82 10.93 -63.52
N ILE C 123 0.69 10.77 -62.81
CA ILE C 123 0.14 9.46 -62.34
C ILE C 123 -1.33 9.37 -62.76
N ASN C 124 -1.80 8.16 -63.12
CA ASN C 124 -3.23 7.86 -63.35
C ASN C 124 -3.71 6.86 -62.27
N SER C 125 -4.83 7.20 -61.63
CA SER C 125 -5.53 6.40 -60.58
C SER C 125 -5.91 5.04 -61.19
N ALA C 126 -6.71 5.05 -62.25
CA ALA C 126 -7.32 3.87 -62.92
C ALA C 126 -6.29 3.19 -63.84
N GLY C 127 -5.80 2.01 -63.43
CA GLY C 127 -4.95 1.10 -64.23
C GLY C 127 -5.43 -0.33 -64.11
N THR C 128 -5.89 -0.94 -65.20
CA THR C 128 -6.63 -2.22 -65.13
C THR C 128 -5.91 -3.32 -65.91
N THR C 129 -6.11 -4.58 -65.47
CA THR C 129 -5.53 -5.83 -66.03
C THR C 129 -6.65 -6.82 -66.37
N LYS C 130 -6.51 -7.58 -67.46
CA LYS C 130 -7.60 -8.40 -68.06
C LYS C 130 -7.87 -9.64 -67.20
N ALA C 131 -7.07 -9.90 -66.16
CA ALA C 131 -7.28 -11.02 -65.22
C ALA C 131 -8.54 -10.79 -64.36
N CYS C 132 -8.97 -9.53 -64.18
CA CYS C 132 -10.13 -9.15 -63.34
C CYS C 132 -11.18 -8.45 -64.20
N MET C 133 -11.77 -9.17 -65.16
CA MET C 133 -12.84 -8.60 -66.04
C MET C 133 -14.09 -8.36 -65.18
N ARG C 134 -14.75 -7.21 -65.37
CA ARG C 134 -15.97 -6.79 -64.65
C ARG C 134 -16.90 -6.01 -65.59
N ASN C 135 -18.21 -6.26 -65.51
CA ASN C 135 -19.27 -5.57 -66.29
C ASN C 135 -18.97 -5.71 -67.79
N GLY C 136 -18.60 -6.92 -68.24
CA GLY C 136 -18.21 -7.20 -69.63
C GLY C 136 -17.14 -6.24 -70.12
N GLY C 137 -16.13 -5.99 -69.29
CA GLY C 137 -15.01 -5.08 -69.60
C GLY C 137 -13.81 -5.35 -68.69
N ASN C 138 -12.67 -4.77 -69.02
CA ASN C 138 -11.43 -4.92 -68.21
C ASN C 138 -11.56 -4.06 -66.94
N SER C 139 -11.13 -4.58 -65.78
CA SER C 139 -11.29 -3.93 -64.45
C SER C 139 -10.17 -4.32 -63.47
N PHE C 140 -10.20 -3.80 -62.25
CA PHE C 140 -9.15 -4.04 -61.20
C PHE C 140 -9.80 -4.16 -59.81
N TYR C 141 -9.06 -4.70 -58.84
CA TYR C 141 -9.46 -4.85 -57.41
C TYR C 141 -10.12 -3.54 -56.95
N ALA C 142 -11.34 -3.63 -56.40
CA ALA C 142 -12.30 -2.52 -56.20
C ALA C 142 -11.82 -1.54 -55.13
N GLU C 143 -10.82 -1.91 -54.33
CA GLU C 143 -10.40 -1.07 -53.18
C GLU C 143 -8.88 -0.86 -53.24
N LEU C 144 -8.29 -1.05 -54.42
CA LEU C 144 -6.85 -0.81 -54.68
C LEU C 144 -6.70 0.00 -55.97
N LYS C 145 -5.58 0.70 -56.12
CA LYS C 145 -5.29 1.60 -57.26
C LYS C 145 -3.98 1.17 -57.93
N TRP C 146 -4.04 0.81 -59.21
CA TRP C 146 -2.86 0.54 -60.07
C TRP C 146 -2.32 1.87 -60.59
N LEU C 147 -1.05 2.19 -60.26
CA LEU C 147 -0.40 3.50 -60.49
C LEU C 147 0.62 3.40 -61.64
N VAL C 148 0.52 4.29 -62.62
CA VAL C 148 1.30 4.27 -63.90
C VAL C 148 1.51 5.72 -64.39
N SER C 149 2.54 5.94 -65.22
CA SER C 149 2.90 7.26 -65.82
C SER C 149 1.94 7.64 -66.95
N LYS C 150 1.43 8.87 -66.91
CA LYS C 150 0.37 9.44 -67.79
C LYS C 150 0.87 9.49 -69.25
N ASN C 151 2.11 9.94 -69.46
CA ASN C 151 2.82 9.94 -70.77
C ASN C 151 3.74 8.71 -70.84
N LYS C 152 3.80 8.06 -72.01
CA LYS C 152 4.43 6.72 -72.21
C LYS C 152 5.95 6.80 -71.99
N GLY C 153 6.49 5.91 -71.16
CA GLY C 153 7.95 5.69 -71.01
C GLY C 153 8.58 6.51 -69.89
N GLN C 154 7.95 7.63 -69.48
CA GLN C 154 8.58 8.66 -68.62
C GLN C 154 8.76 8.14 -67.19
N ASN C 155 9.51 8.89 -66.37
CA ASN C 155 9.77 8.59 -64.93
C ASN C 155 8.48 8.79 -64.13
N PHE C 156 8.28 7.95 -63.10
CA PHE C 156 7.15 8.01 -62.15
C PHE C 156 7.58 8.81 -60.92
N PRO C 157 6.87 9.91 -60.55
CA PRO C 157 7.37 10.87 -59.57
C PRO C 157 7.35 10.29 -58.14
N GLN C 158 8.38 10.57 -57.34
CA GLN C 158 8.44 10.13 -55.91
C GLN C 158 7.36 10.91 -55.15
N THR C 159 6.25 10.23 -54.81
CA THR C 159 5.06 10.78 -54.10
C THR C 159 5.02 10.21 -52.68
N THR C 160 4.28 10.86 -51.76
CA THR C 160 4.07 10.43 -50.35
C THR C 160 2.58 10.54 -50.02
N ASN C 161 1.91 9.39 -49.83
CA ASN C 161 0.51 9.27 -49.33
C ASN C 161 0.56 8.87 -47.85
N THR C 162 -0.25 9.51 -47.01
CA THR C 162 -0.35 9.23 -45.55
C THR C 162 -1.84 9.17 -45.15
N TYR C 163 -2.27 8.04 -44.59
CA TYR C 163 -3.65 7.81 -44.08
C TYR C 163 -3.65 7.90 -42.55
N ARG C 164 -4.35 8.90 -42.02
CA ARG C 164 -4.61 9.04 -40.56
C ARG C 164 -5.82 8.16 -40.22
N ASN C 165 -5.89 7.66 -38.98
CA ASN C 165 -7.02 6.83 -38.49
C ASN C 165 -7.86 7.69 -37.53
N ALA C 166 -9.02 8.17 -38.00
CA ALA C 166 -9.92 9.11 -37.29
C ALA C 166 -10.81 8.35 -36.30
N ASP C 167 -10.88 7.02 -36.43
CA ASP C 167 -11.80 6.13 -35.65
C ASP C 167 -11.19 5.85 -34.27
N THR C 168 -12.04 5.52 -33.28
CA THR C 168 -11.65 5.22 -31.88
C THR C 168 -11.40 3.70 -31.72
N ALA C 169 -11.67 2.91 -32.77
CA ALA C 169 -11.35 1.46 -32.88
C ALA C 169 -10.27 1.24 -33.95
N GLU C 170 -9.50 0.16 -33.84
CA GLU C 170 -8.34 -0.16 -34.72
C GLU C 170 -8.82 -0.43 -36.16
N HIS C 171 -7.93 -0.28 -37.15
CA HIS C 171 -8.25 -0.35 -38.60
C HIS C 171 -7.25 -1.24 -39.32
N LEU C 172 -7.68 -1.89 -40.42
CA LEU C 172 -6.91 -2.90 -41.18
C LEU C 172 -6.59 -2.39 -42.59
N ILE C 173 -5.32 -2.09 -42.84
CA ILE C 173 -4.78 -1.49 -44.11
C ILE C 173 -4.19 -2.63 -44.94
N MET C 174 -4.30 -2.54 -46.28
CA MET C 174 -3.81 -3.58 -47.23
C MET C 174 -3.37 -2.93 -48.53
N TRP C 175 -2.19 -3.35 -49.04
CA TRP C 175 -1.55 -2.81 -50.27
C TRP C 175 -0.73 -3.91 -50.95
N GLY C 176 -0.45 -3.74 -52.25
CA GLY C 176 0.33 -4.70 -53.06
C GLY C 176 1.30 -3.98 -53.99
N ILE C 177 2.40 -4.65 -54.37
CA ILE C 177 3.50 -4.12 -55.24
C ILE C 177 3.70 -5.06 -56.43
N HIS C 178 3.68 -4.52 -57.65
CA HIS C 178 3.78 -5.26 -58.92
C HIS C 178 5.24 -5.64 -59.23
N HIS C 179 5.50 -6.90 -59.57
CA HIS C 179 6.85 -7.51 -59.76
C HIS C 179 6.97 -8.16 -61.14
N PRO C 180 6.91 -7.37 -62.25
CA PRO C 180 6.86 -7.94 -63.60
C PRO C 180 8.07 -8.81 -64.00
N SER C 181 7.82 -9.94 -64.66
CA SER C 181 8.82 -10.93 -65.14
C SER C 181 9.70 -10.32 -66.24
N SER C 182 9.19 -9.34 -67.00
CA SER C 182 9.88 -8.64 -68.12
C SER C 182 10.16 -7.18 -67.72
N THR C 183 11.44 -6.78 -67.72
CA THR C 183 11.91 -5.43 -67.30
C THR C 183 11.51 -4.37 -68.34
N GLN C 184 11.45 -4.73 -69.63
CA GLN C 184 11.13 -3.78 -70.73
C GLN C 184 9.74 -3.16 -70.48
N GLU C 185 8.85 -3.88 -69.79
CA GLU C 185 7.57 -3.33 -69.25
C GLU C 185 7.87 -2.20 -68.26
N LYS C 186 8.84 -2.41 -67.36
CA LYS C 186 9.19 -1.48 -66.24
C LYS C 186 9.47 -0.08 -66.80
N ASN C 187 10.33 0.02 -67.83
CA ASN C 187 10.83 1.33 -68.37
C ASN C 187 9.78 1.98 -69.29
N ASP C 188 8.55 1.44 -69.31
CA ASP C 188 7.43 1.89 -70.18
C ASP C 188 6.41 2.67 -69.34
N LEU C 189 6.05 2.13 -68.15
CA LEU C 189 4.99 2.67 -67.25
C LEU C 189 5.60 3.44 -66.05
N TYR C 190 6.90 3.26 -65.76
CA TYR C 190 7.60 3.79 -64.55
C TYR C 190 8.87 4.59 -64.89
N GLY C 191 9.40 4.51 -66.12
CA GLY C 191 10.73 5.08 -66.48
C GLY C 191 11.87 4.24 -65.94
N THR C 192 13.10 4.44 -66.45
CA THR C 192 14.27 3.54 -66.25
C THR C 192 14.94 3.75 -64.88
N GLN C 193 14.58 4.83 -64.14
CA GLN C 193 15.22 5.18 -62.83
C GLN C 193 14.88 4.09 -61.81
N SER C 194 15.76 3.88 -60.81
CA SER C 194 15.63 2.86 -59.74
C SER C 194 14.37 3.13 -58.92
N LEU C 195 13.68 2.05 -58.49
CA LEU C 195 12.39 2.11 -57.75
C LEU C 195 12.57 1.56 -56.32
N SER C 196 11.83 2.14 -55.37
CA SER C 196 11.77 1.73 -53.94
C SER C 196 10.50 2.30 -53.30
N ILE C 197 9.85 1.49 -52.44
CA ILE C 197 8.52 1.76 -51.82
C ILE C 197 8.62 1.47 -50.32
N SER C 198 8.72 2.52 -49.49
CA SER C 198 8.92 2.39 -48.02
C SER C 198 7.63 2.76 -47.27
N VAL C 199 7.13 1.79 -46.49
CA VAL C 199 5.99 1.96 -45.53
C VAL C 199 6.58 2.22 -44.14
N GLY C 200 5.77 2.77 -43.24
CA GLY C 200 6.12 2.99 -41.83
C GLY C 200 4.93 3.52 -41.06
N SER C 201 4.84 3.13 -39.78
CA SER C 201 3.80 3.57 -38.82
C SER C 201 4.43 3.67 -37.43
N SER C 202 3.61 3.78 -36.37
CA SER C 202 4.07 3.79 -34.95
C SER C 202 4.53 2.38 -34.55
N THR C 203 4.01 1.34 -35.22
CA THR C 203 4.10 -0.08 -34.77
C THR C 203 4.64 -0.98 -35.90
N TYR C 204 5.09 -0.40 -37.02
CA TYR C 204 5.36 -1.14 -38.28
C TYR C 204 6.35 -0.35 -39.14
N LYS C 205 7.20 -1.06 -39.89
CA LYS C 205 8.25 -0.48 -40.78
C LYS C 205 8.63 -1.52 -41.84
N ASN C 206 8.91 -1.09 -43.06
CA ASN C 206 9.32 -2.00 -44.17
C ASN C 206 9.62 -1.22 -45.45
N ASN C 207 10.42 -1.82 -46.34
CA ASN C 207 10.78 -1.27 -47.67
C ASN C 207 10.68 -2.41 -48.67
N PHE C 208 10.07 -2.15 -49.84
CA PHE C 208 9.82 -3.15 -50.90
C PHE C 208 10.34 -2.59 -52.23
N VAL C 209 11.16 -3.36 -52.94
CA VAL C 209 11.58 -3.04 -54.34
C VAL C 209 10.95 -4.08 -55.25
N PRO C 210 10.39 -3.68 -56.42
CA PRO C 210 9.97 -4.64 -57.44
C PRO C 210 11.13 -5.55 -57.89
N VAL C 211 10.91 -6.86 -57.85
CA VAL C 211 11.90 -7.91 -58.26
C VAL C 211 11.35 -8.58 -59.52
N VAL C 212 12.14 -8.60 -60.60
CA VAL C 212 11.74 -9.18 -61.92
C VAL C 212 12.07 -10.68 -61.89
N GLY C 213 11.47 -11.42 -60.95
CA GLY C 213 11.55 -12.89 -60.87
C GLY C 213 10.81 -13.53 -62.03
N ALA C 214 11.27 -14.70 -62.49
CA ALA C 214 10.62 -15.50 -63.58
C ALA C 214 9.91 -16.71 -62.95
N ARG C 215 8.58 -16.75 -63.04
CA ARG C 215 7.72 -17.80 -62.42
C ARG C 215 6.87 -18.46 -63.51
N PRO C 216 6.02 -19.46 -63.17
CA PRO C 216 4.97 -19.93 -64.06
C PRO C 216 3.80 -18.93 -64.16
N GLN C 217 3.16 -18.86 -65.33
CA GLN C 217 2.06 -17.92 -65.64
C GLN C 217 0.74 -18.46 -65.07
N VAL C 218 0.21 -17.82 -64.03
CA VAL C 218 -1.07 -18.16 -63.35
C VAL C 218 -2.16 -17.21 -63.88
N ASN C 219 -3.33 -17.75 -64.21
CA ASN C 219 -4.50 -16.99 -64.77
C ASN C 219 -4.07 -16.29 -66.07
N GLY C 220 -3.35 -17.03 -66.92
CA GLY C 220 -2.84 -16.58 -68.23
C GLY C 220 -2.10 -15.26 -68.15
N GLN C 221 -1.22 -15.10 -67.15
CA GLN C 221 -0.52 -13.81 -66.87
C GLN C 221 0.79 -14.05 -66.08
N SER C 222 1.91 -13.55 -66.60
CA SER C 222 3.28 -13.69 -66.03
C SER C 222 3.53 -12.61 -64.97
N GLY C 223 4.43 -12.90 -64.02
CA GLY C 223 4.71 -12.02 -62.88
C GLY C 223 3.60 -12.13 -61.84
N ARG C 224 3.57 -11.19 -60.88
CA ARG C 224 2.67 -11.22 -59.70
C ARG C 224 2.35 -9.79 -59.23
N ILE C 225 1.34 -9.67 -58.37
CA ILE C 225 1.06 -8.51 -57.45
C ILE C 225 0.83 -9.13 -56.08
N ASP C 226 1.91 -9.39 -55.34
CA ASP C 226 1.81 -9.88 -53.94
C ASP C 226 1.23 -8.75 -53.08
N PHE C 227 0.37 -9.10 -52.12
CA PHE C 227 -0.26 -8.15 -51.16
C PHE C 227 0.47 -8.25 -49.82
N HIS C 228 0.40 -7.18 -49.02
CA HIS C 228 0.90 -7.09 -47.62
C HIS C 228 -0.20 -6.46 -46.76
N TRP C 229 -0.10 -6.58 -45.42
CA TRP C 229 -1.11 -6.01 -44.49
C TRP C 229 -0.50 -5.70 -43.12
N THR C 230 -1.23 -4.89 -42.35
CA THR C 230 -0.93 -4.53 -40.93
C THR C 230 -2.18 -3.84 -40.37
N LEU C 231 -2.25 -3.70 -39.04
CA LEU C 231 -3.32 -2.98 -38.31
C LEU C 231 -2.80 -1.59 -37.95
N VAL C 232 -3.52 -0.54 -38.34
CA VAL C 232 -3.21 0.87 -37.96
C VAL C 232 -4.07 1.24 -36.74
N GLN C 233 -3.43 1.64 -35.64
CA GLN C 233 -4.11 1.87 -34.33
C GLN C 233 -4.94 3.15 -34.41
N PRO C 234 -5.85 3.40 -33.43
CA PRO C 234 -6.59 4.66 -33.36
C PRO C 234 -5.66 5.87 -33.23
N GLY C 235 -5.88 6.90 -34.06
CA GLY C 235 -5.12 8.16 -34.06
C GLY C 235 -3.65 7.94 -34.41
N ASP C 236 -3.38 7.19 -35.48
CA ASP C 236 -2.01 6.95 -36.01
C ASP C 236 -2.01 7.23 -37.53
N LYS C 237 -0.83 7.55 -38.05
CA LYS C 237 -0.59 7.79 -39.50
C LYS C 237 0.27 6.63 -40.03
N ILE C 238 -0.08 6.12 -41.22
CA ILE C 238 0.77 5.17 -41.99
C ILE C 238 1.17 5.84 -43.31
N THR C 239 2.48 6.06 -43.49
CA THR C 239 3.07 6.83 -44.61
C THR C 239 3.51 5.85 -45.71
N PHE C 240 3.23 6.20 -46.97
CA PHE C 240 3.56 5.42 -48.20
C PHE C 240 4.54 6.22 -49.08
N SER C 241 5.85 6.09 -48.82
CA SER C 241 6.95 6.68 -49.63
C SER C 241 7.29 5.74 -50.79
N HIS C 242 7.18 6.20 -52.04
CA HIS C 242 7.37 5.36 -53.26
C HIS C 242 7.58 6.21 -54.52
N ASN C 243 8.45 5.73 -55.42
CA ASN C 243 8.75 6.38 -56.73
C ASN C 243 8.10 5.60 -57.88
N GLY C 244 7.37 4.51 -57.59
CA GLY C 244 6.71 3.64 -58.58
C GLY C 244 6.69 2.17 -58.16
N GLY C 245 5.87 1.36 -58.82
CA GLY C 245 5.74 -0.09 -58.56
C GLY C 245 4.66 -0.43 -57.54
N LEU C 246 4.10 0.56 -56.84
CA LEU C 246 3.09 0.37 -55.76
C LEU C 246 1.67 0.35 -56.35
N ILE C 247 0.83 -0.57 -55.85
CA ILE C 247 -0.66 -0.59 -56.00
C ILE C 247 -1.26 -0.15 -54.66
N ALA C 248 -1.84 1.04 -54.62
CA ALA C 248 -2.21 1.77 -53.38
C ALA C 248 -3.60 1.34 -52.91
N PRO C 249 -3.94 1.60 -51.63
CA PRO C 249 -5.30 1.41 -51.14
C PRO C 249 -6.18 2.65 -51.38
N SER C 250 -7.27 2.48 -52.15
CA SER C 250 -8.44 3.38 -52.15
C SER C 250 -8.98 3.45 -50.72
N ARG C 251 -9.36 2.29 -50.16
CA ARG C 251 -10.01 2.19 -48.82
C ARG C 251 -9.26 1.20 -47.94
N VAL C 252 -9.38 1.39 -46.62
CA VAL C 252 -8.98 0.40 -45.57
C VAL C 252 -10.24 -0.37 -45.13
N SER C 253 -10.04 -1.41 -44.32
CA SER C 253 -11.11 -2.25 -43.74
C SER C 253 -11.15 -2.04 -42.23
N LYS C 254 -12.33 -2.22 -41.62
CA LYS C 254 -12.55 -2.25 -40.15
C LYS C 254 -13.41 -3.46 -39.82
N LEU C 255 -12.85 -4.45 -39.13
CA LEU C 255 -13.58 -5.66 -38.66
C LEU C 255 -14.34 -5.26 -37.41
N ILE C 256 -15.67 -5.44 -37.40
CA ILE C 256 -16.56 -5.01 -36.29
C ILE C 256 -17.22 -6.27 -35.70
N GLY C 257 -17.04 -6.46 -34.39
CA GLY C 257 -17.63 -7.57 -33.61
C GLY C 257 -16.92 -8.89 -33.83
N ARG C 258 -17.52 -9.98 -33.34
CA ARG C 258 -17.03 -11.37 -33.49
C ARG C 258 -18.15 -12.22 -34.12
N GLY C 259 -17.78 -13.35 -34.72
CA GLY C 259 -18.71 -14.28 -35.39
C GLY C 259 -18.15 -15.69 -35.50
N LEU C 260 -19.03 -16.68 -35.53
CA LEU C 260 -18.66 -18.09 -35.75
C LEU C 260 -18.15 -18.23 -37.19
N GLY C 261 -16.92 -18.72 -37.37
CA GLY C 261 -16.34 -19.05 -38.68
C GLY C 261 -16.65 -20.49 -39.05
N ILE C 262 -17.50 -20.71 -40.04
CA ILE C 262 -17.89 -22.05 -40.55
C ILE C 262 -17.33 -22.20 -41.96
N GLN C 263 -16.40 -23.13 -42.18
CA GLN C 263 -15.89 -23.44 -43.54
C GLN C 263 -16.34 -24.86 -43.91
N SER C 264 -17.33 -24.97 -44.79
CA SER C 264 -17.92 -26.25 -45.29
C SER C 264 -18.27 -26.14 -46.78
N GLU C 265 -18.52 -27.28 -47.43
CA GLU C 265 -18.85 -27.37 -48.88
C GLU C 265 -20.30 -27.87 -49.04
N ALA C 266 -21.07 -27.88 -47.95
CA ALA C 266 -22.46 -28.43 -47.88
C ALA C 266 -23.48 -27.34 -48.15
N PRO C 267 -24.70 -27.69 -48.65
CA PRO C 267 -25.76 -26.71 -48.85
C PRO C 267 -26.19 -26.01 -47.55
N ILE C 268 -27.15 -25.10 -47.64
CA ILE C 268 -27.67 -24.28 -46.50
C ILE C 268 -29.20 -24.38 -46.50
N ASP C 269 -29.83 -24.16 -45.35
CA ASP C 269 -31.26 -24.40 -45.06
C ASP C 269 -31.68 -23.46 -43.91
N ASN C 270 -32.93 -22.97 -43.91
CA ASN C 270 -33.49 -22.11 -42.84
C ASN C 270 -34.61 -22.84 -42.10
N SER C 271 -34.83 -24.13 -42.43
CA SER C 271 -35.79 -25.03 -41.72
C SER C 271 -35.30 -25.23 -40.28
N CYS C 272 -34.06 -25.68 -40.13
CA CYS C 272 -33.47 -26.15 -38.84
C CYS C 272 -32.61 -25.06 -38.20
N GLU C 273 -32.20 -25.28 -36.94
CA GLU C 273 -31.57 -24.31 -36.03
C GLU C 273 -30.55 -25.07 -35.17
N SER C 274 -29.25 -24.75 -35.29
CA SER C 274 -28.14 -25.53 -34.68
C SER C 274 -27.02 -24.61 -34.18
N LYS C 275 -26.12 -25.16 -33.36
CA LYS C 275 -24.96 -24.44 -32.76
C LYS C 275 -23.65 -25.21 -33.01
N CYS C 276 -23.69 -26.31 -33.74
CA CYS C 276 -22.50 -27.15 -34.01
C CYS C 276 -22.45 -27.43 -35.51
N PHE C 277 -21.29 -27.26 -36.14
CA PHE C 277 -21.08 -27.42 -37.59
C PHE C 277 -19.77 -28.14 -37.89
N TRP C 278 -19.56 -28.52 -39.14
CA TRP C 278 -18.33 -29.20 -39.64
C TRP C 278 -18.37 -29.27 -41.17
N ARG C 279 -17.26 -29.67 -41.80
CA ARG C 279 -17.08 -29.75 -43.29
C ARG C 279 -18.21 -30.56 -43.95
N GLY C 280 -18.83 -31.49 -43.21
CA GLY C 280 -19.92 -32.34 -43.71
C GLY C 280 -21.27 -31.67 -43.61
N GLY C 281 -21.46 -30.74 -42.67
CA GLY C 281 -22.75 -30.06 -42.47
C GLY C 281 -22.95 -29.55 -41.05
N SER C 282 -24.16 -29.72 -40.53
CA SER C 282 -24.58 -29.32 -39.16
C SER C 282 -24.66 -30.56 -38.26
N ILE C 283 -24.54 -30.38 -36.94
CA ILE C 283 -24.76 -31.43 -35.91
C ILE C 283 -25.82 -30.95 -34.92
N ASN C 284 -27.01 -31.55 -35.00
CA ASN C 284 -28.23 -31.13 -34.28
C ASN C 284 -28.65 -32.29 -33.37
N THR C 285 -28.44 -32.18 -32.05
CA THR C 285 -28.67 -33.29 -31.09
C THR C 285 -28.51 -32.84 -29.63
N ARG C 286 -29.35 -33.41 -28.75
CA ARG C 286 -29.41 -33.14 -27.29
C ARG C 286 -28.33 -33.98 -26.57
N LEU C 287 -27.83 -35.02 -27.24
CA LEU C 287 -26.90 -36.04 -26.69
C LEU C 287 -25.56 -35.40 -26.33
N PRO C 288 -24.81 -35.99 -25.37
CA PRO C 288 -23.53 -35.43 -24.92
C PRO C 288 -22.30 -35.71 -25.81
N PHE C 289 -22.38 -36.70 -26.70
CA PHE C 289 -21.25 -37.28 -27.49
C PHE C 289 -21.69 -37.52 -28.93
N GLN C 290 -20.72 -37.77 -29.81
CA GLN C 290 -20.87 -37.66 -31.29
C GLN C 290 -19.64 -38.29 -31.94
N ASN C 291 -19.80 -39.08 -33.01
CA ASN C 291 -18.67 -39.78 -33.68
C ASN C 291 -18.61 -39.42 -35.17
N LEU C 292 -19.08 -38.23 -35.54
CA LEU C 292 -19.15 -37.71 -36.93
C LEU C 292 -17.78 -37.14 -37.33
N SER C 293 -17.24 -36.21 -36.54
CA SER C 293 -15.95 -35.53 -36.82
C SER C 293 -15.36 -34.93 -35.55
N PRO C 294 -14.03 -35.10 -35.35
CA PRO C 294 -13.28 -34.32 -34.37
C PRO C 294 -13.25 -32.83 -34.71
N ARG C 295 -13.02 -32.52 -35.99
CA ARG C 295 -12.99 -31.13 -36.56
C ARG C 295 -14.43 -30.62 -36.56
N THR C 296 -14.76 -29.74 -35.60
CA THR C 296 -16.08 -29.09 -35.48
C THR C 296 -15.89 -27.72 -34.83
N VAL C 297 -16.95 -26.91 -34.83
CA VAL C 297 -16.95 -25.48 -34.45
C VAL C 297 -18.34 -25.17 -33.91
N GLY C 298 -18.42 -24.30 -32.89
CA GLY C 298 -19.64 -24.01 -32.10
C GLY C 298 -19.65 -24.74 -30.77
N GLN C 299 -20.77 -24.66 -30.04
CA GLN C 299 -21.08 -25.50 -28.83
C GLN C 299 -21.35 -26.93 -29.32
N CYS C 300 -20.38 -27.84 -29.21
CA CYS C 300 -20.43 -29.19 -29.85
C CYS C 300 -20.45 -30.32 -28.82
N PRO C 301 -21.19 -31.40 -29.12
CA PRO C 301 -20.98 -32.69 -28.48
C PRO C 301 -19.54 -33.16 -28.75
N LYS C 302 -18.90 -33.74 -27.72
CA LYS C 302 -17.45 -34.05 -27.69
C LYS C 302 -17.24 -35.32 -28.51
N TYR C 303 -16.24 -35.32 -29.37
CA TYR C 303 -16.02 -36.41 -30.35
C TYR C 303 -15.48 -37.60 -29.57
N VAL C 304 -15.80 -38.84 -29.99
CA VAL C 304 -15.45 -40.09 -29.26
C VAL C 304 -15.27 -41.23 -30.26
N ASN C 305 -14.26 -42.08 -30.13
CA ASN C 305 -14.07 -43.24 -31.04
C ASN C 305 -14.97 -44.40 -30.60
N LYS C 306 -16.30 -44.24 -30.70
CA LYS C 306 -17.30 -45.31 -30.44
C LYS C 306 -18.53 -45.12 -31.34
N LYS C 307 -18.94 -46.17 -32.06
CA LYS C 307 -20.13 -46.20 -32.95
C LYS C 307 -21.38 -45.93 -32.10
N SER C 308 -21.55 -46.71 -31.02
CA SER C 308 -22.73 -46.69 -30.10
C SER C 308 -22.26 -46.83 -28.65
N LEU C 309 -22.95 -46.18 -27.72
CA LEU C 309 -22.70 -46.29 -26.26
C LEU C 309 -24.03 -46.25 -25.52
N MET C 310 -24.68 -47.40 -25.42
CA MET C 310 -26.08 -47.52 -24.92
C MET C 310 -26.11 -47.33 -23.40
N LEU C 311 -27.05 -46.54 -22.91
CA LEU C 311 -27.26 -46.22 -21.47
C LEU C 311 -28.56 -46.87 -21.01
N ALA C 312 -28.52 -47.72 -19.99
CA ALA C 312 -29.69 -48.48 -19.48
C ALA C 312 -30.64 -47.51 -18.81
N THR C 313 -31.94 -47.65 -19.12
CA THR C 313 -33.06 -46.85 -18.57
C THR C 313 -34.06 -47.80 -17.89
N GLY C 314 -33.62 -48.98 -17.48
CA GLY C 314 -34.46 -50.00 -16.80
C GLY C 314 -33.64 -51.16 -16.25
N MET C 315 -34.23 -51.88 -15.30
CA MET C 315 -33.62 -53.02 -14.56
C MET C 315 -33.15 -54.13 -15.52
N ARG C 316 -32.31 -55.03 -15.03
CA ARG C 316 -32.00 -56.33 -15.70
C ARG C 316 -33.30 -56.91 -16.25
N ASN C 317 -33.23 -57.49 -17.45
CA ASN C 317 -34.34 -58.27 -18.09
C ASN C 317 -34.15 -59.76 -17.79
N VAL C 318 -35.14 -60.41 -17.16
CA VAL C 318 -35.08 -61.87 -16.86
C VAL C 318 -36.41 -62.50 -17.27
N PRO C 319 -36.49 -63.09 -18.48
CA PRO C 319 -37.77 -63.49 -19.07
C PRO C 319 -38.31 -64.86 -18.64
N GLU C 320 -39.58 -65.13 -18.92
CA GLU C 320 -40.28 -66.39 -18.54
C GLU C 320 -39.88 -67.50 -19.50
N GLY D 1 -28.03 -60.16 -7.96
CA GLY D 1 -26.87 -59.19 -7.94
C GLY D 1 -26.65 -58.60 -6.54
N LEU D 2 -26.34 -57.31 -6.42
CA LEU D 2 -25.94 -56.68 -5.14
C LEU D 2 -26.98 -57.00 -4.06
N PHE D 3 -28.26 -56.83 -4.36
CA PHE D 3 -29.35 -56.88 -3.34
C PHE D 3 -30.09 -58.21 -3.40
N GLY D 4 -29.64 -59.13 -4.25
CA GLY D 4 -30.01 -60.56 -4.19
C GLY D 4 -31.40 -60.90 -4.67
N ALA D 5 -32.21 -59.92 -5.11
CA ALA D 5 -33.63 -60.10 -5.46
C ALA D 5 -33.80 -60.27 -6.97
N ILE D 6 -33.56 -59.21 -7.73
CA ILE D 6 -33.69 -59.22 -9.22
C ILE D 6 -32.58 -60.13 -9.73
N ALA D 7 -32.93 -61.16 -10.52
CA ALA D 7 -32.00 -62.18 -11.05
C ALA D 7 -31.35 -62.91 -9.88
N GLY D 8 -32.11 -63.02 -8.78
CA GLY D 8 -31.70 -63.63 -7.51
C GLY D 8 -32.79 -64.54 -7.01
N PHE D 9 -33.32 -64.28 -5.81
CA PHE D 9 -34.33 -65.14 -5.17
C PHE D 9 -35.63 -65.06 -5.99
N ILE D 10 -35.92 -63.93 -6.64
CA ILE D 10 -36.99 -63.86 -7.69
C ILE D 10 -36.43 -64.48 -8.98
N GLU D 11 -37.00 -65.60 -9.41
CA GLU D 11 -36.44 -66.44 -10.50
C GLU D 11 -36.47 -65.69 -11.83
N ASN D 12 -37.50 -64.86 -12.05
CA ASN D 12 -37.71 -64.13 -13.33
C ASN D 12 -38.83 -63.09 -13.19
N GLY D 13 -38.87 -62.15 -14.13
CA GLY D 13 -39.84 -61.04 -14.13
C GLY D 13 -41.13 -61.44 -14.81
N TRP D 14 -42.08 -60.52 -14.92
CA TRP D 14 -43.47 -60.76 -15.38
C TRP D 14 -43.79 -59.90 -16.60
N GLU D 15 -43.67 -60.45 -17.80
CA GLU D 15 -44.07 -59.77 -19.06
C GLU D 15 -45.50 -59.23 -18.88
N GLY D 16 -46.35 -60.02 -18.22
CA GLY D 16 -47.77 -59.73 -17.96
C GLY D 16 -48.02 -58.38 -17.32
N MET D 17 -47.09 -57.87 -16.52
CA MET D 17 -47.33 -56.65 -15.69
C MET D 17 -46.93 -55.40 -16.47
N VAL D 18 -47.91 -54.66 -16.99
CA VAL D 18 -47.71 -53.49 -17.90
C VAL D 18 -48.35 -52.24 -17.29
N ASP D 19 -48.45 -52.17 -15.96
CA ASP D 19 -49.02 -51.01 -15.22
C ASP D 19 -48.01 -50.53 -14.17
N GLY D 20 -46.74 -50.94 -14.29
CA GLY D 20 -45.70 -50.67 -13.29
C GLY D 20 -44.52 -51.62 -13.39
N TRP D 21 -43.47 -51.34 -12.64
CA TRP D 21 -42.15 -52.02 -12.72
C TRP D 21 -42.14 -53.17 -11.72
N TYR D 22 -42.50 -52.87 -10.48
CA TYR D 22 -42.68 -53.81 -9.35
C TYR D 22 -44.18 -54.06 -9.14
N GLY D 23 -44.53 -55.16 -8.48
CA GLY D 23 -45.93 -55.49 -8.17
C GLY D 23 -46.09 -56.79 -7.40
N PHE D 24 -47.34 -57.05 -6.99
CA PHE D 24 -47.79 -58.23 -6.20
C PHE D 24 -48.61 -59.17 -7.07
N ARG D 25 -48.76 -60.42 -6.63
CA ARG D 25 -49.58 -61.47 -7.28
C ARG D 25 -49.97 -62.52 -6.22
N HIS D 26 -51.21 -62.45 -5.73
CA HIS D 26 -51.73 -63.40 -4.71
C HIS D 26 -52.62 -64.45 -5.38
N GLN D 27 -52.69 -65.64 -4.77
CA GLN D 27 -53.77 -66.64 -4.94
C GLN D 27 -54.37 -66.86 -3.55
N ASN D 28 -55.70 -66.92 -3.45
CA ASN D 28 -56.43 -67.21 -2.19
C ASN D 28 -57.67 -68.03 -2.52
N ALA D 29 -58.57 -68.26 -1.55
CA ALA D 29 -59.87 -68.94 -1.74
C ALA D 29 -60.63 -68.29 -2.89
N GLN D 30 -60.96 -67.00 -2.75
CA GLN D 30 -61.74 -66.21 -3.75
C GLN D 30 -61.15 -66.45 -5.14
N GLY D 31 -59.83 -66.50 -5.23
CA GLY D 31 -59.07 -66.60 -6.49
C GLY D 31 -57.95 -65.58 -6.54
N THR D 32 -57.29 -65.48 -7.70
CA THR D 32 -55.99 -64.78 -7.93
C THR D 32 -56.24 -63.32 -8.33
N GLY D 33 -55.21 -62.49 -8.15
CA GLY D 33 -55.17 -61.09 -8.62
C GLY D 33 -53.76 -60.66 -8.96
N GLN D 34 -53.60 -59.53 -9.66
CA GLN D 34 -52.30 -58.87 -9.93
C GLN D 34 -52.49 -57.38 -9.71
N ALA D 35 -51.50 -56.70 -9.12
CA ALA D 35 -51.44 -55.23 -9.05
C ALA D 35 -49.98 -54.80 -8.95
N ALA D 36 -49.67 -53.59 -9.43
CA ALA D 36 -48.32 -52.99 -9.45
C ALA D 36 -48.20 -51.94 -8.33
N ASP D 37 -47.08 -51.95 -7.61
CA ASP D 37 -46.79 -51.01 -6.50
C ASP D 37 -46.35 -49.68 -7.10
N TYR D 38 -47.07 -48.60 -6.82
CA TYR D 38 -46.89 -47.28 -7.48
C TYR D 38 -45.54 -46.67 -7.06
N LYS D 39 -45.34 -46.44 -5.75
CA LYS D 39 -44.23 -45.59 -5.23
C LYS D 39 -42.88 -46.22 -5.56
N SER D 40 -42.71 -47.54 -5.35
CA SER D 40 -41.47 -48.27 -5.69
C SER D 40 -41.18 -48.06 -7.18
N THR D 41 -42.18 -48.31 -8.02
CA THR D 41 -42.07 -48.18 -9.50
C THR D 41 -41.65 -46.74 -9.81
N GLN D 42 -42.27 -45.77 -9.15
CA GLN D 42 -41.99 -44.32 -9.38
C GLN D 42 -40.56 -43.99 -8.93
N ALA D 43 -40.09 -44.57 -7.82
CA ALA D 43 -38.78 -44.22 -7.21
C ALA D 43 -37.63 -44.64 -8.14
N ALA D 44 -37.76 -45.77 -8.82
CA ALA D 44 -36.77 -46.28 -9.80
C ALA D 44 -36.78 -45.37 -11.04
N ILE D 45 -37.98 -45.02 -11.52
CA ILE D 45 -38.21 -44.11 -12.68
C ILE D 45 -37.65 -42.73 -12.34
N ASP D 46 -37.98 -42.19 -11.16
CA ASP D 46 -37.55 -40.83 -10.74
C ASP D 46 -36.03 -40.78 -10.71
N GLN D 47 -35.38 -41.84 -10.23
CA GLN D 47 -33.89 -41.95 -10.11
C GLN D 47 -33.29 -42.03 -11.52
N ILE D 48 -33.91 -42.78 -12.43
CA ILE D 48 -33.41 -42.97 -13.83
C ILE D 48 -33.56 -41.66 -14.62
N THR D 49 -34.68 -40.94 -14.48
CA THR D 49 -34.90 -39.61 -15.11
C THR D 49 -33.75 -38.68 -14.71
N GLY D 50 -33.53 -38.57 -13.40
CA GLY D 50 -32.50 -37.71 -12.79
C GLY D 50 -31.11 -37.97 -13.35
N LYS D 51 -30.83 -39.22 -13.73
CA LYS D 51 -29.58 -39.59 -14.46
C LYS D 51 -29.62 -38.89 -15.82
N LEU D 52 -30.56 -39.27 -16.69
CA LEU D 52 -30.66 -38.76 -18.08
C LEU D 52 -30.55 -37.22 -18.09
N ASN D 53 -31.15 -36.54 -17.10
CA ASN D 53 -31.12 -35.06 -16.98
C ASN D 53 -29.70 -34.57 -16.66
N ARG D 54 -28.82 -35.44 -16.20
CA ARG D 54 -27.40 -35.11 -15.91
C ARG D 54 -26.52 -35.55 -17.09
N ILE D 55 -26.88 -36.63 -17.79
CA ILE D 55 -26.02 -37.30 -18.82
C ILE D 55 -26.30 -36.69 -20.19
N ILE D 56 -27.55 -36.29 -20.45
CA ILE D 56 -28.00 -35.73 -21.76
C ILE D 56 -27.85 -34.21 -21.69
N LYS D 57 -26.60 -33.75 -21.78
CA LYS D 57 -26.16 -32.33 -21.76
C LYS D 57 -24.92 -32.22 -22.64
N LYS D 58 -24.62 -31.01 -23.14
CA LYS D 58 -23.36 -30.71 -23.85
C LYS D 58 -22.76 -29.44 -23.22
N THR D 59 -21.48 -29.16 -23.52
CA THR D 59 -20.68 -28.07 -22.92
C THR D 59 -21.15 -26.70 -23.45
N ASN D 60 -21.35 -25.75 -22.53
CA ASN D 60 -21.66 -24.31 -22.79
C ASN D 60 -20.60 -23.73 -23.73
N THR D 61 -19.33 -24.11 -23.55
CA THR D 61 -18.11 -23.63 -24.25
C THR D 61 -18.32 -23.55 -25.77
N GLU D 62 -17.91 -22.44 -26.38
CA GLU D 62 -17.95 -22.21 -27.85
C GLU D 62 -16.54 -22.35 -28.41
N PHE D 63 -16.37 -23.20 -29.43
CA PHE D 63 -15.08 -23.51 -30.08
C PHE D 63 -15.05 -22.89 -31.49
N GLU D 64 -14.00 -22.11 -31.75
CA GLU D 64 -13.62 -21.58 -33.08
C GLU D 64 -12.79 -22.66 -33.77
N SER D 65 -12.59 -22.55 -35.08
CA SER D 65 -11.67 -23.41 -35.85
C SER D 65 -10.24 -23.05 -35.45
N ILE D 66 -9.33 -24.04 -35.48
CA ILE D 66 -7.84 -23.83 -35.40
C ILE D 66 -7.19 -24.41 -36.67
N GLU D 67 -7.79 -25.44 -37.28
CA GLU D 67 -7.36 -26.03 -38.57
C GLU D 67 -8.24 -25.46 -39.69
N SER D 68 -7.68 -25.20 -40.87
CA SER D 68 -8.40 -24.75 -42.08
C SER D 68 -8.73 -25.96 -42.95
N GLU D 69 -10.01 -26.16 -43.29
CA GLU D 69 -10.50 -27.31 -44.09
C GLU D 69 -9.91 -27.26 -45.51
N PHE D 70 -9.81 -26.07 -46.11
CA PHE D 70 -9.49 -25.87 -47.54
C PHE D 70 -8.02 -25.48 -47.75
N SER D 71 -7.31 -25.06 -46.69
CA SER D 71 -5.91 -24.54 -46.79
C SER D 71 -4.94 -25.40 -45.97
N GLU D 72 -3.66 -25.38 -46.35
CA GLU D 72 -2.55 -26.13 -45.70
C GLU D 72 -2.04 -25.32 -44.52
N ILE D 73 -1.51 -26.00 -43.48
CA ILE D 73 -0.88 -25.38 -42.28
C ILE D 73 0.52 -25.99 -42.09
N ASP D 74 1.40 -25.35 -41.31
CA ASP D 74 2.80 -25.79 -41.11
C ASP D 74 2.84 -27.19 -40.48
N HIS D 75 3.69 -28.07 -40.99
CA HIS D 75 3.73 -29.51 -40.67
C HIS D 75 4.10 -29.74 -39.20
N GLN D 76 4.87 -28.82 -38.59
CA GLN D 76 5.26 -28.98 -37.16
C GLN D 76 4.04 -28.72 -36.27
N ILE D 77 3.35 -27.58 -36.42
CA ILE D 77 2.19 -27.19 -35.56
C ILE D 77 0.95 -28.02 -35.95
N GLY D 78 0.88 -28.50 -37.20
CA GLY D 78 -0.16 -29.46 -37.60
C GLY D 78 -0.03 -30.76 -36.81
N ASN D 79 1.21 -31.17 -36.53
CA ASN D 79 1.50 -32.39 -35.73
C ASN D 79 1.20 -32.10 -34.24
N VAL D 80 1.38 -30.85 -33.79
CA VAL D 80 1.05 -30.43 -32.39
C VAL D 80 -0.47 -30.42 -32.20
N ILE D 81 -1.24 -30.11 -33.23
CA ILE D 81 -2.74 -30.09 -33.14
C ILE D 81 -3.20 -31.55 -33.13
N ASN D 82 -2.79 -32.32 -34.13
CA ASN D 82 -3.10 -33.76 -34.27
C ASN D 82 -2.80 -34.53 -32.97
N TRP D 83 -1.59 -34.37 -32.42
CA TRP D 83 -1.23 -35.04 -31.16
C TRP D 83 -2.24 -34.61 -30.07
N THR D 84 -2.56 -33.32 -29.95
CA THR D 84 -3.41 -32.78 -28.84
C THR D 84 -4.88 -33.15 -29.02
N LYS D 85 -5.37 -33.27 -30.25
CA LYS D 85 -6.79 -33.62 -30.48
C LYS D 85 -6.95 -35.10 -30.12
N ASP D 86 -6.15 -35.96 -30.75
CA ASP D 86 -6.12 -37.43 -30.50
C ASP D 86 -6.04 -37.74 -28.99
N SER D 87 -5.38 -36.89 -28.20
CA SER D 87 -5.27 -37.02 -26.72
C SER D 87 -6.58 -36.61 -26.06
N ILE D 88 -7.14 -35.48 -26.45
CA ILE D 88 -8.40 -34.92 -25.87
C ILE D 88 -9.55 -35.87 -26.21
N THR D 89 -9.55 -36.39 -27.44
CA THR D 89 -10.46 -37.46 -27.94
C THR D 89 -10.30 -38.68 -27.02
N ASP D 90 -9.07 -39.17 -26.86
CA ASP D 90 -8.75 -40.41 -26.09
C ASP D 90 -9.28 -40.28 -24.66
N ILE D 91 -9.11 -39.11 -24.05
CA ILE D 91 -9.73 -38.82 -22.74
C ILE D 91 -11.24 -38.91 -22.87
N TRP D 92 -11.87 -38.17 -23.80
CA TRP D 92 -13.35 -38.11 -23.85
C TRP D 92 -13.91 -39.51 -24.15
N THR D 93 -13.33 -40.22 -25.13
CA THR D 93 -13.82 -41.56 -25.47
C THR D 93 -13.75 -42.42 -24.20
N TYR D 94 -12.75 -42.16 -23.36
CA TYR D 94 -12.52 -42.94 -22.12
C TYR D 94 -13.54 -42.53 -21.05
N GLN D 95 -13.56 -41.27 -20.66
CA GLN D 95 -14.55 -40.76 -19.67
C GLN D 95 -15.97 -41.27 -20.02
N ALA D 96 -16.32 -41.30 -21.30
CA ALA D 96 -17.69 -41.60 -21.77
C ALA D 96 -17.99 -43.08 -21.54
N GLU D 97 -17.11 -43.98 -22.01
CA GLU D 97 -17.21 -45.46 -21.79
C GLU D 97 -17.37 -45.77 -20.30
N LEU D 98 -16.55 -45.14 -19.44
CA LEU D 98 -16.60 -45.30 -17.96
C LEU D 98 -17.95 -44.84 -17.45
N LEU D 99 -18.34 -43.63 -17.82
CA LEU D 99 -19.59 -42.97 -17.33
C LEU D 99 -20.74 -43.95 -17.46
N VAL D 100 -21.03 -44.44 -18.66
CA VAL D 100 -22.27 -45.21 -18.94
C VAL D 100 -22.16 -46.56 -18.24
N ALA D 101 -20.98 -47.18 -18.27
CA ALA D 101 -20.70 -48.47 -17.59
C ALA D 101 -21.02 -48.28 -16.10
N MET D 102 -20.33 -47.34 -15.44
CA MET D 102 -20.55 -47.02 -14.01
C MET D 102 -22.04 -46.83 -13.76
N GLU D 103 -22.69 -45.97 -14.54
CA GLU D 103 -24.13 -45.63 -14.37
C GLU D 103 -24.99 -46.87 -14.61
N ASN D 104 -24.71 -47.68 -15.63
CA ASN D 104 -25.53 -48.89 -15.92
C ASN D 104 -25.51 -49.80 -14.68
N GLN D 105 -24.34 -50.21 -14.22
CA GLN D 105 -24.14 -50.95 -12.94
C GLN D 105 -25.02 -50.37 -11.82
N HIS D 106 -24.94 -49.07 -11.57
CA HIS D 106 -25.72 -48.44 -10.48
C HIS D 106 -27.21 -48.65 -10.75
N THR D 107 -27.69 -48.31 -11.95
CA THR D 107 -29.12 -48.34 -12.34
C THR D 107 -29.67 -49.76 -12.17
N ILE D 108 -28.97 -50.75 -12.71
CA ILE D 108 -29.32 -52.18 -12.49
C ILE D 108 -29.43 -52.41 -10.98
N ASP D 109 -28.33 -52.23 -10.26
CA ASP D 109 -28.24 -52.44 -8.78
C ASP D 109 -29.31 -51.61 -8.06
N MET D 110 -29.55 -50.38 -8.47
CA MET D 110 -30.56 -49.50 -7.82
C MET D 110 -31.94 -50.17 -7.90
N ALA D 111 -32.36 -50.63 -9.07
CA ALA D 111 -33.66 -51.32 -9.28
C ALA D 111 -33.71 -52.61 -8.47
N ASP D 112 -32.57 -53.29 -8.31
CA ASP D 112 -32.46 -54.52 -7.47
C ASP D 112 -32.83 -54.14 -6.03
N SER D 113 -32.39 -52.97 -5.56
CA SER D 113 -32.60 -52.47 -4.19
C SER D 113 -34.09 -52.17 -4.00
N GLU D 114 -34.71 -51.53 -4.98
CA GLU D 114 -36.11 -51.06 -4.84
C GLU D 114 -37.03 -52.27 -4.76
N MET D 115 -36.63 -53.38 -5.38
CA MET D 115 -37.37 -54.67 -5.31
C MET D 115 -37.28 -55.18 -3.88
N LEU D 116 -36.06 -55.29 -3.36
CA LEU D 116 -35.78 -55.79 -1.97
C LEU D 116 -36.50 -54.92 -0.93
N ASN D 117 -36.46 -53.59 -1.04
CA ASN D 117 -37.13 -52.67 -0.08
C ASN D 117 -38.63 -52.96 -0.02
N LEU D 118 -39.27 -53.21 -1.16
CA LEU D 118 -40.72 -53.55 -1.20
C LEU D 118 -40.95 -54.89 -0.48
N TYR D 119 -40.04 -55.85 -0.66
CA TYR D 119 -40.18 -57.23 -0.11
C TYR D 119 -39.93 -57.22 1.40
N GLU D 120 -39.14 -56.27 1.90
CA GLU D 120 -38.79 -56.23 3.33
C GLU D 120 -39.97 -55.61 4.08
N ARG D 121 -40.50 -54.48 3.62
CA ARG D 121 -41.58 -53.76 4.35
C ARG D 121 -42.82 -54.66 4.39
N VAL D 122 -43.07 -55.47 3.35
CA VAL D 122 -44.11 -56.54 3.37
C VAL D 122 -43.77 -57.57 4.46
N ARG D 123 -42.57 -58.16 4.42
CA ARG D 123 -42.11 -59.18 5.41
C ARG D 123 -42.41 -58.67 6.84
N LYS D 124 -42.04 -57.42 7.13
CA LYS D 124 -42.20 -56.78 8.46
C LYS D 124 -43.68 -56.67 8.82
N GLN D 125 -44.53 -56.25 7.86
CA GLN D 125 -45.99 -56.08 8.06
C GLN D 125 -46.67 -57.41 8.40
N LEU D 126 -46.44 -58.46 7.60
CA LEU D 126 -47.03 -59.81 7.84
C LEU D 126 -46.52 -60.38 9.16
N ARG D 127 -45.39 -59.87 9.64
CA ARG D 127 -44.85 -60.15 11.01
C ARG D 127 -44.80 -61.67 11.21
N GLN D 128 -45.63 -62.22 12.10
CA GLN D 128 -45.58 -63.64 12.52
C GLN D 128 -46.73 -64.44 11.88
N ASN D 129 -47.47 -63.82 10.96
CA ASN D 129 -48.69 -64.42 10.36
C ASN D 129 -48.35 -65.05 9.00
N ALA D 130 -47.09 -64.94 8.54
CA ALA D 130 -46.61 -65.51 7.26
C ALA D 130 -45.13 -65.86 7.34
N GLU D 131 -44.72 -66.88 6.58
CA GLU D 131 -43.33 -67.41 6.46
C GLU D 131 -42.82 -67.15 5.04
N GLU D 132 -41.51 -66.92 4.91
CA GLU D 132 -40.86 -66.60 3.61
C GLU D 132 -40.73 -67.88 2.79
N ASP D 133 -41.25 -67.83 1.56
CA ASP D 133 -41.26 -68.92 0.54
C ASP D 133 -39.82 -69.29 0.16
N GLY D 134 -38.94 -68.30 -0.04
CA GLY D 134 -37.58 -68.47 -0.60
C GLY D 134 -37.47 -68.02 -2.06
N LYS D 135 -38.60 -67.74 -2.73
CA LYS D 135 -38.70 -67.34 -4.15
C LYS D 135 -39.38 -65.97 -4.29
N GLY D 136 -39.39 -65.14 -3.24
CA GLY D 136 -39.99 -63.79 -3.29
C GLY D 136 -41.48 -63.79 -2.93
N CYS D 137 -42.04 -64.94 -2.52
CA CYS D 137 -43.44 -65.07 -2.04
C CYS D 137 -43.49 -65.21 -0.50
N PHE D 138 -44.68 -65.04 0.08
CA PHE D 138 -45.02 -65.25 1.51
C PHE D 138 -46.24 -66.17 1.64
N GLU D 139 -46.09 -67.36 2.25
CA GLU D 139 -47.22 -68.26 2.55
C GLU D 139 -47.99 -67.70 3.76
N ILE D 140 -49.10 -66.99 3.53
CA ILE D 140 -49.99 -66.48 4.61
C ILE D 140 -50.73 -67.67 5.25
N TYR D 141 -50.76 -67.75 6.58
CA TYR D 141 -51.31 -68.90 7.36
C TYR D 141 -52.72 -68.58 7.89
N HIS D 142 -53.45 -67.68 7.23
CA HIS D 142 -54.85 -67.33 7.56
C HIS D 142 -55.59 -66.81 6.32
N ALA D 143 -56.91 -66.99 6.30
CA ALA D 143 -57.82 -66.47 5.25
C ALA D 143 -57.49 -64.99 5.00
N CYS D 144 -57.16 -64.64 3.76
CA CYS D 144 -56.83 -63.25 3.35
C CYS D 144 -57.61 -62.92 2.06
N ASP D 145 -58.74 -62.23 2.22
CA ASP D 145 -59.67 -61.84 1.12
C ASP D 145 -59.07 -60.66 0.35
N ASP D 146 -59.65 -60.33 -0.80
CA ASP D 146 -59.11 -59.31 -1.74
C ASP D 146 -59.00 -57.97 -1.00
N SER D 147 -59.80 -57.72 0.04
CA SER D 147 -59.68 -56.51 0.89
C SER D 147 -58.47 -56.67 1.84
N CYS D 148 -58.25 -57.87 2.36
CA CYS D 148 -57.08 -58.23 3.22
C CYS D 148 -55.78 -58.04 2.41
N MET D 149 -55.69 -58.66 1.23
CA MET D 149 -54.55 -58.55 0.27
C MET D 149 -54.31 -57.06 -0.05
N GLU D 150 -55.37 -56.31 -0.36
CA GLU D 150 -55.29 -54.88 -0.74
C GLU D 150 -54.81 -54.07 0.47
N SER D 151 -54.96 -54.60 1.70
CA SER D 151 -54.49 -53.94 2.94
C SER D 151 -52.99 -54.17 3.10
N ILE D 152 -52.45 -55.21 2.46
CA ILE D 152 -51.00 -55.55 2.44
C ILE D 152 -50.30 -54.59 1.50
N ARG D 153 -50.88 -54.39 0.31
CA ARG D 153 -50.42 -53.44 -0.72
C ARG D 153 -50.49 -52.01 -0.15
N ASN D 154 -51.63 -51.59 0.41
CA ASN D 154 -51.87 -50.21 0.89
C ASN D 154 -51.08 -49.93 2.18
N ASN D 155 -50.34 -50.93 2.70
CA ASN D 155 -49.54 -50.82 3.95
C ASN D 155 -50.46 -50.45 5.12
N THR D 156 -51.59 -51.16 5.28
CA THR D 156 -52.58 -50.98 6.36
C THR D 156 -53.05 -52.35 6.87
N TYR D 157 -52.12 -53.31 7.01
CA TYR D 157 -52.40 -54.69 7.49
C TYR D 157 -51.98 -54.80 8.96
N ASP D 158 -52.96 -54.78 9.87
CA ASP D 158 -52.77 -54.96 11.34
C ASP D 158 -52.70 -56.46 11.63
N HIS D 159 -51.50 -56.98 11.91
CA HIS D 159 -51.24 -58.43 12.12
C HIS D 159 -52.01 -58.93 13.35
N SER D 160 -52.14 -58.08 14.38
CA SER D 160 -52.87 -58.39 15.63
C SER D 160 -54.23 -59.04 15.32
N GLN D 161 -54.97 -58.49 14.34
CA GLN D 161 -56.32 -58.98 13.92
C GLN D 161 -56.26 -60.49 13.61
N TYR D 162 -55.22 -60.94 12.90
CA TYR D 162 -55.09 -62.34 12.36
C TYR D 162 -54.03 -63.12 13.16
N ARG D 163 -53.37 -62.48 14.14
CA ARG D 163 -52.17 -63.06 14.83
C ARG D 163 -52.52 -64.42 15.43
N GLU D 164 -53.56 -64.44 16.28
CA GLU D 164 -54.02 -65.63 17.02
C GLU D 164 -54.31 -66.75 16.02
N GLU D 165 -55.10 -66.45 14.98
CA GLU D 165 -55.53 -67.41 13.94
C GLU D 165 -54.30 -68.08 13.35
N ALA D 166 -53.30 -67.26 13.00
CA ALA D 166 -52.09 -67.63 12.21
C ALA D 166 -51.17 -68.53 13.03
N LEU D 167 -50.91 -68.17 14.29
CA LEU D 167 -50.01 -68.93 15.21
C LEU D 167 -50.53 -70.37 15.42
N LEU D 168 -51.85 -70.56 15.40
CA LEU D 168 -52.49 -71.90 15.48
C LEU D 168 -51.99 -72.75 14.31
N ASN D 169 -52.19 -72.25 13.08
CA ASN D 169 -51.94 -72.96 11.80
C ASN D 169 -50.43 -73.26 11.62
N ARG D 170 -49.57 -72.32 12.01
CA ARG D 170 -48.08 -72.45 11.87
C ARG D 170 -47.58 -73.61 12.74
N LEU D 171 -48.13 -73.73 13.95
CA LEU D 171 -47.75 -74.77 14.95
C LEU D 171 -48.45 -76.09 14.61
N ASN D 172 -49.76 -76.05 14.34
CA ASN D 172 -50.53 -77.21 13.81
C ASN D 172 -50.68 -78.27 14.91
N ASP E 3 -42.87 -53.53 26.05
CA ASP E 3 -41.63 -52.71 25.87
C ASP E 3 -41.45 -52.39 24.39
N LYS E 4 -40.48 -51.52 24.06
CA LYS E 4 -39.91 -51.38 22.70
C LYS E 4 -38.57 -50.61 22.77
N ILE E 5 -37.67 -50.88 21.82
CA ILE E 5 -36.37 -50.17 21.60
C ILE E 5 -36.30 -49.77 20.12
N CYS E 6 -36.27 -48.47 19.83
CA CYS E 6 -36.26 -47.91 18.46
C CYS E 6 -34.82 -47.63 18.01
N LEU E 7 -34.59 -47.61 16.70
CA LEU E 7 -33.32 -47.21 16.05
C LEU E 7 -33.59 -45.92 15.27
N GLY E 8 -32.59 -45.04 15.13
CA GLY E 8 -32.72 -43.71 14.50
C GLY E 8 -31.38 -43.03 14.27
N HIS E 9 -31.40 -41.86 13.64
CA HIS E 9 -30.19 -41.09 13.21
C HIS E 9 -30.40 -39.60 13.46
N HIS E 10 -29.31 -38.82 13.50
CA HIS E 10 -29.34 -37.35 13.71
C HIS E 10 -29.97 -36.65 12.51
N ALA E 11 -30.21 -35.35 12.65
CA ALA E 11 -30.76 -34.42 11.63
C ALA E 11 -30.31 -33.00 12.01
N VAL E 12 -30.80 -31.99 11.29
CA VAL E 12 -30.49 -30.55 11.57
C VAL E 12 -31.69 -29.71 11.16
N ALA E 13 -31.65 -28.42 11.46
CA ALA E 13 -32.65 -27.42 11.02
C ALA E 13 -32.31 -26.97 9.60
N ASN E 14 -31.15 -26.32 9.44
CA ASN E 14 -30.65 -25.73 8.17
C ASN E 14 -29.95 -26.83 7.37
N GLY E 15 -30.71 -27.59 6.58
CA GLY E 15 -30.18 -28.61 5.65
C GLY E 15 -29.57 -27.96 4.43
N THR E 16 -28.50 -28.56 3.89
CA THR E 16 -27.76 -28.06 2.69
C THR E 16 -28.00 -29.04 1.53
N ILE E 17 -28.32 -28.49 0.36
CA ILE E 17 -28.68 -29.26 -0.87
C ILE E 17 -27.38 -29.58 -1.64
N VAL E 18 -27.26 -30.80 -2.20
CA VAL E 18 -26.06 -31.25 -2.99
C VAL E 18 -26.52 -31.99 -4.26
N LYS E 19 -25.57 -32.30 -5.15
CA LYS E 19 -25.81 -33.02 -6.43
C LYS E 19 -25.37 -34.48 -6.31
N THR E 20 -26.25 -35.42 -6.65
CA THR E 20 -25.96 -36.87 -6.76
C THR E 20 -26.26 -37.34 -8.19
N LEU E 21 -25.96 -38.60 -8.50
CA LEU E 21 -26.19 -39.18 -9.86
C LEU E 21 -27.66 -39.05 -10.24
N THR E 22 -28.57 -39.10 -9.25
CA THR E 22 -30.02 -39.26 -9.44
C THR E 22 -30.77 -37.96 -9.11
N ASN E 23 -30.35 -37.23 -8.08
CA ASN E 23 -31.11 -36.06 -7.57
C ASN E 23 -30.18 -34.84 -7.52
N GLU E 24 -30.67 -33.69 -8.00
CA GLU E 24 -29.89 -32.43 -8.11
C GLU E 24 -30.23 -31.50 -6.94
N GLN E 25 -31.29 -31.81 -6.18
CA GLN E 25 -31.71 -31.06 -4.95
C GLN E 25 -31.91 -32.05 -3.79
N GLU E 26 -30.85 -32.74 -3.38
CA GLU E 26 -30.88 -33.74 -2.29
C GLU E 26 -30.35 -33.09 -1.01
N GLU E 27 -31.19 -33.03 0.03
CA GLU E 27 -30.89 -32.45 1.37
C GLU E 27 -29.99 -33.43 2.13
N VAL E 28 -28.96 -32.88 2.82
CA VAL E 28 -27.91 -33.64 3.56
C VAL E 28 -27.49 -32.79 4.76
N THR E 29 -26.99 -33.39 5.85
CA THR E 29 -26.80 -32.72 7.17
C THR E 29 -25.64 -31.73 7.10
N ASN E 30 -24.66 -31.98 6.22
CA ASN E 30 -23.41 -31.20 6.17
C ASN E 30 -22.68 -31.49 4.85
N ALA E 31 -22.01 -30.48 4.30
CA ALA E 31 -21.27 -30.51 3.02
C ALA E 31 -20.17 -29.44 3.03
N THR E 32 -19.21 -29.57 2.12
CA THR E 32 -18.05 -28.65 1.96
C THR E 32 -17.90 -28.27 0.48
N GLU E 33 -17.19 -27.16 0.23
CA GLU E 33 -16.93 -26.60 -1.12
C GLU E 33 -15.63 -27.22 -1.65
N THR E 34 -15.58 -27.59 -2.93
CA THR E 34 -14.36 -28.13 -3.61
C THR E 34 -13.81 -27.12 -4.62
N VAL E 35 -14.57 -26.07 -4.96
CA VAL E 35 -14.17 -25.01 -5.95
C VAL E 35 -13.97 -23.67 -5.22
N GLU E 36 -12.76 -23.11 -5.29
CA GLU E 36 -12.38 -21.85 -4.61
C GLU E 36 -12.81 -20.64 -5.46
N SER E 37 -13.65 -19.76 -4.90
CA SER E 37 -14.16 -18.50 -5.50
C SER E 37 -13.42 -17.27 -4.95
N THR E 38 -12.83 -17.35 -3.75
CA THR E 38 -12.16 -16.22 -3.04
C THR E 38 -10.86 -15.87 -3.77
N SER E 39 -10.67 -14.58 -4.11
CA SER E 39 -9.42 -14.02 -4.66
C SER E 39 -8.54 -13.56 -3.50
N LEU E 40 -7.29 -14.02 -3.43
CA LEU E 40 -6.33 -13.63 -2.37
C LEU E 40 -6.11 -12.11 -2.46
N ASN E 41 -5.83 -11.59 -3.67
CA ASN E 41 -5.80 -10.14 -3.99
C ASN E 41 -4.41 -9.55 -3.68
N ARG E 42 -3.45 -10.39 -3.26
CA ARG E 42 -2.01 -9.99 -3.09
C ARG E 42 -1.12 -11.17 -3.52
N LEU E 43 0.20 -11.02 -3.35
CA LEU E 43 1.25 -11.94 -3.87
C LEU E 43 2.16 -12.42 -2.73
N CYS E 44 1.65 -13.27 -1.84
CA CYS E 44 2.38 -13.87 -0.68
C CYS E 44 3.65 -14.56 -1.18
N MET E 45 4.82 -14.19 -0.66
CA MET E 45 6.10 -14.86 -0.98
C MET E 45 6.96 -15.01 0.29
N LYS E 46 7.37 -16.24 0.57
CA LYS E 46 8.18 -16.66 1.75
C LYS E 46 9.10 -17.79 1.30
N GLY E 47 10.38 -17.74 1.64
CA GLY E 47 11.40 -18.70 1.17
C GLY E 47 11.54 -18.63 -0.34
N ARG E 48 11.35 -17.43 -0.90
CA ARG E 48 11.49 -17.11 -2.35
C ARG E 48 12.40 -15.88 -2.48
N ASN E 49 13.60 -16.09 -3.01
CA ASN E 49 14.56 -15.01 -3.37
C ASN E 49 14.02 -14.29 -4.62
N HIS E 50 13.00 -13.45 -4.45
CA HIS E 50 12.21 -12.83 -5.55
C HIS E 50 12.85 -11.50 -5.97
N LYS E 51 12.51 -11.03 -7.18
CA LYS E 51 12.97 -9.74 -7.75
C LYS E 51 11.80 -9.08 -8.49
N ASP E 52 11.21 -8.03 -7.88
CA ASP E 52 10.13 -7.22 -8.48
C ASP E 52 10.74 -6.18 -9.44
N LEU E 53 10.45 -6.26 -10.74
CA LEU E 53 11.04 -5.41 -11.80
C LEU E 53 10.37 -4.03 -11.83
N GLY E 54 9.12 -3.95 -11.33
CA GLY E 54 8.32 -2.71 -11.36
C GLY E 54 8.10 -2.23 -12.78
N ASN E 55 8.64 -1.07 -13.13
CA ASN E 55 8.46 -0.44 -14.46
C ASN E 55 9.38 -1.12 -15.47
N CYS E 56 10.41 -1.83 -15.00
CA CYS E 56 11.40 -2.56 -15.84
C CYS E 56 10.70 -3.72 -16.58
N HIS E 57 11.10 -3.96 -17.83
CA HIS E 57 10.70 -5.11 -18.66
C HIS E 57 11.87 -6.08 -18.77
N PRO E 58 11.62 -7.40 -18.61
CA PRO E 58 12.70 -8.39 -18.58
C PRO E 58 13.74 -8.32 -19.71
N ILE E 59 13.34 -7.90 -20.90
CA ILE E 59 14.23 -7.73 -22.08
C ILE E 59 15.14 -6.51 -21.86
N GLY E 60 14.65 -5.49 -21.16
CA GLY E 60 15.42 -4.31 -20.72
C GLY E 60 16.68 -4.70 -19.95
N MET E 61 16.57 -5.71 -19.08
CA MET E 61 17.68 -6.24 -18.23
C MET E 61 18.87 -6.63 -19.11
N LEU E 62 18.63 -7.18 -20.31
CA LEU E 62 19.66 -7.69 -21.26
C LEU E 62 20.35 -6.52 -21.98
N ILE E 63 19.62 -5.41 -22.21
CA ILE E 63 20.07 -4.24 -23.02
C ILE E 63 20.41 -3.05 -22.11
N GLY E 64 19.84 -3.01 -20.89
CA GLY E 64 20.02 -1.90 -19.95
C GLY E 64 19.27 -0.66 -20.39
N THR E 65 17.94 -0.69 -20.22
CA THR E 65 17.02 0.49 -20.29
C THR E 65 17.25 1.31 -19.02
N PRO E 66 17.02 2.65 -19.04
CA PRO E 66 17.02 3.45 -17.82
C PRO E 66 16.20 2.89 -16.64
N ALA E 67 15.06 2.25 -16.92
CA ALA E 67 14.17 1.65 -15.89
C ALA E 67 14.82 0.40 -15.27
N CYS E 68 15.60 -0.36 -16.06
CA CYS E 68 16.19 -1.68 -15.68
C CYS E 68 17.63 -1.54 -15.17
N ASP E 69 18.07 -0.30 -14.89
CA ASP E 69 19.42 0.00 -14.34
C ASP E 69 19.58 -0.68 -12.98
N LEU E 70 18.61 -0.52 -12.08
CA LEU E 70 18.61 -1.10 -10.71
C LEU E 70 18.75 -2.62 -10.79
N HIS E 71 18.03 -3.25 -11.74
CA HIS E 71 17.84 -4.72 -11.87
C HIS E 71 18.69 -5.29 -13.02
N LEU E 72 19.92 -4.79 -13.21
CA LEU E 72 20.73 -5.09 -14.43
C LEU E 72 21.29 -6.51 -14.37
N THR E 73 21.68 -6.99 -13.17
CA THR E 73 22.18 -8.36 -12.92
C THR E 73 21.60 -8.90 -11.60
N GLY E 74 22.06 -10.07 -11.14
CA GLY E 74 21.71 -10.67 -9.85
C GLY E 74 21.07 -12.03 -10.04
N THR E 75 21.00 -12.85 -8.99
CA THR E 75 20.32 -14.18 -8.99
C THR E 75 18.98 -14.05 -8.25
N TRP E 76 18.06 -15.00 -8.53
CA TRP E 76 16.67 -15.04 -8.01
C TRP E 76 16.07 -16.41 -8.30
N ASP E 77 14.97 -16.77 -7.61
CA ASP E 77 14.17 -17.98 -7.89
C ASP E 77 12.76 -17.57 -8.38
N THR E 78 12.47 -16.27 -8.46
CA THR E 78 11.15 -15.71 -8.89
C THR E 78 11.34 -14.31 -9.51
N LEU E 79 10.85 -14.11 -10.74
CA LEU E 79 10.84 -12.81 -11.46
C LEU E 79 9.39 -12.32 -11.60
N ILE E 80 9.14 -11.03 -11.42
CA ILE E 80 7.77 -10.44 -11.44
C ILE E 80 7.71 -9.26 -12.42
N GLU E 81 6.96 -9.41 -13.53
CA GLU E 81 6.70 -8.37 -14.55
C GLU E 81 5.46 -7.56 -14.13
N ARG E 82 5.31 -6.35 -14.67
CA ARG E 82 4.16 -5.45 -14.38
C ARG E 82 3.62 -4.88 -15.69
N LYS E 83 2.51 -4.12 -15.62
CA LYS E 83 1.79 -3.56 -16.79
C LYS E 83 2.49 -2.27 -17.26
N ASN E 84 2.56 -2.08 -18.58
CA ASN E 84 3.20 -0.90 -19.23
C ASN E 84 4.70 -0.88 -18.90
N ALA E 85 5.32 -2.06 -18.72
CA ALA E 85 6.74 -2.24 -18.36
C ALA E 85 7.60 -1.83 -19.56
N ILE E 86 8.39 -0.76 -19.40
CA ILE E 86 9.12 -0.08 -20.51
C ILE E 86 10.38 -0.88 -20.82
N ALA E 87 10.51 -1.32 -22.08
CA ALA E 87 11.65 -2.09 -22.63
C ALA E 87 12.45 -1.23 -23.61
N TYR E 88 11.75 -0.49 -24.46
CA TYR E 88 12.32 0.34 -25.56
C TYR E 88 11.96 1.81 -25.32
N CYS E 89 12.90 2.61 -24.80
CA CYS E 89 12.78 4.08 -24.66
C CYS E 89 12.85 4.70 -26.06
N TYR E 90 13.90 4.37 -26.83
CA TYR E 90 14.01 4.67 -28.28
C TYR E 90 13.22 3.59 -29.04
N PRO E 91 12.28 3.97 -29.91
CA PRO E 91 11.27 3.04 -30.43
C PRO E 91 11.84 1.88 -31.23
N GLY E 92 11.04 0.81 -31.35
CA GLY E 92 11.37 -0.42 -32.10
C GLY E 92 10.74 -1.64 -31.46
N ALA E 93 11.23 -2.83 -31.83
CA ALA E 93 10.79 -4.14 -31.32
C ALA E 93 12.02 -5.05 -31.20
N THR E 94 11.79 -6.36 -31.02
CA THR E 94 12.84 -7.41 -31.08
C THR E 94 12.29 -8.59 -31.89
N VAL E 95 13.12 -9.17 -32.77
CA VAL E 95 12.79 -10.39 -33.54
C VAL E 95 12.79 -11.58 -32.58
N ASN E 96 11.64 -12.28 -32.48
CA ASN E 96 11.40 -13.43 -31.56
C ASN E 96 11.40 -12.89 -30.13
N GLU E 97 10.68 -11.78 -29.90
CA GLU E 97 10.61 -11.03 -28.62
C GLU E 97 10.12 -11.94 -27.49
N GLU E 98 9.03 -12.68 -27.72
CA GLU E 98 8.38 -13.55 -26.69
C GLU E 98 9.29 -14.72 -26.35
N ALA E 99 9.82 -15.41 -27.37
CA ALA E 99 10.83 -16.49 -27.24
C ALA E 99 11.92 -16.04 -26.26
N LEU E 100 12.41 -14.80 -26.44
CA LEU E 100 13.42 -14.16 -25.56
C LEU E 100 12.79 -13.89 -24.19
N ARG E 101 11.70 -13.10 -24.14
CA ARG E 101 11.02 -12.69 -22.88
C ARG E 101 10.78 -13.92 -21.99
N GLN E 102 10.16 -14.98 -22.51
CA GLN E 102 9.95 -16.26 -21.78
C GLN E 102 11.29 -16.68 -21.18
N LYS E 103 12.27 -16.93 -22.05
CA LYS E 103 13.62 -17.49 -21.73
C LYS E 103 14.22 -16.78 -20.50
N ILE E 104 14.02 -15.46 -20.37
CA ILE E 104 14.54 -14.63 -19.23
C ILE E 104 13.76 -14.95 -17.96
N MET E 105 12.43 -15.08 -18.05
CA MET E 105 11.53 -15.26 -16.87
C MET E 105 11.47 -16.73 -16.44
N GLU E 106 12.00 -17.63 -17.28
CA GLU E 106 12.11 -19.08 -17.01
C GLU E 106 13.41 -19.35 -16.22
N SER E 107 14.37 -18.43 -16.31
CA SER E 107 15.72 -18.53 -15.66
C SER E 107 15.64 -18.17 -14.18
N GLY E 108 16.73 -18.47 -13.46
CA GLY E 108 16.95 -18.10 -12.04
C GLY E 108 18.19 -17.26 -11.86
N GLY E 109 18.35 -16.20 -12.66
CA GLY E 109 19.44 -15.22 -12.53
C GLY E 109 20.04 -14.84 -13.88
N ILE E 110 20.70 -13.68 -13.93
CA ILE E 110 21.46 -13.17 -15.11
C ILE E 110 22.76 -12.53 -14.63
N SER E 111 23.89 -12.88 -15.25
CA SER E 111 25.25 -12.34 -14.98
C SER E 111 25.93 -11.96 -16.30
N LYS E 112 26.52 -10.76 -16.37
CA LYS E 112 27.03 -10.15 -17.64
C LYS E 112 28.50 -10.53 -17.87
N ILE E 113 28.99 -10.24 -19.08
CA ILE E 113 30.36 -10.50 -19.59
C ILE E 113 30.66 -9.45 -20.67
N ASN E 114 31.72 -8.64 -20.52
CA ASN E 114 32.07 -7.56 -21.47
C ASN E 114 32.58 -8.18 -22.79
N THR E 115 32.11 -7.63 -23.91
CA THR E 115 32.52 -8.02 -25.29
C THR E 115 33.97 -7.59 -25.52
N GLY E 116 34.33 -6.39 -25.04
CA GLY E 116 35.67 -5.79 -25.15
C GLY E 116 35.89 -5.12 -26.51
N PHE E 117 34.80 -4.87 -27.24
CA PHE E 117 34.78 -4.30 -28.62
C PHE E 117 35.42 -2.90 -28.56
N THR E 118 36.48 -2.71 -29.34
CA THR E 118 37.25 -1.44 -29.48
C THR E 118 37.13 -1.00 -30.94
N TYR E 119 36.71 0.25 -31.18
CA TYR E 119 36.43 0.81 -32.53
C TYR E 119 37.54 1.80 -32.89
N GLY E 120 37.63 2.17 -34.18
CA GLY E 120 38.71 2.99 -34.75
C GLY E 120 38.53 4.48 -34.48
N SER E 121 39.22 5.31 -35.27
CA SER E 121 39.29 6.79 -35.11
C SER E 121 38.01 7.47 -35.59
N SER E 122 37.47 7.03 -36.74
CA SER E 122 36.32 7.69 -37.45
C SER E 122 35.00 7.37 -36.74
N ILE E 123 34.96 6.30 -35.94
CA ILE E 123 33.73 5.80 -35.24
C ILE E 123 33.60 6.49 -33.88
N ASN E 124 32.48 7.19 -33.65
CA ASN E 124 32.04 7.70 -32.33
C ASN E 124 31.07 6.68 -31.73
N SER E 125 31.50 5.94 -30.69
CA SER E 125 30.73 4.85 -30.04
C SER E 125 29.68 5.42 -29.08
N ALA E 126 29.95 6.57 -28.44
CA ALA E 126 29.02 7.23 -27.50
C ALA E 126 28.08 8.18 -28.28
N GLY E 127 27.07 7.61 -28.94
CA GLY E 127 26.00 8.34 -29.64
C GLY E 127 24.74 8.40 -28.79
N THR E 128 24.54 9.49 -28.05
CA THR E 128 23.51 9.65 -27.00
C THR E 128 22.15 10.00 -27.65
N THR E 129 21.04 9.83 -26.92
CA THR E 129 19.64 10.01 -27.41
C THR E 129 18.76 10.62 -26.30
N LYS E 130 17.77 11.44 -26.69
CA LYS E 130 16.93 12.28 -25.77
C LYS E 130 15.77 11.47 -25.20
N ALA E 131 15.17 10.58 -25.99
CA ALA E 131 14.03 9.72 -25.61
C ALA E 131 14.43 8.82 -24.43
N CYS E 132 15.65 8.29 -24.44
CA CYS E 132 16.26 7.49 -23.34
C CYS E 132 16.99 8.43 -22.36
N MET E 133 16.31 8.82 -21.27
CA MET E 133 16.77 9.86 -20.31
C MET E 133 17.50 9.21 -19.12
N ARG E 134 18.57 9.86 -18.64
CA ARG E 134 19.41 9.42 -17.49
C ARG E 134 20.34 10.57 -17.10
N ASN E 135 20.39 10.92 -15.81
CA ASN E 135 21.01 12.16 -15.27
C ASN E 135 20.26 13.37 -15.84
N GLY E 136 18.92 13.27 -15.96
CA GLY E 136 18.00 14.34 -16.38
C GLY E 136 18.28 14.88 -17.77
N GLY E 137 19.10 14.18 -18.57
CA GLY E 137 19.54 14.60 -19.93
C GLY E 137 19.69 13.41 -20.85
N ASN E 138 20.19 13.63 -22.07
CA ASN E 138 20.25 12.61 -23.15
C ASN E 138 21.15 11.45 -22.69
N SER E 139 20.74 10.21 -22.95
CA SER E 139 21.43 8.94 -22.56
C SER E 139 21.14 7.84 -23.59
N PHE E 140 21.62 6.61 -23.34
CA PHE E 140 21.46 5.44 -24.23
C PHE E 140 21.48 4.13 -23.41
N TYR E 141 21.22 3.00 -24.07
CA TYR E 141 21.29 1.63 -23.49
C TYR E 141 22.69 1.41 -22.91
N ALA E 142 22.76 0.75 -21.75
CA ALA E 142 24.00 0.54 -20.96
C ALA E 142 24.87 -0.57 -21.57
N GLU E 143 24.26 -1.59 -22.21
CA GLU E 143 24.96 -2.80 -22.70
C GLU E 143 25.40 -2.62 -24.16
N LEU E 144 24.90 -1.61 -24.86
CA LEU E 144 25.20 -1.35 -26.30
C LEU E 144 25.80 0.04 -26.47
N LYS E 145 26.29 0.33 -27.68
CA LYS E 145 26.90 1.62 -28.10
C LYS E 145 26.37 1.98 -29.50
N TRP E 146 25.72 3.14 -29.66
CA TRP E 146 25.22 3.64 -30.97
C TRP E 146 26.40 4.15 -31.81
N LEU E 147 26.96 3.27 -32.63
CA LEU E 147 28.14 3.55 -33.50
C LEU E 147 27.66 4.38 -34.70
N VAL E 148 28.30 5.54 -34.92
CA VAL E 148 27.96 6.54 -35.97
C VAL E 148 29.24 7.25 -36.41
N SER E 149 29.28 7.74 -37.65
CA SER E 149 30.36 8.61 -38.19
C SER E 149 30.30 9.96 -37.46
N LYS E 150 31.42 10.39 -36.86
CA LYS E 150 31.53 11.66 -36.08
C LYS E 150 31.64 12.84 -37.06
N ASN E 151 32.42 12.66 -38.15
CA ASN E 151 32.51 13.62 -39.28
C ASN E 151 31.37 13.31 -40.25
N LYS E 152 30.23 14.00 -40.11
CA LYS E 152 28.97 13.75 -40.85
C LYS E 152 29.25 13.61 -42.35
N GLY E 153 28.56 12.68 -43.02
CA GLY E 153 28.67 12.45 -44.48
C GLY E 153 29.75 11.43 -44.81
N GLN E 154 30.76 11.28 -43.93
CA GLN E 154 31.85 10.29 -44.09
C GLN E 154 31.25 8.89 -43.99
N ASN E 155 31.63 8.00 -44.92
CA ASN E 155 31.25 6.57 -44.94
C ASN E 155 31.79 5.89 -43.68
N PHE E 156 30.95 5.11 -42.99
CA PHE E 156 31.31 4.30 -41.81
C PHE E 156 32.33 3.23 -42.23
N PRO E 157 33.46 3.06 -41.51
CA PRO E 157 34.49 2.09 -41.89
C PRO E 157 34.06 0.62 -41.80
N GLN E 158 34.77 -0.25 -42.53
CA GLN E 158 34.48 -1.70 -42.64
C GLN E 158 35.05 -2.43 -41.41
N THR E 159 34.45 -2.21 -40.23
CA THR E 159 34.88 -2.77 -38.92
C THR E 159 34.55 -4.26 -38.84
N THR E 160 35.48 -5.08 -38.34
CA THR E 160 35.31 -6.54 -38.06
C THR E 160 35.58 -6.79 -36.56
N ASN E 161 34.52 -6.93 -35.77
CA ASN E 161 34.54 -7.14 -34.29
C ASN E 161 34.15 -8.60 -33.97
N THR E 162 34.96 -9.30 -33.16
CA THR E 162 34.78 -10.74 -32.82
C THR E 162 34.73 -10.91 -31.29
N TYR E 163 33.55 -11.21 -30.74
CA TYR E 163 33.37 -11.71 -29.34
C TYR E 163 33.59 -13.23 -29.32
N ARG E 164 34.29 -13.73 -28.30
CA ARG E 164 34.55 -15.17 -28.09
C ARG E 164 33.93 -15.59 -26.74
N ASN E 165 33.64 -16.88 -26.62
CA ASN E 165 33.01 -17.53 -25.43
C ASN E 165 34.04 -18.51 -24.85
N ALA E 166 34.85 -18.05 -23.89
CA ALA E 166 35.92 -18.85 -23.22
C ALA E 166 35.30 -19.73 -22.13
N ASP E 167 34.11 -19.34 -21.61
CA ASP E 167 33.35 -20.01 -20.52
C ASP E 167 32.93 -21.42 -20.97
N THR E 168 32.37 -22.20 -20.04
CA THR E 168 31.97 -23.63 -20.24
C THR E 168 30.47 -23.74 -20.52
N ALA E 169 29.70 -22.67 -20.35
CA ALA E 169 28.23 -22.60 -20.61
C ALA E 169 27.92 -21.49 -21.62
N GLU E 170 26.75 -21.59 -22.28
CA GLU E 170 26.36 -20.74 -23.43
C GLU E 170 25.92 -19.35 -22.96
N HIS E 171 26.35 -18.30 -23.68
CA HIS E 171 26.04 -16.88 -23.40
C HIS E 171 25.01 -16.39 -24.42
N LEU E 172 24.38 -15.24 -24.14
CA LEU E 172 23.27 -14.67 -24.94
C LEU E 172 23.65 -13.26 -25.42
N ILE E 173 24.34 -13.19 -26.56
CA ILE E 173 24.68 -11.90 -27.24
C ILE E 173 23.42 -11.30 -27.89
N MET E 174 23.06 -10.07 -27.49
CA MET E 174 22.02 -9.25 -28.16
C MET E 174 22.68 -8.11 -28.93
N TRP E 175 21.96 -7.52 -29.89
CA TRP E 175 22.40 -6.36 -30.70
C TRP E 175 21.22 -5.79 -31.48
N GLY E 176 21.39 -4.61 -32.09
CA GLY E 176 20.31 -3.86 -32.76
C GLY E 176 20.73 -3.33 -34.13
N ILE E 177 19.77 -2.74 -34.88
CA ILE E 177 19.98 -2.14 -36.23
C ILE E 177 19.17 -0.84 -36.30
N HIS E 178 19.84 0.30 -36.51
CA HIS E 178 19.19 1.62 -36.68
C HIS E 178 18.48 1.66 -38.04
N HIS E 179 17.29 2.26 -38.05
CA HIS E 179 16.44 2.47 -39.26
C HIS E 179 16.26 3.97 -39.48
N PRO E 180 17.06 4.61 -40.37
CA PRO E 180 17.00 6.06 -40.58
C PRO E 180 15.67 6.53 -41.21
N SER E 181 15.08 7.59 -40.64
CA SER E 181 13.70 8.06 -40.95
C SER E 181 13.62 8.81 -42.29
N SER E 182 14.76 9.04 -42.95
CA SER E 182 14.86 9.65 -44.30
C SER E 182 16.24 9.38 -44.90
N THR E 183 16.41 9.59 -46.21
CA THR E 183 17.69 9.38 -46.95
C THR E 183 18.76 10.35 -46.42
N GLN E 184 18.36 11.54 -45.95
CA GLN E 184 19.28 12.60 -45.43
C GLN E 184 19.84 12.19 -44.05
N GLU E 185 19.00 11.68 -43.16
CA GLU E 185 19.40 11.19 -41.81
C GLU E 185 20.25 9.92 -41.95
N LYS E 186 20.27 9.28 -43.13
CA LYS E 186 21.11 8.09 -43.44
C LYS E 186 22.48 8.54 -43.98
N ASN E 187 22.49 9.52 -44.87
CA ASN E 187 23.71 10.02 -45.55
C ASN E 187 24.66 10.63 -44.51
N ASP E 188 24.13 11.46 -43.60
CA ASP E 188 24.95 12.27 -42.65
C ASP E 188 25.56 11.35 -41.57
N LEU E 189 24.95 10.22 -41.23
CA LEU E 189 25.36 9.37 -40.08
C LEU E 189 26.26 8.21 -40.52
N TYR E 190 26.06 7.63 -41.72
CA TYR E 190 26.85 6.49 -42.25
C TYR E 190 27.26 6.71 -43.71
N GLY E 191 26.99 7.88 -44.29
CA GLY E 191 27.36 8.21 -45.68
C GLY E 191 26.30 7.73 -46.66
N THR E 192 26.53 7.98 -47.95
CA THR E 192 25.65 7.56 -49.08
C THR E 192 25.96 6.11 -49.47
N GLN E 193 27.07 5.55 -48.96
CA GLN E 193 27.51 4.15 -49.25
C GLN E 193 26.40 3.18 -48.85
N SER E 194 26.19 2.12 -49.64
CA SER E 194 25.27 1.00 -49.33
C SER E 194 25.73 0.33 -48.02
N LEU E 195 24.79 0.15 -47.07
CA LEU E 195 25.07 -0.39 -45.71
C LEU E 195 24.60 -1.84 -45.63
N SER E 196 25.51 -2.75 -45.27
CA SER E 196 25.27 -4.20 -45.04
C SER E 196 25.81 -4.59 -43.67
N ILE E 197 25.00 -5.23 -42.83
CA ILE E 197 25.42 -5.78 -41.49
C ILE E 197 25.33 -7.30 -41.55
N SER E 198 26.47 -7.99 -41.49
CA SER E 198 26.61 -9.46 -41.43
C SER E 198 27.04 -9.89 -40.03
N VAL E 199 26.43 -10.96 -39.51
CA VAL E 199 26.81 -11.66 -38.25
C VAL E 199 27.13 -13.12 -38.61
N GLY E 200 28.11 -13.72 -37.93
CA GLY E 200 28.69 -15.03 -38.28
C GLY E 200 29.27 -15.78 -37.09
N SER E 201 28.55 -16.80 -36.64
CA SER E 201 28.94 -17.79 -35.60
C SER E 201 29.04 -19.19 -36.23
N SER E 202 29.41 -20.22 -35.46
CA SER E 202 29.42 -21.64 -35.92
C SER E 202 27.98 -22.08 -36.18
N THR E 203 27.05 -21.65 -35.32
CA THR E 203 25.62 -22.04 -35.34
C THR E 203 24.83 -20.98 -36.12
N TYR E 204 24.79 -19.74 -35.60
CA TYR E 204 24.00 -18.61 -36.13
C TYR E 204 24.64 -18.05 -37.41
N LYS E 205 23.85 -17.30 -38.18
CA LYS E 205 24.27 -16.50 -39.37
C LYS E 205 23.08 -15.64 -39.80
N ASN E 206 23.33 -14.50 -40.44
CA ASN E 206 22.27 -13.55 -40.87
C ASN E 206 22.91 -12.41 -41.67
N ASN E 207 22.07 -11.52 -42.19
CA ASN E 207 22.46 -10.18 -42.71
C ASN E 207 21.36 -9.18 -42.35
N PHE E 208 21.72 -7.91 -42.14
CA PHE E 208 20.77 -6.81 -41.81
C PHE E 208 21.10 -5.58 -42.66
N VAL E 209 20.07 -4.95 -43.22
CA VAL E 209 20.15 -3.75 -44.11
C VAL E 209 19.30 -2.66 -43.47
N PRO E 210 19.87 -1.52 -43.02
CA PRO E 210 19.07 -0.47 -42.41
C PRO E 210 17.97 -0.05 -43.40
N VAL E 211 16.71 -0.29 -43.04
CA VAL E 211 15.52 0.04 -43.88
C VAL E 211 15.29 1.55 -43.76
N VAL E 212 15.20 2.25 -44.90
CA VAL E 212 15.25 3.74 -44.97
C VAL E 212 13.96 4.24 -45.65
N GLY E 213 13.27 5.20 -45.03
CA GLY E 213 12.01 5.77 -45.54
C GLY E 213 11.16 6.39 -44.44
N ALA E 214 10.23 7.27 -44.82
CA ALA E 214 9.44 8.13 -43.93
C ALA E 214 8.57 7.29 -42.98
N ARG E 215 8.27 7.83 -41.79
CA ARG E 215 7.39 7.23 -40.76
C ARG E 215 7.14 8.25 -39.65
N PRO E 216 5.95 8.23 -39.00
CA PRO E 216 5.63 9.18 -37.94
C PRO E 216 6.34 8.92 -36.60
N GLN E 217 6.58 10.00 -35.85
CA GLN E 217 7.41 10.02 -34.62
C GLN E 217 6.66 9.35 -33.47
N VAL E 218 7.35 8.50 -32.69
CA VAL E 218 6.86 7.91 -31.41
C VAL E 218 7.97 8.06 -30.35
N ASN E 219 7.66 8.68 -29.21
CA ASN E 219 8.64 9.18 -28.20
C ASN E 219 9.46 10.30 -28.83
N GLY E 220 8.85 11.10 -29.72
CA GLY E 220 9.45 12.25 -30.41
C GLY E 220 10.47 11.85 -31.46
N GLN E 221 10.49 10.57 -31.86
CA GLN E 221 11.52 10.01 -32.77
C GLN E 221 10.85 9.18 -33.89
N SER E 222 11.03 9.58 -35.15
CA SER E 222 10.59 8.84 -36.35
C SER E 222 11.54 7.65 -36.59
N GLY E 223 12.86 7.86 -36.41
CA GLY E 223 13.88 6.80 -36.52
C GLY E 223 13.60 5.65 -35.55
N ARG E 224 14.02 4.43 -35.90
CA ARG E 224 13.70 3.19 -35.14
C ARG E 224 14.99 2.36 -34.94
N ILE E 225 15.01 1.51 -33.89
CA ILE E 225 16.09 0.53 -33.60
C ILE E 225 15.46 -0.82 -33.24
N ASP E 226 15.50 -1.79 -34.16
CA ASP E 226 15.06 -3.19 -33.96
CA ASP E 226 15.05 -3.19 -33.94
C ASP E 226 16.20 -3.99 -33.33
N PHE E 227 15.89 -4.97 -32.47
CA PHE E 227 16.86 -5.82 -31.75
C PHE E 227 16.85 -7.24 -32.30
N HIS E 228 18.02 -7.88 -32.28
CA HIS E 228 18.27 -9.29 -32.68
C HIS E 228 19.16 -9.93 -31.62
N TRP E 229 18.97 -11.23 -31.36
CA TRP E 229 19.75 -11.99 -30.34
C TRP E 229 20.08 -13.39 -30.86
N THR E 230 20.84 -14.16 -30.08
CA THR E 230 21.36 -15.49 -30.46
C THR E 230 22.14 -16.08 -29.27
N LEU E 231 22.46 -17.37 -29.34
CA LEU E 231 23.23 -18.07 -28.30
C LEU E 231 24.62 -18.40 -28.86
N VAL E 232 25.66 -17.86 -28.22
CA VAL E 232 27.08 -18.21 -28.50
C VAL E 232 27.45 -19.34 -27.55
N GLN E 233 27.99 -20.43 -28.09
CA GLN E 233 28.30 -21.70 -27.38
C GLN E 233 29.71 -21.63 -26.80
N PRO E 234 30.04 -22.49 -25.81
CA PRO E 234 31.42 -22.64 -25.32
C PRO E 234 32.47 -22.92 -26.40
N GLY E 235 33.48 -22.04 -26.50
CA GLY E 235 34.62 -22.16 -27.42
C GLY E 235 34.20 -21.91 -28.86
N ASP E 236 33.65 -20.72 -29.14
CA ASP E 236 33.12 -20.33 -30.46
C ASP E 236 33.08 -18.79 -30.56
N LYS E 237 33.18 -18.26 -31.78
CA LYS E 237 33.33 -16.81 -32.08
C LYS E 237 32.12 -16.29 -32.87
N ILE E 238 31.40 -15.30 -32.32
CA ILE E 238 30.39 -14.47 -33.05
C ILE E 238 31.11 -13.25 -33.65
N THR E 239 31.05 -13.07 -34.98
CA THR E 239 31.83 -12.08 -35.76
C THR E 239 30.89 -11.10 -36.49
N PHE E 240 30.89 -9.82 -36.08
CA PHE E 240 30.09 -8.73 -36.71
C PHE E 240 30.91 -8.06 -37.82
N SER E 241 30.61 -8.38 -39.08
CA SER E 241 31.14 -7.70 -40.30
C SER E 241 30.15 -6.61 -40.74
N HIS E 242 30.35 -5.37 -40.31
CA HIS E 242 29.39 -4.23 -40.50
C HIS E 242 30.12 -2.97 -41.01
N ASN E 243 29.44 -2.19 -41.88
CA ASN E 243 29.91 -0.86 -42.37
C ASN E 243 28.80 0.16 -42.10
N GLY E 244 28.49 0.38 -40.81
CA GLY E 244 27.50 1.37 -40.34
C GLY E 244 26.11 0.75 -40.22
N GLY E 245 25.29 1.27 -39.31
CA GLY E 245 23.90 0.82 -39.10
C GLY E 245 23.83 -0.36 -38.16
N LEU E 246 24.94 -0.69 -37.47
CA LEU E 246 25.01 -1.73 -36.41
C LEU E 246 25.09 -1.02 -35.05
N ILE E 247 24.24 -1.43 -34.10
CA ILE E 247 24.36 -1.07 -32.66
C ILE E 247 25.22 -2.14 -31.97
N ALA E 248 26.50 -1.86 -31.74
CA ALA E 248 27.46 -2.84 -31.17
C ALA E 248 27.14 -3.06 -29.69
N PRO E 249 27.27 -4.31 -29.19
CA PRO E 249 27.11 -4.59 -27.77
C PRO E 249 28.42 -4.47 -26.99
N SER E 250 28.43 -3.67 -25.92
CA SER E 250 29.56 -3.53 -24.96
C SER E 250 29.69 -4.82 -24.14
N ARG E 251 28.58 -5.27 -23.55
CA ARG E 251 28.51 -6.48 -22.68
C ARG E 251 27.47 -7.47 -23.24
N VAL E 252 27.64 -8.76 -22.90
CA VAL E 252 26.70 -9.88 -23.20
C VAL E 252 26.28 -10.49 -21.87
N SER E 253 25.28 -11.38 -21.88
CA SER E 253 24.60 -11.93 -20.68
C SER E 253 24.70 -13.46 -20.64
N LYS E 254 24.50 -14.04 -19.46
CA LYS E 254 24.46 -15.50 -19.18
C LYS E 254 23.32 -15.77 -18.19
N LEU E 255 22.40 -16.69 -18.52
CA LEU E 255 21.25 -17.10 -17.65
C LEU E 255 21.65 -18.33 -16.83
N ILE E 256 21.35 -18.30 -15.52
CA ILE E 256 21.71 -19.39 -14.55
C ILE E 256 20.42 -20.03 -14.04
N GLY E 257 20.37 -21.37 -14.00
CA GLY E 257 19.36 -22.18 -13.31
C GLY E 257 17.94 -21.82 -13.74
N ARG E 258 16.96 -22.09 -12.86
CA ARG E 258 15.50 -21.96 -13.15
C ARG E 258 14.83 -21.05 -12.11
N GLY E 259 13.65 -20.54 -12.44
CA GLY E 259 12.84 -19.64 -11.60
C GLY E 259 11.44 -19.43 -12.16
N LEU E 260 10.48 -19.19 -11.27
CA LEU E 260 9.04 -19.03 -11.60
C LEU E 260 8.76 -17.57 -11.99
N GLY E 261 8.73 -17.29 -13.29
CA GLY E 261 8.28 -16.00 -13.85
C GLY E 261 6.79 -15.77 -13.64
N ILE E 262 6.41 -14.55 -13.21
CA ILE E 262 5.01 -14.17 -12.85
C ILE E 262 4.68 -12.84 -13.56
N GLN E 263 3.46 -12.69 -14.06
CA GLN E 263 2.95 -11.44 -14.70
C GLN E 263 1.72 -10.95 -13.92
N SER E 264 1.82 -10.87 -12.58
CA SER E 264 0.72 -10.42 -11.69
C SER E 264 0.67 -8.89 -11.68
N GLU E 265 -0.47 -8.33 -11.24
CA GLU E 265 -0.68 -6.86 -11.10
C GLU E 265 -0.75 -6.46 -9.63
N ALA E 266 -1.20 -7.37 -8.75
CA ALA E 266 -1.43 -7.09 -7.30
C ALA E 266 -0.10 -6.82 -6.59
N PRO E 267 -0.12 -6.05 -5.47
CA PRO E 267 1.09 -5.76 -4.69
C PRO E 267 1.73 -6.99 -4.05
N ILE E 268 2.87 -6.82 -3.39
CA ILE E 268 3.69 -7.91 -2.79
C ILE E 268 3.48 -7.93 -1.27
N ASP E 269 3.42 -9.14 -0.70
CA ASP E 269 3.30 -9.42 0.77
C ASP E 269 4.37 -10.46 1.14
N ASN E 270 5.12 -10.23 2.21
CA ASN E 270 6.31 -11.02 2.61
C ASN E 270 6.01 -11.80 3.90
N SER E 271 4.79 -11.72 4.41
CA SER E 271 4.35 -12.39 5.66
C SER E 271 3.92 -13.84 5.37
N CYS E 272 3.20 -14.07 4.27
CA CYS E 272 2.60 -15.40 3.90
C CYS E 272 3.42 -16.08 2.79
N GLU E 273 3.18 -17.40 2.62
CA GLU E 273 3.77 -18.31 1.60
C GLU E 273 2.68 -18.73 0.60
N SER E 274 3.08 -19.13 -0.62
CA SER E 274 2.16 -19.62 -1.68
C SER E 274 2.96 -20.22 -2.85
N LYS E 275 2.31 -21.07 -3.66
CA LYS E 275 2.97 -21.80 -4.77
C LYS E 275 2.15 -21.72 -6.07
N CYS E 276 1.05 -20.95 -6.09
CA CYS E 276 0.16 -20.78 -7.28
C CYS E 276 -0.16 -19.29 -7.47
N PHE E 277 0.03 -18.78 -8.69
CA PHE E 277 -0.07 -17.33 -9.01
C PHE E 277 -0.87 -17.11 -10.28
N TRP E 278 -1.62 -16.01 -10.30
CA TRP E 278 -2.38 -15.49 -11.48
C TRP E 278 -2.15 -13.98 -11.58
N ARG E 279 -2.84 -13.31 -12.52
CA ARG E 279 -2.74 -11.85 -12.79
C ARG E 279 -3.20 -11.04 -11.58
N GLY E 280 -4.25 -11.49 -10.89
CA GLY E 280 -4.92 -10.75 -9.79
C GLY E 280 -4.47 -11.20 -8.40
N GLY E 281 -3.25 -11.71 -8.28
CA GLY E 281 -2.65 -12.08 -6.98
C GLY E 281 -2.16 -13.51 -7.01
N SER E 282 -2.46 -14.26 -5.95
CA SER E 282 -2.12 -15.71 -5.81
C SER E 282 -3.29 -16.45 -5.15
N ILE E 283 -3.13 -17.75 -4.88
CA ILE E 283 -4.15 -18.63 -4.24
C ILE E 283 -3.44 -19.60 -3.28
N ASN E 284 -3.93 -19.70 -2.04
CA ASN E 284 -3.36 -20.53 -0.95
C ASN E 284 -4.29 -21.71 -0.61
N THR E 285 -5.41 -21.84 -1.34
CA THR E 285 -6.51 -22.78 -1.06
C THR E 285 -6.00 -24.23 -1.13
N ARG E 286 -6.57 -25.11 -0.29
CA ARG E 286 -6.25 -26.56 -0.26
C ARG E 286 -7.25 -27.33 -1.13
N LEU E 287 -8.32 -26.66 -1.60
CA LEU E 287 -9.41 -27.29 -2.41
C LEU E 287 -8.84 -27.72 -3.77
N PRO E 288 -9.46 -28.72 -4.44
CA PRO E 288 -8.89 -29.29 -5.66
C PRO E 288 -9.10 -28.50 -6.96
N PHE E 289 -10.10 -27.61 -6.98
CA PHE E 289 -10.52 -26.84 -8.18
C PHE E 289 -10.47 -25.34 -7.87
N GLN E 290 -10.80 -24.50 -8.85
CA GLN E 290 -10.88 -23.01 -8.70
C GLN E 290 -11.55 -22.44 -9.96
N ASN E 291 -12.18 -21.27 -9.84
CA ASN E 291 -12.89 -20.60 -10.97
C ASN E 291 -12.45 -19.13 -11.10
N LEU E 292 -11.33 -18.74 -10.47
CA LEU E 292 -10.80 -17.35 -10.45
C LEU E 292 -10.29 -16.96 -11.85
N SER E 293 -9.45 -17.80 -12.47
CA SER E 293 -8.82 -17.50 -13.78
C SER E 293 -8.15 -18.75 -14.35
N PRO E 294 -8.28 -19.03 -15.66
CA PRO E 294 -7.61 -20.16 -16.31
C PRO E 294 -6.12 -19.98 -16.66
N ARG E 295 -5.61 -18.74 -16.66
CA ARG E 295 -4.16 -18.42 -16.76
C ARG E 295 -3.57 -18.36 -15.35
N THR E 296 -2.99 -19.47 -14.88
CA THR E 296 -2.26 -19.56 -13.58
C THR E 296 -0.87 -20.13 -13.84
N VAL E 297 0.02 -20.02 -12.85
CA VAL E 297 1.43 -20.51 -12.92
C VAL E 297 1.87 -21.04 -11.56
N GLY E 298 2.70 -22.09 -11.56
CA GLY E 298 3.23 -22.76 -10.36
C GLY E 298 2.63 -24.15 -10.17
N GLN E 299 2.21 -24.46 -8.94
CA GLN E 299 1.46 -25.70 -8.58
C GLN E 299 0.04 -25.28 -8.16
N CYS E 300 -0.92 -25.38 -9.08
CA CYS E 300 -2.26 -24.77 -8.95
C CYS E 300 -3.36 -25.82 -8.89
N PRO E 301 -4.54 -25.48 -8.31
CA PRO E 301 -5.77 -26.24 -8.54
C PRO E 301 -6.18 -26.09 -10.01
N LYS E 302 -7.16 -26.87 -10.46
CA LYS E 302 -7.64 -26.85 -11.87
C LYS E 302 -8.79 -25.84 -12.00
N TYR E 303 -8.78 -25.07 -13.11
CA TYR E 303 -9.88 -24.15 -13.48
C TYR E 303 -11.10 -24.97 -13.90
N VAL E 304 -12.29 -24.63 -13.39
CA VAL E 304 -13.60 -25.24 -13.76
C VAL E 304 -14.66 -24.14 -13.88
N ASN E 305 -15.57 -24.26 -14.85
CA ASN E 305 -16.67 -23.28 -15.10
C ASN E 305 -17.83 -23.57 -14.13
N LYS E 306 -17.58 -23.47 -12.82
CA LYS E 306 -18.62 -23.69 -11.79
C LYS E 306 -18.47 -22.61 -10.71
N LYS E 307 -19.58 -21.98 -10.36
CA LYS E 307 -19.71 -20.99 -9.25
C LYS E 307 -19.39 -21.70 -7.93
N SER E 308 -19.90 -22.92 -7.77
CA SER E 308 -19.93 -23.67 -6.49
C SER E 308 -20.19 -25.16 -6.77
N LEU E 309 -19.53 -26.04 -6.03
CA LEU E 309 -19.66 -27.53 -6.15
C LEU E 309 -19.47 -28.15 -4.77
N MET E 310 -20.54 -28.75 -4.24
CA MET E 310 -20.67 -29.17 -2.81
C MET E 310 -20.47 -30.68 -2.67
N LEU E 311 -19.50 -31.08 -1.83
CA LEU E 311 -19.15 -32.48 -1.50
C LEU E 311 -19.78 -32.83 -0.16
N ALA E 312 -20.70 -33.80 -0.16
CA ALA E 312 -21.46 -34.23 1.05
C ALA E 312 -20.48 -34.82 2.07
N THR E 313 -20.50 -34.27 3.28
CA THR E 313 -19.73 -34.76 4.46
C THR E 313 -20.67 -35.50 5.41
N GLY E 314 -21.93 -35.07 5.48
CA GLY E 314 -22.97 -35.66 6.34
C GLY E 314 -23.71 -36.80 5.65
N MET E 315 -24.63 -37.42 6.40
CA MET E 315 -25.60 -38.41 5.88
C MET E 315 -26.81 -37.66 5.34
N ARG E 316 -27.80 -38.35 4.76
CA ARG E 316 -29.05 -37.73 4.25
C ARG E 316 -29.77 -37.06 5.41
N ASN E 317 -30.46 -35.96 5.12
CA ASN E 317 -31.20 -35.14 6.12
C ASN E 317 -32.69 -35.29 5.86
N VAL E 318 -33.41 -35.91 6.79
CA VAL E 318 -34.90 -35.99 6.79
C VAL E 318 -35.38 -35.57 8.18
N PRO E 319 -35.72 -34.28 8.38
CA PRO E 319 -36.38 -33.83 9.60
C PRO E 319 -37.92 -33.95 9.52
N GLU E 320 -38.63 -33.45 10.54
CA GLU E 320 -40.11 -33.57 10.71
C GLU E 320 -40.81 -32.57 9.79
N GLY F 1 -32.76 -45.29 1.13
CA GLY F 1 -32.22 -45.30 -0.27
C GLY F 1 -32.07 -46.73 -0.77
N LEU F 2 -30.83 -47.15 -1.07
CA LEU F 2 -30.46 -48.52 -1.49
C LEU F 2 -30.78 -49.51 -0.37
N PHE F 3 -30.35 -49.22 0.86
CA PHE F 3 -30.50 -50.13 2.03
C PHE F 3 -31.85 -49.94 2.72
N GLY F 4 -32.55 -48.85 2.46
CA GLY F 4 -33.97 -48.67 2.80
C GLY F 4 -34.20 -48.36 4.28
N ALA F 5 -33.11 -48.10 5.03
CA ALA F 5 -33.11 -47.76 6.47
C ALA F 5 -33.49 -46.28 6.66
N ILE F 6 -32.75 -45.38 6.01
CA ILE F 6 -32.92 -43.90 6.14
C ILE F 6 -33.78 -43.42 4.97
N ALA F 7 -34.59 -42.39 5.19
CA ALA F 7 -35.68 -41.98 4.26
C ALA F 7 -36.43 -43.24 3.78
N GLY F 8 -36.49 -44.27 4.64
CA GLY F 8 -36.93 -45.64 4.31
C GLY F 8 -38.03 -46.10 5.23
N PHE F 9 -37.74 -47.02 6.16
CA PHE F 9 -38.70 -47.45 7.20
C PHE F 9 -38.55 -46.56 8.44
N ILE F 10 -37.35 -46.02 8.72
CA ILE F 10 -37.14 -44.95 9.75
C ILE F 10 -37.79 -43.67 9.22
N GLU F 11 -38.99 -43.36 9.74
CA GLU F 11 -39.92 -42.33 9.21
C GLU F 11 -39.20 -40.98 9.05
N ASN F 12 -38.33 -40.64 10.00
CA ASN F 12 -37.63 -39.33 10.04
C ASN F 12 -36.39 -39.43 10.94
N GLY F 13 -35.42 -38.55 10.73
CA GLY F 13 -34.26 -38.39 11.63
C GLY F 13 -34.69 -37.76 12.94
N TRP F 14 -33.84 -37.82 13.97
CA TRP F 14 -34.08 -37.16 15.29
C TRP F 14 -33.24 -35.88 15.39
N GLU F 15 -33.87 -34.71 15.19
CA GLU F 15 -33.22 -33.37 15.28
C GLU F 15 -32.64 -33.19 16.70
N GLY F 16 -33.39 -33.61 17.73
CA GLY F 16 -32.97 -33.60 19.14
C GLY F 16 -31.59 -34.21 19.34
N MET F 17 -31.37 -35.41 18.80
CA MET F 17 -30.12 -36.18 18.99
C MET F 17 -28.92 -35.35 18.52
N VAL F 18 -27.92 -35.15 19.39
CA VAL F 18 -26.65 -34.43 19.07
C VAL F 18 -25.42 -35.29 19.44
N ASP F 19 -25.60 -36.38 20.22
CA ASP F 19 -24.52 -37.27 20.72
C ASP F 19 -23.68 -37.82 19.57
N GLY F 20 -24.34 -38.21 18.46
CA GLY F 20 -23.72 -38.78 17.25
C GLY F 20 -24.74 -38.94 16.12
N TRP F 21 -24.44 -39.78 15.13
CA TRP F 21 -25.27 -40.02 13.92
C TRP F 21 -26.26 -41.18 14.15
N TYR F 22 -25.81 -42.24 14.83
CA TYR F 22 -26.55 -43.52 15.02
C TYR F 22 -26.77 -43.75 16.52
N GLY F 23 -28.05 -43.81 16.95
CA GLY F 23 -28.43 -44.01 18.36
C GLY F 23 -29.83 -44.57 18.57
N PHE F 24 -30.13 -44.93 19.82
CA PHE F 24 -31.33 -45.67 20.28
C PHE F 24 -32.29 -44.78 21.09
N ARG F 25 -33.54 -45.23 21.23
CA ARG F 25 -34.51 -44.78 22.25
C ARG F 25 -35.07 -46.02 22.96
N HIS F 26 -36.06 -45.85 23.85
CA HIS F 26 -36.77 -46.94 24.58
C HIS F 26 -38.00 -46.37 25.28
N GLN F 27 -39.02 -47.20 25.51
CA GLN F 27 -40.18 -46.90 26.40
C GLN F 27 -40.55 -48.18 27.15
N ASN F 28 -39.76 -48.49 28.19
CA ASN F 28 -40.05 -49.56 29.18
C ASN F 28 -41.09 -49.05 30.18
N ALA F 29 -41.57 -49.93 31.07
CA ALA F 29 -42.63 -49.68 32.08
C ALA F 29 -42.27 -48.45 32.93
N GLN F 30 -41.00 -48.32 33.34
CA GLN F 30 -40.49 -47.15 34.10
C GLN F 30 -40.80 -45.87 33.31
N GLY F 31 -40.20 -45.74 32.11
CA GLY F 31 -40.28 -44.54 31.26
C GLY F 31 -39.27 -44.55 30.12
N THR F 32 -39.15 -43.42 29.41
CA THR F 32 -38.44 -43.26 28.11
C THR F 32 -37.01 -42.76 28.33
N GLY F 33 -36.30 -42.46 27.22
CA GLY F 33 -34.94 -41.88 27.20
C GLY F 33 -34.41 -41.70 25.78
N GLN F 34 -33.07 -41.73 25.62
CA GLN F 34 -32.34 -41.60 24.34
C GLN F 34 -30.88 -42.02 24.56
N ALA F 35 -30.17 -42.40 23.50
CA ALA F 35 -28.75 -42.86 23.56
C ALA F 35 -28.10 -42.74 22.19
N ALA F 36 -26.88 -43.27 22.03
CA ALA F 36 -26.04 -43.11 20.82
C ALA F 36 -24.98 -44.22 20.76
N ASP F 37 -24.70 -44.73 19.56
CA ASP F 37 -23.71 -45.82 19.31
C ASP F 37 -22.44 -45.21 18.70
N TYR F 38 -21.33 -45.23 19.45
CA TYR F 38 -20.03 -44.63 19.07
C TYR F 38 -19.39 -45.43 17.92
N LYS F 39 -19.36 -46.76 18.04
CA LYS F 39 -18.63 -47.68 17.13
C LYS F 39 -19.07 -47.45 15.68
N SER F 40 -20.38 -47.41 15.42
CA SER F 40 -20.98 -47.26 14.06
C SER F 40 -20.66 -45.88 13.48
N THR F 41 -20.84 -44.81 14.27
CA THR F 41 -20.59 -43.40 13.87
C THR F 41 -19.11 -43.22 13.50
N GLN F 42 -18.21 -43.82 14.28
CA GLN F 42 -16.74 -43.68 14.06
C GLN F 42 -16.37 -44.36 12.75
N ALA F 43 -16.92 -45.54 12.46
CA ALA F 43 -16.65 -46.30 11.21
C ALA F 43 -17.26 -45.59 9.99
N ALA F 44 -18.25 -44.72 10.18
CA ALA F 44 -18.86 -43.87 9.12
C ALA F 44 -17.97 -42.65 8.86
N ILE F 45 -17.70 -41.91 9.94
CA ILE F 45 -16.91 -40.64 9.92
C ILE F 45 -15.47 -40.95 9.49
N ASP F 46 -14.90 -42.07 9.97
CA ASP F 46 -13.52 -42.52 9.62
C ASP F 46 -13.37 -42.66 8.10
N GLN F 47 -14.44 -43.04 7.39
CA GLN F 47 -14.36 -43.33 5.93
C GLN F 47 -14.84 -42.09 5.14
N ILE F 48 -15.52 -41.15 5.79
CA ILE F 48 -15.83 -39.79 5.23
C ILE F 48 -14.55 -38.96 5.18
N THR F 49 -13.82 -38.86 6.28
CA THR F 49 -12.52 -38.14 6.34
C THR F 49 -11.58 -38.74 5.29
N GLY F 50 -11.64 -40.06 5.10
CA GLY F 50 -10.88 -40.80 4.08
C GLY F 50 -11.14 -40.27 2.68
N LYS F 51 -12.40 -39.92 2.39
CA LYS F 51 -12.82 -39.29 1.11
C LYS F 51 -12.10 -37.95 0.98
N LEU F 52 -12.27 -37.09 1.98
CA LEU F 52 -11.71 -35.72 2.00
C LEU F 52 -10.19 -35.76 1.87
N ASN F 53 -9.51 -36.73 2.50
CA ASN F 53 -8.03 -36.81 2.50
C ASN F 53 -7.52 -37.21 1.10
N ARG F 54 -8.40 -37.72 0.23
CA ARG F 54 -8.07 -38.06 -1.18
C ARG F 54 -8.52 -36.93 -2.12
N ILE F 55 -9.65 -36.27 -1.83
CA ILE F 55 -10.33 -35.26 -2.70
C ILE F 55 -9.76 -33.87 -2.47
N ILE F 56 -9.57 -33.47 -1.21
CA ILE F 56 -9.02 -32.13 -0.82
C ILE F 56 -7.48 -32.20 -0.97
N LYS F 57 -7.02 -32.04 -2.22
CA LYS F 57 -5.57 -31.97 -2.58
C LYS F 57 -5.46 -31.45 -4.03
N LYS F 58 -4.30 -30.88 -4.39
CA LYS F 58 -3.93 -30.49 -5.78
C LYS F 58 -2.67 -31.29 -6.16
N THR F 59 -2.28 -31.33 -7.44
CA THR F 59 -1.07 -32.05 -7.92
C THR F 59 0.18 -31.20 -7.66
N ASN F 60 1.36 -31.83 -7.73
CA ASN F 60 2.67 -31.21 -7.43
C ASN F 60 3.34 -30.74 -8.74
N THR F 61 2.63 -30.82 -9.88
CA THR F 61 3.15 -30.46 -11.22
C THR F 61 3.36 -28.94 -11.29
N GLU F 62 4.54 -28.53 -11.77
CA GLU F 62 5.01 -27.13 -11.90
C GLU F 62 4.65 -26.63 -13.31
N PHE F 63 3.73 -25.66 -13.40
CA PHE F 63 3.20 -25.11 -14.68
C PHE F 63 3.74 -23.69 -14.92
N GLU F 64 4.59 -23.56 -15.95
CA GLU F 64 5.06 -22.26 -16.50
C GLU F 64 3.94 -21.63 -17.33
N SER F 65 3.95 -20.31 -17.50
CA SER F 65 3.00 -19.51 -18.32
C SER F 65 3.29 -19.75 -19.81
N ILE F 66 2.28 -20.11 -20.60
CA ILE F 66 2.43 -20.22 -22.09
C ILE F 66 1.80 -18.99 -22.77
N GLU F 67 1.00 -18.20 -22.03
CA GLU F 67 0.28 -17.00 -22.57
C GLU F 67 0.80 -15.73 -21.89
N SER F 68 1.12 -14.70 -22.67
CA SER F 68 1.55 -13.36 -22.17
C SER F 68 0.31 -12.52 -21.80
N GLU F 69 0.26 -12.03 -20.56
CA GLU F 69 -0.85 -11.21 -20.00
C GLU F 69 -0.88 -9.85 -20.70
N PHE F 70 0.29 -9.24 -20.93
CA PHE F 70 0.45 -7.82 -21.35
C PHE F 70 0.70 -7.74 -22.86
N SER F 71 1.87 -8.18 -23.34
CA SER F 71 2.25 -8.16 -24.77
C SER F 71 1.44 -9.23 -25.52
N GLU F 72 0.57 -8.82 -26.45
CA GLU F 72 -0.31 -9.75 -27.22
C GLU F 72 0.57 -10.69 -28.04
N ILE F 73 0.37 -12.00 -27.87
CA ILE F 73 1.13 -13.08 -28.57
C ILE F 73 0.55 -13.25 -29.97
N ASP F 74 1.26 -13.99 -30.84
CA ASP F 74 0.80 -14.34 -32.21
C ASP F 74 -0.63 -14.88 -32.13
N HIS F 75 -1.52 -14.34 -32.95
CA HIS F 75 -2.96 -14.68 -32.98
C HIS F 75 -3.12 -16.18 -33.30
N GLN F 76 -2.32 -16.70 -34.23
CA GLN F 76 -2.41 -18.10 -34.70
C GLN F 76 -2.14 -19.06 -33.52
N ILE F 77 -0.93 -19.05 -32.96
CA ILE F 77 -0.56 -19.91 -31.81
C ILE F 77 -1.57 -19.70 -30.68
N GLY F 78 -1.91 -18.44 -30.37
CA GLY F 78 -2.87 -18.10 -29.31
C GLY F 78 -4.17 -18.88 -29.47
N ASN F 79 -4.62 -19.06 -30.72
CA ASN F 79 -5.91 -19.73 -31.07
C ASN F 79 -5.80 -21.21 -30.67
N VAL F 80 -4.67 -21.87 -30.98
CA VAL F 80 -4.36 -23.25 -30.50
C VAL F 80 -4.35 -23.25 -28.97
N ILE F 81 -3.63 -22.32 -28.35
CA ILE F 81 -3.51 -22.21 -26.87
C ILE F 81 -4.89 -21.99 -26.25
N ASN F 82 -5.81 -21.31 -26.92
CA ASN F 82 -7.18 -21.05 -26.37
C ASN F 82 -8.02 -22.32 -26.51
N TRP F 83 -7.82 -23.05 -27.61
CA TRP F 83 -8.54 -24.33 -27.91
C TRP F 83 -8.17 -25.39 -26.87
N THR F 84 -6.87 -25.68 -26.69
CA THR F 84 -6.35 -26.73 -25.76
C THR F 84 -6.80 -26.40 -24.33
N LYS F 85 -6.73 -25.13 -23.92
CA LYS F 85 -7.08 -24.69 -22.55
C LYS F 85 -8.59 -24.87 -22.34
N ASP F 86 -9.38 -24.54 -23.36
CA ASP F 86 -10.86 -24.60 -23.27
C ASP F 86 -11.31 -26.07 -23.27
N SER F 87 -10.68 -26.92 -24.08
CA SER F 87 -10.91 -28.38 -24.12
C SER F 87 -10.66 -28.97 -22.72
N ILE F 88 -9.49 -28.69 -22.16
CA ILE F 88 -9.01 -29.18 -20.84
C ILE F 88 -9.95 -28.67 -19.74
N THR F 89 -10.48 -27.46 -19.87
CA THR F 89 -11.39 -26.89 -18.84
C THR F 89 -12.68 -27.72 -18.82
N ASP F 90 -13.21 -28.03 -20.01
CA ASP F 90 -14.41 -28.88 -20.17
C ASP F 90 -14.17 -30.21 -19.46
N ILE F 91 -12.99 -30.80 -19.66
CA ILE F 91 -12.61 -32.09 -19.02
C ILE F 91 -12.62 -31.90 -17.51
N TRP F 92 -11.79 -31.03 -16.94
CA TRP F 92 -11.74 -30.82 -15.46
C TRP F 92 -13.10 -30.41 -14.94
N THR F 93 -13.88 -29.63 -15.70
CA THR F 93 -15.21 -29.15 -15.23
C THR F 93 -16.09 -30.39 -15.02
N TYR F 94 -16.09 -31.28 -16.01
CA TYR F 94 -16.95 -32.48 -16.08
C TYR F 94 -16.51 -33.49 -15.03
N GLN F 95 -15.20 -33.78 -15.02
CA GLN F 95 -14.52 -34.74 -14.12
C GLN F 95 -14.82 -34.37 -12.65
N ALA F 96 -14.92 -33.08 -12.35
CA ALA F 96 -15.22 -32.53 -11.01
C ALA F 96 -16.69 -32.77 -10.64
N GLU F 97 -17.63 -32.46 -11.54
CA GLU F 97 -19.09 -32.66 -11.33
C GLU F 97 -19.35 -34.13 -11.06
N LEU F 98 -18.76 -35.02 -11.87
CA LEU F 98 -18.90 -36.50 -11.75
C LEU F 98 -18.28 -36.95 -10.43
N LEU F 99 -17.11 -36.40 -10.10
CA LEU F 99 -16.38 -36.75 -8.86
C LEU F 99 -17.31 -36.58 -7.68
N VAL F 100 -17.97 -35.42 -7.55
CA VAL F 100 -18.80 -35.12 -6.35
C VAL F 100 -20.15 -35.79 -6.53
N ALA F 101 -20.65 -35.88 -7.76
CA ALA F 101 -21.92 -36.56 -8.07
C ALA F 101 -21.83 -37.99 -7.50
N MET F 102 -20.77 -38.69 -7.89
CA MET F 102 -20.53 -40.11 -7.57
C MET F 102 -20.28 -40.25 -6.06
N GLU F 103 -19.50 -39.33 -5.48
CA GLU F 103 -19.09 -39.37 -4.05
C GLU F 103 -20.31 -39.12 -3.16
N ASN F 104 -21.02 -38.02 -3.39
CA ASN F 104 -22.26 -37.69 -2.66
C ASN F 104 -23.15 -38.93 -2.60
N GLN F 105 -23.31 -39.63 -3.72
CA GLN F 105 -24.22 -40.80 -3.84
C GLN F 105 -23.73 -41.89 -2.90
N HIS F 106 -22.47 -42.33 -3.07
CA HIS F 106 -21.81 -43.35 -2.24
C HIS F 106 -21.89 -42.92 -0.77
N THR F 107 -21.44 -41.70 -0.46
CA THR F 107 -21.47 -41.10 0.90
C THR F 107 -22.85 -41.34 1.52
N ILE F 108 -23.92 -40.86 0.87
CA ILE F 108 -25.32 -40.96 1.37
C ILE F 108 -25.70 -42.43 1.59
N ASP F 109 -25.35 -43.31 0.65
CA ASP F 109 -25.78 -44.74 0.69
C ASP F 109 -24.95 -45.46 1.76
N MET F 110 -23.63 -45.22 1.82
CA MET F 110 -22.73 -45.78 2.86
C MET F 110 -23.32 -45.49 4.24
N ALA F 111 -23.82 -44.27 4.46
CA ALA F 111 -24.52 -43.85 5.70
C ALA F 111 -25.73 -44.74 5.95
N ASP F 112 -26.54 -44.97 4.91
CA ASP F 112 -27.73 -45.88 4.94
C ASP F 112 -27.30 -47.30 5.37
N SER F 113 -26.17 -47.81 4.86
CA SER F 113 -25.64 -49.16 5.17
C SER F 113 -25.29 -49.24 6.66
N GLU F 114 -24.66 -48.22 7.23
CA GLU F 114 -24.20 -48.25 8.65
C GLU F 114 -25.41 -48.25 9.59
N MET F 115 -26.46 -47.49 9.25
CA MET F 115 -27.74 -47.47 9.99
C MET F 115 -28.36 -48.88 9.98
N LEU F 116 -28.36 -49.56 8.83
CA LEU F 116 -28.95 -50.91 8.66
C LEU F 116 -28.11 -51.93 9.43
N ASN F 117 -26.79 -51.89 9.27
CA ASN F 117 -25.83 -52.83 9.92
C ASN F 117 -26.08 -52.85 11.43
N LEU F 118 -26.45 -51.71 12.01
CA LEU F 118 -26.86 -51.59 13.44
C LEU F 118 -28.16 -52.37 13.66
N TYR F 119 -29.27 -51.91 13.06
CA TYR F 119 -30.64 -52.48 13.16
C TYR F 119 -30.64 -54.00 12.93
N GLU F 120 -29.68 -54.54 12.17
CA GLU F 120 -29.55 -56.01 11.92
C GLU F 120 -28.69 -56.67 13.01
N ARG F 121 -27.75 -55.94 13.63
CA ARG F 121 -26.91 -56.46 14.74
C ARG F 121 -27.79 -56.62 15.99
N VAL F 122 -28.80 -55.77 16.15
CA VAL F 122 -29.72 -55.75 17.32
C VAL F 122 -30.73 -56.90 17.21
N ARG F 123 -31.31 -57.16 16.03
CA ARG F 123 -32.38 -58.18 15.88
C ARG F 123 -31.79 -59.59 16.04
N LYS F 124 -30.54 -59.80 15.61
CA LYS F 124 -29.84 -61.11 15.76
C LYS F 124 -29.28 -61.22 17.19
N GLN F 125 -29.10 -60.09 17.85
CA GLN F 125 -28.78 -59.99 19.31
C GLN F 125 -30.02 -60.42 20.10
N LEU F 126 -31.12 -59.69 19.95
CA LEU F 126 -32.44 -59.93 20.62
C LEU F 126 -32.99 -61.31 20.27
N ARG F 127 -32.66 -61.85 19.09
CA ARG F 127 -33.08 -63.20 18.63
C ARG F 127 -34.60 -63.35 18.75
N GLN F 128 -35.10 -64.32 19.55
CA GLN F 128 -36.52 -64.73 19.56
C GLN F 128 -37.35 -63.87 20.53
N ASN F 129 -36.74 -62.93 21.25
CA ASN F 129 -37.38 -62.22 22.39
C ASN F 129 -38.12 -60.97 21.88
N ALA F 130 -37.66 -60.37 20.79
CA ALA F 130 -38.29 -59.16 20.20
C ALA F 130 -38.87 -59.51 18.83
N GLU F 131 -39.60 -58.55 18.25
CA GLU F 131 -40.28 -58.68 16.93
C GLU F 131 -40.25 -57.33 16.22
N GLU F 132 -39.95 -57.35 14.92
CA GLU F 132 -39.82 -56.13 14.08
C GLU F 132 -41.21 -55.54 13.85
N ASP F 133 -41.43 -54.30 14.29
CA ASP F 133 -42.72 -53.56 14.12
C ASP F 133 -42.77 -52.94 12.71
N GLY F 134 -41.60 -52.58 12.16
CA GLY F 134 -41.44 -52.11 10.77
C GLY F 134 -41.23 -50.62 10.67
N LYS F 135 -40.92 -49.96 11.80
CA LYS F 135 -40.72 -48.49 11.86
C LYS F 135 -39.32 -48.21 12.45
N GLY F 136 -38.50 -49.25 12.61
CA GLY F 136 -37.14 -49.14 13.16
C GLY F 136 -37.06 -49.58 14.61
N CYS F 137 -38.23 -49.80 15.24
CA CYS F 137 -38.38 -50.21 16.66
C CYS F 137 -38.53 -51.74 16.73
N PHE F 138 -38.33 -52.29 17.93
CA PHE F 138 -38.43 -53.74 18.26
C PHE F 138 -39.35 -53.92 19.45
N GLU F 139 -40.54 -54.52 19.26
CA GLU F 139 -41.44 -54.86 20.38
C GLU F 139 -40.81 -56.02 21.15
N ILE F 140 -40.33 -55.73 22.36
CA ILE F 140 -39.71 -56.70 23.31
C ILE F 140 -40.83 -57.33 24.13
N TYR F 141 -40.84 -58.67 24.25
CA TYR F 141 -41.98 -59.45 24.79
C TYR F 141 -41.70 -59.81 26.25
N HIS F 142 -41.06 -58.89 26.98
CA HIS F 142 -40.74 -59.04 28.42
C HIS F 142 -40.37 -57.68 29.03
N ALA F 143 -40.19 -57.65 30.35
CA ALA F 143 -39.76 -56.45 31.12
C ALA F 143 -38.27 -56.20 30.85
N CYS F 144 -37.91 -54.95 30.55
CA CYS F 144 -36.52 -54.50 30.29
C CYS F 144 -36.30 -53.18 31.03
N ASP F 145 -35.44 -53.20 32.06
CA ASP F 145 -35.01 -52.03 32.87
C ASP F 145 -33.93 -51.24 32.12
N ASP F 146 -33.49 -50.11 32.70
CA ASP F 146 -32.40 -49.23 32.18
C ASP F 146 -31.06 -49.99 32.14
N SER F 147 -30.89 -51.03 32.94
CA SER F 147 -29.68 -51.89 32.95
C SER F 147 -29.80 -52.95 31.85
N CYS F 148 -31.03 -53.40 31.59
CA CYS F 148 -31.38 -54.36 30.51
C CYS F 148 -31.15 -53.69 29.14
N MET F 149 -31.64 -52.45 29.00
CA MET F 149 -31.47 -51.61 27.78
C MET F 149 -29.97 -51.40 27.52
N GLU F 150 -29.19 -51.12 28.57
CA GLU F 150 -27.74 -50.82 28.47
C GLU F 150 -27.03 -51.99 27.80
N SER F 151 -27.37 -53.24 28.18
CA SER F 151 -26.74 -54.46 27.62
C SER F 151 -26.94 -54.46 26.09
N ILE F 152 -28.16 -54.17 25.65
CA ILE F 152 -28.49 -54.05 24.20
C ILE F 152 -27.56 -53.01 23.58
N ARG F 153 -27.67 -51.76 24.02
CA ARG F 153 -26.87 -50.60 23.54
C ARG F 153 -25.39 -50.98 23.38
N ASN F 154 -24.81 -51.73 24.33
CA ASN F 154 -23.36 -52.07 24.35
C ASN F 154 -23.16 -53.54 23.92
N ASN F 155 -24.20 -54.19 23.39
CA ASN F 155 -24.10 -55.50 22.66
C ASN F 155 -23.75 -56.61 23.66
N THR F 156 -24.44 -56.66 24.80
CA THR F 156 -24.30 -57.71 25.85
C THR F 156 -25.67 -58.15 26.36
N TYR F 157 -26.73 -57.97 25.57
CA TYR F 157 -28.02 -58.67 25.75
C TYR F 157 -27.76 -60.17 25.55
N ASP F 158 -28.53 -61.02 26.22
CA ASP F 158 -28.44 -62.50 26.08
C ASP F 158 -29.88 -63.05 25.99
N HIS F 159 -30.28 -63.51 24.79
CA HIS F 159 -31.62 -64.07 24.46
C HIS F 159 -32.02 -65.12 25.51
N SER F 160 -31.11 -66.03 25.86
CA SER F 160 -31.36 -67.27 26.65
C SER F 160 -32.03 -66.93 27.99
N GLN F 161 -31.58 -65.86 28.65
CA GLN F 161 -32.13 -65.38 29.95
C GLN F 161 -33.64 -65.08 29.81
N TYR F 162 -34.03 -64.19 28.90
CA TYR F 162 -35.41 -63.67 28.79
C TYR F 162 -36.23 -64.56 27.85
N ARG F 163 -35.64 -65.61 27.27
CA ARG F 163 -36.27 -66.46 26.21
C ARG F 163 -37.61 -67.00 26.72
N GLU F 164 -37.60 -67.59 27.93
CA GLU F 164 -38.72 -68.36 28.51
C GLU F 164 -39.90 -67.42 28.75
N GLU F 165 -39.63 -66.23 29.29
CA GLU F 165 -40.62 -65.15 29.57
C GLU F 165 -41.23 -64.69 28.25
N ALA F 166 -40.41 -64.56 27.20
CA ALA F 166 -40.79 -64.04 25.86
C ALA F 166 -41.68 -65.07 25.15
N LEU F 167 -41.12 -66.21 24.76
CA LEU F 167 -41.84 -67.24 23.95
C LEU F 167 -43.30 -67.35 24.39
N LEU F 168 -43.56 -67.40 25.71
CA LEU F 168 -44.91 -67.65 26.28
C LEU F 168 -45.77 -66.38 26.22
N ASN F 169 -45.16 -65.18 26.30
CA ASN F 169 -45.82 -63.90 25.96
C ASN F 169 -46.20 -63.90 24.47
N ARG F 170 -45.25 -64.27 23.59
CA ARG F 170 -45.38 -64.24 22.11
C ARG F 170 -46.44 -65.26 21.67
N LEU F 171 -46.44 -66.44 22.27
CA LEU F 171 -47.45 -67.51 22.02
C LEU F 171 -48.80 -67.10 22.66
N ASN F 172 -48.80 -66.78 23.96
CA ASN F 172 -50.00 -66.35 24.73
C ASN F 172 -50.87 -67.58 25.04
N ASP G 1 -40.11 -8.95 48.61
CA ASP G 1 -40.88 -9.00 49.89
C ASP G 1 -40.86 -7.63 50.57
N PRO G 2 -39.70 -6.94 50.72
CA PRO G 2 -39.68 -5.51 51.05
C PRO G 2 -39.68 -4.62 49.80
N ASP G 3 -40.19 -3.39 49.92
CA ASP G 3 -40.28 -2.36 48.83
C ASP G 3 -38.89 -1.78 48.54
N LYS G 4 -38.68 -1.28 47.31
CA LYS G 4 -37.39 -0.74 46.81
C LYS G 4 -37.56 0.70 46.34
N ILE G 5 -36.62 1.57 46.68
CA ILE G 5 -36.35 2.82 45.91
C ILE G 5 -34.90 2.74 45.40
N CYS G 6 -34.67 3.08 44.13
CA CYS G 6 -33.37 2.92 43.42
C CYS G 6 -32.87 4.26 42.89
N LEU G 7 -31.60 4.59 43.16
CA LEU G 7 -30.93 5.79 42.60
C LEU G 7 -30.28 5.42 41.27
N GLY G 8 -30.27 6.35 40.30
CA GLY G 8 -29.72 6.14 38.94
C GLY G 8 -29.44 7.45 38.23
N HIS G 9 -28.80 7.36 37.06
CA HIS G 9 -28.35 8.51 36.20
C HIS G 9 -28.83 8.27 34.78
N HIS G 10 -28.95 9.34 33.99
CA HIS G 10 -29.41 9.26 32.59
C HIS G 10 -28.32 8.63 31.74
N ALA G 11 -28.67 8.31 30.50
CA ALA G 11 -27.81 7.66 29.51
C ALA G 11 -28.45 7.81 28.13
N VAL G 12 -27.64 7.68 27.09
CA VAL G 12 -28.05 7.81 25.66
C VAL G 12 -27.45 6.63 24.89
N ALA G 13 -28.00 6.30 23.74
CA ALA G 13 -27.54 5.17 22.89
C ALA G 13 -26.32 5.64 22.09
N ASN G 14 -26.30 6.93 21.70
CA ASN G 14 -25.23 7.55 20.88
C ASN G 14 -24.40 8.50 21.75
N GLY G 15 -23.38 7.95 22.44
CA GLY G 15 -22.40 8.71 23.23
C GLY G 15 -21.26 9.22 22.36
N THR G 16 -20.53 10.24 22.82
CA THR G 16 -19.36 10.84 22.13
C THR G 16 -18.06 10.42 22.82
N ILE G 17 -17.02 10.10 22.05
CA ILE G 17 -15.67 9.80 22.59
C ILE G 17 -14.91 11.10 22.85
N VAL G 18 -14.39 11.25 24.08
CA VAL G 18 -13.50 12.36 24.49
C VAL G 18 -12.26 11.74 25.12
N LYS G 19 -11.26 12.56 25.43
CA LYS G 19 -10.00 12.16 26.06
C LYS G 19 -9.90 12.84 27.43
N THR G 20 -9.76 12.02 28.47
CA THR G 20 -9.39 12.41 29.85
C THR G 20 -7.87 12.25 30.03
N LEU G 21 -7.34 12.61 31.20
CA LEU G 21 -5.91 12.47 31.59
C LEU G 21 -5.47 11.00 31.51
N THR G 22 -6.41 10.06 31.71
CA THR G 22 -6.13 8.61 31.87
C THR G 22 -6.61 7.81 30.65
N ASN G 23 -7.68 8.24 29.99
CA ASN G 23 -8.38 7.43 28.95
C ASN G 23 -8.44 8.28 27.68
N GLU G 24 -8.21 7.66 26.53
CA GLU G 24 -8.32 8.28 25.19
C GLU G 24 -9.68 7.94 24.56
N GLN G 25 -10.26 6.79 24.90
CA GLN G 25 -11.59 6.31 24.41
C GLN G 25 -12.58 6.35 25.57
N GLU G 26 -12.75 7.53 26.18
CA GLU G 26 -13.75 7.81 27.23
C GLU G 26 -15.03 8.31 26.57
N GLU G 27 -16.09 7.50 26.65
CA GLU G 27 -17.43 7.76 26.09
C GLU G 27 -18.25 8.54 27.13
N VAL G 28 -18.83 9.67 26.74
CA VAL G 28 -19.67 10.56 27.59
C VAL G 28 -21.01 10.81 26.90
N THR G 29 -21.96 11.46 27.59
CA THR G 29 -23.36 11.63 27.09
C THR G 29 -23.40 12.76 26.06
N ASN G 30 -22.50 13.72 26.16
CA ASN G 30 -22.49 14.90 25.27
C ASN G 30 -21.09 15.52 25.32
N ALA G 31 -20.64 16.11 24.20
CA ALA G 31 -19.38 16.86 24.09
C ALA G 31 -19.48 17.85 22.95
N THR G 32 -18.88 19.04 23.09
CA THR G 32 -18.84 20.09 22.06
C THR G 32 -17.38 20.32 21.60
N GLU G 33 -17.18 20.52 20.29
CA GLU G 33 -15.87 20.80 19.65
C GLU G 33 -15.32 22.15 20.17
N THR G 34 -13.98 22.29 20.28
CA THR G 34 -13.28 23.51 20.77
C THR G 34 -12.31 24.06 19.71
N VAL G 35 -12.18 23.40 18.57
CA VAL G 35 -11.28 23.80 17.44
C VAL G 35 -12.13 24.02 16.19
N GLU G 36 -12.12 25.25 15.65
CA GLU G 36 -12.85 25.57 14.40
C GLU G 36 -12.05 25.02 13.21
N SER G 37 -12.68 24.15 12.44
CA SER G 37 -12.11 23.50 11.23
C SER G 37 -12.69 24.13 9.96
N THR G 38 -13.96 24.57 10.00
CA THR G 38 -14.70 25.15 8.85
C THR G 38 -14.55 26.68 8.88
N SER G 39 -14.10 27.24 7.74
CA SER G 39 -13.98 28.69 7.47
C SER G 39 -15.17 29.14 6.59
N LEU G 40 -15.20 30.43 6.26
CA LEU G 40 -16.12 31.01 5.25
C LEU G 40 -15.26 31.74 4.20
N ASN G 41 -15.53 31.50 2.91
CA ASN G 41 -14.73 32.02 1.77
C ASN G 41 -15.20 33.43 1.40
N ARG G 42 -15.21 34.34 2.39
CA ARG G 42 -15.72 35.73 2.26
C ARG G 42 -15.10 36.59 3.37
N LEU G 43 -14.98 37.90 3.16
CA LEU G 43 -14.41 38.88 4.13
C LEU G 43 -15.56 39.61 4.83
N CYS G 44 -15.77 39.37 6.12
CA CYS G 44 -16.85 40.02 6.92
C CYS G 44 -16.59 41.53 6.99
N MET G 45 -17.49 42.34 6.46
CA MET G 45 -17.34 43.82 6.42
C MET G 45 -18.66 44.48 6.83
N LYS G 46 -18.97 44.41 8.12
CA LYS G 46 -20.07 45.13 8.80
C LYS G 46 -19.48 45.94 9.95
N GLY G 47 -19.92 47.18 10.12
CA GLY G 47 -19.41 48.12 11.15
C GLY G 47 -17.94 48.40 10.94
N ARG G 48 -17.37 47.97 9.80
CA ARG G 48 -15.96 48.22 9.42
C ARG G 48 -15.95 49.07 8.14
N ASN G 49 -15.27 50.21 8.17
CA ASN G 49 -15.04 51.11 7.00
C ASN G 49 -14.01 50.47 6.05
N HIS G 50 -14.36 49.40 5.33
CA HIS G 50 -13.39 48.62 4.52
C HIS G 50 -13.05 49.37 3.23
N LYS G 51 -11.84 49.16 2.71
CA LYS G 51 -11.31 49.83 1.50
C LYS G 51 -10.54 48.84 0.61
N ASP G 52 -11.19 47.83 0.00
CA ASP G 52 -10.55 46.91 -0.99
C ASP G 52 -9.72 47.74 -1.97
N LEU G 53 -8.47 47.33 -2.22
CA LEU G 53 -7.54 48.04 -3.15
C LEU G 53 -7.43 47.31 -4.49
N GLY G 54 -8.01 46.12 -4.64
CA GLY G 54 -8.06 45.40 -5.94
C GLY G 54 -6.70 45.38 -6.61
N ASN G 55 -6.59 45.93 -7.83
CA ASN G 55 -5.33 46.01 -8.63
C ASN G 55 -4.26 46.86 -7.94
N CYS G 56 -4.62 47.71 -6.97
CA CYS G 56 -3.70 48.75 -6.39
C CYS G 56 -2.84 48.12 -5.30
N HIS G 57 -1.50 48.17 -5.47
CA HIS G 57 -0.55 47.86 -4.38
C HIS G 57 -0.44 49.10 -3.50
N PRO G 58 -0.35 48.95 -2.16
CA PRO G 58 -0.41 50.10 -1.25
C PRO G 58 0.70 51.13 -1.49
N ILE G 59 1.89 50.70 -1.91
CA ILE G 59 3.01 51.65 -2.22
C ILE G 59 2.54 52.52 -3.39
N GLY G 60 1.89 51.91 -4.38
CA GLY G 60 1.40 52.58 -5.60
C GLY G 60 0.49 53.76 -5.29
N MET G 61 -0.36 53.61 -4.29
CA MET G 61 -1.28 54.66 -3.79
C MET G 61 -0.49 55.96 -3.48
N LEU G 62 0.53 55.91 -2.63
CA LEU G 62 1.41 57.09 -2.33
C LEU G 62 2.12 57.58 -3.59
N ILE G 63 2.58 56.66 -4.42
CA ILE G 63 3.46 57.01 -5.58
C ILE G 63 2.59 57.59 -6.71
N GLY G 64 1.36 57.09 -6.89
CA GLY G 64 0.34 57.67 -7.78
C GLY G 64 0.15 56.94 -9.10
N THR G 65 0.46 55.64 -9.20
CA THR G 65 0.30 54.85 -10.46
C THR G 65 -1.19 54.83 -10.84
N PRO G 66 -1.54 54.85 -12.15
CA PRO G 66 -2.93 54.99 -12.60
C PRO G 66 -4.00 54.04 -12.03
N ALA G 67 -3.60 52.81 -11.72
CA ALA G 67 -4.47 51.78 -11.09
C ALA G 67 -4.90 52.25 -9.69
N CYS G 68 -4.10 53.09 -9.03
CA CYS G 68 -4.33 53.56 -7.64
C CYS G 68 -5.01 54.95 -7.63
N ASP G 69 -5.55 55.39 -8.76
CA ASP G 69 -6.13 56.76 -8.93
C ASP G 69 -7.31 56.91 -7.96
N LEU G 70 -8.19 55.91 -7.92
CA LEU G 70 -9.38 55.87 -7.01
C LEU G 70 -8.94 55.86 -5.54
N HIS G 71 -7.83 55.20 -5.22
CA HIS G 71 -7.35 54.97 -3.82
C HIS G 71 -6.24 55.97 -3.44
N LEU G 72 -6.12 57.06 -4.20
CA LEU G 72 -5.08 58.09 -3.96
C LEU G 72 -5.20 58.66 -2.53
N THR G 73 -6.41 58.89 -2.00
CA THR G 73 -6.62 59.36 -0.60
C THR G 73 -7.86 58.71 0.02
N GLY G 74 -8.10 58.95 1.31
CA GLY G 74 -9.26 58.44 2.05
C GLY G 74 -8.94 58.16 3.50
N THR G 75 -9.97 57.94 4.32
CA THR G 75 -9.86 57.50 5.73
C THR G 75 -10.71 56.24 5.89
N TRP G 76 -10.16 55.23 6.56
CA TRP G 76 -10.84 53.93 6.81
C TRP G 76 -10.45 53.41 8.22
N ASP G 77 -10.85 52.18 8.53
CA ASP G 77 -10.48 51.43 9.76
C ASP G 77 -9.87 50.09 9.36
N THR G 78 -10.02 49.68 8.09
CA THR G 78 -9.53 48.41 7.53
C THR G 78 -8.99 48.60 6.11
N LEU G 79 -7.85 47.99 5.82
CA LEU G 79 -7.19 48.01 4.49
C LEU G 79 -7.08 46.58 3.98
N ILE G 80 -7.44 46.35 2.71
CA ILE G 80 -7.37 45.02 2.04
C ILE G 80 -6.43 45.13 0.83
N GLU G 81 -5.47 44.22 0.70
CA GLU G 81 -4.52 44.15 -0.45
C GLU G 81 -4.79 42.84 -1.20
N ARG G 82 -4.28 42.69 -2.44
CA ARG G 82 -4.63 41.57 -3.34
C ARG G 82 -3.39 40.99 -4.03
N LYS G 83 -3.52 39.76 -4.52
CA LYS G 83 -2.47 39.01 -5.28
C LYS G 83 -2.18 39.74 -6.60
N ASN G 84 -0.90 39.89 -6.94
CA ASN G 84 -0.42 40.49 -8.21
C ASN G 84 -0.90 41.94 -8.34
N ALA G 85 -1.05 42.65 -7.22
CA ALA G 85 -1.35 44.09 -7.17
C ALA G 85 -0.19 44.87 -7.79
N ILE G 86 -0.48 45.98 -8.48
CA ILE G 86 0.51 46.80 -9.23
C ILE G 86 0.96 47.94 -8.32
N ALA G 87 2.25 47.99 -7.96
CA ALA G 87 2.85 49.01 -7.08
C ALA G 87 3.56 50.06 -7.94
N TYR G 88 4.35 49.60 -8.91
CA TYR G 88 5.21 50.45 -9.79
C TYR G 88 4.75 50.20 -11.23
N CYS G 89 4.27 51.24 -11.89
CA CYS G 89 3.92 51.20 -13.33
C CYS G 89 5.18 50.91 -14.13
N TYR G 90 6.20 51.76 -13.96
CA TYR G 90 7.57 51.63 -14.52
C TYR G 90 8.39 50.81 -13.54
N PRO G 91 9.20 49.82 -14.00
CA PRO G 91 9.81 48.82 -13.10
C PRO G 91 10.77 49.37 -12.03
N GLY G 92 10.82 48.69 -10.88
CA GLY G 92 11.63 49.09 -9.72
C GLY G 92 11.20 48.41 -8.44
N ALA G 93 11.64 48.93 -7.29
CA ALA G 93 11.30 48.43 -5.94
C ALA G 93 11.48 49.56 -4.91
N THR G 94 11.18 49.27 -3.64
CA THR G 94 11.23 50.26 -2.53
C THR G 94 12.22 49.81 -1.46
N VAL G 95 13.23 50.63 -1.19
CA VAL G 95 14.17 50.44 -0.03
C VAL G 95 13.32 50.37 1.23
N ASN G 96 13.38 49.25 1.96
CA ASN G 96 12.54 48.92 3.15
C ASN G 96 11.06 48.82 2.70
N GLU G 97 10.82 48.20 1.55
CA GLU G 97 9.47 48.02 0.95
C GLU G 97 8.50 47.54 2.02
N GLU G 98 8.75 46.36 2.57
CA GLU G 98 7.83 45.66 3.51
C GLU G 98 7.65 46.51 4.78
N ALA G 99 8.71 47.19 5.24
CA ALA G 99 8.69 48.09 6.43
C ALA G 99 7.78 49.30 6.17
N LEU G 100 7.89 49.93 5.00
CA LEU G 100 7.00 51.03 4.54
C LEU G 100 5.56 50.51 4.40
N ARG G 101 5.40 49.47 3.56
CA ARG G 101 4.13 48.77 3.27
C ARG G 101 3.43 48.41 4.58
N GLN G 102 4.20 48.04 5.61
CA GLN G 102 3.66 47.74 6.97
C GLN G 102 2.95 48.99 7.51
N LYS G 103 3.59 50.15 7.42
CA LYS G 103 3.13 51.41 8.05
C LYS G 103 1.84 51.88 7.37
N ILE G 104 1.76 51.72 6.04
CA ILE G 104 0.53 51.95 5.23
C ILE G 104 -0.62 51.06 5.76
N MET G 105 -0.33 49.77 5.99
CA MET G 105 -1.34 48.76 6.40
C MET G 105 -1.65 48.92 7.90
N GLU G 106 -0.72 49.44 8.70
CA GLU G 106 -0.93 49.78 10.14
C GLU G 106 -1.80 51.04 10.24
N SER G 107 -1.62 51.98 9.31
CA SER G 107 -2.30 53.31 9.27
C SER G 107 -3.73 53.15 8.74
N GLY G 108 -4.66 53.88 9.35
CA GLY G 108 -6.09 53.88 8.96
C GLY G 108 -6.42 54.86 7.84
N GLY G 109 -5.52 55.75 7.44
CA GLY G 109 -5.83 56.71 6.35
C GLY G 109 -4.60 57.36 5.75
N ILE G 110 -4.73 57.94 4.55
CA ILE G 110 -3.67 58.73 3.86
C ILE G 110 -4.26 60.06 3.38
N SER G 111 -3.57 61.17 3.68
CA SER G 111 -3.93 62.54 3.24
C SER G 111 -2.75 63.15 2.50
N LYS G 112 -2.90 63.38 1.20
CA LYS G 112 -1.87 64.00 0.32
C LYS G 112 -1.71 65.47 0.68
N ILE G 113 -0.54 66.04 0.39
CA ILE G 113 -0.21 67.46 0.70
C ILE G 113 0.64 68.03 -0.44
N ASN G 114 0.14 69.10 -1.07
CA ASN G 114 0.85 69.88 -2.12
C ASN G 114 2.18 70.38 -1.52
N THR G 115 3.27 70.21 -2.28
CA THR G 115 4.67 70.55 -1.91
C THR G 115 4.97 71.99 -2.33
N GLY G 116 4.37 72.44 -3.44
CA GLY G 116 4.43 73.83 -3.94
C GLY G 116 5.77 74.12 -4.59
N PHE G 117 6.17 73.32 -5.58
CA PHE G 117 7.43 73.45 -6.35
C PHE G 117 7.16 74.12 -7.71
N THR G 118 8.08 75.00 -8.12
CA THR G 118 8.12 75.67 -9.46
C THR G 118 9.53 75.50 -10.03
N TYR G 119 9.70 75.68 -11.35
CA TYR G 119 10.92 75.31 -12.11
C TYR G 119 11.20 76.33 -13.23
N GLY G 120 12.32 76.12 -13.95
CA GLY G 120 12.73 76.90 -15.14
C GLY G 120 12.52 76.11 -16.42
N SER G 121 12.91 76.70 -17.56
CA SER G 121 12.68 76.16 -18.93
C SER G 121 13.80 75.20 -19.33
N SER G 122 14.89 75.15 -18.54
CA SER G 122 16.08 74.28 -18.77
C SER G 122 15.73 72.81 -18.51
N ILE G 123 15.14 72.52 -17.33
CA ILE G 123 14.63 71.18 -16.93
C ILE G 123 13.15 71.08 -17.30
N ASN G 124 12.75 69.98 -17.96
CA ASN G 124 11.34 69.61 -18.22
C ASN G 124 10.92 68.56 -17.18
N SER G 125 10.33 69.01 -16.08
CA SER G 125 9.90 68.18 -14.93
C SER G 125 8.79 67.20 -15.38
N ALA G 126 7.93 67.62 -16.30
CA ALA G 126 6.70 66.89 -16.72
C ALA G 126 7.03 65.81 -17.77
N GLY G 127 7.85 64.81 -17.40
CA GLY G 127 8.26 63.70 -18.28
C GLY G 127 7.29 62.54 -18.24
N THR G 128 6.59 62.28 -19.36
CA THR G 128 5.49 61.27 -19.49
C THR G 128 6.03 59.99 -20.14
N THR G 129 5.79 58.84 -19.51
CA THR G 129 6.19 57.49 -20.00
C THR G 129 4.98 56.75 -20.56
N LYS G 130 5.16 56.03 -21.67
CA LYS G 130 4.11 55.24 -22.36
C LYS G 130 3.74 54.00 -21.56
N ALA G 131 4.60 53.55 -20.63
CA ALA G 131 4.33 52.41 -19.73
C ALA G 131 3.05 52.66 -18.93
N CYS G 132 2.85 53.88 -18.41
CA CYS G 132 1.69 54.30 -17.57
C CYS G 132 0.57 54.83 -18.47
N MET G 133 -0.44 53.99 -18.72
CA MET G 133 -1.67 54.34 -19.50
C MET G 133 -2.56 55.25 -18.66
N ARG G 134 -3.02 56.37 -19.20
CA ARG G 134 -4.06 57.26 -18.61
C ARG G 134 -4.92 57.86 -19.73
N ASN G 135 -6.18 57.41 -19.85
CA ASN G 135 -7.23 58.06 -20.67
C ASN G 135 -6.80 58.06 -22.16
N GLY G 136 -6.34 56.93 -22.67
CA GLY G 136 -5.96 56.76 -24.08
C GLY G 136 -4.53 57.18 -24.36
N GLY G 137 -4.12 58.36 -23.86
CA GLY G 137 -2.79 58.94 -24.08
C GLY G 137 -1.76 58.45 -23.07
N ASN G 138 -0.54 59.00 -23.14
CA ASN G 138 0.58 58.73 -22.19
C ASN G 138 0.32 59.53 -20.91
N SER G 139 1.12 59.32 -19.88
CA SER G 139 1.00 60.01 -18.56
C SER G 139 2.14 59.62 -17.62
N PHE G 140 2.18 60.26 -16.46
CA PHE G 140 3.19 60.05 -15.40
C PHE G 140 2.52 59.92 -14.04
N TYR G 141 3.27 59.46 -13.05
CA TYR G 141 2.87 59.32 -11.62
C TYR G 141 2.26 60.65 -11.16
N ALA G 142 1.07 60.59 -10.56
CA ALA G 142 0.20 61.75 -10.28
C ALA G 142 0.92 62.76 -9.39
N GLU G 143 1.74 62.27 -8.45
CA GLU G 143 2.30 63.09 -7.35
C GLU G 143 3.81 63.29 -7.52
N LEU G 144 4.39 62.77 -8.61
CA LEU G 144 5.84 62.90 -8.91
C LEU G 144 6.04 63.65 -10.22
N LYS G 145 7.29 64.06 -10.44
CA LYS G 145 7.79 64.67 -11.70
C LYS G 145 9.14 64.04 -12.05
N TRP G 146 9.52 64.08 -13.33
CA TRP G 146 10.75 63.45 -13.88
C TRP G 146 11.85 64.52 -14.05
N LEU G 147 13.10 64.16 -13.73
CA LEU G 147 14.32 65.01 -13.85
C LEU G 147 15.01 64.71 -15.19
N VAL G 148 14.79 65.53 -16.24
CA VAL G 148 15.40 65.34 -17.59
C VAL G 148 15.71 66.71 -18.23
N SER G 149 16.75 66.75 -19.08
CA SER G 149 17.19 67.94 -19.87
C SER G 149 16.24 68.16 -21.05
N LYS G 150 15.87 69.42 -21.29
CA LYS G 150 14.93 69.86 -22.37
C LYS G 150 15.44 69.34 -23.72
N ASN G 151 16.72 69.54 -24.03
CA ASN G 151 17.42 69.03 -25.24
C ASN G 151 18.36 67.90 -24.84
N LYS G 152 18.10 66.68 -25.32
CA LYS G 152 18.87 65.44 -25.01
C LYS G 152 20.37 65.68 -25.23
N GLY G 153 21.21 65.26 -24.28
CA GLY G 153 22.68 65.35 -24.37
C GLY G 153 23.23 66.53 -23.58
N GLN G 154 22.44 67.61 -23.48
CA GLN G 154 22.81 68.86 -22.76
C GLN G 154 23.07 68.51 -21.29
N ASN G 155 23.96 69.27 -20.64
CA ASN G 155 24.34 69.11 -19.21
C ASN G 155 23.15 69.53 -18.34
N PHE G 156 22.63 68.61 -17.51
CA PHE G 156 21.43 68.78 -16.64
C PHE G 156 21.74 69.82 -15.57
N PRO G 157 21.02 70.96 -15.52
CA PRO G 157 21.24 71.95 -14.46
C PRO G 157 21.25 71.27 -13.08
N GLN G 158 22.00 71.85 -12.14
CA GLN G 158 22.05 71.41 -10.72
C GLN G 158 21.12 72.32 -9.90
N THR G 159 19.80 72.24 -10.15
CA THR G 159 18.77 72.94 -9.34
C THR G 159 18.56 72.15 -8.05
N THR G 160 18.26 72.86 -6.96
CA THR G 160 18.04 72.32 -5.59
C THR G 160 16.74 72.93 -5.06
N ASN G 161 15.87 72.11 -4.44
CA ASN G 161 14.61 72.57 -3.83
C ASN G 161 14.47 71.97 -2.42
N THR G 162 13.65 72.63 -1.60
CA THR G 162 13.40 72.33 -0.17
C THR G 162 11.91 72.50 0.12
N TYR G 163 11.35 71.65 1.00
CA TYR G 163 9.91 71.63 1.37
C TYR G 163 9.77 71.76 2.89
N ARG G 164 9.03 72.78 3.34
CA ARG G 164 8.73 73.04 4.77
C ARG G 164 7.58 72.12 5.21
N ASN G 165 7.63 71.66 6.46
CA ASN G 165 6.53 70.88 7.08
C ASN G 165 5.86 71.74 8.16
N ALA G 166 4.77 72.43 7.79
CA ALA G 166 3.85 73.13 8.70
C ALA G 166 2.60 72.25 8.89
N ASP G 167 2.71 71.24 9.75
CA ASP G 167 1.59 70.38 10.21
C ASP G 167 1.89 69.96 11.65
N THR G 168 0.87 69.47 12.37
CA THR G 168 0.95 69.01 13.78
C THR G 168 1.82 67.74 13.89
N ALA G 169 1.67 66.78 12.98
CA ALA G 169 2.27 65.41 13.06
C ALA G 169 3.29 65.21 11.92
N GLU G 170 3.75 63.96 11.74
CA GLU G 170 4.83 63.57 10.79
C GLU G 170 4.29 63.57 9.35
N HIS G 171 5.17 63.77 8.36
CA HIS G 171 4.85 63.85 6.91
C HIS G 171 5.78 62.92 6.13
N LEU G 172 5.23 62.07 5.29
CA LEU G 172 5.97 60.99 4.57
C LEU G 172 6.23 61.45 3.13
N ILE G 173 7.48 61.74 2.78
CA ILE G 173 7.88 62.21 1.41
C ILE G 173 8.63 61.08 0.70
N MET G 174 8.32 60.87 -0.58
CA MET G 174 8.94 59.86 -1.48
C MET G 174 9.46 60.54 -2.74
N TRP G 175 10.62 60.10 -3.25
CA TRP G 175 11.23 60.64 -4.48
C TRP G 175 11.90 59.55 -5.31
N GLY G 176 11.88 59.74 -6.63
CA GLY G 176 12.25 58.74 -7.64
C GLY G 176 13.61 59.01 -8.23
N ILE G 177 14.55 58.07 -8.02
CA ILE G 177 15.90 58.01 -8.64
C ILE G 177 15.84 57.01 -9.81
N HIS G 178 16.37 57.38 -10.98
CA HIS G 178 16.33 56.54 -12.22
C HIS G 178 17.73 55.94 -12.51
N HIS G 179 17.75 54.65 -12.83
CA HIS G 179 18.95 53.89 -13.26
C HIS G 179 18.81 53.58 -14.76
N PRO G 180 19.57 54.26 -15.65
CA PRO G 180 19.43 54.02 -17.10
C PRO G 180 19.92 52.61 -17.49
N SER G 181 19.43 52.10 -18.63
CA SER G 181 19.81 50.78 -19.21
C SER G 181 21.21 50.82 -19.83
N SER G 182 21.82 52.02 -19.99
CA SER G 182 23.13 52.20 -20.67
C SER G 182 23.68 53.62 -20.47
N THR G 183 24.85 53.89 -21.04
CA THR G 183 25.50 55.23 -21.16
C THR G 183 24.76 56.08 -22.19
N GLN G 184 24.30 55.45 -23.28
CA GLN G 184 23.61 56.09 -24.45
C GLN G 184 22.27 56.71 -23.99
N GLU G 185 21.53 56.02 -23.11
CA GLU G 185 20.25 56.47 -22.51
C GLU G 185 20.53 57.45 -21.37
N LYS G 186 21.67 57.34 -20.69
CA LYS G 186 22.05 58.28 -19.58
C LYS G 186 22.44 59.64 -20.17
N ASN G 187 23.25 59.67 -21.23
CA ASN G 187 23.77 60.95 -21.83
C ASN G 187 22.58 61.84 -22.19
N ASP G 188 21.58 61.30 -22.89
CA ASP G 188 20.35 62.02 -23.30
C ASP G 188 19.75 62.69 -22.07
N LEU G 189 19.45 61.90 -21.02
CA LEU G 189 18.55 62.30 -19.91
C LEU G 189 19.24 63.27 -18.94
N TYR G 190 20.47 62.99 -18.51
CA TYR G 190 21.15 63.70 -17.41
C TYR G 190 22.50 64.31 -17.87
N GLY G 191 22.98 63.94 -19.07
CA GLY G 191 24.28 64.38 -19.60
C GLY G 191 25.38 63.38 -19.31
N THR G 192 26.48 63.42 -20.08
CA THR G 192 27.67 62.53 -19.91
C THR G 192 28.29 62.78 -18.54
N GLN G 193 28.41 64.05 -18.15
CA GLN G 193 29.00 64.51 -16.86
C GLN G 193 28.41 63.66 -15.72
N SER G 194 29.28 63.02 -14.93
CA SER G 194 28.93 62.15 -13.77
C SER G 194 28.26 63.00 -12.69
N LEU G 195 27.27 62.44 -11.98
CA LEU G 195 26.43 63.25 -11.05
C LEU G 195 25.82 62.42 -9.91
N SER G 196 25.66 63.09 -8.76
CA SER G 196 25.22 62.52 -7.46
C SER G 196 23.85 63.10 -7.06
N ILE G 197 23.14 62.35 -6.21
CA ILE G 197 21.87 62.74 -5.53
C ILE G 197 22.14 62.67 -4.02
N SER G 198 21.59 63.61 -3.24
CA SER G 198 21.78 63.70 -1.78
C SER G 198 20.54 64.33 -1.12
N VAL G 199 20.31 64.06 0.16
CA VAL G 199 19.15 64.59 0.95
C VAL G 199 19.66 65.07 2.32
N GLY G 200 18.90 65.95 2.98
CA GLY G 200 19.22 66.54 4.30
C GLY G 200 17.98 66.84 5.12
N SER G 201 18.14 66.83 6.45
CA SER G 201 17.09 67.10 7.46
C SER G 201 17.77 67.18 8.84
N SER G 202 17.00 67.40 9.92
CA SER G 202 17.54 67.44 11.30
C SER G 202 18.01 66.04 11.71
N THR G 203 17.39 64.98 11.17
CA THR G 203 17.68 63.55 11.53
C THR G 203 18.22 62.76 10.32
N TYR G 204 17.82 63.08 9.09
CA TYR G 204 18.02 62.21 7.90
C TYR G 204 18.86 62.89 6.82
N LYS G 205 20.01 62.27 6.49
CA LYS G 205 20.92 62.64 5.37
C LYS G 205 21.41 61.34 4.69
N ASN G 206 21.56 61.35 3.37
CA ASN G 206 21.92 60.12 2.60
C ASN G 206 22.28 60.48 1.14
N ASN G 207 23.38 59.92 0.64
CA ASN G 207 23.81 60.03 -0.78
C ASN G 207 23.17 58.90 -1.59
N PHE G 208 22.85 59.16 -2.86
CA PHE G 208 22.29 58.21 -3.83
C PHE G 208 22.98 58.40 -5.19
N VAL G 209 23.51 57.33 -5.78
CA VAL G 209 24.23 57.35 -7.10
C VAL G 209 23.48 56.44 -8.08
N PRO G 210 23.11 56.92 -9.28
CA PRO G 210 22.42 56.08 -10.26
C PRO G 210 23.31 54.95 -10.82
N VAL G 211 22.80 53.71 -10.78
CA VAL G 211 23.42 52.45 -11.30
C VAL G 211 23.08 52.28 -12.79
N VAL G 212 24.01 52.63 -13.68
CA VAL G 212 23.81 52.51 -15.15
C VAL G 212 24.41 51.18 -15.61
N GLY G 213 23.62 50.35 -16.30
CA GLY G 213 24.06 49.07 -16.90
C GLY G 213 22.90 48.34 -17.54
N ALA G 214 23.18 47.52 -18.57
CA ALA G 214 22.17 46.73 -19.32
C ALA G 214 21.54 45.68 -18.39
N ARG G 215 20.26 45.36 -18.64
CA ARG G 215 19.48 44.36 -17.88
C ARG G 215 18.26 43.94 -18.71
N PRO G 216 17.58 42.82 -18.37
CA PRO G 216 16.42 42.38 -19.14
C PRO G 216 15.23 43.36 -19.05
N GLN G 217 14.46 43.48 -20.14
CA GLN G 217 13.27 44.35 -20.26
C GLN G 217 12.20 43.88 -19.27
N VAL G 218 11.60 44.82 -18.52
CA VAL G 218 10.43 44.59 -17.61
C VAL G 218 9.35 45.62 -17.96
N ASN G 219 8.15 45.14 -18.35
CA ASN G 219 6.98 45.98 -18.73
C ASN G 219 7.38 46.93 -19.87
N GLY G 220 8.11 46.39 -20.84
CA GLY G 220 8.49 47.10 -22.09
C GLY G 220 9.62 48.09 -21.86
N GLN G 221 10.19 48.15 -20.65
CA GLN G 221 11.31 49.07 -20.32
C GLN G 221 12.42 48.32 -19.58
N SER G 222 13.59 48.19 -20.20
CA SER G 222 14.82 47.62 -19.58
C SER G 222 15.30 48.52 -18.45
N GLY G 223 15.17 49.85 -18.58
CA GLY G 223 15.55 50.83 -17.55
C GLY G 223 14.76 50.60 -16.27
N ARG G 224 15.28 51.04 -15.11
CA ARG G 224 14.69 50.79 -13.78
C ARG G 224 14.66 52.09 -12.96
N ILE G 225 13.50 52.44 -12.36
CA ILE G 225 13.31 53.61 -11.43
C ILE G 225 13.07 53.05 -10.03
N ASP G 226 13.84 53.50 -9.03
CA ASP G 226 13.67 53.07 -7.62
C ASP G 226 13.31 54.31 -6.78
N PHE G 227 12.31 54.16 -5.91
CA PHE G 227 11.74 55.25 -5.08
C PHE G 227 12.27 55.11 -3.65
N HIS G 228 12.84 56.18 -3.11
CA HIS G 228 13.33 56.28 -1.71
C HIS G 228 12.33 57.10 -0.90
N TRP G 229 12.27 56.87 0.42
CA TRP G 229 11.29 57.53 1.30
C TRP G 229 11.91 57.85 2.65
N THR G 230 11.44 58.92 3.28
CA THR G 230 11.79 59.32 4.66
C THR G 230 10.66 60.15 5.26
N LEU G 231 10.49 60.03 6.57
CA LEU G 231 9.67 60.95 7.41
C LEU G 231 10.39 62.30 7.48
N VAL G 232 9.61 63.38 7.60
CA VAL G 232 10.09 64.77 7.87
C VAL G 232 9.25 65.35 9.00
N GLN G 233 9.88 65.67 10.13
CA GLN G 233 9.17 66.02 11.38
C GLN G 233 8.71 67.48 11.32
N PRO G 234 7.65 67.84 12.07
CA PRO G 234 7.11 69.21 12.08
C PRO G 234 8.13 70.31 12.37
N GLY G 235 8.12 71.37 11.56
CA GLY G 235 8.99 72.55 11.68
C GLY G 235 10.40 72.24 11.20
N ASP G 236 10.54 71.29 10.27
CA ASP G 236 11.84 70.89 9.68
C ASP G 236 11.77 71.06 8.16
N LYS G 237 12.80 71.68 7.58
CA LYS G 237 12.99 71.84 6.11
C LYS G 237 13.62 70.56 5.54
N ILE G 238 13.02 69.98 4.50
CA ILE G 238 13.57 68.80 3.76
C ILE G 238 14.30 69.31 2.52
N THR G 239 15.61 69.08 2.44
CA THR G 239 16.49 69.60 1.37
C THR G 239 17.23 68.43 0.69
N PHE G 240 17.06 68.27 -0.62
CA PHE G 240 17.81 67.27 -1.42
C PHE G 240 18.37 67.93 -2.70
N SER G 241 19.66 67.71 -2.96
CA SER G 241 20.40 68.24 -4.12
C SER G 241 20.73 67.09 -5.08
N HIS G 242 20.30 67.21 -6.34
CA HIS G 242 20.51 66.21 -7.41
C HIS G 242 21.03 66.92 -8.66
N ASN G 243 21.82 66.22 -9.47
CA ASN G 243 22.26 66.70 -10.82
C ASN G 243 21.31 66.09 -11.86
N ALA G 248 11.15 63.80 -7.49
CA ALA G 248 10.63 65.17 -7.70
C ALA G 248 9.14 65.22 -7.33
N PRO G 249 8.82 65.08 -6.02
CA PRO G 249 7.43 64.97 -5.58
C PRO G 249 6.72 66.32 -5.44
N SER G 250 5.68 66.54 -6.26
CA SER G 250 4.79 67.74 -6.20
C SER G 250 3.88 67.65 -4.96
N ARG G 251 3.47 66.44 -4.56
CA ARG G 251 2.67 66.19 -3.32
C ARG G 251 3.36 65.14 -2.44
N VAL G 252 3.47 65.43 -1.14
CA VAL G 252 3.85 64.46 -0.07
C VAL G 252 2.57 63.77 0.43
N SER G 253 2.69 62.84 1.38
CA SER G 253 1.55 62.07 1.94
C SER G 253 1.64 62.05 3.48
N LYS G 254 0.52 61.75 4.15
CA LYS G 254 0.44 61.67 5.64
C LYS G 254 -0.49 60.54 6.05
N LEU G 255 -0.02 59.68 6.96
CA LEU G 255 -0.77 58.51 7.50
C LEU G 255 -1.74 58.99 8.58
N ILE G 256 -2.94 58.40 8.66
CA ILE G 256 -4.03 58.85 9.58
C ILE G 256 -4.35 57.72 10.57
N GLY G 257 -4.03 57.95 11.85
CA GLY G 257 -4.29 57.01 12.97
C GLY G 257 -3.84 55.61 12.63
N ARG G 258 -4.68 54.60 12.89
CA ARG G 258 -4.33 53.16 12.78
C ARG G 258 -5.53 52.36 12.27
N GLY G 259 -5.25 51.16 11.74
CA GLY G 259 -6.26 50.23 11.19
C GLY G 259 -5.67 48.88 10.85
N LEU G 260 -6.53 47.88 10.68
CA LEU G 260 -6.14 46.46 10.45
C LEU G 260 -5.88 46.22 8.96
N GLY G 261 -4.67 45.81 8.61
CA GLY G 261 -4.33 45.40 7.24
C GLY G 261 -4.58 43.93 6.99
N ILE G 262 -5.63 43.58 6.26
CA ILE G 262 -5.85 42.22 5.69
C ILE G 262 -4.99 42.08 4.42
N GLN G 263 -4.81 40.85 3.94
CA GLN G 263 -4.03 40.51 2.73
C GLN G 263 -4.64 39.27 2.09
N SER G 264 -5.95 39.26 1.84
CA SER G 264 -6.69 38.04 1.41
C SER G 264 -7.09 38.10 -0.07
N GLU G 265 -7.43 36.92 -0.61
CA GLU G 265 -7.91 36.70 -2.00
C GLU G 265 -9.44 36.54 -2.01
N ALA G 266 -10.09 36.53 -0.86
CA ALA G 266 -11.54 36.21 -0.75
C ALA G 266 -12.38 37.46 -1.04
N PRO G 267 -13.61 37.29 -1.60
CA PRO G 267 -14.54 38.41 -1.82
C PRO G 267 -15.21 38.92 -0.52
N ILE G 268 -15.78 40.13 -0.58
CA ILE G 268 -16.31 40.87 0.60
C ILE G 268 -17.76 40.45 0.80
N ASP G 269 -18.34 40.68 1.99
CA ASP G 269 -19.78 40.41 2.30
C ASP G 269 -20.42 41.66 2.92
N ASN G 270 -21.56 42.07 2.34
CA ASN G 270 -22.35 43.28 2.70
C ASN G 270 -22.68 43.25 4.20
N SER G 271 -23.24 42.15 4.71
CA SER G 271 -23.83 42.04 6.07
C SER G 271 -23.20 40.88 6.84
N CYS G 272 -21.89 40.96 7.07
CA CYS G 272 -21.02 40.00 7.78
C CYS G 272 -20.16 40.77 8.78
N GLU G 273 -20.12 40.35 10.05
CA GLU G 273 -19.26 41.02 11.08
C GLU G 273 -18.34 39.97 11.72
N SER G 274 -17.03 40.24 11.70
CA SER G 274 -15.95 39.41 12.29
C SER G 274 -14.81 40.30 12.77
N LYS G 275 -13.80 39.69 13.41
CA LYS G 275 -12.61 40.41 13.95
C LYS G 275 -11.34 39.61 13.61
N CYS G 276 -11.45 38.58 12.79
CA CYS G 276 -10.39 37.58 12.49
C CYS G 276 -10.50 37.24 11.02
N PHE G 277 -9.44 37.54 10.25
CA PHE G 277 -9.36 37.25 8.79
C PHE G 277 -8.03 36.55 8.53
N TRP G 278 -7.91 35.91 7.37
CA TRP G 278 -6.64 35.34 6.87
C TRP G 278 -6.67 35.31 5.34
N ARG G 279 -5.66 34.70 4.73
CA ARG G 279 -5.52 34.57 3.24
C ARG G 279 -6.72 33.85 2.63
N GLY G 280 -7.55 33.16 3.43
CA GLY G 280 -8.65 32.31 2.90
C GLY G 280 -10.02 32.80 3.34
N GLY G 281 -10.10 33.96 3.98
CA GLY G 281 -11.41 34.57 4.34
C GLY G 281 -11.42 35.02 5.79
N SER G 282 -12.55 34.85 6.46
CA SER G 282 -12.76 35.26 7.88
C SER G 282 -13.13 34.04 8.73
N ILE G 283 -12.59 34.00 9.95
CA ILE G 283 -12.88 32.95 10.96
C ILE G 283 -13.74 33.59 12.05
N ASN G 284 -15.02 33.23 12.05
CA ASN G 284 -16.07 33.97 12.81
C ASN G 284 -16.52 33.12 13.99
N THR G 285 -15.67 32.20 14.45
CA THR G 285 -16.02 31.14 15.42
C THR G 285 -15.96 31.69 16.86
N ARG G 286 -16.87 31.18 17.71
CA ARG G 286 -16.99 31.54 19.15
C ARG G 286 -15.96 30.70 19.94
N LEU G 287 -15.34 29.73 19.26
CA LEU G 287 -14.45 28.68 19.82
C LEU G 287 -13.07 29.24 20.11
N PRO G 288 -12.35 28.67 21.10
CA PRO G 288 -11.08 29.22 21.58
C PRO G 288 -9.84 28.87 20.74
N PHE G 289 -9.91 27.79 19.96
CA PHE G 289 -8.79 27.26 19.11
C PHE G 289 -9.30 27.06 17.67
N GLN G 290 -8.38 26.81 16.75
CA GLN G 290 -8.66 26.75 15.30
C GLN G 290 -7.44 26.19 14.58
N ASN G 291 -7.62 25.44 13.50
CA ASN G 291 -6.50 24.79 12.76
C ASN G 291 -6.55 25.18 11.27
N LEU G 292 -7.19 26.30 10.95
CA LEU G 292 -7.32 26.77 9.54
C LEU G 292 -5.95 27.23 9.00
N SER G 293 -5.25 28.08 9.74
CA SER G 293 -3.91 28.59 9.35
C SER G 293 -3.28 29.35 10.50
N PRO G 294 -1.94 29.29 10.65
CA PRO G 294 -1.23 30.06 11.67
C PRO G 294 -1.05 31.56 11.35
N ARG G 295 -1.13 31.91 10.05
CA ARG G 295 -1.15 33.32 9.56
C ARG G 295 -2.57 33.84 9.73
N THR G 296 -2.80 34.73 10.71
CA THR G 296 -4.11 35.39 10.93
C THR G 296 -3.88 36.81 11.45
N VAL G 297 -4.88 37.66 11.25
CA VAL G 297 -4.83 39.11 11.57
C VAL G 297 -6.07 39.45 12.39
N GLY G 298 -5.90 40.28 13.43
CA GLY G 298 -6.98 40.73 14.33
C GLY G 298 -7.16 39.81 15.52
N GLN G 299 -8.12 40.11 16.40
CA GLN G 299 -8.56 39.22 17.51
C GLN G 299 -8.88 37.85 16.90
N CYS G 300 -8.18 36.79 17.29
CA CYS G 300 -8.30 35.45 16.64
C CYS G 300 -8.22 34.32 17.66
N PRO G 301 -8.80 33.14 17.32
CA PRO G 301 -8.52 31.91 18.06
C PRO G 301 -7.08 31.49 17.79
N LYS G 302 -6.37 31.04 18.83
CA LYS G 302 -4.97 30.56 18.76
C LYS G 302 -4.93 29.32 17.85
N TYR G 303 -3.93 29.27 16.97
CA TYR G 303 -3.76 28.12 16.04
C TYR G 303 -3.35 26.92 16.90
N VAL G 304 -3.81 25.71 16.57
CA VAL G 304 -3.36 24.45 17.22
C VAL G 304 -3.15 23.38 16.13
N ASN G 305 -2.14 22.55 16.27
CA ASN G 305 -1.88 21.40 15.36
C ASN G 305 -2.77 20.23 15.74
N LYS G 306 -4.09 20.38 15.55
CA LYS G 306 -5.11 19.38 15.94
C LYS G 306 -6.37 19.57 15.09
N LYS G 307 -6.77 18.52 14.35
CA LYS G 307 -8.04 18.49 13.57
C LYS G 307 -9.23 18.79 14.49
N SER G 308 -9.37 18.00 15.56
CA SER G 308 -10.52 18.03 16.50
C SER G 308 -10.06 17.84 17.95
N LEU G 309 -10.69 18.55 18.88
CA LEU G 309 -10.53 18.38 20.34
C LEU G 309 -11.91 18.50 21.02
N MET G 310 -12.41 17.42 21.60
CA MET G 310 -13.81 17.32 22.09
C MET G 310 -13.87 17.58 23.61
N LEU G 311 -14.67 18.55 24.03
CA LEU G 311 -14.84 18.95 25.45
C LEU G 311 -16.15 18.36 25.99
N ALA G 312 -16.06 17.37 26.88
CA ALA G 312 -17.21 16.69 27.48
C ALA G 312 -18.07 17.72 28.21
N THR G 313 -19.39 17.63 27.97
CA THR G 313 -20.46 18.49 28.53
C THR G 313 -21.49 17.60 29.24
N GLY G 314 -21.08 16.42 29.68
CA GLY G 314 -21.97 15.43 30.32
C GLY G 314 -21.20 14.27 30.90
N MET G 315 -21.87 13.40 31.64
CA MET G 315 -21.24 12.34 32.47
C MET G 315 -20.83 11.16 31.58
N ARG G 316 -20.16 10.17 32.18
CA ARG G 316 -19.82 8.89 31.53
C ARG G 316 -21.10 8.29 30.96
N ASN G 317 -21.05 7.85 29.72
CA ASN G 317 -22.21 7.16 29.09
C ASN G 317 -22.04 5.67 29.33
N VAL G 318 -23.01 5.04 29.99
CA VAL G 318 -22.98 3.58 30.25
C VAL G 318 -24.36 3.00 29.98
N PRO G 319 -24.57 2.38 28.79
CA PRO G 319 -25.82 1.70 28.48
C PRO G 319 -25.91 0.32 29.15
N GLU G 320 -27.05 -0.39 29.01
CA GLU G 320 -27.38 -1.62 29.80
C GLU G 320 -26.33 -2.72 29.59
N GLY H 1 -14.61 5.11 38.60
CA GLY H 1 -14.37 6.57 38.78
C GLY H 1 -14.10 6.92 40.22
N LEU H 2 -13.51 8.11 40.46
CA LEU H 2 -13.08 8.60 41.79
C LEU H 2 -14.09 8.22 42.88
N PHE H 3 -15.38 8.48 42.67
CA PHE H 3 -16.42 8.41 43.73
C PHE H 3 -17.15 7.07 43.69
N GLY H 4 -16.82 6.18 42.76
CA GLY H 4 -17.32 4.79 42.74
C GLY H 4 -18.81 4.66 42.47
N ALA H 5 -19.51 5.77 42.16
CA ALA H 5 -20.97 5.77 41.91
C ALA H 5 -21.25 5.33 40.47
N ILE H 6 -20.80 6.11 39.47
CA ILE H 6 -21.18 5.98 38.03
C ILE H 6 -20.11 5.15 37.30
N ALA H 7 -20.55 4.12 36.58
CA ALA H 7 -19.69 3.03 36.08
C ALA H 7 -19.03 2.35 37.29
N GLY H 8 -19.71 2.42 38.44
CA GLY H 8 -19.24 1.85 39.71
C GLY H 8 -20.24 0.85 40.24
N PHE H 9 -20.74 1.09 41.47
CA PHE H 9 -21.72 0.21 42.16
C PHE H 9 -23.05 0.23 41.39
N ILE H 10 -23.41 1.37 40.80
CA ILE H 10 -24.52 1.49 39.80
C ILE H 10 -24.05 0.92 38.46
N GLU H 11 -24.70 -0.15 38.00
CA GLU H 11 -24.25 -1.00 36.87
C GLU H 11 -24.36 -0.22 35.56
N ASN H 12 -25.39 0.63 35.41
CA ASN H 12 -25.58 1.41 34.17
C ASN H 12 -26.60 2.54 34.36
N GLY H 13 -26.60 3.51 33.45
CA GLY H 13 -27.59 4.59 33.40
C GLY H 13 -28.87 4.13 32.74
N TRP H 14 -29.79 5.06 32.47
CA TRP H 14 -31.20 4.79 32.10
C TRP H 14 -31.60 5.64 30.90
N GLU H 15 -31.65 5.05 29.71
CA GLU H 15 -32.09 5.77 28.50
C GLU H 15 -33.53 6.26 28.75
N GLY H 16 -34.27 5.51 29.57
CA GLY H 16 -35.60 5.88 30.08
C GLY H 16 -35.67 7.30 30.62
N MET H 17 -34.63 7.79 31.32
CA MET H 17 -34.72 9.06 32.08
C MET H 17 -34.37 10.24 31.18
N VAL H 18 -35.39 10.97 30.74
CA VAL H 18 -35.31 12.08 29.74
C VAL H 18 -35.58 13.44 30.41
N ASP H 19 -36.16 13.46 31.61
CA ASP H 19 -36.58 14.72 32.30
C ASP H 19 -35.48 15.17 33.28
N GLY H 20 -34.33 14.51 33.30
CA GLY H 20 -33.20 14.93 34.16
C GLY H 20 -32.04 13.95 34.13
N TRP H 21 -30.91 14.34 34.71
CA TRP H 21 -29.65 13.53 34.68
C TRP H 21 -29.71 12.43 35.75
N TYR H 22 -30.03 12.83 36.98
CA TYR H 22 -30.12 11.94 38.16
C TYR H 22 -31.59 11.72 38.49
N GLY H 23 -31.96 10.56 39.02
CA GLY H 23 -33.34 10.31 39.45
C GLY H 23 -33.52 8.99 40.17
N PHE H 24 -34.78 8.72 40.55
CA PHE H 24 -35.23 7.54 41.33
C PHE H 24 -36.14 6.66 40.46
N ARG H 25 -36.03 5.35 40.65
CA ARG H 25 -37.00 4.33 40.17
C ARG H 25 -37.48 3.58 41.41
N HIS H 26 -38.75 3.75 41.79
CA HIS H 26 -39.33 3.09 42.99
C HIS H 26 -40.18 1.87 42.59
N GLN H 27 -40.45 1.02 43.56
CA GLN H 27 -41.26 -0.22 43.43
C GLN H 27 -41.87 -0.51 44.79
N ASN H 28 -43.21 -0.50 44.88
CA ASN H 28 -43.98 -0.82 46.10
C ASN H 28 -45.05 -1.87 45.74
N ALA H 29 -45.96 -2.14 46.69
CA ALA H 29 -47.16 -2.99 46.49
C ALA H 29 -48.01 -2.44 45.32
N GLN H 30 -48.19 -1.12 45.25
CA GLN H 30 -49.19 -0.48 44.36
C GLN H 30 -48.61 -0.23 42.96
N GLY H 31 -47.38 -0.69 42.68
CA GLY H 31 -46.80 -0.72 41.32
C GLY H 31 -45.35 -0.24 41.25
N THR H 32 -45.11 0.83 40.48
CA THR H 32 -43.76 1.37 40.11
C THR H 32 -43.87 2.82 39.61
N GLY H 33 -42.83 3.62 39.81
CA GLY H 33 -42.74 5.00 39.27
C GLY H 33 -41.30 5.40 38.99
N GLN H 34 -41.11 6.61 38.44
CA GLN H 34 -39.79 7.15 38.04
C GLN H 34 -39.84 8.68 38.05
N ALA H 35 -39.01 9.32 38.86
CA ALA H 35 -38.90 10.80 38.94
C ALA H 35 -37.43 11.21 38.95
N ALA H 36 -37.09 12.28 38.23
CA ALA H 36 -35.72 12.85 38.12
C ALA H 36 -35.49 13.87 39.23
N ASP H 37 -34.34 13.82 39.91
CA ASP H 37 -33.95 14.79 40.96
C ASP H 37 -33.52 16.10 40.29
N TYR H 38 -34.26 17.19 40.52
CA TYR H 38 -34.00 18.53 39.91
C TYR H 38 -32.71 19.09 40.51
N LYS H 39 -32.60 19.17 41.84
CA LYS H 39 -31.54 19.94 42.54
C LYS H 39 -30.14 19.47 42.13
N SER H 40 -29.92 18.16 42.05
CA SER H 40 -28.61 17.57 41.68
C SER H 40 -28.39 17.76 40.17
N THR H 41 -29.42 17.53 39.35
CA THR H 41 -29.36 17.70 37.87
C THR H 41 -28.96 19.13 37.57
N GLN H 42 -29.56 20.10 38.25
CA GLN H 42 -29.24 21.53 38.01
C GLN H 42 -27.80 21.81 38.47
N ALA H 43 -27.36 21.14 39.54
CA ALA H 43 -26.00 21.33 40.12
C ALA H 43 -24.93 20.96 39.07
N ALA H 44 -25.02 19.76 38.51
CA ALA H 44 -24.11 19.27 37.45
C ALA H 44 -24.10 20.27 36.30
N ILE H 45 -25.30 20.66 35.82
CA ILE H 45 -25.49 21.46 34.57
C ILE H 45 -24.99 22.88 34.83
N ASP H 46 -25.25 23.43 36.01
CA ASP H 46 -24.66 24.73 36.41
C ASP H 46 -23.14 24.61 36.27
N GLN H 47 -22.53 23.62 36.93
CA GLN H 47 -21.04 23.46 37.00
C GLN H 47 -20.46 23.35 35.58
N ILE H 48 -21.08 22.59 34.68
CA ILE H 48 -20.64 22.40 33.27
C ILE H 48 -20.77 23.72 32.50
N THR H 49 -21.83 24.48 32.75
CA THR H 49 -22.09 25.81 32.13
C THR H 49 -20.93 26.74 32.46
N GLY H 50 -20.56 26.80 33.75
CA GLY H 50 -19.44 27.61 34.26
C GLY H 50 -18.14 27.31 33.55
N LYS H 51 -17.94 26.04 33.15
CA LYS H 51 -16.76 25.61 32.36
C LYS H 51 -16.85 26.26 30.98
N LEU H 52 -17.93 26.01 30.24
CA LEU H 52 -18.13 26.50 28.85
C LEU H 52 -18.00 28.02 28.78
N ASN H 53 -18.43 28.74 29.83
CA ASN H 53 -18.27 30.22 29.95
C ASN H 53 -16.78 30.60 29.84
N ARG H 54 -15.92 29.95 30.63
CA ARG H 54 -14.47 30.23 30.73
C ARG H 54 -13.72 29.65 29.52
N ILE H 55 -14.14 28.49 29.01
CA ILE H 55 -13.41 27.72 27.96
C ILE H 55 -13.74 28.31 26.58
N ILE H 56 -15.01 28.53 26.26
CA ILE H 56 -15.41 29.03 24.92
C ILE H 56 -15.25 30.57 24.93
N LYS H 57 -14.05 31.03 24.57
CA LYS H 57 -13.69 32.46 24.49
C LYS H 57 -12.25 32.61 23.96
N LYS H 58 -11.87 33.83 23.61
CA LYS H 58 -10.59 34.20 22.96
C LYS H 58 -10.11 35.51 23.56
N THR H 59 -8.80 35.78 23.57
CA THR H 59 -8.22 37.04 24.11
C THR H 59 -8.61 38.18 23.16
N ASN H 60 -8.84 39.38 23.70
CA ASN H 60 -9.17 40.59 22.90
C ASN H 60 -7.86 41.29 22.53
N THR H 61 -6.99 40.61 21.77
CA THR H 61 -5.63 41.08 21.40
C THR H 61 -5.52 41.19 19.88
N GLU H 62 -5.15 42.36 19.40
CA GLU H 62 -5.05 42.69 17.96
C GLU H 62 -3.72 42.17 17.43
N PHE H 63 -3.76 41.23 16.49
CA PHE H 63 -2.55 40.71 15.80
C PHE H 63 -2.52 41.25 14.37
N GLU H 64 -1.67 42.27 14.17
CA GLU H 64 -1.17 42.68 12.84
C GLU H 64 -0.40 41.50 12.24
N SER H 65 -0.35 41.42 10.91
CA SER H 65 0.55 40.53 10.15
C SER H 65 2.00 40.98 10.40
N ILE H 66 2.94 40.03 10.43
CA ILE H 66 4.42 40.27 10.50
C ILE H 66 5.09 39.61 9.31
N GLU H 67 4.36 38.77 8.55
CA GLU H 67 4.85 38.11 7.31
C GLU H 67 3.87 38.36 6.15
N SER H 68 4.39 38.94 5.06
CA SER H 68 3.64 39.24 3.81
C SER H 68 3.22 37.94 3.11
N GLU H 69 1.95 37.85 2.68
CA GLU H 69 1.38 36.70 1.96
C GLU H 69 1.82 36.74 0.49
N PHE H 70 1.93 37.94 -0.10
CA PHE H 70 2.03 38.17 -1.57
C PHE H 70 3.42 38.69 -1.97
N SER H 71 4.46 38.38 -1.21
CA SER H 71 5.86 38.82 -1.46
C SER H 71 6.85 38.05 -0.57
N GLU H 72 8.15 38.13 -0.86
CA GLU H 72 9.23 37.47 -0.09
C GLU H 72 9.75 38.43 1.00
N ILE H 73 10.39 37.88 2.05
CA ILE H 73 10.99 38.62 3.19
C ILE H 73 12.39 38.08 3.47
N ASP H 74 13.24 38.84 4.17
CA ASP H 74 14.63 38.45 4.50
C ASP H 74 14.62 37.02 5.03
N HIS H 75 15.53 36.17 4.53
CA HIS H 75 15.50 34.70 4.74
C HIS H 75 15.80 34.38 6.21
N GLN H 76 16.66 35.17 6.86
CA GLN H 76 17.15 34.83 8.21
C GLN H 76 16.09 35.25 9.25
N ILE H 77 15.40 36.37 9.03
CA ILE H 77 14.27 36.80 9.93
C ILE H 77 12.99 36.06 9.52
N GLY H 78 12.91 35.60 8.27
CA GLY H 78 11.88 34.63 7.83
C GLY H 78 11.97 33.37 8.66
N ASN H 79 13.19 32.89 8.87
CA ASN H 79 13.52 31.68 9.68
C ASN H 79 13.22 31.92 11.17
N VAL H 80 13.40 33.15 11.66
CA VAL H 80 13.19 33.50 13.08
C VAL H 80 11.68 33.46 13.38
N ILE H 81 10.87 34.01 12.47
CA ILE H 81 9.39 34.08 12.66
C ILE H 81 8.83 32.64 12.59
N ASN H 82 9.15 31.90 11.53
CA ASN H 82 8.80 30.46 11.39
C ASN H 82 9.12 29.73 12.71
N TRP H 83 10.31 29.92 13.27
CA TRP H 83 10.74 29.22 14.52
C TRP H 83 9.87 29.67 15.69
N THR H 84 9.77 30.98 15.97
CA THR H 84 8.89 31.52 17.05
C THR H 84 7.44 31.06 16.86
N LYS H 85 6.92 31.08 15.64
CA LYS H 85 5.50 30.71 15.40
C LYS H 85 5.32 29.23 15.73
N ASP H 86 6.21 28.36 15.22
CA ASP H 86 6.10 26.90 15.44
C ASP H 86 6.15 26.65 16.96
N SER H 87 7.02 27.36 17.68
CA SER H 87 7.14 27.28 19.15
C SER H 87 5.83 27.70 19.80
N ILE H 88 5.31 28.87 19.43
CA ILE H 88 4.09 29.46 20.06
C ILE H 88 2.91 28.51 19.83
N THR H 89 2.79 27.93 18.63
CA THR H 89 1.82 26.88 18.29
C THR H 89 2.02 25.65 19.20
N ASP H 90 3.24 25.13 19.30
CA ASP H 90 3.57 23.92 20.10
C ASP H 90 3.10 24.12 21.54
N ILE H 91 3.30 25.32 22.09
CA ILE H 91 2.75 25.69 23.44
C ILE H 91 1.22 25.56 23.39
N TRP H 92 0.56 26.31 22.50
CA TRP H 92 -0.93 26.43 22.46
C TRP H 92 -1.53 25.05 22.21
N THR H 93 -0.98 24.26 21.28
CA THR H 93 -1.48 22.90 20.99
C THR H 93 -1.49 22.09 22.28
N TYR H 94 -0.42 22.18 23.06
CA TYR H 94 -0.20 21.34 24.28
C TYR H 94 -1.14 21.87 25.35
N GLN H 95 -1.10 23.18 25.60
CA GLN H 95 -1.95 23.84 26.62
C GLN H 95 -3.40 23.43 26.39
N ALA H 96 -3.83 23.40 25.12
CA ALA H 96 -5.22 23.09 24.67
C ALA H 96 -5.57 21.65 25.02
N GLU H 97 -4.74 20.69 24.61
CA GLU H 97 -4.89 19.24 24.90
C GLU H 97 -4.99 19.04 26.43
N LEU H 98 -4.14 19.71 27.20
CA LEU H 98 -4.07 19.51 28.66
C LEU H 98 -5.36 20.05 29.29
N LEU H 99 -5.70 21.30 28.99
CA LEU H 99 -6.94 21.93 29.49
C LEU H 99 -8.10 20.96 29.31
N VAL H 100 -8.33 20.53 28.07
CA VAL H 100 -9.53 19.72 27.72
C VAL H 100 -9.47 18.38 28.47
N ALA H 101 -8.33 17.70 28.47
CA ALA H 101 -8.15 16.42 29.19
C ALA H 101 -8.42 16.63 30.68
N MET H 102 -7.81 17.65 31.29
CA MET H 102 -8.01 17.97 32.72
C MET H 102 -9.52 18.18 32.96
N GLU H 103 -10.16 19.06 32.19
CA GLU H 103 -11.59 19.43 32.38
C GLU H 103 -12.46 18.17 32.22
N ASN H 104 -12.25 17.41 31.15
CA ASN H 104 -12.99 16.14 30.90
C ASN H 104 -12.85 15.24 32.13
N GLN H 105 -11.66 15.18 32.74
CA GLN H 105 -11.45 14.36 33.96
C GLN H 105 -12.37 14.90 35.05
N HIS H 106 -12.28 16.21 35.32
CA HIS H 106 -13.06 16.89 36.39
C HIS H 106 -14.54 16.65 36.18
N THR H 107 -15.03 16.86 34.94
CA THR H 107 -16.48 16.78 34.58
C THR H 107 -17.04 15.39 34.88
N ILE H 108 -16.37 14.35 34.41
CA ILE H 108 -16.75 12.93 34.69
C ILE H 108 -16.84 12.75 36.20
N ASP H 109 -15.78 13.10 36.93
CA ASP H 109 -15.67 12.86 38.41
C ASP H 109 -16.69 13.74 39.14
N MET H 110 -16.81 15.01 38.79
CA MET H 110 -17.80 15.91 39.42
C MET H 110 -19.19 15.25 39.28
N ALA H 111 -19.52 14.73 38.09
CA ALA H 111 -20.83 14.11 37.81
C ALA H 111 -21.01 12.84 38.66
N ASP H 112 -19.96 12.02 38.80
CA ASP H 112 -19.90 10.81 39.66
C ASP H 112 -20.20 11.23 41.13
N SER H 113 -19.71 12.41 41.55
CA SER H 113 -19.87 12.92 42.94
C SER H 113 -21.33 13.32 43.19
N GLU H 114 -21.91 14.11 42.29
CA GLU H 114 -23.28 14.64 42.47
C GLU H 114 -24.25 13.47 42.64
N MET H 115 -23.98 12.36 41.94
CA MET H 115 -24.76 11.09 42.00
C MET H 115 -24.64 10.48 43.39
N LEU H 116 -23.39 10.24 43.83
CA LEU H 116 -23.09 9.70 45.17
C LEU H 116 -23.71 10.61 46.24
N ASN H 117 -23.50 11.93 46.15
CA ASN H 117 -24.03 12.89 47.15
C ASN H 117 -25.55 12.76 47.27
N LEU H 118 -26.25 12.49 46.18
CA LEU H 118 -27.72 12.23 46.20
C LEU H 118 -27.97 10.92 46.95
N TYR H 119 -27.18 9.88 46.64
CA TYR H 119 -27.37 8.51 47.18
C TYR H 119 -27.17 8.54 48.70
N GLU H 120 -26.31 9.44 49.17
CA GLU H 120 -25.98 9.62 50.60
C GLU H 120 -27.13 10.38 51.27
N ARG H 121 -27.63 11.43 50.63
CA ARG H 121 -28.79 12.21 51.14
C ARG H 121 -29.86 11.18 51.53
N VAL H 122 -30.17 10.26 50.60
CA VAL H 122 -31.25 9.24 50.71
C VAL H 122 -30.94 8.25 51.85
N ARG H 123 -29.72 7.73 51.92
CA ARG H 123 -29.32 6.75 52.97
C ARG H 123 -29.64 7.32 54.36
N LYS H 124 -29.32 8.59 54.57
CA LYS H 124 -29.44 9.29 55.87
C LYS H 124 -30.93 9.49 56.21
N GLN H 125 -31.72 10.02 55.27
CA GLN H 125 -33.19 10.16 55.42
C GLN H 125 -33.80 8.85 55.92
N LEU H 126 -33.61 7.76 55.17
CA LEU H 126 -34.24 6.43 55.44
C LEU H 126 -33.71 5.86 56.75
N ARG H 127 -32.55 6.29 57.21
CA ARG H 127 -31.93 5.86 58.49
C ARG H 127 -32.04 4.33 58.63
N GLN H 128 -32.71 3.83 59.67
CA GLN H 128 -32.68 2.39 60.10
C GLN H 128 -33.80 1.59 59.44
N ASN H 129 -34.67 2.27 58.68
CA ASN H 129 -35.90 1.70 58.10
C ASN H 129 -35.57 1.04 56.77
N ALA H 130 -34.34 1.22 56.27
CA ALA H 130 -33.84 0.67 54.98
C ALA H 130 -32.40 0.11 55.13
N GLU H 131 -32.03 -0.79 54.21
CA GLU H 131 -30.70 -1.43 54.10
C GLU H 131 -30.19 -1.29 52.67
N GLU H 132 -28.88 -1.15 52.47
CA GLU H 132 -28.27 -0.89 51.15
C GLU H 132 -28.26 -2.18 50.31
N ASP H 133 -28.66 -2.04 49.05
CA ASP H 133 -28.87 -3.12 48.05
C ASP H 133 -27.53 -3.61 47.48
N GLY H 134 -26.52 -2.73 47.40
CA GLY H 134 -25.27 -2.98 46.67
C GLY H 134 -25.24 -2.30 45.30
N LYS H 135 -26.36 -2.25 44.60
CA LYS H 135 -26.46 -1.79 43.19
C LYS H 135 -27.04 -0.37 43.13
N GLY H 136 -26.98 0.39 44.22
CA GLY H 136 -27.51 1.78 44.27
C GLY H 136 -28.98 1.85 44.62
N CYS H 137 -29.54 0.79 45.21
CA CYS H 137 -30.96 0.72 45.68
C CYS H 137 -31.00 0.61 47.21
N PHE H 138 -32.16 0.88 47.80
CA PHE H 138 -32.47 0.68 49.23
C PHE H 138 -33.73 -0.17 49.36
N GLU H 139 -33.59 -1.37 49.92
CA GLU H 139 -34.72 -2.26 50.28
C GLU H 139 -35.39 -1.68 51.55
N ILE H 140 -36.43 -0.86 51.38
CA ILE H 140 -37.27 -0.31 52.48
C ILE H 140 -38.04 -1.48 53.13
N TYR H 141 -38.00 -1.58 54.47
CA TYR H 141 -38.58 -2.72 55.23
C TYR H 141 -39.94 -2.35 55.85
N HIS H 142 -40.61 -1.34 55.30
CA HIS H 142 -42.05 -1.06 55.59
C HIS H 142 -42.80 -0.76 54.28
N ALA H 143 -44.14 -0.86 54.32
CA ALA H 143 -45.06 -0.52 53.21
C ALA H 143 -44.84 0.93 52.82
N CYS H 144 -44.70 1.23 51.52
CA CYS H 144 -44.28 2.57 51.03
C CYS H 144 -45.14 3.02 49.84
N ASP H 145 -46.27 3.65 50.13
CA ASP H 145 -47.22 4.18 49.12
C ASP H 145 -46.51 5.27 48.33
N ASP H 146 -47.12 5.77 47.25
CA ASP H 146 -46.51 6.78 46.36
C ASP H 146 -46.18 8.03 47.18
N SER H 147 -47.05 8.41 48.11
CA SER H 147 -46.88 9.59 49.00
C SER H 147 -45.61 9.41 49.84
N CYS H 148 -45.39 8.21 50.38
CA CYS H 148 -44.17 7.87 51.17
C CYS H 148 -42.92 7.92 50.27
N MET H 149 -43.01 7.43 49.02
CA MET H 149 -41.92 7.56 48.01
C MET H 149 -41.67 9.05 47.74
N GLU H 150 -42.71 9.77 47.32
CA GLU H 150 -42.63 11.23 47.00
C GLU H 150 -42.05 11.98 48.20
N SER H 151 -42.24 11.48 49.43
CA SER H 151 -41.71 12.11 50.66
C SER H 151 -40.19 11.91 50.73
N ILE H 152 -39.70 10.78 50.22
CA ILE H 152 -38.24 10.43 50.18
C ILE H 152 -37.53 11.32 49.14
N ARG H 153 -38.18 11.55 48.00
CA ARG H 153 -37.66 12.38 46.88
C ARG H 153 -37.59 13.87 47.25
N ASN H 154 -38.62 14.41 47.91
CA ASN H 154 -38.74 15.86 48.24
C ASN H 154 -38.07 16.17 49.58
N ASN H 155 -37.41 15.17 50.18
CA ASN H 155 -36.69 15.27 51.48
C ASN H 155 -37.65 15.74 52.58
N THR H 156 -38.79 15.05 52.70
CA THR H 156 -39.83 15.30 53.73
C THR H 156 -40.24 13.94 54.33
N TYR H 157 -39.26 13.07 54.60
CA TYR H 157 -39.48 11.70 55.15
C TYR H 157 -38.99 11.66 56.59
N ASP H 158 -39.93 11.44 57.52
CA ASP H 158 -39.63 11.21 58.96
C ASP H 158 -39.55 9.70 59.18
N HIS H 159 -38.39 9.20 59.61
CA HIS H 159 -38.11 7.75 59.83
C HIS H 159 -38.94 7.22 61.00
N SER H 160 -39.05 8.00 62.09
CA SER H 160 -39.69 7.59 63.37
C SER H 160 -41.12 7.09 63.09
N GLN H 161 -41.85 7.76 62.20
CA GLN H 161 -43.22 7.38 61.70
C GLN H 161 -43.28 5.88 61.38
N TYR H 162 -42.24 5.34 60.70
CA TYR H 162 -42.20 3.97 60.14
C TYR H 162 -41.16 3.12 60.89
N ARG H 163 -40.52 3.67 61.93
CA ARG H 163 -39.28 3.10 62.54
C ARG H 163 -39.61 1.79 63.25
N GLU H 164 -40.55 1.83 64.19
CA GLU H 164 -41.03 0.68 65.00
C GLU H 164 -41.33 -0.50 64.04
N GLU H 165 -42.09 -0.20 62.98
CA GLU H 165 -42.57 -1.16 61.95
C GLU H 165 -41.39 -1.78 61.20
N ALA H 166 -40.38 -0.97 60.87
CA ALA H 166 -39.23 -1.37 60.04
C ALA H 166 -38.27 -2.26 60.84
N LEU H 167 -37.89 -1.82 62.05
CA LEU H 167 -37.00 -2.59 62.97
C LEU H 167 -37.59 -4.00 63.22
N LEU H 168 -38.91 -4.11 63.37
CA LEU H 168 -39.61 -5.42 63.50
C LEU H 168 -39.27 -6.27 62.28
N ASN H 169 -39.60 -5.76 61.08
CA ASN H 169 -39.45 -6.43 59.77
C ASN H 169 -37.99 -6.86 59.56
N ARG H 170 -37.04 -5.97 59.85
CA ARG H 170 -35.59 -6.18 59.66
C ARG H 170 -35.09 -7.36 60.50
N LEU H 171 -35.53 -7.46 61.77
CA LEU H 171 -34.96 -8.41 62.77
C LEU H 171 -35.65 -9.78 62.68
N ASN H 172 -36.89 -9.83 62.21
CA ASN H 172 -37.56 -11.07 61.74
C ASN H 172 -37.64 -12.08 62.91
N ASP I 3 -28.75 11.83 73.69
CA ASP I 3 -27.76 12.94 73.58
C ASP I 3 -27.57 13.27 72.09
N LYS I 4 -26.59 14.11 71.74
CA LYS I 4 -26.33 14.59 70.36
C LYS I 4 -24.92 15.20 70.30
N ILE I 5 -24.13 14.87 69.26
CA ILE I 5 -22.80 15.48 68.97
C ILE I 5 -22.74 15.84 67.48
N CYS I 6 -22.44 17.11 67.17
CA CYS I 6 -22.50 17.68 65.80
C CYS I 6 -21.09 18.01 65.29
N LEU I 7 -20.80 17.68 64.02
CA LEU I 7 -19.59 18.16 63.30
C LEU I 7 -19.96 19.41 62.49
N GLY I 8 -19.00 20.30 62.28
CA GLY I 8 -19.20 21.64 61.68
C GLY I 8 -17.88 22.35 61.45
N HIS I 9 -17.90 23.44 60.67
CA HIS I 9 -16.69 24.19 60.21
C HIS I 9 -16.90 25.68 60.47
N HIS I 10 -15.80 26.45 60.52
CA HIS I 10 -15.84 27.92 60.74
C HIS I 10 -16.46 28.61 59.52
N ALA I 11 -16.83 29.88 59.68
CA ALA I 11 -17.33 30.78 58.60
C ALA I 11 -16.91 32.20 58.95
N VAL I 12 -17.46 33.22 58.26
CA VAL I 12 -17.13 34.65 58.48
C VAL I 12 -18.32 35.50 58.03
N ALA I 13 -18.24 36.82 58.20
CA ALA I 13 -19.26 37.81 57.77
C ALA I 13 -18.87 38.40 56.40
N ASN I 14 -17.68 39.00 56.31
CA ASN I 14 -17.15 39.69 55.10
C ASN I 14 -16.45 38.65 54.20
N GLY I 15 -17.21 37.69 53.66
CA GLY I 15 -16.69 36.64 52.77
C GLY I 15 -16.16 37.21 51.47
N THR I 16 -15.01 36.69 51.00
CA THR I 16 -14.24 37.22 49.85
C THR I 16 -14.39 36.31 48.62
N ILE I 17 -14.57 36.91 47.44
CA ILE I 17 -15.06 36.23 46.20
C ILE I 17 -13.84 35.81 45.37
N VAL I 18 -13.86 34.59 44.81
CA VAL I 18 -12.75 34.03 43.97
C VAL I 18 -13.35 33.23 42.81
N LYS I 19 -12.62 33.13 41.70
CA LYS I 19 -13.04 32.36 40.49
C LYS I 19 -12.57 30.91 40.64
N THR I 20 -13.34 29.94 40.12
CA THR I 20 -13.00 28.50 40.03
C THR I 20 -13.28 27.97 38.62
N LEU I 21 -12.99 26.70 38.37
CA LEU I 21 -13.22 26.05 37.05
C LEU I 21 -14.71 26.13 36.69
N THR I 22 -15.60 26.08 37.68
CA THR I 22 -17.09 25.96 37.53
C THR I 22 -17.81 27.28 37.85
N ASN I 23 -17.31 28.08 38.79
CA ASN I 23 -18.05 29.25 39.35
C ASN I 23 -17.18 30.50 39.18
N GLU I 24 -17.75 31.62 38.71
CA GLU I 24 -17.03 32.90 38.51
C GLU I 24 -17.13 33.77 39.78
N GLN I 25 -18.06 33.44 40.68
CA GLN I 25 -18.36 34.19 41.93
C GLN I 25 -18.53 33.19 43.09
N GLU I 26 -17.44 32.56 43.53
CA GLU I 26 -17.45 31.62 44.67
C GLU I 26 -17.01 32.37 45.92
N GLU I 27 -17.86 32.38 46.96
CA GLU I 27 -17.57 33.02 48.27
C GLU I 27 -16.73 32.06 49.11
N VAL I 28 -15.56 32.51 49.56
CA VAL I 28 -14.61 31.72 50.42
C VAL I 28 -14.21 32.59 51.62
N THR I 29 -13.59 31.99 52.65
CA THR I 29 -13.30 32.66 53.94
C THR I 29 -12.13 33.63 53.73
N ASN I 30 -10.99 33.14 53.24
CA ASN I 30 -9.75 33.93 53.01
C ASN I 30 -9.34 33.79 51.54
N ALA I 31 -8.62 34.78 50.99
CA ALA I 31 -7.99 34.77 49.64
C ALA I 31 -6.70 35.58 49.64
N THR I 32 -5.95 35.54 48.53
CA THR I 32 -4.64 36.24 48.36
C THR I 32 -4.43 36.64 46.89
N GLU I 33 -3.97 37.88 46.66
CA GLU I 33 -3.69 38.41 45.30
C GLU I 33 -2.45 37.72 44.74
N THR I 34 -2.46 37.35 43.45
CA THR I 34 -1.31 36.73 42.71
C THR I 34 -0.78 37.68 41.61
N VAL I 35 -1.38 38.87 41.42
CA VAL I 35 -0.97 39.85 40.37
C VAL I 35 -0.61 41.18 41.06
N GLU I 36 0.64 41.63 40.90
CA GLU I 36 1.12 42.91 41.49
C GLU I 36 0.71 44.07 40.59
N SER I 37 -0.15 44.96 41.11
CA SER I 37 -0.75 46.10 40.38
C SER I 37 -0.11 47.43 40.82
N THR I 38 0.35 47.53 42.07
CA THR I 38 1.00 48.75 42.65
C THR I 38 2.46 48.80 42.17
N SER I 39 2.87 49.95 41.62
CA SER I 39 4.22 50.21 41.06
C SER I 39 5.09 50.98 42.06
N LEU I 40 6.39 51.04 41.78
CA LEU I 40 7.40 51.86 42.50
C LEU I 40 8.13 52.72 41.45
N ASN I 41 8.27 54.02 41.68
CA ASN I 41 8.85 54.99 40.69
C ASN I 41 10.25 55.41 41.14
N ARG I 42 10.93 54.57 41.95
CA ARG I 42 12.32 54.76 42.46
C ARG I 42 13.18 53.55 42.07
N LEU I 43 14.37 53.78 41.49
CA LEU I 43 15.37 52.71 41.18
C LEU I 43 16.11 52.33 42.46
N CYS I 44 16.14 51.03 42.77
CA CYS I 44 16.68 50.43 44.03
C CYS I 44 18.01 49.72 43.75
N MET I 45 19.12 50.29 44.22
CA MET I 45 20.48 49.87 43.78
C MET I 45 21.36 49.53 45.00
N LYS I 46 20.79 49.00 46.08
CA LYS I 46 21.55 48.45 47.22
C LYS I 46 22.23 47.16 46.74
N GLY I 47 23.42 46.86 47.27
CA GLY I 47 24.24 45.70 46.91
C GLY I 47 24.61 45.67 45.44
N ARG I 48 24.65 46.84 44.78
CA ARG I 48 24.88 46.99 43.32
C ARG I 48 25.90 48.10 43.06
N ASN I 49 27.03 47.73 42.45
CA ASN I 49 28.03 48.68 41.89
C ASN I 49 27.44 49.25 40.59
N HIS I 50 26.50 50.18 40.72
CA HIS I 50 25.80 50.87 39.61
C HIS I 50 26.67 52.01 39.09
N LYS I 51 26.36 52.52 37.90
CA LYS I 51 26.98 53.76 37.33
C LYS I 51 25.88 54.56 36.61
N ASP I 52 25.29 55.52 37.33
CA ASP I 52 24.30 56.49 36.80
C ASP I 52 25.02 57.45 35.85
N LEU I 53 24.68 57.39 34.55
CA LEU I 53 25.26 58.24 33.49
C LEU I 53 24.62 59.64 33.57
N GLY I 54 23.30 59.69 33.74
CA GLY I 54 22.51 60.94 33.69
C GLY I 54 22.37 61.43 32.26
N ASN I 55 22.93 62.61 31.95
CA ASN I 55 22.80 63.29 30.64
C ASN I 55 23.68 62.59 29.58
N CYS I 56 24.69 61.81 30.02
CA CYS I 56 25.63 61.08 29.13
C CYS I 56 24.92 59.88 28.47
N HIS I 57 24.92 59.83 27.14
CA HIS I 57 24.40 58.70 26.32
C HIS I 57 25.51 57.66 26.17
N PRO I 58 25.20 56.35 26.23
CA PRO I 58 26.22 55.31 26.22
C PRO I 58 27.34 55.43 25.16
N ILE I 59 26.98 55.86 23.95
CA ILE I 59 27.91 55.93 22.78
C ILE I 59 28.98 57.00 23.05
N GLY I 60 28.62 58.08 23.74
CA GLY I 60 29.53 59.21 24.09
C GLY I 60 30.72 58.76 24.93
N MET I 61 30.56 57.71 25.73
CA MET I 61 31.63 57.15 26.61
C MET I 61 32.82 56.68 25.77
N LEU I 62 32.58 56.10 24.59
CA LEU I 62 33.64 55.57 23.69
C LEU I 62 34.34 56.76 23.01
N ILE I 63 33.54 57.73 22.56
CA ILE I 63 33.99 58.96 21.86
C ILE I 63 34.76 59.85 22.85
N GLY I 64 34.14 60.15 23.99
CA GLY I 64 34.64 61.05 25.03
C GLY I 64 34.13 62.47 24.83
N THR I 65 32.81 62.67 24.98
CA THR I 65 32.12 63.97 24.86
C THR I 65 32.31 64.73 26.17
N PRO I 66 32.17 66.08 26.19
CA PRO I 66 32.32 66.87 27.41
C PRO I 66 31.33 66.48 28.52
N ALA I 67 30.16 65.93 28.15
CA ALA I 67 29.11 65.48 29.11
C ALA I 67 29.56 64.20 29.83
N CYS I 68 30.41 63.37 29.20
CA CYS I 68 30.80 62.01 29.67
C CYS I 68 32.26 61.99 30.15
N ASP I 69 32.76 63.09 30.73
CA ASP I 69 34.17 63.20 31.19
C ASP I 69 34.40 62.14 32.26
N LEU I 70 33.48 62.03 33.22
CA LEU I 70 33.58 61.14 34.41
C LEU I 70 33.50 59.67 33.98
N HIS I 71 32.71 59.37 32.95
CA HIS I 71 32.34 57.99 32.54
C HIS I 71 33.26 57.45 31.44
N LEU I 72 34.44 58.03 31.20
CA LEU I 72 35.40 57.53 30.19
C LEU I 72 35.85 56.10 30.53
N THR I 73 36.11 55.82 31.81
CA THR I 73 36.55 54.48 32.32
C THR I 73 35.60 54.05 33.45
N GLY I 74 35.79 52.83 33.97
CA GLY I 74 35.13 52.34 35.19
C GLY I 74 34.64 50.91 35.04
N THR I 75 34.32 50.26 36.16
CA THR I 75 33.69 48.91 36.25
C THR I 75 32.38 49.04 37.02
N TRP I 76 31.37 48.24 36.64
CA TRP I 76 30.00 48.28 37.23
C TRP I 76 29.26 46.96 36.92
N ASP I 77 28.07 46.80 37.48
CA ASP I 77 27.14 45.68 37.17
C ASP I 77 25.80 46.23 36.68
N THR I 78 25.64 47.56 36.64
CA THR I 78 24.41 48.25 36.13
C THR I 78 24.79 49.58 35.47
N LEU I 79 24.22 49.86 34.31
CA LEU I 79 24.24 51.19 33.64
C LEU I 79 22.81 51.70 33.49
N ILE I 80 22.63 53.02 33.63
CA ILE I 80 21.30 53.69 33.57
C ILE I 80 21.38 54.83 32.55
N GLU I 81 20.31 55.05 31.78
CA GLU I 81 20.24 56.03 30.67
C GLU I 81 18.96 56.87 30.83
N ARG I 82 19.02 58.16 30.50
CA ARG I 82 17.91 59.14 30.71
C ARG I 82 17.24 59.51 29.38
N LYS I 83 16.07 60.13 29.50
CA LYS I 83 15.35 60.80 28.39
C LYS I 83 16.26 61.91 27.86
N ASN I 84 16.51 61.94 26.56
CA ASN I 84 17.19 63.06 25.84
C ASN I 84 18.68 63.15 26.23
N ALA I 85 19.31 62.04 26.58
CA ALA I 85 20.77 61.99 26.86
C ALA I 85 21.53 62.34 25.58
N ILE I 86 22.42 63.34 25.65
CA ILE I 86 23.15 63.88 24.47
C ILE I 86 24.59 63.36 24.53
N ALA I 87 25.07 62.72 23.45
CA ALA I 87 26.47 62.25 23.28
C ALA I 87 27.10 62.83 22.01
N TYR I 88 26.48 63.87 21.42
CA TYR I 88 26.91 64.51 20.16
C TYR I 88 26.98 66.04 20.36
N CYS I 89 28.19 66.60 20.25
CA CYS I 89 28.42 68.07 20.11
C CYS I 89 28.07 68.46 18.68
N TYR I 90 28.88 68.00 17.72
CA TYR I 90 28.74 68.24 16.26
C TYR I 90 27.65 67.29 15.75
N PRO I 91 26.58 67.80 15.08
CA PRO I 91 25.41 66.98 14.72
C PRO I 91 25.67 65.83 13.73
N GLY I 92 24.65 64.98 13.56
CA GLY I 92 24.69 63.74 12.75
C GLY I 92 24.56 62.50 13.62
N ALA I 93 24.14 61.37 13.03
CA ALA I 93 23.99 60.06 13.71
C ALA I 93 25.25 59.21 13.49
N THR I 94 25.28 58.01 14.08
CA THR I 94 26.36 56.99 13.94
C THR I 94 25.80 55.75 13.25
N VAL I 95 26.54 55.18 12.30
CA VAL I 95 26.14 53.99 11.50
C VAL I 95 25.91 52.80 12.45
N ASN I 96 24.76 52.15 12.32
CA ASN I 96 24.35 50.97 13.14
C ASN I 96 24.34 51.40 14.60
N GLU I 97 23.53 52.41 14.92
CA GLU I 97 23.50 53.10 16.23
C GLU I 97 23.04 52.11 17.31
N GLU I 98 21.81 51.59 17.18
CA GLU I 98 21.14 50.79 18.24
C GLU I 98 22.00 49.56 18.60
N ALA I 99 22.64 48.94 17.61
CA ALA I 99 23.53 47.76 17.80
C ALA I 99 24.57 48.10 18.89
N LEU I 100 25.44 49.07 18.60
CA LEU I 100 26.53 49.59 19.48
C LEU I 100 25.96 49.98 20.85
N ARG I 101 24.88 50.78 20.84
CA ARG I 101 24.22 51.33 22.07
C ARG I 101 23.97 50.21 23.08
N GLN I 102 23.25 49.15 22.68
CA GLN I 102 22.84 48.08 23.63
C GLN I 102 24.06 47.20 23.95
N LYS I 103 25.02 47.09 23.02
CA LYS I 103 26.30 46.38 23.25
C LYS I 103 27.01 46.98 24.46
N ILE I 104 27.01 48.31 24.57
CA ILE I 104 27.57 49.08 25.72
C ILE I 104 26.76 48.79 26.98
N MET I 105 25.42 48.86 26.90
CA MET I 105 24.50 48.74 28.06
C MET I 105 24.48 47.28 28.56
N GLU I 106 24.88 46.34 27.70
CA GLU I 106 25.02 44.90 28.06
C GLU I 106 26.26 44.72 28.97
N SER I 107 27.30 45.52 28.75
CA SER I 107 28.64 45.36 29.40
C SER I 107 28.58 45.77 30.88
N GLY I 108 29.66 45.48 31.60
CA GLY I 108 29.85 45.85 33.01
C GLY I 108 31.16 46.61 33.23
N GLY I 109 31.46 47.56 32.35
CA GLY I 109 32.66 48.44 32.43
C GLY I 109 33.24 48.79 31.07
N ILE I 110 33.88 49.95 30.98
CA ILE I 110 34.75 50.37 29.82
C ILE I 110 36.17 50.57 30.35
N SER I 111 37.15 49.95 29.68
CA SER I 111 38.61 50.10 29.91
C SER I 111 39.29 50.57 28.61
N LYS I 112 40.10 51.63 28.69
CA LYS I 112 40.73 52.27 27.50
C LYS I 112 42.17 51.78 27.32
N ILE I 113 42.61 51.70 26.06
CA ILE I 113 44.03 51.45 25.64
C ILE I 113 44.42 52.57 24.66
N ASN I 114 45.70 52.95 24.64
CA ASN I 114 46.24 54.08 23.84
C ASN I 114 46.48 53.61 22.40
N THR I 115 45.96 54.36 21.42
CA THR I 115 46.15 54.10 19.97
C THR I 115 47.65 54.16 19.63
N GLY I 116 48.36 55.15 20.18
CA GLY I 116 49.80 55.41 19.95
C GLY I 116 50.05 56.07 18.61
N PHE I 117 49.12 56.91 18.15
CA PHE I 117 49.08 57.51 16.77
C PHE I 117 49.83 58.85 16.77
N THR I 118 51.06 58.85 16.26
CA THR I 118 51.88 60.07 15.99
C THR I 118 51.61 60.53 14.55
N TYR I 119 51.65 61.85 14.31
CA TYR I 119 51.41 62.47 12.98
C TYR I 119 52.59 63.36 12.60
N GLY I 120 52.70 63.69 11.31
CA GLY I 120 53.77 64.54 10.75
C GLY I 120 53.75 65.94 11.33
N SER I 121 54.88 66.64 11.19
CA SER I 121 55.10 68.05 11.61
C SER I 121 54.07 68.97 10.94
N SER I 122 53.78 68.72 9.66
CA SER I 122 52.80 69.47 8.82
C SER I 122 51.37 69.35 9.35
N ILE I 123 50.99 68.19 9.91
CA ILE I 123 49.61 67.88 10.40
C ILE I 123 49.42 68.46 11.81
N ASN I 124 48.25 69.05 12.09
CA ASN I 124 47.82 69.48 13.45
C ASN I 124 46.73 68.53 13.95
N SER I 125 46.98 67.85 15.07
CA SER I 125 46.04 66.90 15.72
C SER I 125 44.92 67.67 16.42
N ALA I 126 45.26 68.78 17.10
CA ALA I 126 44.39 69.49 18.05
C ALA I 126 43.44 70.46 17.33
N GLY I 127 42.66 69.96 16.36
CA GLY I 127 41.48 70.65 15.80
C GLY I 127 40.34 70.65 16.80
N THR I 128 39.45 71.64 16.75
CA THR I 128 38.33 71.85 17.72
C THR I 128 37.05 72.28 17.00
N THR I 129 35.96 72.45 17.76
CA THR I 129 34.64 72.98 17.29
C THR I 129 33.94 73.75 18.41
N LYS I 130 32.85 74.44 18.06
CA LYS I 130 32.16 75.46 18.89
C LYS I 130 31.02 74.84 19.72
N ALA I 131 30.44 73.73 19.23
CA ALA I 131 29.47 72.90 19.98
C ALA I 131 30.17 72.29 21.21
N CYS I 132 31.21 71.49 20.98
CA CYS I 132 32.03 70.76 21.98
C CYS I 132 32.86 71.76 22.82
N MET I 133 32.41 72.05 24.04
CA MET I 133 33.06 73.00 25.00
C MET I 133 33.51 72.24 26.26
N ARG I 134 34.77 72.40 26.66
CA ARG I 134 35.33 71.85 27.93
C ARG I 134 36.16 72.94 28.62
N ASN I 135 35.99 73.11 29.93
CA ASN I 135 36.65 74.17 30.76
C ASN I 135 36.24 75.56 30.22
N GLY I 136 34.94 75.75 29.96
CA GLY I 136 34.37 77.03 29.50
C GLY I 136 34.46 77.21 27.98
N GLY I 137 35.66 77.06 27.40
CA GLY I 137 35.97 77.40 25.99
C GLY I 137 35.86 76.20 25.04
N ASN I 138 36.21 76.41 23.76
CA ASN I 138 36.03 75.45 22.64
C ASN I 138 36.97 74.25 22.80
N SER I 139 36.59 73.08 22.25
CA SER I 139 37.32 71.78 22.36
C SER I 139 36.78 70.76 21.35
N PHE I 140 37.27 69.51 21.48
CA PHE I 140 36.91 68.33 20.64
C PHE I 140 36.73 67.09 21.52
N TYR I 141 36.21 65.99 20.95
CA TYR I 141 35.99 64.68 21.60
C TYR I 141 37.29 64.12 22.17
N ALA I 142 37.26 63.62 23.41
CA ALA I 142 38.42 63.35 24.27
C ALA I 142 39.27 62.15 23.79
N GLU I 143 38.67 61.21 23.06
CA GLU I 143 39.37 59.97 22.60
C GLU I 143 39.50 59.96 21.08
N LEU I 144 39.16 61.06 20.40
CA LEU I 144 39.41 61.30 18.96
C LEU I 144 40.37 62.48 18.80
N LYS I 145 40.85 62.70 17.58
CA LYS I 145 41.67 63.89 17.16
C LYS I 145 41.28 64.26 15.73
N TRP I 146 40.87 65.52 15.49
CA TRP I 146 40.45 66.01 14.15
C TRP I 146 41.69 66.30 13.30
N LEU I 147 41.86 65.54 12.20
CA LEU I 147 43.00 65.67 11.25
C LEU I 147 42.75 66.83 10.28
N VAL I 148 43.71 67.77 10.24
CA VAL I 148 43.68 69.01 9.40
C VAL I 148 45.12 69.52 9.27
N SER I 149 45.50 70.00 8.09
CA SER I 149 46.86 70.53 7.79
C SER I 149 47.01 71.93 8.39
N LYS I 150 48.21 72.27 8.86
CA LYS I 150 48.55 73.56 9.50
C LYS I 150 48.34 74.71 8.50
N ASN I 151 48.84 74.55 7.27
CA ASN I 151 48.79 75.58 6.19
C ASN I 151 47.42 75.52 5.51
N LYS I 152 46.59 76.56 5.71
CA LYS I 152 45.25 76.74 5.08
C LYS I 152 45.42 76.87 3.57
N GLY I 153 44.81 75.95 2.80
CA GLY I 153 44.84 75.95 1.33
C GLY I 153 45.48 74.68 0.79
N GLN I 154 46.70 74.37 1.26
CA GLN I 154 47.50 73.20 0.78
C GLN I 154 46.70 71.92 1.02
N ASN I 155 46.64 71.05 0.01
CA ASN I 155 45.87 69.77 0.03
C ASN I 155 46.54 68.83 1.04
N PHE I 156 45.75 68.25 1.96
CA PHE I 156 46.23 67.38 3.07
C PHE I 156 46.83 66.11 2.46
N PRO I 157 48.02 65.66 2.94
CA PRO I 157 48.72 64.52 2.35
C PRO I 157 48.14 63.13 2.71
N GLN I 158 48.27 62.17 1.79
CA GLN I 158 47.85 60.75 1.99
C GLN I 158 48.73 60.16 3.12
N THR I 159 48.11 59.83 4.25
CA THR I 159 48.79 59.24 5.43
C THR I 159 48.18 57.86 5.74
N THR I 160 48.97 56.99 6.36
CA THR I 160 48.60 55.60 6.74
C THR I 160 48.96 55.39 8.21
N ASN I 161 47.94 55.18 9.06
CA ASN I 161 48.05 54.93 10.52
C ASN I 161 47.48 53.54 10.81
N THR I 162 48.01 52.86 11.83
CA THR I 162 47.71 51.43 12.14
C THR I 162 47.68 51.22 13.66
N TYR I 163 46.52 50.89 14.23
CA TYR I 163 46.36 50.39 15.63
C TYR I 163 46.55 48.87 15.65
N ARG I 164 47.19 48.38 16.72
CA ARG I 164 47.53 46.95 16.91
C ARG I 164 46.94 46.46 18.24
N ASN I 165 46.19 45.35 18.21
CA ASN I 165 45.49 44.77 19.38
C ASN I 165 46.41 43.73 20.01
N ALA I 166 47.14 44.15 21.06
CA ALA I 166 48.15 43.36 21.81
C ALA I 166 47.45 42.44 22.80
N ASP I 167 46.29 42.86 23.30
CA ASP I 167 45.52 42.19 24.37
C ASP I 167 45.02 40.82 23.88
N THR I 168 44.64 39.94 24.82
CA THR I 168 44.08 38.60 24.53
C THR I 168 42.57 38.74 24.24
N ALA I 169 41.94 39.84 24.67
CA ALA I 169 40.51 40.19 24.43
C ALA I 169 40.40 41.12 23.21
N GLU I 170 39.16 41.45 22.81
CA GLU I 170 38.85 42.30 21.62
C GLU I 170 38.60 43.74 22.09
N HIS I 171 38.91 44.71 21.23
CA HIS I 171 38.75 46.17 21.49
C HIS I 171 37.83 46.76 20.41
N LEU I 172 37.17 47.89 20.74
CA LEU I 172 36.11 48.55 19.92
C LEU I 172 36.62 49.89 19.37
N ILE I 173 37.36 49.85 18.26
CA ILE I 173 37.94 51.07 17.61
C ILE I 173 36.82 51.87 16.92
N MET I 174 36.49 53.05 17.43
CA MET I 174 35.55 54.01 16.80
C MET I 174 36.36 55.04 15.98
N TRP I 175 35.76 55.57 14.91
CA TRP I 175 36.31 56.71 14.13
C TRP I 175 35.16 57.50 13.49
N GLY I 176 35.46 58.56 12.73
CA GLY I 176 34.46 59.49 12.19
C GLY I 176 34.88 60.09 10.85
N ILE I 177 33.92 60.69 10.14
CA ILE I 177 34.10 61.30 8.80
C ILE I 177 33.27 62.59 8.74
N HIS I 178 33.93 63.71 8.44
CA HIS I 178 33.32 65.06 8.35
C HIS I 178 32.68 65.24 6.97
N HIS I 179 31.39 65.63 6.94
CA HIS I 179 30.62 65.94 5.71
C HIS I 179 30.29 67.43 5.69
N PRO I 180 31.17 68.30 5.13
CA PRO I 180 30.88 69.73 5.04
C PRO I 180 29.72 70.02 4.08
N SER I 181 29.01 71.14 4.28
CA SER I 181 27.92 71.62 3.41
C SER I 181 28.42 72.67 2.42
N SER I 182 29.63 73.22 2.66
CA SER I 182 30.28 74.31 1.89
C SER I 182 31.60 73.84 1.27
N THR I 183 32.06 74.53 0.21
CA THR I 183 33.31 74.25 -0.53
C THR I 183 34.44 75.14 -0.02
N GLN I 184 34.11 76.33 0.53
CA GLN I 184 35.04 77.45 0.84
C GLN I 184 35.96 77.09 2.02
N GLU I 185 35.42 76.62 3.14
CA GLU I 185 36.21 76.19 4.33
C GLU I 185 36.61 74.72 4.18
N LYS I 186 35.98 73.99 3.25
CA LYS I 186 36.30 72.56 2.94
C LYS I 186 37.67 72.51 2.27
N ASN I 187 37.87 73.31 1.21
CA ASN I 187 39.07 73.25 0.32
C ASN I 187 40.32 73.65 1.10
N ASP I 188 40.30 74.76 1.87
CA ASP I 188 41.53 75.28 2.53
C ASP I 188 41.89 74.40 3.74
N LEU I 189 40.91 73.80 4.43
CA LEU I 189 41.14 72.89 5.60
C LEU I 189 41.77 71.57 5.11
N TYR I 190 41.21 70.98 4.05
CA TYR I 190 41.60 69.64 3.51
C TYR I 190 42.36 69.81 2.18
N GLY I 191 41.65 70.17 1.10
CA GLY I 191 42.20 70.31 -0.27
C GLY I 191 41.11 70.62 -1.28
N THR I 192 41.49 71.12 -2.47
CA THR I 192 40.56 71.44 -3.60
C THR I 192 40.22 70.15 -4.36
N GLN I 193 40.93 69.06 -4.06
CA GLN I 193 40.76 67.71 -4.66
C GLN I 193 39.50 67.04 -4.09
N SER I 194 39.09 65.91 -4.68
CA SER I 194 38.11 64.94 -4.11
C SER I 194 38.86 63.99 -3.18
N LEU I 195 38.46 63.93 -1.91
CA LEU I 195 39.16 63.18 -0.83
C LEU I 195 38.86 61.69 -0.94
N SER I 196 39.78 60.86 -0.44
CA SER I 196 39.65 59.39 -0.26
C SER I 196 39.94 59.03 1.20
N ILE I 197 39.15 58.13 1.78
CA ILE I 197 39.34 57.63 3.19
C ILE I 197 38.98 56.14 3.22
N SER I 198 40.01 55.28 3.25
CA SER I 198 39.89 53.80 3.10
C SER I 198 40.49 53.12 4.33
N VAL I 199 39.66 52.90 5.36
CA VAL I 199 39.97 52.07 6.55
C VAL I 199 40.01 50.59 6.11
N GLY I 200 40.78 49.76 6.81
CA GLY I 200 40.99 48.35 6.44
C GLY I 200 41.57 47.52 7.58
N SER I 201 40.92 46.41 7.90
CA SER I 201 41.28 45.45 8.98
C SER I 201 41.35 44.04 8.38
N SER I 202 41.53 43.02 9.22
CA SER I 202 41.52 41.60 8.79
C SER I 202 40.07 41.11 8.68
N THR I 203 39.16 41.62 9.52
CA THR I 203 37.74 41.18 9.62
C THR I 203 36.82 42.38 9.41
N TYR I 204 37.26 43.39 8.66
CA TYR I 204 36.47 44.60 8.30
C TYR I 204 37.23 45.39 7.24
N LYS I 205 36.48 46.12 6.42
CA LYS I 205 36.99 46.91 5.28
C LYS I 205 35.88 47.87 4.86
N ASN I 206 36.24 49.02 4.29
CA ASN I 206 35.23 50.01 3.80
C ASN I 206 35.91 51.15 3.04
N ASN I 207 35.18 51.73 2.09
CA ASN I 207 35.52 53.00 1.41
C ASN I 207 34.52 54.05 1.88
N PHE I 208 34.97 55.27 2.16
CA PHE I 208 34.11 56.40 2.62
C PHE I 208 34.36 57.64 1.75
N VAL I 209 33.29 58.35 1.41
CA VAL I 209 33.29 59.58 0.56
C VAL I 209 32.63 60.72 1.34
N PRO I 210 33.40 61.77 1.74
CA PRO I 210 32.82 62.88 2.49
C PRO I 210 31.91 63.72 1.59
N VAL I 211 30.61 63.39 1.59
CA VAL I 211 29.56 64.02 0.72
C VAL I 211 29.33 65.46 1.19
N VAL I 212 29.01 66.36 0.25
CA VAL I 212 28.65 67.79 0.51
C VAL I 212 27.22 68.01 0.01
N GLY I 213 26.35 68.59 0.87
CA GLY I 213 24.91 68.74 0.58
C GLY I 213 24.30 69.91 1.33
N ALA I 214 23.24 70.49 0.77
CA ALA I 214 22.46 71.61 1.36
C ALA I 214 21.52 71.04 2.43
N ARG I 215 21.71 71.44 3.69
CA ARG I 215 20.92 70.96 4.87
C ARG I 215 20.81 72.07 5.90
N PRO I 216 19.64 72.21 6.57
CA PRO I 216 19.46 73.20 7.63
C PRO I 216 20.52 73.09 8.74
N GLN I 217 21.08 74.22 9.16
CA GLN I 217 22.14 74.28 10.22
C GLN I 217 21.64 73.63 11.51
N VAL I 218 22.56 73.06 12.28
CA VAL I 218 22.33 72.50 13.65
C VAL I 218 23.46 73.01 14.56
N ASN I 219 23.10 73.65 15.68
CA ASN I 219 24.04 74.22 16.69
C ASN I 219 25.03 75.16 15.99
N GLY I 220 24.53 76.05 15.12
CA GLY I 220 25.34 77.04 14.38
C GLY I 220 26.22 76.41 13.32
N GLN I 221 26.03 75.12 12.99
CA GLN I 221 26.83 74.38 11.98
C GLN I 221 25.90 73.81 10.89
N SER I 222 26.20 74.11 9.62
CA SER I 222 25.52 73.57 8.41
C SER I 222 26.06 72.18 8.09
N GLY I 223 27.37 71.96 8.33
CA GLY I 223 28.05 70.66 8.11
C GLY I 223 27.65 69.64 9.16
N ARG I 224 27.89 68.36 8.89
CA ARG I 224 27.57 67.22 9.80
C ARG I 224 28.73 66.21 9.78
N ILE I 225 28.94 65.49 10.88
CA ILE I 225 29.93 64.38 11.02
C ILE I 225 29.18 63.11 11.44
N ASP I 226 29.55 61.96 10.85
CA ASP I 226 28.97 60.63 11.14
C ASP I 226 30.10 59.70 11.62
N PHE I 227 29.76 58.71 12.46
CA PHE I 227 30.72 57.76 13.10
C PHE I 227 30.54 56.34 12.57
N HIS I 228 31.66 55.66 12.34
CA HIS I 228 31.76 54.22 11.95
C HIS I 228 32.62 53.51 12.99
N TRP I 229 32.38 52.22 13.22
CA TRP I 229 33.08 51.41 14.25
C TRP I 229 33.15 49.93 13.83
N THR I 230 34.08 49.17 14.42
CA THR I 230 34.24 47.70 14.25
C THR I 230 34.94 47.14 15.49
N LEU I 231 35.10 45.82 15.57
CA LEU I 231 35.78 45.13 16.70
C LEU I 231 37.07 44.48 16.19
N VAL I 232 38.23 45.12 16.44
CA VAL I 232 39.56 44.56 16.08
C VAL I 232 39.85 43.38 17.01
N GLN I 233 40.37 42.30 16.43
CA GLN I 233 40.49 40.97 17.07
C GLN I 233 41.77 40.91 17.90
N PRO I 234 41.89 39.97 18.86
CA PRO I 234 43.15 39.71 19.55
C PRO I 234 44.26 39.43 18.54
N GLY I 235 45.46 39.96 18.80
CA GLY I 235 46.64 39.81 17.94
C GLY I 235 46.34 40.14 16.49
N ASP I 236 45.49 41.15 16.22
CA ASP I 236 45.21 41.67 14.86
C ASP I 236 45.39 43.20 14.85
N LYS I 237 45.60 43.75 13.65
CA LYS I 237 45.88 45.19 13.42
C LYS I 237 44.78 45.75 12.52
N ILE I 238 44.57 47.06 12.58
CA ILE I 238 43.67 47.82 11.67
C ILE I 238 44.49 48.95 11.05
N THR I 239 44.27 49.26 9.77
CA THR I 239 45.01 50.30 8.99
C THR I 239 44.01 51.34 8.48
N PHE I 240 44.34 52.63 8.59
CA PHE I 240 43.53 53.77 8.06
C PHE I 240 44.33 54.49 6.98
N SER I 241 43.84 54.48 5.73
CA SER I 241 44.41 55.23 4.57
C SER I 241 43.51 56.43 4.29
N HIS I 242 44.07 57.63 4.19
CA HIS I 242 43.30 58.90 4.06
C HIS I 242 44.20 60.06 3.61
N ASN I 243 43.60 61.01 2.89
CA ASN I 243 44.19 62.32 2.52
C ASN I 243 43.25 63.43 3.02
N GLY I 244 42.88 63.37 4.30
CA GLY I 244 41.92 64.29 4.96
C GLY I 244 40.54 63.66 5.03
N GLY I 245 39.70 64.13 5.97
CA GLY I 245 38.31 63.69 6.17
C GLY I 245 38.18 62.81 7.40
N LEU I 246 39.13 61.89 7.59
CA LEU I 246 39.19 60.95 8.75
C LEU I 246 39.40 61.73 10.05
N ILE I 247 38.81 61.26 11.15
CA ILE I 247 39.09 61.78 12.53
C ILE I 247 39.38 60.57 13.44
N ALA I 248 40.59 60.02 13.29
CA ALA I 248 41.11 58.80 13.95
C ALA I 248 40.97 58.89 15.47
N PRO I 249 41.00 57.75 16.20
CA PRO I 249 40.91 57.77 17.66
C PRO I 249 42.25 57.80 18.41
N SER I 250 42.31 58.57 19.50
CA SER I 250 43.46 58.65 20.45
C SER I 250 43.51 57.36 21.28
N ARG I 251 42.35 56.83 21.65
CA ARG I 251 42.21 55.59 22.44
C ARG I 251 41.07 54.75 21.87
N VAL I 252 41.13 53.44 22.10
CA VAL I 252 40.07 52.46 21.70
C VAL I 252 39.56 51.80 22.99
N SER I 253 38.28 51.40 22.99
CA SER I 253 37.54 50.88 24.18
C SER I 253 37.67 49.36 24.25
N LYS I 254 37.68 48.83 25.47
CA LYS I 254 37.41 47.40 25.77
C LYS I 254 36.21 47.36 26.72
N LEU I 255 35.19 46.56 26.39
CA LEU I 255 33.99 46.37 27.26
C LEU I 255 34.25 45.13 28.11
N ILE I 256 33.96 45.20 29.42
CA ILE I 256 34.36 44.17 30.43
C ILE I 256 33.09 43.57 31.06
N GLY I 257 33.13 42.25 31.30
CA GLY I 257 32.16 41.50 32.14
C GLY I 257 30.73 41.65 31.66
N ARG I 258 29.78 41.52 32.60
CA ARG I 258 28.30 41.57 32.36
C ARG I 258 27.66 42.63 33.26
N GLY I 259 26.50 43.15 32.83
CA GLY I 259 25.73 44.15 33.60
C GLY I 259 24.38 44.43 32.96
N LEU I 260 23.40 44.82 33.76
CA LEU I 260 22.05 45.21 33.29
C LEU I 260 22.13 46.53 32.52
N GLY I 261 21.16 46.77 31.63
CA GLY I 261 20.92 48.05 30.95
C GLY I 261 19.51 48.56 31.23
N ILE I 262 19.39 49.59 32.05
CA ILE I 262 18.10 50.22 32.46
C ILE I 262 17.91 51.55 31.75
N GLN I 263 16.74 51.75 31.14
CA GLN I 263 16.33 53.02 30.47
C GLN I 263 15.12 53.58 31.23
N SER I 264 15.32 54.66 32.00
CA SER I 264 14.28 55.27 32.88
C SER I 264 14.54 56.75 33.16
N GLU I 265 13.49 57.48 33.55
CA GLU I 265 13.55 58.90 33.99
C GLU I 265 13.36 58.99 35.51
N ALA I 266 13.39 57.85 36.21
CA ALA I 266 13.08 57.75 37.66
C ALA I 266 14.30 58.14 38.48
N PRO I 267 14.12 58.50 39.77
CA PRO I 267 15.23 58.76 40.69
C PRO I 267 15.89 57.49 41.25
N ILE I 268 16.95 57.66 42.05
CA ILE I 268 17.84 56.57 42.57
C ILE I 268 17.81 56.56 44.11
N ASP I 269 17.47 55.42 44.71
CA ASP I 269 17.48 55.17 46.18
C ASP I 269 18.41 53.98 46.47
N ASN I 270 19.28 54.07 47.47
CA ASN I 270 20.30 53.04 47.78
C ASN I 270 19.98 52.30 49.08
N SER I 271 18.87 52.66 49.75
CA SER I 271 18.37 51.99 50.99
C SER I 271 17.41 50.85 50.63
N CYS I 272 17.19 50.63 49.33
CA CYS I 272 16.22 49.66 48.75
C CYS I 272 16.96 48.75 47.74
N GLU I 273 16.65 47.45 47.73
CA GLU I 273 17.22 46.45 46.78
C GLU I 273 16.10 45.85 45.94
N SER I 274 16.42 45.44 44.70
CA SER I 274 15.44 44.93 43.69
C SER I 274 16.20 44.23 42.56
N LYS I 275 15.49 43.43 41.75
CA LYS I 275 16.04 42.72 40.58
C LYS I 275 15.16 42.90 39.33
N CYS I 276 14.04 43.64 39.42
CA CYS I 276 13.12 43.89 38.29
C CYS I 276 12.93 45.41 38.12
N PHE I 277 13.15 45.92 36.90
CA PHE I 277 13.13 47.37 36.56
C PHE I 277 12.32 47.62 35.29
N TRP I 278 11.93 48.89 35.10
CA TRP I 278 11.22 49.42 33.91
C TRP I 278 11.30 50.94 33.92
N ARG I 279 10.73 51.60 32.89
CA ARG I 279 10.72 53.08 32.73
C ARG I 279 10.23 53.71 34.04
N GLY I 280 9.05 53.30 34.50
CA GLY I 280 8.39 53.76 35.73
C GLY I 280 9.29 53.70 36.96
N GLY I 281 9.92 52.54 37.21
CA GLY I 281 10.85 52.36 38.34
C GLY I 281 11.20 50.91 38.60
N SER I 282 11.05 50.45 39.87
CA SER I 282 11.43 49.10 40.37
C SER I 282 10.19 48.30 40.77
N ILE I 283 10.31 46.96 40.74
CA ILE I 283 9.23 45.99 41.12
C ILE I 283 9.78 45.06 42.22
N ASN I 284 9.41 45.32 43.48
CA ASN I 284 9.91 44.63 44.69
C ASN I 284 8.75 43.86 45.34
N THR I 285 8.45 42.68 44.81
CA THR I 285 7.27 41.86 45.20
C THR I 285 7.59 40.37 45.02
N ARG I 286 7.05 39.53 45.92
CA ARG I 286 7.24 38.05 45.92
C ARG I 286 6.31 37.42 44.87
N LEU I 287 5.27 38.15 44.45
CA LEU I 287 4.15 37.64 43.62
C LEU I 287 4.68 37.14 42.28
N PRO I 288 3.96 36.21 41.62
CA PRO I 288 4.39 35.67 40.31
C PRO I 288 4.03 36.48 39.07
N PHE I 289 3.02 37.35 39.14
CA PHE I 289 2.48 38.11 37.97
C PHE I 289 2.40 39.62 38.28
N GLN I 290 2.36 40.44 37.22
CA GLN I 290 2.28 41.93 37.30
C GLN I 290 1.58 42.47 36.05
N ASN I 291 1.00 43.68 36.17
CA ASN I 291 0.22 44.35 35.09
C ASN I 291 0.70 45.80 34.92
N LEU I 292 1.94 46.10 35.32
CA LEU I 292 2.56 47.45 35.27
C LEU I 292 3.05 47.74 33.86
N SER I 293 3.87 46.84 33.30
CA SER I 293 4.49 47.01 31.96
C SER I 293 4.92 45.66 31.40
N PRO I 294 4.71 45.44 30.08
CA PRO I 294 5.40 44.36 29.36
C PRO I 294 6.89 44.65 29.08
N ARG I 295 7.30 45.93 29.11
CA ARG I 295 8.71 46.36 28.89
C ARG I 295 9.45 46.41 30.23
N THR I 296 10.17 45.33 30.58
CA THR I 296 10.94 45.22 31.85
C THR I 296 12.25 44.46 31.63
N VAL I 297 13.16 44.54 32.61
CA VAL I 297 14.54 43.96 32.57
C VAL I 297 14.87 43.35 33.93
N GLY I 298 15.67 42.27 33.92
CA GLY I 298 16.12 41.54 35.12
C GLY I 298 15.26 40.34 35.41
N GLN I 299 15.02 40.04 36.70
CA GLN I 299 14.26 38.87 37.19
C GLN I 299 12.84 39.31 37.56
N CYS I 300 11.95 39.37 36.57
CA CYS I 300 10.61 40.01 36.67
C CYS I 300 9.49 38.97 36.82
N PRO I 301 8.40 39.32 37.55
CA PRO I 301 7.11 38.66 37.40
C PRO I 301 6.62 38.75 35.96
N LYS I 302 5.89 37.75 35.48
CA LYS I 302 5.37 37.75 34.08
C LYS I 302 4.26 38.82 33.96
N TYR I 303 4.16 39.46 32.79
CA TYR I 303 3.11 40.46 32.47
C TYR I 303 1.82 39.71 32.12
N VAL I 304 0.72 40.11 32.75
CA VAL I 304 -0.61 39.45 32.63
C VAL I 304 -1.67 40.54 32.42
N ASN I 305 -2.57 40.36 31.45
CA ASN I 305 -3.68 41.30 31.12
C ASN I 305 -4.84 41.10 32.10
N LYS I 306 -4.60 41.27 33.41
CA LYS I 306 -5.63 41.04 34.45
C LYS I 306 -5.44 42.06 35.58
N LYS I 307 -6.53 42.73 35.98
CA LYS I 307 -6.55 43.79 37.04
C LYS I 307 -6.17 43.13 38.36
N SER I 308 -6.87 42.04 38.69
CA SER I 308 -6.72 41.24 39.94
C SER I 308 -6.87 39.75 39.61
N LEU I 309 -6.15 38.90 40.33
CA LEU I 309 -6.35 37.43 40.37
C LEU I 309 -6.23 36.98 41.84
N MET I 310 -7.29 36.40 42.40
CA MET I 310 -7.38 36.09 43.85
C MET I 310 -7.25 34.57 44.05
N LEU I 311 -6.26 34.14 44.84
CA LEU I 311 -5.98 32.72 45.19
C LEU I 311 -6.60 32.40 46.56
N ALA I 312 -7.56 31.49 46.60
CA ALA I 312 -8.30 31.08 47.80
C ALA I 312 -7.32 30.45 48.80
N THR I 313 -7.36 30.91 50.04
CA THR I 313 -6.54 30.40 51.18
C THR I 313 -7.45 29.80 52.27
N GLY I 314 -8.68 29.41 51.92
CA GLY I 314 -9.69 28.89 52.88
C GLY I 314 -10.95 28.40 52.21
N MET I 315 -11.70 27.53 52.91
CA MET I 315 -12.86 26.75 52.36
C MET I 315 -13.99 27.70 51.96
N ARG I 316 -15.04 27.14 51.33
CA ARG I 316 -16.29 27.87 51.02
C ARG I 316 -16.79 28.52 52.31
N ASN I 317 -17.10 29.81 52.26
CA ASN I 317 -17.80 30.54 53.35
C ASN I 317 -19.29 30.20 53.23
N VAL I 318 -19.85 29.55 54.25
CA VAL I 318 -21.31 29.26 54.35
C VAL I 318 -21.87 30.09 55.51
N PRO I 319 -22.50 31.25 55.22
CA PRO I 319 -23.05 32.11 56.28
C PRO I 319 -24.52 31.78 56.59
N GLU I 320 -25.15 32.56 57.48
CA GLU I 320 -26.61 32.58 57.77
C GLU I 320 -27.00 33.95 58.36
N GLY J 1 -20.19 20.26 47.77
CA GLY J 1 -19.45 20.25 46.47
C GLY J 1 -19.14 18.83 46.03
N LEU J 2 -17.86 18.47 45.91
CA LEU J 2 -17.40 17.12 45.51
C LEU J 2 -17.67 16.11 46.63
N PHE J 3 -17.39 16.46 47.89
CA PHE J 3 -17.49 15.52 49.04
C PHE J 3 -18.80 15.75 49.80
N GLY J 4 -19.51 16.84 49.51
CA GLY J 4 -20.89 17.08 49.98
C GLY J 4 -20.97 17.27 51.48
N ALA J 5 -19.87 17.70 52.12
CA ALA J 5 -19.75 17.95 53.59
C ALA J 5 -19.90 19.44 53.89
N ILE J 6 -19.55 20.32 52.94
CA ILE J 6 -19.55 21.81 53.13
C ILE J 6 -20.31 22.43 51.97
N ALA J 7 -21.20 23.37 52.27
CA ALA J 7 -22.37 23.73 51.42
C ALA J 7 -23.06 22.40 51.03
N GLY J 8 -23.07 21.46 51.98
CA GLY J 8 -23.41 20.03 51.78
C GLY J 8 -24.49 19.59 52.76
N PHE J 9 -24.36 18.40 53.34
CA PHE J 9 -25.32 17.89 54.36
C PHE J 9 -25.24 18.78 55.62
N ILE J 10 -24.09 19.42 55.82
CA ILE J 10 -23.87 20.51 56.82
C ILE J 10 -24.49 21.81 56.28
N GLU J 11 -25.59 22.23 56.91
CA GLU J 11 -26.47 23.36 56.49
C GLU J 11 -25.60 24.62 56.38
N ASN J 12 -24.87 24.95 57.45
CA ASN J 12 -23.98 26.14 57.47
C ASN J 12 -22.78 25.91 58.40
N GLY J 13 -21.77 26.78 58.28
CA GLY J 13 -20.61 26.85 59.17
C GLY J 13 -20.93 27.70 60.39
N TRP J 14 -19.95 27.90 61.26
CA TRP J 14 -20.16 28.54 62.59
C TRP J 14 -19.30 29.80 62.70
N GLU J 15 -19.95 30.98 62.69
CA GLU J 15 -19.30 32.32 62.76
C GLU J 15 -18.68 32.49 64.15
N GLY J 16 -19.28 31.88 65.18
CA GLY J 16 -18.80 31.89 66.58
C GLY J 16 -17.47 31.17 66.73
N MET J 17 -17.17 30.21 65.86
CA MET J 17 -15.96 29.33 65.97
C MET J 17 -14.72 30.07 65.46
N VAL J 18 -13.73 30.27 66.33
CA VAL J 18 -12.38 30.81 66.00
C VAL J 18 -11.33 29.90 66.68
N ASP J 19 -10.08 29.91 66.20
CA ASP J 19 -8.96 29.04 66.68
C ASP J 19 -9.17 27.60 66.17
N GLY J 20 -10.01 27.44 65.13
CA GLY J 20 -10.27 26.15 64.46
C GLY J 20 -10.98 26.34 63.13
N TRP J 21 -10.89 25.36 62.23
CA TRP J 21 -11.60 25.33 60.92
C TRP J 21 -12.78 24.37 61.00
N TYR J 22 -12.50 23.13 61.42
CA TYR J 22 -13.50 22.07 61.71
C TYR J 22 -13.50 21.79 63.22
N GLY J 23 -14.62 21.28 63.74
CA GLY J 23 -14.71 20.82 65.14
C GLY J 23 -16.11 20.35 65.49
N PHE J 24 -16.50 20.49 66.77
CA PHE J 24 -17.68 19.82 67.37
C PHE J 24 -18.52 20.80 68.21
N ARG J 25 -19.83 20.53 68.30
CA ARG J 25 -20.77 21.13 69.27
C ARG J 25 -21.69 20.02 69.82
N HIS J 26 -21.47 19.58 71.05
CA HIS J 26 -22.28 18.53 71.75
C HIS J 26 -23.38 19.18 72.59
N GLN J 27 -24.52 18.47 72.72
CA GLN J 27 -25.66 18.80 73.61
C GLN J 27 -25.92 17.60 74.52
N ASN J 28 -25.92 17.79 75.84
CA ASN J 28 -26.08 16.71 76.85
C ASN J 28 -26.69 17.29 78.12
N ALA J 29 -27.00 16.42 79.10
CA ALA J 29 -27.57 16.77 80.42
C ALA J 29 -26.84 17.99 81.00
N GLN J 30 -25.50 17.98 81.00
CA GLN J 30 -24.62 19.09 81.51
C GLN J 30 -24.92 20.39 80.75
N GLY J 31 -25.21 20.28 79.45
CA GLY J 31 -25.67 21.37 78.59
C GLY J 31 -24.85 21.52 77.32
N THR J 32 -25.16 22.55 76.52
CA THR J 32 -24.52 22.86 75.22
C THR J 32 -23.04 23.23 75.45
N GLY J 33 -22.15 22.79 74.57
CA GLY J 33 -20.70 23.11 74.60
C GLY J 33 -20.02 22.92 73.24
N GLN J 34 -19.17 23.87 72.84
CA GLN J 34 -18.38 23.86 71.57
C GLN J 34 -16.96 23.35 71.86
N ALA J 35 -16.22 22.97 70.82
CA ALA J 35 -14.79 22.55 70.87
C ALA J 35 -14.25 22.38 69.44
N ALA J 36 -12.95 22.63 69.25
CA ALA J 36 -12.27 22.59 67.94
C ALA J 36 -11.46 21.30 67.80
N ASP J 37 -11.05 20.97 66.57
CA ASP J 37 -10.21 19.79 66.22
C ASP J 37 -8.90 20.28 65.59
N TYR J 38 -7.77 19.72 66.03
CA TYR J 38 -6.40 20.14 65.62
C TYR J 38 -5.97 19.41 64.35
N LYS J 39 -6.02 18.06 64.38
CA LYS J 39 -5.49 17.17 63.33
C LYS J 39 -6.09 17.55 61.97
N SER J 40 -7.37 17.94 61.94
CA SER J 40 -8.12 18.30 60.71
C SER J 40 -7.78 19.73 60.26
N THR J 41 -7.84 20.69 61.19
CA THR J 41 -7.63 22.14 60.93
C THR J 41 -6.19 22.39 60.47
N GLN J 42 -5.25 21.54 60.90
CA GLN J 42 -3.81 21.69 60.57
C GLN J 42 -3.55 21.06 59.20
N ALA J 43 -4.08 19.85 58.94
CA ALA J 43 -3.96 19.14 57.63
C ALA J 43 -4.45 20.05 56.50
N ALA J 44 -5.51 20.83 56.73
CA ALA J 44 -6.09 21.78 55.75
C ALA J 44 -5.09 22.89 55.44
N ILE J 45 -4.63 23.60 56.46
CA ILE J 45 -3.80 24.84 56.35
C ILE J 45 -2.44 24.45 55.76
N ASP J 46 -1.85 23.36 56.27
CA ASP J 46 -0.54 22.82 55.84
C ASP J 46 -0.59 22.52 54.34
N GLN J 47 -1.72 22.03 53.85
CA GLN J 47 -1.98 21.78 52.41
C GLN J 47 -2.03 23.11 51.66
N ILE J 48 -2.66 24.14 52.24
CA ILE J 48 -2.76 25.51 51.61
C ILE J 48 -1.39 26.20 51.69
N THR J 49 -0.67 26.07 52.81
CA THR J 49 0.69 26.61 53.00
C THR J 49 1.61 26.06 51.89
N GLY J 50 1.51 24.75 51.62
CA GLY J 50 2.20 24.07 50.51
C GLY J 50 1.94 24.72 49.16
N LYS J 51 0.69 25.14 48.92
CA LYS J 51 0.27 25.81 47.65
C LYS J 51 0.86 27.21 47.57
N LEU J 52 0.80 27.98 48.65
CA LEU J 52 1.33 29.36 48.70
C LEU J 52 2.84 29.32 48.44
N ASN J 53 3.53 28.29 48.93
CA ASN J 53 4.99 28.16 48.79
C ASN J 53 5.37 28.01 47.32
N ARG J 54 4.50 27.38 46.51
CA ARG J 54 4.80 27.02 45.10
C ARG J 54 4.38 28.15 44.16
N ILE J 55 3.18 28.71 44.34
CA ILE J 55 2.56 29.70 43.39
C ILE J 55 3.17 31.09 43.60
N ILE J 56 3.48 31.45 44.85
CA ILE J 56 4.04 32.78 45.25
C ILE J 56 5.56 32.75 45.03
N LYS J 57 6.01 32.67 43.77
CA LYS J 57 7.45 32.74 43.40
C LYS J 57 7.59 33.16 41.93
N LYS J 58 8.82 33.51 41.52
CA LYS J 58 9.14 33.98 40.15
C LYS J 58 10.37 33.22 39.62
N THR J 59 10.64 33.32 38.32
CA THR J 59 11.84 32.72 37.68
C THR J 59 13.05 33.59 38.00
N ASN J 60 14.22 32.97 38.10
CA ASN J 60 15.51 33.65 38.36
C ASN J 60 16.12 34.10 37.03
N THR J 61 15.53 33.70 35.89
CA THR J 61 16.04 33.98 34.52
C THR J 61 16.20 35.50 34.36
N GLU J 62 17.36 35.93 33.86
CA GLU J 62 17.70 37.35 33.62
C GLU J 62 17.44 37.68 32.15
N PHE J 63 16.54 38.63 31.92
CA PHE J 63 16.12 39.16 30.61
C PHE J 63 16.80 40.52 30.41
N GLU J 64 17.50 40.70 29.29
CA GLU J 64 17.95 42.02 28.78
C GLU J 64 16.75 42.71 28.12
N SER J 65 16.93 43.94 27.63
CA SER J 65 15.93 44.70 26.85
C SER J 65 16.16 44.46 25.36
N ILE J 66 15.10 44.18 24.61
CA ILE J 66 15.18 43.99 23.13
C ILE J 66 14.66 45.25 22.41
N GLU J 67 14.11 46.21 23.16
CA GLU J 67 13.48 47.45 22.64
C GLU J 67 14.13 48.68 23.29
N SER J 68 14.41 49.72 22.51
CA SER J 68 14.86 51.04 23.01
C SER J 68 13.65 51.84 23.53
N GLU J 69 13.71 52.30 24.78
CA GLU J 69 12.63 53.11 25.41
C GLU J 69 12.56 54.50 24.76
N PHE J 70 13.71 55.06 24.38
CA PHE J 70 13.86 56.48 23.96
C PHE J 70 14.18 56.60 22.47
N SER J 71 14.19 55.48 21.74
CA SER J 71 14.38 55.42 20.26
C SER J 71 13.41 54.43 19.64
N GLU J 72 12.83 54.77 18.49
CA GLU J 72 12.03 53.84 17.65
C GLU J 72 13.01 53.03 16.81
N ILE J 73 13.07 51.71 17.01
CA ILE J 73 13.97 50.79 16.26
C ILE J 73 13.27 50.43 14.94
N ASP J 74 13.99 49.74 14.04
CA ASP J 74 13.50 49.33 12.69
C ASP J 74 12.07 48.81 12.79
N HIS J 75 11.21 49.27 11.87
CA HIS J 75 9.74 49.12 11.93
C HIS J 75 9.34 47.63 11.83
N GLN J 76 10.08 46.82 11.06
CA GLN J 76 9.70 45.42 10.76
C GLN J 76 10.03 44.50 11.95
N ILE J 77 11.17 44.73 12.62
CA ILE J 77 11.61 43.90 13.78
C ILE J 77 10.81 44.32 15.02
N GLY J 78 10.51 45.61 15.18
CA GLY J 78 9.65 46.13 16.26
C GLY J 78 8.24 45.55 16.18
N ASN J 79 7.81 45.19 14.96
CA ASN J 79 6.54 44.47 14.68
C ASN J 79 6.71 42.99 15.08
N VAL J 80 7.86 42.38 14.79
CA VAL J 80 8.18 40.98 15.22
C VAL J 80 8.23 40.94 16.75
N ILE J 81 8.92 41.91 17.36
CA ILE J 81 9.04 42.04 18.84
C ILE J 81 7.63 42.23 19.43
N ASN J 82 6.84 43.16 18.90
CA ASN J 82 5.46 43.42 19.38
C ASN J 82 4.66 42.11 19.32
N TRP J 83 4.69 41.43 18.17
CA TRP J 83 3.90 40.20 17.89
C TRP J 83 4.23 39.08 18.90
N THR J 84 5.50 38.90 19.27
CA THR J 84 5.90 37.84 20.26
C THR J 84 5.52 38.34 21.67
N LYS J 85 5.80 39.60 21.99
CA LYS J 85 5.51 40.18 23.33
C LYS J 85 4.01 40.08 23.60
N ASP J 86 3.18 40.25 22.57
CA ASP J 86 1.69 40.11 22.69
C ASP J 86 1.35 38.63 22.87
N SER J 87 1.90 37.77 22.00
CA SER J 87 1.65 36.30 22.01
C SER J 87 2.02 35.73 23.39
N ILE J 88 3.22 36.01 23.88
CA ILE J 88 3.74 35.51 25.18
C ILE J 88 2.73 35.95 26.26
N THR J 89 2.38 37.23 26.29
CA THR J 89 1.47 37.80 27.33
C THR J 89 0.12 37.07 27.33
N ASP J 90 -0.43 36.70 26.17
CA ASP J 90 -1.69 35.92 26.08
C ASP J 90 -1.49 34.56 26.75
N ILE J 91 -0.33 33.94 26.57
CA ILE J 91 0.03 32.62 27.18
C ILE J 91 0.09 32.80 28.70
N TRP J 92 1.00 33.63 29.20
CA TRP J 92 1.11 33.90 30.66
C TRP J 92 -0.26 34.31 31.24
N THR J 93 -1.06 35.06 30.51
CA THR J 93 -2.41 35.49 30.96
C THR J 93 -3.30 34.26 31.09
N TYR J 94 -3.31 33.39 30.08
CA TYR J 94 -4.13 32.15 30.07
C TYR J 94 -3.70 31.21 31.19
N GLN J 95 -2.39 31.16 31.42
CA GLN J 95 -1.72 30.22 32.36
C GLN J 95 -2.03 30.65 33.80
N ALA J 96 -2.03 31.96 34.06
CA ALA J 96 -2.39 32.54 35.37
C ALA J 96 -3.84 32.19 35.67
N GLU J 97 -4.75 32.49 34.75
CA GLU J 97 -6.23 32.37 34.93
C GLU J 97 -6.56 30.91 35.22
N LEU J 98 -5.94 29.98 34.48
CA LEU J 98 -6.16 28.52 34.59
C LEU J 98 -5.55 27.97 35.88
N LEU J 99 -4.37 28.46 36.28
CA LEU J 99 -3.66 28.02 37.50
C LEU J 99 -4.57 28.30 38.70
N VAL J 100 -4.99 29.54 38.83
CA VAL J 100 -5.71 30.02 40.05
C VAL J 100 -7.10 29.39 40.08
N ALA J 101 -7.75 29.28 38.94
CA ALA J 101 -9.08 28.64 38.80
C ALA J 101 -9.00 27.21 39.36
N MET J 102 -8.07 26.41 38.86
CA MET J 102 -8.06 24.95 39.17
C MET J 102 -7.59 24.75 40.61
N GLU J 103 -6.69 25.62 41.10
CA GLU J 103 -6.15 25.58 42.47
C GLU J 103 -7.24 26.01 43.46
N ASN J 104 -8.00 27.06 43.12
CA ASN J 104 -9.19 27.49 43.89
C ASN J 104 -10.15 26.31 43.96
N GLN J 105 -10.47 25.70 42.82
CA GLN J 105 -11.38 24.53 42.72
C GLN J 105 -10.91 23.45 43.69
N HIS J 106 -9.61 23.15 43.71
CA HIS J 106 -9.02 22.04 44.51
C HIS J 106 -8.95 22.44 45.99
N THR J 107 -8.53 23.66 46.32
CA THR J 107 -8.55 24.22 47.71
C THR J 107 -9.93 23.97 48.33
N ILE J 108 -10.97 24.45 47.66
CA ILE J 108 -12.38 24.37 48.13
C ILE J 108 -12.74 22.89 48.41
N ASP J 109 -12.37 21.96 47.52
CA ASP J 109 -12.86 20.55 47.59
C ASP J 109 -11.99 19.78 48.58
N MET J 110 -10.73 20.17 48.75
CA MET J 110 -9.79 19.53 49.72
C MET J 110 -10.34 19.77 51.14
N ALA J 111 -10.84 20.97 51.42
CA ALA J 111 -11.41 21.36 52.73
C ALA J 111 -12.63 20.50 53.04
N ASP J 112 -13.62 20.54 52.12
CA ASP J 112 -14.83 19.67 52.10
C ASP J 112 -14.39 18.24 52.46
N SER J 113 -13.28 17.79 51.89
CA SER J 113 -12.76 16.41 52.06
C SER J 113 -12.35 16.19 53.51
N GLU J 114 -11.57 17.09 54.12
CA GLU J 114 -11.07 16.94 55.51
C GLU J 114 -12.24 16.96 56.51
N MET J 115 -13.27 17.79 56.26
CA MET J 115 -14.55 17.82 57.03
C MET J 115 -15.26 16.46 56.91
N LEU J 116 -15.36 15.91 55.70
CA LEU J 116 -15.97 14.57 55.48
C LEU J 116 -15.15 13.51 56.21
N ASN J 117 -13.82 13.61 56.14
CA ASN J 117 -12.89 12.56 56.65
C ASN J 117 -13.05 12.44 58.17
N LEU J 118 -13.26 13.57 58.85
CA LEU J 118 -13.44 13.63 60.32
C LEU J 118 -14.79 13.00 60.67
N TYR J 119 -15.87 13.53 60.10
CA TYR J 119 -17.25 13.00 60.26
C TYR J 119 -17.23 11.47 60.13
N GLU J 120 -16.39 10.91 59.25
CA GLU J 120 -16.33 9.45 59.02
C GLU J 120 -15.51 8.79 60.12
N ARG J 121 -14.49 9.47 60.64
CA ARG J 121 -13.57 8.97 61.70
C ARG J 121 -14.36 8.84 63.01
N VAL J 122 -15.20 9.84 63.32
CA VAL J 122 -16.14 9.86 64.48
C VAL J 122 -17.16 8.73 64.32
N ARG J 123 -17.80 8.63 63.15
CA ARG J 123 -18.88 7.65 62.85
C ARG J 123 -18.41 6.22 63.16
N LYS J 124 -17.20 5.87 62.73
CA LYS J 124 -16.69 4.48 62.76
C LYS J 124 -16.29 4.11 64.20
N GLN J 125 -15.87 5.10 64.99
CA GLN J 125 -15.59 4.97 66.45
C GLN J 125 -16.90 4.65 67.19
N LEU J 126 -17.88 5.54 67.09
CA LEU J 126 -19.21 5.42 67.73
C LEU J 126 -19.85 4.07 67.42
N ARG J 127 -19.50 3.42 66.31
CA ARG J 127 -19.93 2.06 65.91
C ARG J 127 -21.46 1.95 66.05
N GLN J 128 -21.99 1.03 66.87
CA GLN J 128 -23.47 0.76 66.95
C GLN J 128 -24.14 1.56 68.08
N ASN J 129 -23.50 2.63 68.60
CA ASN J 129 -23.97 3.39 69.79
C ASN J 129 -24.64 4.71 69.38
N ALA J 130 -24.38 5.20 68.17
CA ALA J 130 -24.96 6.46 67.64
C ALA J 130 -25.64 6.22 66.29
N GLU J 131 -26.34 7.24 65.81
CA GLU J 131 -27.09 7.22 64.52
C GLU J 131 -26.98 8.60 63.88
N GLU J 132 -26.90 8.66 62.55
CA GLU J 132 -26.66 9.91 61.80
C GLU J 132 -27.97 10.71 61.75
N ASP J 133 -27.91 11.98 62.14
CA ASP J 133 -29.04 12.96 62.07
C ASP J 133 -29.35 13.25 60.61
N GLY J 134 -28.33 13.63 59.84
CA GLY J 134 -28.46 14.05 58.43
C GLY J 134 -27.94 15.45 58.22
N LYS J 135 -27.85 16.25 59.30
CA LYS J 135 -27.33 17.65 59.29
C LYS J 135 -25.88 17.67 59.80
N GLY J 136 -25.20 16.53 59.81
CA GLY J 136 -23.80 16.40 60.28
C GLY J 136 -23.70 16.11 61.76
N CYS J 137 -24.82 15.73 62.38
CA CYS J 137 -24.93 15.41 63.84
C CYS J 137 -25.09 13.90 64.04
N PHE J 138 -24.61 13.41 65.17
CA PHE J 138 -24.84 12.03 65.67
C PHE J 138 -25.68 12.10 66.95
N GLU J 139 -26.91 11.58 66.91
CA GLU J 139 -27.68 11.23 68.13
C GLU J 139 -26.97 10.04 68.78
N ILE J 140 -26.72 10.14 70.09
CA ILE J 140 -26.17 9.03 70.93
C ILE J 140 -27.33 8.49 71.78
N TYR J 141 -27.46 7.16 71.82
CA TYR J 141 -28.56 6.45 72.51
C TYR J 141 -28.07 5.90 73.86
N HIS J 142 -27.12 6.61 74.49
CA HIS J 142 -26.64 6.34 75.86
C HIS J 142 -26.17 7.66 76.48
N ALA J 143 -26.28 7.81 77.80
CA ALA J 143 -25.90 9.03 78.56
C ALA J 143 -24.40 9.29 78.35
N CYS J 144 -24.04 10.50 77.93
CA CYS J 144 -22.66 10.88 77.54
C CYS J 144 -22.30 12.19 78.24
N ASP J 145 -21.44 12.10 79.27
CA ASP J 145 -20.91 13.24 80.07
C ASP J 145 -19.78 13.90 79.28
N ASP J 146 -19.25 15.02 79.80
CA ASP J 146 -18.19 15.82 79.13
C ASP J 146 -16.91 14.98 79.02
N SER J 147 -16.70 14.03 79.94
CA SER J 147 -15.62 13.01 79.86
C SER J 147 -15.86 12.11 78.64
N CYS J 148 -17.09 11.61 78.49
CA CYS J 148 -17.55 10.75 77.37
C CYS J 148 -17.48 11.54 76.05
N MET J 149 -17.93 12.81 76.04
CA MET J 149 -17.92 13.70 74.85
C MET J 149 -16.47 14.02 74.46
N GLU J 150 -15.57 14.21 75.43
CA GLU J 150 -14.14 14.51 75.12
C GLU J 150 -13.47 13.25 74.54
N SER J 151 -13.89 12.05 74.97
CA SER J 151 -13.32 10.78 74.48
C SER J 151 -13.66 10.57 72.99
N ILE J 152 -14.71 11.25 72.50
CA ILE J 152 -15.10 11.29 71.05
C ILE J 152 -14.13 12.21 70.32
N ARG J 153 -13.94 13.42 70.84
CA ARG J 153 -13.15 14.50 70.20
C ARG J 153 -11.67 14.10 70.14
N ASN J 154 -11.21 13.27 71.08
CA ASN J 154 -9.76 12.95 71.26
C ASN J 154 -9.43 11.63 70.56
N ASN J 155 -10.42 10.97 69.95
CA ASN J 155 -10.26 9.69 69.22
C ASN J 155 -9.78 8.60 70.20
N THR J 156 -10.36 8.57 71.40
CA THR J 156 -10.04 7.61 72.48
C THR J 156 -11.28 6.82 72.92
N TYR J 157 -12.50 7.24 72.52
CA TYR J 157 -13.80 6.65 72.91
C TYR J 157 -13.82 5.15 72.63
N ASP J 158 -14.38 4.37 73.55
CA ASP J 158 -14.55 2.90 73.42
C ASP J 158 -16.04 2.62 73.23
N HIS J 159 -16.39 1.90 72.16
CA HIS J 159 -17.78 1.62 71.71
C HIS J 159 -18.42 0.52 72.56
N SER J 160 -17.61 -0.44 73.06
CA SER J 160 -18.08 -1.67 73.73
C SER J 160 -18.47 -1.37 75.19
N GLN J 161 -18.06 -0.20 75.68
CA GLN J 161 -18.34 0.30 77.06
C GLN J 161 -19.85 0.54 77.24
N TYR J 162 -20.52 1.10 76.22
CA TYR J 162 -21.94 1.53 76.31
C TYR J 162 -22.79 0.83 75.24
N ARG J 163 -22.33 -0.31 74.70
CA ARG J 163 -22.93 -0.98 73.51
C ARG J 163 -24.26 -1.62 73.88
N GLU J 164 -24.22 -2.58 74.82
CA GLU J 164 -25.38 -3.36 75.33
C GLU J 164 -26.49 -2.38 75.72
N GLU J 165 -26.10 -1.28 76.38
CA GLU J 165 -27.00 -0.18 76.83
C GLU J 165 -27.64 0.48 75.60
N ALA J 166 -26.82 0.94 74.66
CA ALA J 166 -27.22 1.74 73.49
C ALA J 166 -28.13 0.92 72.58
N LEU J 167 -27.71 -0.29 72.21
CA LEU J 167 -28.49 -1.18 71.31
C LEU J 167 -29.95 -1.25 71.78
N LEU J 168 -30.17 -1.48 73.08
CA LEU J 168 -31.55 -1.62 73.66
C LEU J 168 -32.25 -0.25 73.68
N ASN J 169 -31.51 0.85 73.70
CA ASN J 169 -32.08 2.22 73.60
C ASN J 169 -32.52 2.48 72.15
N ARG J 170 -31.79 1.93 71.16
CA ARG J 170 -32.11 2.11 69.72
C ARG J 170 -33.35 1.26 69.39
N LEU J 171 -33.36 -0.01 69.82
CA LEU J 171 -34.44 -1.00 69.57
C LEU J 171 -35.75 -0.57 70.26
N ASN J 172 -35.67 -0.09 71.51
CA ASN J 172 -36.82 0.46 72.31
C ASN J 172 -37.89 -0.62 72.51
N ASP K 3 -26.93 -78.72 17.07
CA ASP K 3 -26.52 -78.94 15.64
C ASP K 3 -26.47 -77.59 14.92
N LYS K 4 -25.34 -77.27 14.26
CA LYS K 4 -25.00 -75.89 13.84
C LYS K 4 -24.31 -75.93 12.47
N ILE K 5 -24.71 -75.02 11.57
CA ILE K 5 -24.02 -74.77 10.26
C ILE K 5 -23.55 -73.31 10.21
N CYS K 6 -22.28 -73.11 9.84
CA CYS K 6 -21.60 -71.78 9.82
C CYS K 6 -21.20 -71.42 8.39
N LEU K 7 -21.49 -70.18 8.00
CA LEU K 7 -21.11 -69.60 6.68
C LEU K 7 -19.90 -68.69 6.85
N GLY K 8 -18.95 -68.79 5.92
CA GLY K 8 -17.72 -67.99 5.97
C GLY K 8 -17.10 -67.76 4.62
N HIS K 9 -15.99 -67.01 4.61
CA HIS K 9 -15.17 -66.64 3.44
C HIS K 9 -13.69 -66.89 3.72
N HIS K 10 -12.88 -67.01 2.68
CA HIS K 10 -11.43 -67.33 2.85
C HIS K 10 -10.70 -66.09 3.36
N ALA K 11 -9.39 -66.25 3.54
CA ALA K 11 -8.40 -65.24 3.96
C ALA K 11 -7.01 -65.83 3.75
N VAL K 12 -5.97 -65.03 4.01
CA VAL K 12 -4.54 -65.40 3.87
C VAL K 12 -3.72 -64.46 4.77
N ALA K 13 -2.67 -64.96 5.42
CA ALA K 13 -1.73 -64.17 6.26
C ALA K 13 -1.01 -63.15 5.38
N ASN K 14 -0.71 -63.51 4.13
CA ASN K 14 -0.01 -62.67 3.13
C ASN K 14 -1.03 -61.82 2.35
N GLY K 15 -1.63 -60.82 3.00
CA GLY K 15 -2.51 -59.82 2.34
C GLY K 15 -1.73 -58.87 1.44
N THR K 16 -2.43 -58.09 0.59
CA THR K 16 -1.89 -56.99 -0.25
C THR K 16 -2.61 -55.69 0.10
N ILE K 17 -1.90 -54.58 0.21
CA ILE K 17 -2.50 -53.27 0.58
C ILE K 17 -2.88 -52.57 -0.72
N VAL K 18 -4.11 -52.03 -0.80
CA VAL K 18 -4.68 -51.35 -2.00
C VAL K 18 -5.47 -50.11 -1.54
N LYS K 19 -5.65 -49.12 -2.42
CA LYS K 19 -6.36 -47.86 -2.08
C LYS K 19 -7.81 -47.96 -2.54
N THR K 20 -8.74 -47.48 -1.71
CA THR K 20 -10.19 -47.36 -2.01
C THR K 20 -10.57 -45.88 -1.97
N LEU K 21 -11.83 -45.55 -2.24
CA LEU K 21 -12.35 -44.16 -2.18
C LEU K 21 -12.14 -43.65 -0.75
N THR K 22 -12.27 -44.56 0.21
CA THR K 22 -12.66 -44.28 1.62
C THR K 22 -11.53 -44.65 2.60
N ASN K 23 -10.58 -45.49 2.20
CA ASN K 23 -9.45 -45.94 3.06
C ASN K 23 -8.16 -46.02 2.23
N GLU K 24 -7.10 -45.38 2.73
CA GLU K 24 -5.76 -45.31 2.08
C GLU K 24 -5.04 -46.66 2.20
N GLN K 25 -5.24 -47.39 3.29
CA GLN K 25 -4.55 -48.67 3.59
C GLN K 25 -5.61 -49.74 3.85
N GLU K 26 -5.94 -50.56 2.84
CA GLU K 26 -7.02 -51.57 2.91
C GLU K 26 -6.45 -52.94 2.50
N GLU K 27 -6.58 -53.93 3.37
CA GLU K 27 -5.96 -55.26 3.15
C GLU K 27 -6.96 -56.12 2.38
N VAL K 28 -6.52 -56.73 1.27
CA VAL K 28 -7.34 -57.61 0.39
C VAL K 28 -6.55 -58.87 0.08
N THR K 29 -7.21 -59.89 -0.46
CA THR K 29 -6.68 -61.28 -0.58
C THR K 29 -5.74 -61.37 -1.79
N ASN K 30 -5.79 -60.38 -2.68
CA ASN K 30 -5.02 -60.36 -3.94
C ASN K 30 -5.24 -59.01 -4.64
N ALA K 31 -4.28 -58.60 -5.47
CA ALA K 31 -4.33 -57.36 -6.27
C ALA K 31 -3.40 -57.50 -7.49
N THR K 32 -3.63 -56.69 -8.53
CA THR K 32 -2.77 -56.57 -9.74
C THR K 32 -2.28 -55.11 -9.85
N GLU K 33 -1.11 -54.93 -10.48
CA GLU K 33 -0.52 -53.62 -10.85
C GLU K 33 -1.19 -53.12 -12.13
N THR K 34 -1.52 -51.83 -12.19
CA THR K 34 -2.03 -51.13 -13.41
C THR K 34 -0.93 -50.29 -14.08
N VAL K 35 0.08 -49.82 -13.34
CA VAL K 35 1.16 -48.93 -13.85
C VAL K 35 2.41 -49.74 -14.17
N GLU K 36 2.78 -49.88 -15.44
CA GLU K 36 4.04 -50.56 -15.87
C GLU K 36 5.22 -49.65 -15.55
N SER K 37 6.29 -50.21 -14.94
CA SER K 37 7.54 -49.49 -14.56
C SER K 37 8.77 -50.07 -15.26
N THR K 38 8.62 -51.15 -16.01
CA THR K 38 9.72 -51.84 -16.74
C THR K 38 9.48 -51.70 -18.24
N SER K 39 10.48 -52.06 -19.06
CA SER K 39 10.61 -51.72 -20.50
C SER K 39 11.75 -52.51 -21.12
N LEU K 40 11.58 -53.09 -22.31
CA LEU K 40 12.70 -53.68 -23.08
C LEU K 40 13.66 -52.56 -23.47
N ASN K 41 14.96 -52.87 -23.50
CA ASN K 41 16.04 -51.94 -23.93
C ASN K 41 16.36 -52.24 -25.39
N ARG K 42 15.37 -52.73 -26.14
CA ARG K 42 15.46 -53.08 -27.58
C ARG K 42 14.28 -52.43 -28.34
N LEU K 43 14.48 -52.14 -29.62
CA LEU K 43 13.40 -51.79 -30.57
C LEU K 43 12.92 -53.07 -31.24
N CYS K 44 11.78 -53.59 -30.81
CA CYS K 44 11.14 -54.81 -31.37
C CYS K 44 10.53 -54.50 -32.73
N MET K 45 10.98 -55.19 -33.78
CA MET K 45 10.75 -54.86 -35.22
C MET K 45 10.35 -56.13 -36.00
N LYS K 46 9.63 -57.06 -35.37
CA LYS K 46 9.05 -58.24 -36.08
C LYS K 46 7.77 -57.79 -36.77
N GLY K 47 7.56 -58.23 -38.01
CA GLY K 47 6.45 -57.81 -38.89
C GLY K 47 6.45 -56.31 -39.14
N ARG K 48 7.65 -55.70 -39.13
CA ARG K 48 7.89 -54.27 -39.42
C ARG K 48 9.00 -54.17 -40.47
N ASN K 49 8.68 -53.64 -41.65
CA ASN K 49 9.69 -53.31 -42.69
C ASN K 49 10.38 -51.99 -42.29
N HIS K 50 11.29 -52.07 -41.33
CA HIS K 50 11.94 -50.90 -40.68
C HIS K 50 13.15 -50.49 -41.48
N LYS K 51 13.75 -49.33 -41.14
CA LYS K 51 14.99 -48.79 -41.75
C LYS K 51 15.80 -48.12 -40.64
N ASP K 52 16.94 -48.72 -40.30
CA ASP K 52 17.93 -48.13 -39.38
C ASP K 52 18.84 -47.23 -40.21
N LEU K 53 18.68 -45.91 -40.09
CA LEU K 53 19.49 -44.89 -40.79
C LEU K 53 20.94 -44.91 -40.28
N GLY K 54 21.16 -45.46 -39.07
CA GLY K 54 22.39 -45.26 -38.31
C GLY K 54 22.82 -43.81 -38.36
N ASN K 55 24.00 -43.55 -38.93
CA ASN K 55 24.69 -42.24 -38.91
C ASN K 55 23.95 -41.25 -39.81
N CYS K 56 23.14 -41.76 -40.76
CA CYS K 56 22.35 -40.95 -41.73
C CYS K 56 21.24 -40.20 -40.99
N HIS K 57 21.18 -38.88 -41.18
CA HIS K 57 20.07 -38.03 -40.66
C HIS K 57 18.98 -38.00 -41.72
N PRO K 58 17.68 -37.99 -41.35
CA PRO K 58 16.61 -38.14 -42.35
C PRO K 58 16.72 -37.09 -43.46
N ILE K 59 17.00 -35.83 -43.11
CA ILE K 59 17.20 -34.69 -44.06
C ILE K 59 18.36 -35.02 -45.00
N GLY K 60 19.44 -35.61 -44.48
CA GLY K 60 20.57 -36.16 -45.27
C GLY K 60 20.11 -37.04 -46.42
N MET K 61 18.96 -37.72 -46.30
CA MET K 61 18.48 -38.68 -47.32
C MET K 61 18.08 -37.91 -48.59
N LEU K 62 17.60 -36.67 -48.44
CA LEU K 62 16.95 -35.88 -49.52
C LEU K 62 18.03 -35.19 -50.35
N ILE K 63 18.86 -34.39 -49.69
CA ILE K 63 20.01 -33.65 -50.29
C ILE K 63 21.08 -34.66 -50.74
N GLY K 64 21.26 -35.75 -49.99
CA GLY K 64 22.12 -36.88 -50.38
C GLY K 64 23.52 -36.77 -49.82
N THR K 65 23.64 -36.51 -48.51
CA THR K 65 24.92 -36.54 -47.74
C THR K 65 25.58 -37.90 -47.93
N PRO K 66 26.94 -37.96 -47.91
CA PRO K 66 27.68 -39.21 -48.13
C PRO K 66 27.29 -40.37 -47.19
N ALA K 67 27.09 -40.09 -45.89
CA ALA K 67 26.57 -41.04 -44.86
C ALA K 67 25.27 -41.71 -45.32
N CYS K 68 24.50 -41.04 -46.17
CA CYS K 68 23.12 -41.44 -46.55
C CYS K 68 23.10 -42.13 -47.91
N ASP K 69 24.22 -42.68 -48.38
CA ASP K 69 24.30 -43.28 -49.75
C ASP K 69 23.55 -44.62 -49.78
N LEU K 70 23.35 -45.27 -48.63
CA LEU K 70 22.59 -46.54 -48.52
C LEU K 70 21.09 -46.25 -48.30
N HIS K 71 20.74 -44.96 -48.18
CA HIS K 71 19.41 -44.47 -47.71
C HIS K 71 18.88 -43.39 -48.65
N LEU K 72 19.26 -43.43 -49.92
CA LEU K 72 18.86 -42.42 -50.95
C LEU K 72 17.45 -42.71 -51.46
N THR K 73 17.07 -44.00 -51.55
CA THR K 73 15.70 -44.48 -51.88
C THR K 73 15.34 -45.68 -51.00
N GLY K 74 14.12 -46.22 -51.14
CA GLY K 74 13.62 -47.40 -50.42
C GLY K 74 12.20 -47.24 -49.91
N THR K 75 11.65 -48.29 -49.29
CA THR K 75 10.27 -48.37 -48.76
C THR K 75 10.32 -49.01 -47.36
N TRP K 76 9.55 -48.46 -46.41
CA TRP K 76 9.50 -48.94 -45.00
C TRP K 76 8.15 -48.61 -44.36
N ASP K 77 7.89 -49.15 -43.16
CA ASP K 77 6.71 -48.83 -42.31
C ASP K 77 7.17 -48.26 -40.98
N THR K 78 8.47 -48.33 -40.70
CA THR K 78 9.11 -47.80 -39.48
C THR K 78 10.46 -47.21 -39.87
N LEU K 79 10.80 -46.05 -39.32
CA LEU K 79 12.06 -45.34 -39.65
C LEU K 79 12.75 -45.00 -38.33
N ILE K 80 13.98 -45.47 -38.17
CA ILE K 80 14.74 -45.33 -36.89
C ILE K 80 15.87 -44.33 -37.12
N GLU K 81 15.78 -43.14 -36.51
CA GLU K 81 16.84 -42.11 -36.52
C GLU K 81 17.66 -42.29 -35.25
N ARG K 82 19.00 -42.21 -35.38
CA ARG K 82 20.02 -42.37 -34.29
C ARG K 82 20.58 -41.01 -33.85
N LYS K 83 21.38 -40.99 -32.78
CA LYS K 83 21.90 -39.74 -32.15
C LYS K 83 23.16 -39.26 -32.86
N ASN K 84 23.31 -37.94 -33.00
CA ASN K 84 24.45 -37.25 -33.65
C ASN K 84 24.56 -37.74 -35.10
N ALA K 85 23.43 -37.94 -35.78
CA ALA K 85 23.38 -38.38 -37.19
C ALA K 85 23.78 -37.20 -38.10
N ILE K 86 24.39 -37.52 -39.25
CA ILE K 86 24.99 -36.55 -40.21
C ILE K 86 23.95 -36.17 -41.25
N ALA K 87 23.58 -34.88 -41.29
CA ALA K 87 22.76 -34.26 -42.35
C ALA K 87 23.69 -33.47 -43.27
N TYR K 88 24.44 -32.54 -42.69
CA TYR K 88 25.21 -31.49 -43.40
C TYR K 88 26.72 -31.75 -43.27
N CYS K 89 27.37 -32.27 -44.33
CA CYS K 89 28.84 -32.47 -44.42
C CYS K 89 29.56 -31.12 -44.55
N TYR K 90 29.15 -30.28 -45.51
CA TYR K 90 29.57 -28.85 -45.58
C TYR K 90 28.62 -28.07 -44.68
N PRO K 91 29.11 -27.16 -43.82
CA PRO K 91 28.28 -26.58 -42.76
C PRO K 91 27.13 -25.71 -43.27
N GLY K 92 26.14 -25.49 -42.40
CA GLY K 92 24.88 -24.77 -42.70
C GLY K 92 23.67 -25.55 -42.21
N ALA K 93 22.48 -24.97 -42.30
CA ALA K 93 21.23 -25.56 -41.77
C ALA K 93 20.13 -25.51 -42.84
N THR K 94 19.12 -26.38 -42.70
CA THR K 94 17.85 -26.31 -43.48
C THR K 94 16.85 -25.40 -42.75
N VAL K 95 16.22 -24.47 -43.47
CA VAL K 95 15.17 -23.56 -42.93
C VAL K 95 13.87 -24.35 -42.78
N ASN K 96 13.19 -24.16 -41.64
CA ASN K 96 12.09 -25.03 -41.13
C ASN K 96 12.61 -26.47 -41.11
N GLU K 97 13.66 -26.72 -40.32
CA GLU K 97 14.32 -28.05 -40.18
C GLU K 97 13.29 -29.07 -39.67
N GLU K 98 12.71 -28.82 -38.49
CA GLU K 98 11.91 -29.81 -37.72
C GLU K 98 10.69 -30.23 -38.55
N ALA K 99 10.12 -29.29 -39.32
CA ALA K 99 8.96 -29.53 -40.21
C ALA K 99 9.34 -30.60 -41.25
N LEU K 100 10.52 -30.47 -41.86
CA LEU K 100 11.00 -31.38 -42.94
C LEU K 100 11.45 -32.72 -42.33
N ARG K 101 11.91 -32.69 -41.07
CA ARG K 101 12.30 -33.91 -40.33
C ARG K 101 11.05 -34.75 -40.07
N GLN K 102 10.01 -34.12 -39.50
CA GLN K 102 8.77 -34.83 -39.07
C GLN K 102 8.10 -35.40 -40.33
N LYS K 103 8.11 -34.64 -41.42
CA LYS K 103 7.46 -35.02 -42.70
C LYS K 103 8.16 -36.28 -43.23
N ILE K 104 9.49 -36.32 -43.18
CA ILE K 104 10.29 -37.50 -43.63
C ILE K 104 9.98 -38.67 -42.69
N MET K 105 9.92 -38.41 -41.39
CA MET K 105 9.79 -39.45 -40.33
C MET K 105 8.37 -40.06 -40.34
N GLU K 106 7.41 -39.41 -41.01
CA GLU K 106 6.01 -39.87 -41.19
C GLU K 106 5.88 -40.74 -42.44
N SER K 107 6.83 -40.61 -43.37
CA SER K 107 6.78 -41.27 -44.70
C SER K 107 6.96 -42.78 -44.52
N GLY K 108 6.57 -43.55 -45.54
CA GLY K 108 6.79 -45.01 -45.60
C GLY K 108 7.60 -45.37 -46.83
N GLY K 109 8.57 -44.52 -47.18
CA GLY K 109 9.39 -44.62 -48.39
C GLY K 109 9.82 -43.26 -48.91
N ILE K 110 10.89 -43.24 -49.70
CA ILE K 110 11.35 -42.05 -50.49
C ILE K 110 11.66 -42.51 -51.91
N SER K 111 11.37 -41.66 -52.89
CA SER K 111 11.65 -41.86 -54.32
C SER K 111 12.34 -40.63 -54.90
N LYS K 112 13.25 -40.83 -55.84
CA LYS K 112 14.08 -39.76 -56.45
C LYS K 112 13.73 -39.65 -57.93
N ILE K 113 13.48 -38.42 -58.40
CA ILE K 113 13.15 -38.12 -59.82
C ILE K 113 14.20 -37.15 -60.36
N ASN K 114 14.91 -37.56 -61.42
CA ASN K 114 15.88 -36.72 -62.17
C ASN K 114 15.20 -35.40 -62.56
N THR K 115 15.88 -34.28 -62.31
CA THR K 115 15.40 -32.89 -62.59
C THR K 115 15.80 -32.49 -64.02
N GLY K 116 16.88 -33.09 -64.56
CA GLY K 116 17.32 -32.93 -65.95
C GLY K 116 17.94 -31.56 -66.25
N PHE K 117 18.14 -30.74 -65.21
CA PHE K 117 18.67 -29.35 -65.25
C PHE K 117 20.03 -29.33 -65.95
N THR K 118 20.22 -28.46 -66.95
CA THR K 118 21.46 -28.33 -67.78
C THR K 118 21.91 -26.86 -67.80
N TYR K 119 23.22 -26.61 -68.01
CA TYR K 119 23.84 -25.27 -67.84
C TYR K 119 24.80 -24.91 -68.99
N GLY K 120 24.99 -23.60 -69.20
CA GLY K 120 25.93 -23.02 -70.17
C GLY K 120 27.36 -23.44 -69.88
N SER K 121 28.27 -23.23 -70.84
CA SER K 121 29.71 -23.65 -70.75
C SER K 121 30.43 -22.70 -69.79
N SER K 122 29.91 -21.48 -69.64
CA SER K 122 30.35 -20.45 -68.66
C SER K 122 30.25 -20.98 -67.22
N ILE K 123 29.38 -21.98 -66.97
CA ILE K 123 29.10 -22.56 -65.61
C ILE K 123 29.83 -23.89 -65.44
N ASN K 124 30.57 -24.04 -64.33
CA ASN K 124 31.06 -25.35 -63.80
C ASN K 124 30.06 -25.83 -62.75
N SER K 125 29.35 -26.92 -63.03
CA SER K 125 28.27 -27.46 -62.18
C SER K 125 28.84 -28.42 -61.12
N ALA K 126 30.04 -28.95 -61.34
CA ALA K 126 30.64 -30.05 -60.53
C ALA K 126 31.60 -29.50 -59.46
N GLY K 127 31.25 -28.40 -58.80
CA GLY K 127 31.99 -27.88 -57.62
C GLY K 127 31.96 -28.87 -56.46
N THR K 128 33.09 -29.10 -55.81
CA THR K 128 33.24 -30.08 -54.69
C THR K 128 33.87 -29.41 -53.46
N THR K 129 34.02 -30.18 -52.37
CA THR K 129 34.65 -29.76 -51.10
C THR K 129 35.23 -30.99 -50.37
N LYS K 130 36.20 -30.77 -49.49
CA LYS K 130 36.86 -31.84 -48.70
C LYS K 130 35.94 -32.24 -47.54
N ALA K 131 34.98 -31.38 -47.17
CA ALA K 131 33.95 -31.65 -46.14
C ALA K 131 33.13 -32.88 -46.53
N CYS K 132 32.77 -33.00 -47.81
CA CYS K 132 31.90 -34.09 -48.35
C CYS K 132 32.78 -35.07 -49.12
N MET K 133 33.46 -35.97 -48.40
CA MET K 133 34.43 -36.95 -48.97
C MET K 133 33.69 -38.21 -49.40
N ARG K 134 33.95 -38.67 -50.63
CA ARG K 134 33.38 -39.90 -51.23
C ARG K 134 34.50 -40.59 -52.03
N ASN K 135 34.78 -41.87 -51.75
CA ASN K 135 35.77 -42.72 -52.48
C ASN K 135 37.17 -42.07 -52.46
N GLY K 136 37.60 -41.57 -51.30
CA GLY K 136 38.94 -40.96 -51.11
C GLY K 136 38.92 -39.48 -51.41
N GLY K 137 38.55 -39.10 -52.65
CA GLY K 137 38.65 -37.73 -53.18
C GLY K 137 37.50 -36.82 -52.73
N ASN K 138 37.51 -35.56 -53.19
CA ASN K 138 36.49 -34.53 -52.87
C ASN K 138 35.20 -34.78 -53.66
N SER K 139 34.06 -34.44 -53.07
CA SER K 139 32.71 -34.61 -53.68
C SER K 139 31.69 -33.67 -53.00
N PHE K 140 30.41 -33.86 -53.33
CA PHE K 140 29.29 -32.98 -52.94
C PHE K 140 28.03 -33.83 -52.72
N TYR K 141 26.99 -33.24 -52.13
CA TYR K 141 25.65 -33.87 -51.96
C TYR K 141 25.16 -34.45 -53.31
N ALA K 142 24.68 -35.69 -53.32
CA ALA K 142 24.37 -36.43 -54.57
C ALA K 142 23.20 -35.78 -55.32
N GLU K 143 22.24 -35.21 -54.59
CA GLU K 143 20.99 -34.68 -55.19
C GLU K 143 21.12 -33.18 -55.48
N LEU K 144 22.31 -32.61 -55.33
CA LEU K 144 22.57 -31.17 -55.58
C LEU K 144 23.86 -30.95 -56.39
N LYS K 145 23.94 -29.82 -57.08
CA LYS K 145 25.11 -29.35 -57.89
C LYS K 145 25.59 -27.99 -57.39
N TRP K 146 26.90 -27.83 -57.16
CA TRP K 146 27.56 -26.53 -56.87
C TRP K 146 27.88 -25.81 -58.19
N LEU K 147 27.01 -24.89 -58.59
CA LEU K 147 27.18 -24.07 -59.82
C LEU K 147 28.08 -22.89 -59.49
N VAL K 148 29.23 -22.77 -60.18
CA VAL K 148 30.19 -21.64 -60.08
C VAL K 148 30.64 -21.23 -61.49
N SER K 149 31.18 -20.01 -61.61
CA SER K 149 31.90 -19.50 -62.80
C SER K 149 33.11 -20.40 -63.08
N LYS K 150 33.28 -20.87 -64.33
CA LYS K 150 34.42 -21.76 -64.73
C LYS K 150 35.67 -20.91 -64.91
N ASN K 151 35.48 -19.64 -65.30
CA ASN K 151 36.53 -18.60 -65.39
C ASN K 151 36.43 -17.70 -64.16
N LYS K 152 37.38 -17.84 -63.22
CA LYS K 152 37.43 -17.10 -61.93
C LYS K 152 37.23 -15.60 -62.19
N GLY K 153 36.42 -14.93 -61.37
CA GLY K 153 36.19 -13.46 -61.42
C GLY K 153 35.03 -13.07 -62.32
N GLN K 154 34.72 -13.92 -63.30
CA GLN K 154 33.71 -13.66 -64.37
C GLN K 154 32.31 -13.66 -63.77
N ASN K 155 31.49 -12.67 -64.11
CA ASN K 155 30.06 -12.56 -63.67
C ASN K 155 29.33 -13.85 -64.06
N PHE K 156 28.78 -14.56 -63.07
CA PHE K 156 27.96 -15.78 -63.26
C PHE K 156 26.79 -15.41 -64.17
N PRO K 157 26.61 -16.10 -65.32
CA PRO K 157 25.49 -15.83 -66.22
C PRO K 157 24.13 -16.01 -65.54
N GLN K 158 23.19 -15.07 -65.72
CA GLN K 158 21.77 -15.25 -65.35
C GLN K 158 21.27 -16.53 -66.01
N THR K 159 20.70 -17.46 -65.25
CA THR K 159 20.21 -18.77 -65.74
C THR K 159 18.76 -18.94 -65.28
N THR K 160 17.95 -19.66 -66.06
CA THR K 160 16.54 -19.97 -65.73
C THR K 160 16.36 -21.48 -65.86
N ASN K 161 16.11 -22.15 -64.73
CA ASN K 161 15.87 -23.61 -64.64
C ASN K 161 14.47 -23.84 -64.07
N THR K 162 13.74 -24.81 -64.61
CA THR K 162 12.31 -25.07 -64.31
C THR K 162 12.00 -26.57 -64.34
N TYR K 163 11.64 -27.11 -63.18
CA TYR K 163 11.17 -28.51 -62.99
C TYR K 163 9.63 -28.49 -63.02
N ARG K 164 9.05 -29.38 -63.84
CA ARG K 164 7.59 -29.69 -63.88
C ARG K 164 7.39 -31.07 -63.25
N ASN K 165 6.44 -31.19 -62.32
CA ASN K 165 5.97 -32.49 -61.76
C ASN K 165 5.09 -33.18 -62.79
N ALA K 166 5.53 -34.30 -63.35
CA ALA K 166 4.80 -35.07 -64.39
C ALA K 166 4.21 -36.34 -63.77
N ASP K 167 4.15 -36.38 -62.43
CA ASP K 167 3.65 -37.52 -61.63
C ASP K 167 2.18 -37.25 -61.23
N THR K 168 1.56 -38.18 -60.51
CA THR K 168 0.15 -38.09 -60.02
C THR K 168 0.10 -37.56 -58.59
N ALA K 169 1.25 -37.50 -57.90
CA ALA K 169 1.39 -37.15 -56.46
C ALA K 169 2.48 -36.08 -56.27
N GLU K 170 2.47 -35.37 -55.14
CA GLU K 170 3.35 -34.18 -54.89
C GLU K 170 4.81 -34.64 -54.72
N HIS K 171 5.75 -33.79 -55.14
CA HIS K 171 7.22 -34.00 -55.06
C HIS K 171 7.86 -32.91 -54.20
N LEU K 172 8.88 -33.28 -53.42
CA LEU K 172 9.57 -32.40 -52.44
C LEU K 172 10.89 -31.93 -53.06
N ILE K 173 11.01 -30.63 -53.32
CA ILE K 173 12.15 -30.00 -54.03
C ILE K 173 13.02 -29.34 -52.97
N MET K 174 14.32 -29.67 -52.92
CA MET K 174 15.29 -28.95 -52.07
C MET K 174 16.35 -28.27 -52.94
N TRP K 175 16.76 -27.07 -52.54
CA TRP K 175 17.90 -26.35 -53.14
C TRP K 175 18.67 -25.67 -52.02
N GLY K 176 19.96 -25.43 -52.22
CA GLY K 176 20.81 -24.66 -51.30
C GLY K 176 21.20 -23.31 -51.90
N ILE K 177 21.54 -22.37 -51.03
CA ILE K 177 22.14 -21.04 -51.36
C ILE K 177 23.49 -21.02 -50.65
N HIS K 178 24.58 -20.93 -51.41
CA HIS K 178 25.93 -20.75 -50.83
C HIS K 178 26.00 -19.36 -50.22
N HIS K 179 26.69 -19.21 -49.10
CA HIS K 179 26.96 -17.91 -48.44
C HIS K 179 28.47 -17.77 -48.27
N PRO K 180 29.18 -17.13 -49.22
CA PRO K 180 30.64 -17.00 -49.15
C PRO K 180 31.16 -16.32 -47.88
N SER K 181 32.42 -16.59 -47.55
CA SER K 181 33.12 -16.18 -46.30
C SER K 181 33.72 -14.77 -46.47
N SER K 182 34.48 -14.55 -47.54
CA SER K 182 35.12 -13.24 -47.86
C SER K 182 34.43 -12.59 -49.06
N THR K 183 34.65 -11.29 -49.26
CA THR K 183 34.15 -10.53 -50.44
C THR K 183 35.01 -10.88 -51.66
N GLN K 184 36.26 -11.29 -51.44
CA GLN K 184 37.19 -11.81 -52.49
C GLN K 184 36.61 -13.13 -53.03
N GLU K 185 36.25 -14.04 -52.13
CA GLU K 185 35.78 -15.42 -52.45
C GLU K 185 34.47 -15.34 -53.25
N LYS K 186 33.58 -14.39 -52.89
CA LYS K 186 32.31 -14.12 -53.63
C LYS K 186 32.65 -13.92 -55.11
N ASN K 187 33.54 -12.98 -55.40
CA ASN K 187 33.86 -12.50 -56.77
C ASN K 187 34.55 -13.63 -57.56
N ASP K 188 35.35 -14.47 -56.89
CA ASP K 188 36.10 -15.58 -57.53
C ASP K 188 35.09 -16.60 -58.08
N LEU K 189 33.98 -16.83 -57.37
CA LEU K 189 33.01 -17.93 -57.64
C LEU K 189 31.87 -17.46 -58.56
N TYR K 190 31.23 -16.33 -58.23
CA TYR K 190 29.97 -15.85 -58.85
C TYR K 190 30.08 -14.45 -59.49
N GLY K 191 31.25 -13.80 -59.45
CA GLY K 191 31.48 -12.46 -60.05
C GLY K 191 31.09 -11.31 -59.12
N THR K 192 31.25 -10.07 -59.60
CA THR K 192 31.17 -8.82 -58.80
C THR K 192 29.75 -8.25 -58.81
N GLN K 193 28.88 -8.72 -59.73
CA GLN K 193 27.50 -8.19 -59.90
C GLN K 193 26.64 -8.66 -58.72
N SER K 194 25.68 -7.82 -58.29
CA SER K 194 24.67 -8.08 -57.24
C SER K 194 23.98 -9.44 -57.50
N LEU K 195 23.92 -10.31 -56.48
CA LEU K 195 23.39 -11.70 -56.61
C LEU K 195 21.91 -11.74 -56.19
N SER K 196 21.08 -12.46 -56.95
CA SER K 196 19.64 -12.71 -56.65
C SER K 196 19.21 -14.10 -57.15
N ILE K 197 18.70 -14.93 -56.24
CA ILE K 197 18.14 -16.28 -56.55
C ILE K 197 16.65 -16.26 -56.21
N SER K 198 15.81 -15.89 -57.19
CA SER K 198 14.33 -15.96 -57.09
C SER K 198 13.87 -17.38 -57.48
N VAL K 199 12.96 -17.94 -56.68
CA VAL K 199 12.32 -19.25 -56.97
C VAL K 199 10.80 -19.03 -56.98
N GLY K 200 10.12 -19.52 -58.02
CA GLY K 200 8.67 -19.34 -58.18
C GLY K 200 7.99 -20.63 -58.62
N SER K 201 6.80 -20.89 -58.05
CA SER K 201 5.81 -21.86 -58.55
C SER K 201 4.41 -21.23 -58.47
N SER K 202 3.37 -21.98 -58.85
CA SER K 202 1.96 -21.51 -58.76
C SER K 202 1.58 -21.27 -57.29
N THR K 203 2.12 -22.05 -56.34
CA THR K 203 1.78 -22.02 -54.90
C THR K 203 2.94 -21.49 -54.03
N TYR K 204 4.17 -21.50 -54.54
CA TYR K 204 5.39 -21.10 -53.79
C TYR K 204 6.07 -19.93 -54.52
N LYS K 205 6.53 -18.94 -53.76
CA LYS K 205 7.32 -17.81 -54.30
C LYS K 205 8.28 -17.32 -53.21
N ASN K 206 9.56 -17.10 -53.55
CA ASN K 206 10.59 -16.65 -52.59
C ASN K 206 11.85 -16.14 -53.31
N ASN K 207 12.57 -15.21 -52.67
CA ASN K 207 13.84 -14.61 -53.14
C ASN K 207 14.93 -14.83 -52.09
N PHE K 208 16.18 -15.10 -52.53
CA PHE K 208 17.38 -15.36 -51.68
C PHE K 208 18.58 -14.52 -52.14
N VAL K 209 18.96 -13.52 -51.34
CA VAL K 209 20.24 -12.76 -51.48
C VAL K 209 21.29 -13.43 -50.60
N PRO K 210 22.37 -14.01 -51.19
CA PRO K 210 23.40 -14.70 -50.41
C PRO K 210 24.22 -13.73 -49.54
N VAL K 211 24.32 -14.02 -48.23
CA VAL K 211 25.01 -13.16 -47.22
C VAL K 211 26.52 -13.44 -47.29
N VAL K 212 27.32 -12.38 -47.17
CA VAL K 212 28.82 -12.42 -47.16
C VAL K 212 29.31 -11.77 -45.86
N GLY K 213 30.31 -12.38 -45.22
CA GLY K 213 30.87 -11.94 -43.93
C GLY K 213 31.80 -12.97 -43.34
N ALA K 214 32.70 -12.55 -42.43
CA ALA K 214 33.64 -13.43 -41.70
C ALA K 214 32.86 -14.29 -40.73
N ARG K 215 33.35 -15.50 -40.45
CA ARG K 215 32.77 -16.45 -39.47
C ARG K 215 33.71 -17.64 -39.27
N PRO K 216 33.64 -18.31 -38.10
CA PRO K 216 34.44 -19.51 -37.81
C PRO K 216 34.38 -20.60 -38.90
N GLN K 217 35.42 -21.44 -38.96
CA GLN K 217 35.42 -22.65 -39.83
C GLN K 217 34.63 -23.78 -39.13
N VAL K 218 33.93 -24.60 -39.92
CA VAL K 218 33.27 -25.86 -39.50
C VAL K 218 33.56 -26.88 -40.60
N ASN K 219 34.08 -28.06 -40.24
CA ASN K 219 34.68 -29.02 -41.21
C ASN K 219 35.70 -28.28 -42.08
N GLY K 220 36.33 -27.25 -41.50
CA GLY K 220 37.46 -26.50 -42.10
C GLY K 220 37.03 -25.59 -43.23
N GLN K 221 35.78 -25.10 -43.20
CA GLN K 221 35.19 -24.20 -44.24
C GLN K 221 34.45 -23.07 -43.55
N SER K 222 34.75 -21.81 -43.92
CA SER K 222 34.14 -20.59 -43.33
C SER K 222 32.87 -20.19 -44.11
N GLY K 223 32.63 -20.85 -45.25
CA GLY K 223 31.39 -20.69 -46.03
C GLY K 223 30.26 -21.51 -45.44
N ARG K 224 29.02 -21.22 -45.83
CA ARG K 224 27.81 -21.98 -45.43
C ARG K 224 26.94 -22.23 -46.66
N ILE K 225 26.29 -23.39 -46.71
CA ILE K 225 25.15 -23.66 -47.63
C ILE K 225 23.91 -23.96 -46.77
N ASP K 226 23.05 -22.96 -46.61
CA ASP K 226 21.70 -23.11 -45.99
C ASP K 226 20.77 -23.72 -47.05
N PHE K 227 19.93 -24.67 -46.65
CA PHE K 227 18.98 -25.36 -47.56
C PHE K 227 17.56 -24.81 -47.36
N HIS K 228 16.75 -24.98 -48.40
CA HIS K 228 15.35 -24.53 -48.51
C HIS K 228 14.57 -25.64 -49.19
N TRP K 229 13.27 -25.66 -48.98
CA TRP K 229 12.41 -26.72 -49.57
C TRP K 229 11.01 -26.17 -49.76
N THR K 230 10.24 -26.88 -50.59
CA THR K 230 8.80 -26.66 -50.83
C THR K 230 8.26 -27.90 -51.52
N LEU K 231 6.94 -28.06 -51.57
CA LEU K 231 6.30 -29.18 -52.31
C LEU K 231 5.93 -28.65 -53.70
N VAL K 232 5.77 -29.54 -54.67
CA VAL K 232 5.44 -29.15 -56.07
C VAL K 232 4.34 -30.08 -56.57
N GLN K 233 3.16 -29.51 -56.77
CA GLN K 233 1.88 -30.25 -56.95
C GLN K 233 1.88 -30.92 -58.32
N PRO K 234 1.16 -32.03 -58.51
CA PRO K 234 1.06 -32.68 -59.81
C PRO K 234 0.68 -31.67 -60.90
N GLY K 235 1.50 -31.57 -61.95
CA GLY K 235 1.30 -30.67 -63.09
C GLY K 235 2.04 -29.34 -62.96
N ASP K 236 2.12 -28.78 -61.75
CA ASP K 236 2.69 -27.43 -61.55
C ASP K 236 4.19 -27.46 -61.84
N LYS K 237 4.74 -26.31 -62.23
CA LYS K 237 6.17 -26.08 -62.51
C LYS K 237 6.73 -25.16 -61.42
N ILE K 238 7.97 -25.41 -61.00
CA ILE K 238 8.78 -24.48 -60.15
C ILE K 238 10.00 -24.06 -60.98
N THR K 239 10.31 -22.76 -60.97
CA THR K 239 11.35 -22.12 -61.81
C THR K 239 12.35 -21.39 -60.90
N PHE K 240 13.64 -21.65 -61.14
CA PHE K 240 14.81 -21.05 -60.45
C PHE K 240 15.40 -19.96 -61.35
N SER K 241 15.12 -18.70 -61.02
CA SER K 241 15.85 -17.52 -61.57
C SER K 241 17.02 -17.25 -60.64
N HIS K 242 18.24 -17.29 -61.15
CA HIS K 242 19.47 -17.19 -60.32
C HIS K 242 20.66 -16.70 -61.15
N ASN K 243 21.45 -15.77 -60.61
CA ASN K 243 22.67 -15.21 -61.27
C ASN K 243 23.92 -15.54 -60.43
N GLY K 244 23.89 -16.66 -59.70
CA GLY K 244 25.03 -17.20 -58.94
C GLY K 244 24.74 -17.31 -57.46
N GLY K 245 25.08 -18.44 -56.83
CA GLY K 245 24.83 -18.68 -55.40
C GLY K 245 23.88 -19.85 -55.18
N LEU K 246 23.02 -20.14 -56.16
CA LEU K 246 22.13 -21.32 -56.13
C LEU K 246 23.00 -22.56 -56.07
N ILE K 247 22.74 -23.42 -55.09
CA ILE K 247 23.12 -24.87 -55.09
C ILE K 247 21.92 -25.61 -55.69
N ALA K 248 22.00 -26.01 -56.96
CA ALA K 248 20.81 -26.40 -57.76
C ALA K 248 20.51 -27.86 -57.51
N PRO K 249 19.23 -28.26 -57.47
CA PRO K 249 18.86 -29.67 -57.38
C PRO K 249 19.11 -30.46 -58.67
N SER K 250 19.79 -31.61 -58.56
CA SER K 250 19.96 -32.62 -59.64
C SER K 250 18.83 -33.65 -59.58
N ARG K 251 18.22 -33.87 -58.40
CA ARG K 251 17.00 -34.72 -58.24
C ARG K 251 16.06 -34.12 -57.19
N VAL K 252 14.75 -34.34 -57.37
CA VAL K 252 13.67 -34.03 -56.37
C VAL K 252 13.26 -35.32 -55.68
N SER K 253 12.68 -35.20 -54.48
CA SER K 253 12.23 -36.32 -53.63
C SER K 253 10.71 -36.48 -53.75
N LYS K 254 10.22 -37.71 -53.62
CA LYS K 254 8.78 -38.04 -53.48
C LYS K 254 8.59 -38.94 -52.25
N LEU K 255 7.90 -38.47 -51.21
CA LEU K 255 7.62 -39.25 -49.96
C LEU K 255 6.45 -40.19 -50.21
N ILE K 256 6.67 -41.51 -50.11
CA ILE K 256 5.65 -42.56 -50.36
C ILE K 256 5.02 -42.98 -49.03
N GLY K 257 3.69 -43.20 -49.03
CA GLY K 257 2.94 -43.89 -47.98
C GLY K 257 3.13 -43.30 -46.59
N ARG K 258 2.93 -44.14 -45.57
CA ARG K 258 2.99 -43.78 -44.12
C ARG K 258 3.85 -44.79 -43.38
N GLY K 259 4.52 -44.32 -42.33
CA GLY K 259 5.32 -45.14 -41.41
C GLY K 259 5.46 -44.49 -40.04
N LEU K 260 5.98 -45.24 -39.08
CA LEU K 260 6.17 -44.76 -37.69
C LEU K 260 7.60 -44.25 -37.56
N GLY K 261 7.75 -43.00 -37.09
CA GLY K 261 9.04 -42.34 -36.81
C GLY K 261 9.44 -42.48 -35.35
N ILE K 262 10.47 -43.28 -35.10
CA ILE K 262 11.12 -43.55 -33.77
C ILE K 262 12.52 -42.92 -33.73
N GLN K 263 12.72 -41.99 -32.81
CA GLN K 263 14.06 -41.52 -32.36
C GLN K 263 14.44 -42.35 -31.12
N SER K 264 15.62 -42.99 -31.14
CA SER K 264 16.03 -44.06 -30.19
C SER K 264 17.52 -44.36 -30.27
N GLU K 265 18.12 -44.73 -29.13
CA GLU K 265 19.52 -45.24 -29.03
C GLU K 265 19.53 -46.77 -28.92
N ALA K 266 18.38 -47.39 -28.67
CA ALA K 266 18.24 -48.84 -28.39
C ALA K 266 18.47 -49.67 -29.66
N PRO K 267 19.20 -50.79 -29.56
CA PRO K 267 19.42 -51.67 -30.71
C PRO K 267 18.15 -52.41 -31.14
N ILE K 268 18.15 -52.94 -32.36
CA ILE K 268 17.02 -53.67 -32.99
C ILE K 268 17.00 -55.13 -32.49
N ASP K 269 15.80 -55.67 -32.29
CA ASP K 269 15.52 -57.12 -32.07
C ASP K 269 14.40 -57.55 -33.03
N ASN K 270 14.73 -58.33 -34.05
CA ASN K 270 13.74 -58.86 -35.04
C ASN K 270 12.92 -60.00 -34.44
N SER K 271 13.37 -60.59 -33.33
CA SER K 271 12.73 -61.73 -32.63
C SER K 271 11.41 -61.28 -32.00
N CYS K 272 11.38 -60.02 -31.52
CA CYS K 272 10.35 -59.46 -30.61
C CYS K 272 9.41 -58.52 -31.38
N GLU K 273 8.26 -58.15 -30.80
CA GLU K 273 7.19 -57.32 -31.42
C GLU K 273 6.76 -56.23 -30.42
N SER K 274 6.38 -55.05 -30.92
CA SER K 274 5.79 -53.96 -30.09
C SER K 274 5.05 -52.94 -30.97
N LYS K 275 4.11 -52.22 -30.35
CA LYS K 275 3.29 -51.13 -30.96
C LYS K 275 3.58 -49.81 -30.24
N CYS K 276 4.48 -49.80 -29.26
CA CYS K 276 4.80 -48.61 -28.45
C CYS K 276 6.33 -48.51 -28.28
N PHE K 277 6.91 -47.33 -28.55
CA PHE K 277 8.38 -47.10 -28.53
C PHE K 277 8.77 -45.81 -27.80
N TRP K 278 10.04 -45.71 -27.44
CA TRP K 278 10.60 -44.50 -26.78
C TRP K 278 12.14 -44.48 -26.88
N ARG K 279 12.75 -43.39 -26.42
CA ARG K 279 14.22 -43.22 -26.33
C ARG K 279 14.84 -44.57 -25.91
N GLY K 280 14.34 -45.12 -24.80
CA GLY K 280 14.85 -46.33 -24.12
C GLY K 280 14.72 -47.58 -24.95
N GLY K 281 13.57 -47.79 -25.60
CA GLY K 281 13.27 -49.06 -26.31
C GLY K 281 11.78 -49.27 -26.47
N SER K 282 11.31 -50.50 -26.24
CA SER K 282 9.92 -50.94 -26.52
C SER K 282 9.13 -51.08 -25.21
N ILE K 283 7.80 -51.00 -25.29
CA ILE K 283 6.86 -51.15 -24.13
C ILE K 283 5.74 -52.12 -24.55
N ASN K 284 5.89 -53.40 -24.26
CA ASN K 284 4.95 -54.45 -24.71
C ASN K 284 3.84 -54.68 -23.68
N THR K 285 3.92 -54.01 -22.52
CA THR K 285 2.94 -54.18 -21.41
C THR K 285 1.52 -54.07 -21.95
N ARG K 286 0.62 -54.90 -21.42
CA ARG K 286 -0.84 -54.83 -21.74
C ARG K 286 -1.56 -54.13 -20.58
N LEU K 287 -0.81 -53.47 -19.69
CA LEU K 287 -1.38 -52.57 -18.65
C LEU K 287 -1.85 -51.28 -19.31
N PRO K 288 -2.83 -50.58 -18.72
CA PRO K 288 -3.34 -49.32 -19.26
C PRO K 288 -2.43 -48.10 -19.06
N PHE K 289 -1.58 -48.10 -18.03
CA PHE K 289 -0.73 -46.94 -17.66
C PHE K 289 0.75 -47.35 -17.65
N GLN K 290 1.61 -46.36 -17.39
CA GLN K 290 3.08 -46.43 -17.64
C GLN K 290 3.74 -45.21 -16.98
N ASN K 291 4.93 -45.35 -16.39
CA ASN K 291 5.67 -44.20 -15.79
C ASN K 291 7.12 -44.17 -16.29
N LEU K 292 7.43 -44.86 -17.40
CA LEU K 292 8.76 -44.88 -18.06
C LEU K 292 9.10 -43.51 -18.66
N SER K 293 8.28 -43.01 -19.60
CA SER K 293 8.55 -41.77 -20.38
C SER K 293 7.26 -41.09 -20.84
N PRO K 294 7.18 -39.75 -20.75
CA PRO K 294 6.07 -38.99 -21.34
C PRO K 294 6.33 -38.59 -22.80
N ARG K 295 7.42 -39.10 -23.38
CA ARG K 295 7.74 -39.02 -24.84
C ARG K 295 7.66 -40.45 -25.40
N THR K 296 6.50 -40.88 -25.90
CA THR K 296 6.32 -42.20 -26.58
C THR K 296 5.68 -42.02 -27.95
N VAL K 297 5.73 -43.06 -28.78
CA VAL K 297 5.17 -43.07 -30.16
C VAL K 297 4.62 -44.47 -30.46
N GLY K 298 3.48 -44.53 -31.17
CA GLY K 298 2.70 -45.75 -31.46
C GLY K 298 1.41 -45.79 -30.65
N GLN K 299 0.87 -46.99 -30.45
CA GLN K 299 -0.29 -47.25 -29.55
C GLN K 299 0.29 -47.56 -28.16
N CYS K 300 0.06 -46.68 -27.19
CA CYS K 300 0.85 -46.63 -25.94
C CYS K 300 -0.03 -46.49 -24.70
N PRO K 301 0.33 -47.18 -23.60
CA PRO K 301 -0.27 -46.91 -22.30
C PRO K 301 -0.10 -45.44 -21.97
N LYS K 302 -1.08 -44.81 -21.32
CA LYS K 302 -1.02 -43.37 -20.96
C LYS K 302 0.01 -43.22 -19.84
N TYR K 303 0.91 -42.26 -19.99
CA TYR K 303 1.92 -41.92 -18.95
C TYR K 303 1.18 -41.31 -17.76
N VAL K 304 1.51 -41.80 -16.55
CA VAL K 304 0.96 -41.31 -15.27
C VAL K 304 2.11 -41.07 -14.29
N ASN K 305 1.92 -40.12 -13.36
CA ASN K 305 2.88 -39.77 -12.28
C ASN K 305 2.64 -40.66 -11.05
N LYS K 306 2.88 -41.97 -11.17
CA LYS K 306 2.77 -42.94 -10.05
C LYS K 306 3.77 -44.08 -10.24
N LYS K 307 4.37 -44.56 -9.14
CA LYS K 307 5.19 -45.81 -9.15
C LYS K 307 4.24 -46.97 -9.40
N SER K 308 3.11 -47.00 -8.67
CA SER K 308 2.19 -48.16 -8.58
C SER K 308 0.76 -47.74 -8.21
N LEU K 309 -0.22 -48.33 -8.91
CA LEU K 309 -1.65 -48.35 -8.54
C LEU K 309 -2.12 -49.79 -8.56
N MET K 310 -2.52 -50.29 -7.39
CA MET K 310 -2.79 -51.72 -7.16
C MET K 310 -4.30 -51.90 -7.17
N LEU K 311 -4.77 -52.77 -8.08
CA LEU K 311 -6.21 -53.04 -8.34
C LEU K 311 -6.57 -54.37 -7.67
N ALA K 312 -7.38 -54.30 -6.61
CA ALA K 312 -7.92 -55.47 -5.87
C ALA K 312 -8.45 -56.53 -6.85
N THR K 313 -8.05 -57.79 -6.69
CA THR K 313 -8.61 -58.96 -7.43
C THR K 313 -9.20 -59.96 -6.41
N GLY K 314 -9.67 -59.47 -5.26
CA GLY K 314 -10.41 -60.26 -4.27
C GLY K 314 -10.85 -59.45 -3.07
N MET K 315 -11.49 -60.09 -2.09
CA MET K 315 -12.30 -59.43 -1.05
C MET K 315 -11.42 -58.77 0.02
N ARG K 316 -12.05 -58.12 1.00
CA ARG K 316 -11.41 -57.69 2.27
C ARG K 316 -10.83 -58.95 2.93
N ASN K 317 -9.52 -58.98 3.14
CA ASN K 317 -8.82 -60.06 3.87
C ASN K 317 -8.80 -59.66 5.35
N VAL K 318 -9.64 -60.29 6.17
CA VAL K 318 -9.61 -60.13 7.66
C VAL K 318 -9.22 -61.48 8.26
N PRO K 319 -7.94 -61.67 8.64
CA PRO K 319 -7.42 -63.01 8.93
C PRO K 319 -7.59 -63.38 10.40
N GLU K 320 -7.00 -64.52 10.77
CA GLU K 320 -6.99 -65.08 12.15
C GLU K 320 -5.73 -64.63 12.89
N GLY L 1 -18.85 -54.65 5.24
CA GLY L 1 -18.74 -53.27 4.71
C GLY L 1 -20.09 -52.58 4.63
N LEU L 2 -20.68 -52.54 3.43
CA LEU L 2 -22.05 -52.02 3.17
C LEU L 2 -23.06 -53.09 3.56
N PHE L 3 -22.88 -54.31 3.06
CA PHE L 3 -23.79 -55.46 3.29
C PHE L 3 -23.49 -56.13 4.64
N GLY L 4 -22.48 -55.63 5.36
CA GLY L 4 -22.15 -56.01 6.75
C GLY L 4 -21.84 -57.48 6.92
N ALA L 5 -21.66 -58.24 5.85
CA ALA L 5 -21.34 -59.68 5.91
C ALA L 5 -19.87 -59.82 6.33
N ILE L 6 -18.95 -59.25 5.55
CA ILE L 6 -17.47 -59.42 5.70
C ILE L 6 -16.93 -58.21 6.49
N ALA L 7 -16.02 -58.48 7.44
CA ALA L 7 -15.61 -57.51 8.47
C ALA L 7 -16.85 -56.91 9.13
N GLY L 8 -17.86 -57.75 9.40
CA GLY L 8 -19.16 -57.33 9.94
C GLY L 8 -19.62 -58.23 11.06
N PHE L 9 -20.73 -58.95 10.88
CA PHE L 9 -21.23 -59.97 11.85
C PHE L 9 -20.37 -61.23 11.73
N ILE L 10 -19.86 -61.55 10.53
CA ILE L 10 -18.80 -62.57 10.33
C ILE L 10 -17.47 -61.97 10.80
N GLU L 11 -16.89 -62.55 11.86
CA GLU L 11 -15.77 -61.95 12.63
C GLU L 11 -14.53 -61.88 11.75
N ASN L 12 -14.18 -63.00 11.11
CA ASN L 12 -12.88 -63.14 10.39
C ASN L 12 -12.97 -64.25 9.34
N GLY L 13 -11.86 -64.51 8.64
CA GLY L 13 -11.79 -65.40 7.46
C GLY L 13 -11.33 -66.79 7.85
N TRP L 14 -11.28 -67.71 6.88
CA TRP L 14 -10.85 -69.11 7.06
C TRP L 14 -9.72 -69.41 6.06
N GLU L 15 -8.48 -69.40 6.54
CA GLU L 15 -7.28 -69.66 5.69
C GLU L 15 -7.30 -71.15 5.30
N GLY L 16 -8.06 -71.97 6.03
CA GLY L 16 -8.30 -73.39 5.71
C GLY L 16 -8.99 -73.56 4.36
N MET L 17 -9.85 -72.62 3.98
CA MET L 17 -10.70 -72.72 2.76
C MET L 17 -9.89 -72.31 1.53
N VAL L 18 -9.30 -73.30 0.86
CA VAL L 18 -8.28 -73.15 -0.22
C VAL L 18 -8.87 -73.65 -1.54
N ASP L 19 -10.17 -73.95 -1.57
CA ASP L 19 -10.87 -74.48 -2.78
C ASP L 19 -12.09 -73.61 -3.12
N GLY L 20 -12.25 -72.47 -2.44
CA GLY L 20 -13.33 -71.51 -2.71
C GLY L 20 -13.21 -70.23 -1.90
N TRP L 21 -14.03 -69.24 -2.23
CA TRP L 21 -14.02 -67.89 -1.62
C TRP L 21 -15.03 -67.83 -0.49
N TYR L 22 -16.15 -68.52 -0.66
CA TYR L 22 -17.25 -68.65 0.33
C TYR L 22 -17.50 -70.15 0.57
N GLY L 23 -18.08 -70.49 1.73
CA GLY L 23 -18.52 -71.86 2.01
C GLY L 23 -18.91 -72.07 3.46
N PHE L 24 -19.11 -73.35 3.80
CA PHE L 24 -19.77 -73.86 5.04
C PHE L 24 -18.82 -74.73 5.86
N ARG L 25 -18.81 -74.54 7.18
CA ARG L 25 -18.38 -75.59 8.15
C ARG L 25 -19.54 -75.80 9.13
N HIS L 26 -19.77 -77.06 9.50
CA HIS L 26 -20.96 -77.53 10.24
C HIS L 26 -20.50 -78.34 11.46
N GLN L 27 -21.32 -78.32 12.53
CA GLN L 27 -21.15 -79.12 13.78
C GLN L 27 -22.40 -79.99 13.98
N ASN L 28 -22.23 -81.32 13.94
CA ASN L 28 -23.27 -82.32 14.34
C ASN L 28 -22.64 -83.38 15.23
N ALA L 29 -23.45 -84.33 15.71
CA ALA L 29 -23.04 -85.48 16.55
C ALA L 29 -21.99 -86.35 15.83
N GLN L 30 -22.06 -86.38 14.49
CA GLN L 30 -21.23 -87.24 13.60
C GLN L 30 -19.89 -86.55 13.28
N GLY L 31 -19.57 -85.43 13.94
CA GLY L 31 -18.26 -84.74 13.87
C GLY L 31 -18.35 -83.36 13.22
N THR L 32 -17.29 -82.95 12.51
CA THR L 32 -17.12 -81.59 11.90
C THR L 32 -16.40 -81.71 10.55
N GLY L 33 -17.02 -81.23 9.47
CA GLY L 33 -16.44 -81.10 8.11
C GLY L 33 -16.41 -79.66 7.62
N GLN L 34 -15.95 -79.45 6.38
CA GLN L 34 -15.90 -78.12 5.69
C GLN L 34 -16.11 -78.29 4.18
N ALA L 35 -16.91 -77.41 3.57
CA ALA L 35 -17.21 -77.40 2.11
C ALA L 35 -17.32 -75.95 1.61
N ALA L 36 -16.85 -75.71 0.38
CA ALA L 36 -16.83 -74.38 -0.27
C ALA L 36 -17.98 -74.30 -1.29
N ASP L 37 -18.67 -73.14 -1.34
CA ASP L 37 -19.81 -72.88 -2.28
C ASP L 37 -19.24 -72.40 -3.62
N TYR L 38 -19.51 -73.13 -4.70
CA TYR L 38 -18.91 -72.92 -6.04
C TYR L 38 -19.64 -71.77 -6.75
N LYS L 39 -20.97 -71.84 -6.83
CA LYS L 39 -21.83 -70.89 -7.57
C LYS L 39 -21.51 -69.46 -7.10
N SER L 40 -21.51 -69.23 -5.79
CA SER L 40 -21.31 -67.89 -5.17
C SER L 40 -19.86 -67.43 -5.38
N THR L 41 -18.91 -68.37 -5.39
CA THR L 41 -17.46 -68.11 -5.65
C THR L 41 -17.28 -67.65 -7.11
N GLN L 42 -17.82 -68.41 -8.07
CA GLN L 42 -17.64 -68.12 -9.51
C GLN L 42 -18.26 -66.75 -9.79
N ALA L 43 -19.44 -66.48 -9.22
CA ALA L 43 -20.22 -65.25 -9.43
C ALA L 43 -19.37 -64.02 -9.07
N ALA L 44 -18.47 -64.15 -8.10
CA ALA L 44 -17.55 -63.09 -7.65
C ALA L 44 -16.32 -63.03 -8.55
N ILE L 45 -15.76 -64.18 -8.93
CA ILE L 45 -14.58 -64.27 -9.84
C ILE L 45 -14.97 -63.72 -11.21
N ASP L 46 -16.13 -64.11 -11.73
CA ASP L 46 -16.62 -63.72 -13.08
C ASP L 46 -16.76 -62.19 -13.16
N GLN L 47 -17.17 -61.53 -12.07
CA GLN L 47 -17.39 -60.06 -12.04
C GLN L 47 -16.02 -59.37 -12.05
N ILE L 48 -15.02 -59.95 -11.38
CA ILE L 48 -13.62 -59.40 -11.32
C ILE L 48 -12.90 -59.64 -12.65
N THR L 49 -13.08 -60.79 -13.29
CA THR L 49 -12.71 -61.03 -14.71
C THR L 49 -13.27 -59.87 -15.55
N GLY L 50 -14.54 -59.54 -15.34
CA GLY L 50 -15.23 -58.42 -16.01
C GLY L 50 -14.45 -57.11 -15.92
N LYS L 51 -14.07 -56.70 -14.71
CA LYS L 51 -13.35 -55.42 -14.44
C LYS L 51 -11.98 -55.44 -15.13
N LEU L 52 -11.27 -56.56 -15.04
CA LEU L 52 -9.92 -56.66 -15.64
C LEU L 52 -10.03 -56.58 -17.16
N ASN L 53 -11.07 -57.18 -17.76
CA ASN L 53 -11.23 -57.18 -19.24
C ASN L 53 -11.50 -55.76 -19.73
N ARG L 54 -12.14 -54.93 -18.89
CA ARG L 54 -12.41 -53.51 -19.22
C ARG L 54 -11.13 -52.69 -18.99
N ILE L 55 -10.50 -52.81 -17.83
CA ILE L 55 -9.42 -51.90 -17.34
C ILE L 55 -8.07 -52.25 -17.99
N ILE L 56 -7.73 -53.53 -18.11
CA ILE L 56 -6.38 -53.95 -18.58
C ILE L 56 -6.40 -53.96 -20.11
N LYS L 57 -6.32 -52.76 -20.70
CA LYS L 57 -6.31 -52.51 -22.17
C LYS L 57 -5.71 -51.12 -22.46
N LYS L 58 -5.17 -50.92 -23.66
CA LYS L 58 -4.68 -49.61 -24.14
C LYS L 58 -5.57 -49.11 -25.30
N THR L 59 -5.56 -47.81 -25.59
CA THR L 59 -6.26 -47.20 -26.75
C THR L 59 -5.49 -47.57 -28.03
N ASN L 60 -6.22 -47.71 -29.14
CA ASN L 60 -5.70 -48.14 -30.46
C ASN L 60 -5.16 -46.91 -31.21
N THR L 61 -5.37 -45.70 -30.66
CA THR L 61 -4.87 -44.41 -31.21
C THR L 61 -3.36 -44.49 -31.44
N GLU L 62 -2.91 -44.30 -32.69
CA GLU L 62 -1.47 -44.20 -33.05
C GLU L 62 -1.04 -42.74 -32.89
N PHE L 63 -0.02 -42.47 -32.08
CA PHE L 63 0.52 -41.13 -31.79
C PHE L 63 1.90 -40.99 -32.42
N GLU L 64 2.28 -39.76 -32.77
CA GLU L 64 3.56 -39.45 -33.42
C GLU L 64 4.43 -38.59 -32.50
N SER L 65 5.73 -38.55 -32.78
CA SER L 65 6.71 -37.66 -32.12
C SER L 65 6.31 -36.21 -32.44
N ILE L 66 6.20 -35.35 -31.42
CA ILE L 66 5.98 -33.88 -31.62
C ILE L 66 7.07 -33.06 -30.92
N GLU L 67 7.89 -33.69 -30.08
CA GLU L 67 9.15 -33.11 -29.55
C GLU L 67 10.27 -34.12 -29.79
N SER L 68 11.34 -33.70 -30.48
CA SER L 68 12.50 -34.54 -30.90
C SER L 68 13.47 -34.74 -29.73
N GLU L 69 14.08 -35.93 -29.69
CA GLU L 69 15.01 -36.42 -28.64
C GLU L 69 16.39 -35.77 -28.83
N PHE L 70 16.87 -35.74 -30.09
CA PHE L 70 18.28 -35.48 -30.48
C PHE L 70 18.45 -34.08 -31.07
N SER L 71 17.75 -33.08 -30.53
CA SER L 71 17.51 -31.79 -31.22
C SER L 71 17.17 -30.69 -30.22
N GLU L 72 17.50 -29.43 -30.56
CA GLU L 72 16.94 -28.22 -29.90
C GLU L 72 15.56 -28.00 -30.50
N ILE L 73 14.52 -27.99 -29.66
CA ILE L 73 13.10 -27.77 -30.06
C ILE L 73 12.81 -26.28 -29.89
N ASP L 74 12.06 -25.68 -30.82
CA ASP L 74 11.70 -24.23 -30.84
C ASP L 74 11.07 -23.85 -29.48
N HIS L 75 11.52 -22.74 -28.90
CA HIS L 75 11.31 -22.40 -27.47
C HIS L 75 9.83 -22.10 -27.17
N GLN L 76 9.15 -21.33 -28.03
CA GLN L 76 7.76 -20.86 -27.80
C GLN L 76 6.80 -22.05 -27.90
N ILE L 77 6.90 -22.85 -28.97
CA ILE L 77 6.08 -24.07 -29.23
C ILE L 77 6.48 -25.15 -28.21
N GLY L 78 7.76 -25.20 -27.83
CA GLY L 78 8.29 -26.08 -26.78
C GLY L 78 7.57 -25.93 -25.44
N ASN L 79 7.28 -24.69 -25.03
CA ASN L 79 6.57 -24.36 -23.77
C ASN L 79 5.11 -24.79 -23.85
N VAL L 80 4.51 -24.80 -25.05
CA VAL L 80 3.09 -25.20 -25.23
C VAL L 80 3.01 -26.71 -25.10
N ILE L 81 3.88 -27.42 -25.85
CA ILE L 81 3.97 -28.92 -25.83
C ILE L 81 4.23 -29.36 -24.39
N ASN L 82 5.15 -28.69 -23.70
CA ASN L 82 5.51 -28.97 -22.27
C ASN L 82 4.28 -28.71 -21.38
N TRP L 83 3.51 -27.67 -21.65
CA TRP L 83 2.32 -27.29 -20.83
C TRP L 83 1.14 -28.24 -21.12
N THR L 84 0.83 -28.54 -22.38
CA THR L 84 -0.29 -29.46 -22.72
C THR L 84 0.07 -30.84 -22.17
N LYS L 85 1.21 -31.41 -22.59
CA LYS L 85 1.66 -32.75 -22.15
C LYS L 85 1.51 -32.85 -20.63
N ASP L 86 1.99 -31.85 -19.88
CA ASP L 86 1.92 -31.85 -18.39
C ASP L 86 0.45 -31.87 -17.96
N SER L 87 -0.43 -31.08 -18.58
CA SER L 87 -1.88 -30.96 -18.23
C SER L 87 -2.65 -32.26 -18.52
N ILE L 88 -2.33 -32.93 -19.63
CA ILE L 88 -2.92 -34.24 -20.05
C ILE L 88 -2.48 -35.33 -19.05
N THR L 89 -1.19 -35.33 -18.70
CA THR L 89 -0.54 -36.32 -17.81
C THR L 89 -1.05 -36.13 -16.38
N ASP L 90 -1.44 -34.92 -15.99
CA ASP L 90 -2.15 -34.66 -14.70
C ASP L 90 -3.54 -35.30 -14.76
N ILE L 91 -4.27 -35.12 -15.86
CA ILE L 91 -5.67 -35.63 -16.02
C ILE L 91 -5.67 -37.17 -15.99
N TRP L 92 -4.81 -37.83 -16.76
CA TRP L 92 -4.76 -39.31 -16.87
C TRP L 92 -4.29 -39.93 -15.54
N THR L 93 -3.33 -39.32 -14.86
CA THR L 93 -2.88 -39.76 -13.51
C THR L 93 -4.09 -39.78 -12.56
N TYR L 94 -4.94 -38.76 -12.64
CA TYR L 94 -6.10 -38.57 -11.73
C TYR L 94 -7.19 -39.58 -12.05
N GLN L 95 -7.42 -39.85 -13.33
CA GLN L 95 -8.47 -40.81 -13.74
C GLN L 95 -8.02 -42.20 -13.29
N ALA L 96 -6.75 -42.55 -13.52
CA ALA L 96 -6.13 -43.83 -13.09
C ALA L 96 -6.31 -44.00 -11.57
N GLU L 97 -5.95 -43.00 -10.76
CA GLU L 97 -6.12 -43.00 -9.29
C GLU L 97 -7.59 -43.27 -8.94
N LEU L 98 -8.52 -42.48 -9.50
CA LEU L 98 -9.98 -42.60 -9.21
C LEU L 98 -10.53 -43.91 -9.75
N LEU L 99 -10.12 -44.32 -10.95
CA LEU L 99 -10.62 -45.57 -11.55
C LEU L 99 -10.44 -46.68 -10.53
N VAL L 100 -9.22 -46.87 -10.03
CA VAL L 100 -8.84 -48.05 -9.18
C VAL L 100 -9.37 -47.84 -7.77
N ALA L 101 -9.25 -46.64 -7.20
CA ALA L 101 -9.93 -46.24 -5.94
C ALA L 101 -11.39 -46.68 -5.97
N MET L 102 -12.12 -46.45 -7.07
CA MET L 102 -13.57 -46.72 -7.19
C MET L 102 -13.79 -48.23 -7.41
N GLU L 103 -13.06 -48.84 -8.35
CA GLU L 103 -13.22 -50.29 -8.67
C GLU L 103 -12.87 -51.12 -7.43
N ASN L 104 -11.87 -50.69 -6.66
CA ASN L 104 -11.42 -51.39 -5.43
C ASN L 104 -12.60 -51.39 -4.45
N GLN L 105 -13.19 -50.21 -4.19
CA GLN L 105 -14.37 -50.07 -3.30
C GLN L 105 -15.50 -50.99 -3.78
N HIS L 106 -15.70 -51.08 -5.10
CA HIS L 106 -16.75 -51.96 -5.68
C HIS L 106 -16.36 -53.43 -5.41
N THR L 107 -15.20 -53.89 -5.88
CA THR L 107 -14.82 -55.33 -5.76
C THR L 107 -15.02 -55.79 -4.32
N ILE L 108 -14.57 -54.99 -3.36
CA ILE L 108 -14.75 -55.24 -1.90
C ILE L 108 -16.23 -55.53 -1.65
N ASP L 109 -17.07 -54.52 -1.89
CA ASP L 109 -18.51 -54.50 -1.51
C ASP L 109 -19.22 -55.59 -2.30
N MET L 110 -18.88 -55.76 -3.58
CA MET L 110 -19.39 -56.86 -4.43
C MET L 110 -19.15 -58.19 -3.73
N ALA L 111 -17.93 -58.44 -3.24
CA ALA L 111 -17.56 -59.73 -2.62
C ALA L 111 -18.27 -59.91 -1.27
N ASP L 112 -18.45 -58.81 -0.53
CA ASP L 112 -19.23 -58.73 0.74
C ASP L 112 -20.71 -58.99 0.46
N SER L 113 -21.24 -58.41 -0.61
CA SER L 113 -22.61 -58.70 -1.12
C SER L 113 -22.78 -60.20 -1.36
N GLU L 114 -21.89 -60.81 -2.15
CA GLU L 114 -22.07 -62.23 -2.58
C GLU L 114 -22.10 -63.16 -1.38
N MET L 115 -21.45 -62.79 -0.26
CA MET L 115 -21.49 -63.56 1.01
C MET L 115 -22.90 -63.43 1.59
N LEU L 116 -23.39 -62.21 1.75
CA LEU L 116 -24.72 -61.96 2.37
C LEU L 116 -25.80 -62.67 1.55
N ASN L 117 -25.68 -62.72 0.24
CA ASN L 117 -26.69 -63.39 -0.63
C ASN L 117 -26.70 -64.88 -0.34
N LEU L 118 -25.55 -65.49 -0.06
CA LEU L 118 -25.46 -66.94 0.29
C LEU L 118 -26.13 -67.18 1.65
N TYR L 119 -25.83 -66.34 2.63
CA TYR L 119 -26.41 -66.42 3.99
C TYR L 119 -27.92 -66.35 3.87
N GLU L 120 -28.43 -65.41 3.10
CA GLU L 120 -29.90 -65.18 2.97
C GLU L 120 -30.53 -66.39 2.26
N ARG L 121 -29.83 -67.04 1.34
CA ARG L 121 -30.36 -68.23 0.62
C ARG L 121 -30.59 -69.39 1.60
N VAL L 122 -29.68 -69.63 2.55
CA VAL L 122 -29.83 -70.81 3.48
C VAL L 122 -30.76 -70.40 4.62
N ARG L 123 -30.75 -69.13 5.07
CA ARG L 123 -31.70 -68.67 6.12
C ARG L 123 -33.13 -69.02 5.69
N LYS L 124 -33.52 -68.57 4.50
CA LYS L 124 -34.87 -68.78 3.92
C LYS L 124 -35.14 -70.27 3.73
N GLN L 125 -34.10 -71.04 3.37
CA GLN L 125 -34.17 -72.48 3.04
C GLN L 125 -34.41 -73.33 4.31
N LEU L 126 -33.71 -73.03 5.41
CA LEU L 126 -33.88 -73.68 6.75
C LEU L 126 -35.23 -73.27 7.37
N ARG L 127 -35.80 -72.14 6.93
CA ARG L 127 -37.14 -71.69 7.34
C ARG L 127 -37.22 -71.72 8.87
N GLN L 128 -38.10 -72.54 9.44
CA GLN L 128 -38.49 -72.49 10.88
C GLN L 128 -37.75 -73.57 11.66
N ASN L 129 -36.68 -74.13 11.09
CA ASN L 129 -35.95 -75.28 11.65
C ASN L 129 -34.63 -74.83 12.28
N ALA L 130 -34.37 -73.51 12.30
CA ALA L 130 -33.05 -72.96 12.67
C ALA L 130 -33.20 -71.50 13.12
N GLU L 131 -32.15 -71.00 13.79
CA GLU L 131 -32.06 -69.61 14.31
C GLU L 131 -30.65 -69.10 14.05
N GLU L 132 -30.52 -67.79 13.88
CA GLU L 132 -29.24 -67.10 13.63
C GLU L 132 -28.52 -66.93 14.98
N ASP L 133 -27.27 -67.39 15.07
CA ASP L 133 -26.43 -67.24 16.29
C ASP L 133 -25.89 -65.80 16.39
N GLY L 134 -25.81 -65.07 15.27
CA GLY L 134 -25.36 -63.66 15.23
C GLY L 134 -23.94 -63.49 14.72
N LYS L 135 -23.18 -64.60 14.62
CA LYS L 135 -21.82 -64.65 14.04
C LYS L 135 -21.89 -65.35 12.68
N GLY L 136 -23.07 -65.35 12.06
CA GLY L 136 -23.28 -65.93 10.72
C GLY L 136 -23.25 -67.45 10.72
N CYS L 137 -23.96 -68.07 11.67
CA CYS L 137 -24.23 -69.54 11.73
C CYS L 137 -25.70 -69.77 12.04
N PHE L 138 -26.22 -70.89 11.56
CA PHE L 138 -27.60 -71.35 11.82
C PHE L 138 -27.50 -72.53 12.79
N GLU L 139 -28.22 -72.43 13.92
CA GLU L 139 -28.40 -73.52 14.91
C GLU L 139 -29.63 -74.32 14.51
N ILE L 140 -29.43 -75.48 13.87
CA ILE L 140 -30.51 -76.39 13.43
C ILE L 140 -31.01 -77.14 14.67
N TYR L 141 -32.31 -77.10 14.93
CA TYR L 141 -32.95 -77.69 16.13
C TYR L 141 -33.42 -79.13 15.87
N HIS L 142 -32.95 -79.76 14.80
CA HIS L 142 -33.26 -81.17 14.48
C HIS L 142 -31.96 -81.88 14.10
N ALA L 143 -31.88 -83.19 14.37
CA ALA L 143 -30.77 -84.07 13.94
C ALA L 143 -30.51 -83.86 12.44
N CYS L 144 -29.34 -83.33 12.11
CA CYS L 144 -28.91 -83.06 10.71
C CYS L 144 -27.59 -83.81 10.47
N ASP L 145 -27.69 -84.99 9.87
CA ASP L 145 -26.53 -85.89 9.59
C ASP L 145 -25.74 -85.31 8.40
N ASP L 146 -24.51 -85.79 8.21
CA ASP L 146 -23.62 -85.37 7.09
C ASP L 146 -24.45 -85.24 5.81
N SER L 147 -25.34 -86.21 5.54
CA SER L 147 -26.24 -86.27 4.37
C SER L 147 -27.20 -85.06 4.35
N CYS L 148 -27.85 -84.76 5.47
CA CYS L 148 -28.75 -83.58 5.67
C CYS L 148 -27.96 -82.27 5.42
N MET L 149 -26.78 -82.12 6.03
CA MET L 149 -25.88 -80.95 5.85
C MET L 149 -25.55 -80.78 4.36
N GLU L 150 -25.31 -81.88 3.64
CA GLU L 150 -24.99 -81.85 2.20
C GLU L 150 -26.19 -81.28 1.43
N SER L 151 -27.41 -81.54 1.90
CA SER L 151 -28.67 -81.06 1.27
C SER L 151 -28.86 -79.54 1.48
N ILE L 152 -28.21 -78.95 2.49
CA ILE L 152 -28.23 -77.48 2.79
C ILE L 152 -27.46 -76.77 1.68
N ARG L 153 -26.27 -77.28 1.37
CA ARG L 153 -25.25 -76.67 0.47
C ARG L 153 -25.68 -76.85 -0.99
N ASN L 154 -26.38 -77.96 -1.28
CA ASN L 154 -26.81 -78.35 -2.64
C ASN L 154 -28.15 -77.69 -2.95
N ASN L 155 -28.67 -76.88 -2.01
CA ASN L 155 -29.95 -76.13 -2.12
C ASN L 155 -31.12 -77.11 -2.37
N THR L 156 -31.07 -78.29 -1.78
CA THR L 156 -32.11 -79.35 -1.96
C THR L 156 -32.82 -79.67 -0.63
N TYR L 157 -32.42 -79.04 0.48
CA TYR L 157 -32.99 -79.23 1.85
C TYR L 157 -34.47 -78.83 1.85
N ASP L 158 -35.31 -79.63 2.49
CA ASP L 158 -36.76 -79.40 2.64
C ASP L 158 -37.06 -79.29 4.14
N HIS L 159 -37.65 -78.18 4.57
CA HIS L 159 -37.97 -77.92 6.00
C HIS L 159 -39.13 -78.84 6.45
N SER L 160 -40.02 -79.23 5.55
CA SER L 160 -41.20 -80.10 5.82
C SER L 160 -40.76 -81.36 6.58
N GLN L 161 -39.78 -82.09 6.04
CA GLN L 161 -39.23 -83.35 6.61
C GLN L 161 -38.99 -83.20 8.11
N TYR L 162 -38.45 -82.06 8.55
CA TYR L 162 -37.94 -81.83 9.93
C TYR L 162 -38.74 -80.73 10.65
N ARG L 163 -39.86 -80.30 10.08
CA ARG L 163 -40.60 -79.10 10.58
C ARG L 163 -41.14 -79.38 11.99
N GLU L 164 -41.95 -80.43 12.14
CA GLU L 164 -42.69 -80.72 13.39
C GLU L 164 -41.69 -81.05 14.50
N GLU L 165 -40.63 -81.83 14.20
CA GLU L 165 -39.49 -82.13 15.12
C GLU L 165 -38.86 -80.82 15.63
N ALA L 166 -38.56 -79.89 14.72
CA ALA L 166 -37.74 -78.68 14.99
C ALA L 166 -38.52 -77.68 15.84
N LEU L 167 -39.79 -77.46 15.50
CA LEU L 167 -40.66 -76.47 16.18
C LEU L 167 -40.81 -76.85 17.66
N LEU L 168 -40.90 -78.15 17.96
CA LEU L 168 -41.00 -78.66 19.36
C LEU L 168 -39.73 -78.25 20.12
N ASN L 169 -38.55 -78.60 19.62
CA ASN L 169 -37.25 -78.26 20.27
C ASN L 169 -37.18 -76.75 20.49
N ARG L 170 -37.55 -75.96 19.48
CA ARG L 170 -37.42 -74.49 19.51
C ARG L 170 -38.31 -73.92 20.63
N LEU L 171 -39.49 -74.50 20.84
CA LEU L 171 -40.43 -74.11 21.93
C LEU L 171 -39.90 -74.63 23.28
N ASN L 172 -39.66 -75.94 23.36
CA ASN L 172 -39.19 -76.68 24.57
C ASN L 172 -40.12 -76.36 25.75
#